data_3LZG
#
_entry.id   3LZG
#
_cell.length_a   67.677
_cell.length_b   118.313
_cell.length_c   120.073
_cell.angle_alpha   117.37
_cell.angle_beta   92.67
_cell.angle_gamma   100.84
#
_symmetry.space_group_name_H-M   'P 1'
#
loop_
_entity.id
_entity.type
_entity.pdbx_description
1 polymer 'Hemagglutinin, HA1 SUBUNIT'
2 polymer 'Hemagglutinin, HA2 SUBUNIT'
3 branched beta-D-mannopyranose-(1-4)-2-acetamido-2-deoxy-beta-D-glucopyranose-(1-4)-2-acetamido-2-deoxy-beta-D-glucopyranose
4 branched 2-acetamido-2-deoxy-beta-D-glucopyranose-(1-4)-2-acetamido-2-deoxy-beta-D-glucopyranose
5 branched alpha-D-mannopyranose-(1-3)-[alpha-D-mannopyranose-(1-6)]beta-D-mannopyranose-(1-4)-2-acetamido-2-deoxy-beta-D-glucopyranose-(1-4)-2-acetamido-2-deoxy-beta-D-glucopyranose
6 non-polymer 2-acetamido-2-deoxy-beta-D-glucopyranose
7 water water
#
loop_
_entity_poly.entity_id
_entity_poly.type
_entity_poly.pdbx_seq_one_letter_code
_entity_poly.pdbx_strand_id
1 'polypeptide(L)'
;PGDTLCIGYHANNSTDTVDTVLEKNVTVTHSVNLLEDKHNGKLCKLRGVAPLHLGKCNIAGWILGNPECESLSTASSWSY
IVETPSSDNGTCYPGDFIDYEELREQLSSVSSFERFEIFPKTSSWPNHDSNKGVTAACPHAGAKSFYKNLIWLVKKGNSY
PKLSKSYINDKGKEVLVLWGIHHPSTSADQQSLYQNADTYVFVGSSRYSKKFKPEIAIRPKVRDQEGRMNYYWTLVEPGD
KITFEATGNLVVPRYAFAMERNAGSGIIISDTPVHDCNTTCQTPKGAINTSLPFQNIHPITIGKCPKYVKSTKLRLATGL
RNIPSIQSR
;
A,C,E,G,I,K
2 'polypeptide(L)'
;GLFGAIAGFIEGGWTGMVDGWYGYHHQNEQGSGYAADLKSTQNAIDEITNKVNSVIEKMNTQFTAVGKEFNHLEKRIENL
NKKVDDGFLDIWTYNAELLVLLENERTLDYHDSNVKNLYEKVRSQLKNNAKEIGNGCFEFYHKCDNTCMESVKNGTYDYP
KYSEEAKLNREEIDSGR
;
B,D,F,H,J,L
#
# COMPACT_ATOMS: atom_id res chain seq x y z
N ASP A 3 0.36 1.74 75.24
CA ASP A 3 0.30 1.21 73.88
C ASP A 3 -0.11 2.30 72.92
N THR A 4 0.62 2.43 71.78
CA THR A 4 0.33 3.48 70.81
C THR A 4 0.10 3.02 69.40
N LEU A 5 -0.79 3.73 68.69
CA LEU A 5 -1.02 3.51 67.28
C LEU A 5 -0.87 4.82 66.56
N CYS A 6 0.15 4.85 65.71
CA CYS A 6 0.50 6.02 64.93
C CYS A 6 0.21 5.81 63.47
N ILE A 7 -0.55 6.71 62.86
CA ILE A 7 -0.82 6.70 61.43
C ILE A 7 0.27 7.57 60.80
N GLY A 8 0.84 7.08 59.70
CA GLY A 8 1.89 7.79 59.00
C GLY A 8 1.93 7.57 57.51
N TYR A 9 3.00 8.03 56.88
CA TYR A 9 3.19 7.91 55.46
C TYR A 9 4.61 7.65 55.12
N HIS A 10 4.80 6.96 54.01
CA HIS A 10 6.05 6.50 53.41
C HIS A 10 7.00 7.63 53.00
N ALA A 11 8.28 7.43 53.29
CA ALA A 11 9.40 8.26 52.85
C ALA A 11 10.43 7.26 52.25
N ASN A 12 11.39 7.72 51.41
CA ASN A 12 12.41 6.83 50.81
C ASN A 12 13.73 7.51 50.38
N ASN A 13 14.62 6.74 49.69
CA ASN A 13 15.91 7.11 49.08
C ASN A 13 15.71 8.05 47.87
N SER A 14 14.46 8.30 47.43
CA SER A 14 14.17 9.14 46.26
C SER A 14 14.68 10.57 46.34
N THR A 15 15.31 11.01 45.25
CA THR A 15 15.89 12.34 45.10
C THR A 15 15.19 13.13 43.96
N ASP A 16 14.36 12.42 43.15
CA ASP A 16 13.61 13.02 42.06
C ASP A 16 12.63 14.08 42.55
N THR A 17 12.44 15.14 41.74
CA THR A 17 11.59 16.28 42.07
C THR A 17 10.58 16.58 40.97
N VAL A 18 9.42 17.09 41.37
CA VAL A 18 8.36 17.51 40.45
C VAL A 18 8.07 18.98 40.79
N ASP A 19 7.51 19.73 39.85
CA ASP A 19 7.12 21.11 40.12
C ASP A 19 5.61 21.16 40.21
N THR A 20 5.06 21.82 41.23
CA THR A 20 3.59 21.96 41.41
C THR A 20 3.20 23.40 41.17
N VAL A 21 1.90 23.66 41.07
CA VAL A 21 1.41 25.03 40.89
C VAL A 21 1.79 25.95 42.06
N LEU A 22 1.95 25.37 43.28
CA LEU A 22 2.29 26.12 44.49
C LEU A 22 3.77 26.14 44.91
N GLU A 23 4.55 25.08 44.58
CA GLU A 23 5.99 25.01 44.93
C GLU A 23 6.83 24.40 43.81
N LYS A 24 8.06 24.90 43.61
CA LYS A 24 8.92 24.36 42.56
C LYS A 24 9.66 23.08 42.97
N ASN A 25 10.62 23.14 43.85
CA ASN A 25 11.30 21.87 44.10
C ASN A 25 10.81 21.07 45.27
N VAL A 26 9.81 20.22 44.98
CA VAL A 26 9.11 19.31 45.87
C VAL A 26 9.73 17.93 45.60
N THR A 27 10.24 17.24 46.65
CA THR A 27 10.82 15.91 46.50
C THR A 27 9.71 14.92 46.66
N VAL A 28 9.62 14.00 45.70
CA VAL A 28 8.57 12.99 45.65
C VAL A 28 9.12 11.61 45.86
N THR A 29 8.30 10.73 46.44
CA THR A 29 8.71 9.36 46.73
C THR A 29 8.77 8.54 45.46
N HIS A 30 7.84 8.82 44.54
CA HIS A 30 7.67 8.18 43.23
C HIS A 30 7.16 9.22 42.22
N SER A 31 7.56 9.07 40.95
CA SER A 31 7.21 9.98 39.83
C SER A 31 7.42 9.31 38.46
N VAL A 32 6.74 9.84 37.43
CA VAL A 32 6.84 9.39 36.04
C VAL A 32 7.21 10.56 35.12
N ASN A 33 8.19 10.37 34.24
CA ASN A 33 8.57 11.40 33.26
C ASN A 33 7.67 11.24 32.06
N LEU A 34 7.10 12.35 31.62
CA LEU A 34 6.16 12.37 30.48
C LEU A 34 6.81 12.87 29.23
N LEU A 35 8.08 13.26 29.33
CA LEU A 35 8.87 13.85 28.26
C LEU A 35 9.94 12.90 27.70
N GLU A 36 9.76 12.50 26.43
CA GLU A 36 10.77 11.69 25.79
C GLU A 36 11.93 12.62 25.39
N ASP A 37 13.02 12.54 26.14
CA ASP A 37 14.21 13.36 25.95
C ASP A 37 15.29 12.60 25.20
N LYS A 38 15.12 11.28 25.00
CA LYS A 38 16.10 10.47 24.30
C LYS A 38 15.71 9.94 22.93
N HIS A 39 16.71 9.91 22.01
CA HIS A 39 16.67 9.40 20.65
C HIS A 39 17.85 8.40 20.43
N ASN A 40 17.64 7.34 19.63
CA ASN A 40 18.63 6.27 19.39
C ASN A 40 19.80 6.59 18.44
N GLY A 41 19.85 7.82 17.93
CA GLY A 41 20.90 8.30 17.05
C GLY A 41 21.02 7.56 15.72
N LYS A 42 19.91 6.96 15.27
CA LYS A 42 19.85 6.19 14.03
C LYS A 42 18.54 6.45 13.28
N LEU A 43 18.60 6.42 11.94
CA LEU A 43 17.47 6.58 11.04
C LEU A 43 16.99 5.19 10.74
N CYS A 44 15.85 4.81 11.33
CA CYS A 44 15.31 3.46 11.28
C CYS A 44 14.24 3.23 10.22
N LYS A 45 13.88 1.97 10.03
CA LYS A 45 12.78 1.56 9.16
C LYS A 45 11.52 2.09 9.83
N LEU A 46 10.66 2.74 9.08
CA LEU A 46 9.43 3.29 9.62
C LEU A 46 8.34 2.30 9.31
N ARG A 47 7.90 1.58 10.35
CA ARG A 47 6.87 0.54 10.28
C ARG A 47 7.37 -0.58 9.35
N GLY A 48 8.51 -1.16 9.73
CA GLY A 48 9.16 -2.27 9.03
C GLY A 48 9.63 -1.97 7.62
N VAL A 49 9.52 -0.70 7.19
CA VAL A 49 9.94 -0.33 5.84
C VAL A 49 11.14 0.63 5.92
N ALA A 50 12.25 0.22 5.32
CA ALA A 50 13.48 1.00 5.38
C ALA A 50 13.43 2.31 4.58
N PRO A 51 14.16 3.36 5.02
CA PRO A 51 14.21 4.59 4.22
C PRO A 51 15.00 4.43 2.90
N LEU A 52 14.73 5.29 1.90
CA LEU A 52 15.53 5.25 0.70
C LEU A 52 16.67 6.18 0.98
N HIS A 53 17.82 5.63 1.37
CA HIS A 53 18.96 6.49 1.61
C HIS A 53 19.71 6.82 0.32
N LEU A 54 19.65 8.09 -0.01
CA LEU A 54 20.37 8.63 -1.15
C LEU A 54 21.70 9.02 -0.51
N GLY A 55 22.80 8.56 -1.03
CA GLY A 55 24.08 8.87 -0.42
C GLY A 55 24.47 10.30 -0.72
N LYS A 56 25.47 10.47 -1.62
CA LYS A 56 25.97 11.78 -2.07
C LYS A 56 25.03 12.45 -3.11
N CYS A 57 23.91 11.80 -3.42
CA CYS A 57 22.98 12.33 -4.40
C CYS A 57 21.73 12.90 -3.77
N ASN A 58 21.07 13.76 -4.52
CA ASN A 58 19.82 14.36 -4.11
C ASN A 58 18.71 13.72 -4.93
N ILE A 59 17.45 14.10 -4.63
CA ILE A 59 16.31 13.55 -5.35
C ILE A 59 16.45 13.66 -6.86
N ALA A 60 16.90 14.85 -7.36
CA ALA A 60 17.09 15.14 -8.80
C ALA A 60 18.13 14.23 -9.41
N GLY A 61 19.27 14.08 -8.72
CA GLY A 61 20.38 13.24 -9.10
C GLY A 61 19.99 11.79 -9.23
N TRP A 62 19.42 11.26 -8.16
CA TRP A 62 18.93 9.88 -8.15
C TRP A 62 17.86 9.62 -9.21
N ILE A 63 16.82 10.48 -9.30
CA ILE A 63 15.74 10.32 -10.26
C ILE A 63 16.13 10.51 -11.72
N LEU A 64 17.01 11.49 -12.00
CA LEU A 64 17.48 11.68 -13.39
C LEU A 64 18.52 10.62 -13.77
N GLY A 65 19.07 9.97 -12.77
CA GLY A 65 20.09 8.99 -13.03
C GLY A 65 21.42 9.67 -13.35
N ASN A 66 21.76 10.71 -12.55
CA ASN A 66 23.05 11.39 -12.51
C ASN A 66 24.11 10.26 -12.54
N PRO A 67 25.13 10.36 -13.44
CA PRO A 67 26.09 9.26 -13.59
C PRO A 67 26.87 8.90 -12.35
N GLU A 68 26.89 9.78 -11.33
CA GLU A 68 27.55 9.56 -10.03
C GLU A 68 26.70 8.79 -9.02
N CYS A 69 25.44 8.50 -9.35
CA CYS A 69 24.47 7.85 -8.50
C CYS A 69 24.20 6.42 -8.94
N GLU A 70 24.06 5.49 -7.98
CA GLU A 70 23.86 4.05 -8.19
C GLU A 70 22.76 3.65 -9.18
N SER A 71 21.49 4.08 -8.93
CA SER A 71 20.30 3.90 -9.79
C SER A 71 19.82 2.46 -10.12
N LEU A 72 20.73 1.47 -10.12
CA LEU A 72 20.40 0.08 -10.43
C LEU A 72 20.37 -0.73 -9.12
N SER A 73 20.09 -0.04 -7.98
CA SER A 73 20.07 -0.64 -6.63
C SER A 73 19.11 0.09 -5.71
N THR A 74 17.87 0.37 -6.17
CA THR A 74 16.97 1.12 -5.29
C THR A 74 16.33 0.28 -4.20
N ALA A 75 15.07 -0.19 -4.41
CA ALA A 75 14.18 -0.96 -3.52
C ALA A 75 12.75 -0.67 -4.03
N SER A 76 11.89 -1.69 -4.02
CA SER A 76 10.53 -1.53 -4.50
C SER A 76 9.65 -0.68 -3.57
N SER A 77 10.16 -0.29 -2.39
CA SER A 77 9.36 0.47 -1.44
C SER A 77 10.23 1.21 -0.44
N TRP A 78 9.72 2.34 0.07
CA TRP A 78 10.40 3.12 1.09
C TRP A 78 9.44 3.91 1.90
N SER A 79 9.71 3.99 3.19
CA SER A 79 8.82 4.64 4.15
C SER A 79 9.00 6.14 4.12
N TYR A 80 10.26 6.58 3.83
CA TYR A 80 10.69 7.98 3.69
C TYR A 80 12.00 8.01 2.93
N ILE A 81 12.41 9.19 2.45
CA ILE A 81 13.70 9.31 1.75
C ILE A 81 14.66 10.03 2.66
N VAL A 82 15.95 9.73 2.54
CA VAL A 82 17.01 10.40 3.28
C VAL A 82 17.99 11.05 2.31
N GLU A 83 18.29 12.32 2.55
CA GLU A 83 19.35 12.99 1.82
C GLU A 83 20.37 13.36 2.90
N THR A 84 21.59 13.67 2.52
CA THR A 84 22.61 14.10 3.46
C THR A 84 22.74 15.60 3.24
N PRO A 85 23.13 16.43 4.25
CA PRO A 85 23.23 17.88 4.00
C PRO A 85 24.20 18.29 2.86
N SER A 86 25.22 17.47 2.58
CA SER A 86 26.22 17.72 1.55
C SER A 86 25.84 17.23 0.11
N SER A 87 24.77 16.40 -0.01
CA SER A 87 24.24 15.79 -1.23
C SER A 87 24.10 16.72 -2.43
N ASP A 88 25.19 16.84 -3.15
CA ASP A 88 25.48 17.70 -4.30
C ASP A 88 25.04 17.18 -5.67
N ASN A 89 25.18 15.86 -5.92
CA ASN A 89 24.91 15.29 -7.22
C ASN A 89 23.46 15.29 -7.58
N GLY A 90 23.11 16.13 -8.55
CA GLY A 90 21.75 16.30 -9.01
C GLY A 90 21.67 16.53 -10.50
N THR A 91 21.16 17.69 -10.86
CA THR A 91 21.08 18.13 -12.24
C THR A 91 22.50 18.67 -12.63
N CYS A 92 23.34 17.83 -13.26
CA CYS A 92 24.71 18.21 -13.65
C CYS A 92 24.75 19.17 -14.86
N TYR A 93 23.74 19.09 -15.75
CA TYR A 93 23.57 20.05 -16.83
C TYR A 93 22.68 21.15 -16.21
N PRO A 94 23.15 22.41 -16.12
CA PRO A 94 22.35 23.46 -15.47
C PRO A 94 21.02 23.79 -16.14
N GLY A 95 20.00 24.01 -15.32
CA GLY A 95 18.65 24.38 -15.71
C GLY A 95 17.69 24.22 -14.56
N ASP A 96 16.41 24.47 -14.80
CA ASP A 96 15.40 24.34 -13.76
C ASP A 96 14.74 22.99 -13.80
N PHE A 97 14.51 22.40 -12.67
CA PHE A 97 13.80 21.13 -12.55
C PHE A 97 12.42 21.56 -12.09
N ILE A 98 11.47 21.67 -13.03
CA ILE A 98 10.12 22.15 -12.81
C ILE A 98 9.30 21.23 -11.89
N ASP A 99 8.60 21.86 -10.91
CA ASP A 99 7.75 21.25 -9.89
C ASP A 99 8.54 20.20 -9.14
N TYR A 100 9.84 20.50 -8.91
CA TYR A 100 10.78 19.64 -8.20
C TYR A 100 10.31 19.26 -6.79
N GLU A 101 10.04 20.23 -5.89
CA GLU A 101 9.59 19.92 -4.50
C GLU A 101 8.32 19.09 -4.47
N GLU A 102 7.44 19.32 -5.45
CA GLU A 102 6.19 18.57 -5.67
C GLU A 102 6.55 17.14 -5.97
N LEU A 103 7.46 16.89 -6.94
CA LEU A 103 7.98 15.57 -7.20
C LEU A 103 8.63 14.90 -5.97
N ARG A 104 9.41 15.66 -5.18
CA ARG A 104 10.09 15.11 -4.01
C ARG A 104 9.04 14.63 -3.06
N GLU A 105 7.97 15.46 -2.89
CA GLU A 105 6.81 15.18 -2.04
C GLU A 105 6.09 13.89 -2.48
N GLN A 106 5.83 13.74 -3.76
CA GLN A 106 5.19 12.57 -4.37
C GLN A 106 6.00 11.30 -4.17
N LEU A 107 7.33 11.43 -4.18
CA LEU A 107 8.29 10.33 -4.11
C LEU A 107 8.79 10.03 -2.71
N SER A 108 8.45 10.88 -1.69
CA SER A 108 8.84 10.75 -0.28
C SER A 108 8.52 9.37 0.22
N SER A 109 7.39 8.80 -0.20
CA SER A 109 6.98 7.44 0.14
C SER A 109 6.38 6.72 -1.07
N VAL A 110 6.69 5.45 -1.18
CA VAL A 110 6.29 4.61 -2.30
C VAL A 110 6.03 3.20 -1.76
N SER A 111 5.15 2.42 -2.42
CA SER A 111 4.80 1.05 -2.00
C SER A 111 5.11 0.00 -3.07
N SER A 112 5.27 0.47 -4.33
CA SER A 112 5.64 -0.30 -5.51
C SER A 112 6.43 0.70 -6.32
N PHE A 113 7.61 0.31 -6.89
CA PHE A 113 8.53 1.15 -7.64
C PHE A 113 9.42 0.26 -8.48
N GLU A 114 9.30 0.39 -9.80
CA GLU A 114 10.06 -0.38 -10.77
C GLU A 114 10.59 0.51 -11.88
N ARG A 115 11.91 0.46 -12.04
CA ARG A 115 12.60 1.18 -13.09
C ARG A 115 12.55 0.28 -14.32
N PHE A 116 12.08 0.81 -15.43
CA PHE A 116 11.97 0.08 -16.70
C PHE A 116 12.30 1.00 -17.87
N GLU A 117 12.80 0.45 -18.97
CA GLU A 117 13.18 1.22 -20.14
C GLU A 117 11.93 1.52 -20.94
N ILE A 118 11.40 2.75 -20.79
CA ILE A 118 10.20 3.25 -21.49
C ILE A 118 10.49 3.27 -22.99
N PHE A 119 11.60 3.95 -23.36
CA PHE A 119 12.11 4.04 -24.71
C PHE A 119 13.54 3.43 -24.73
N PRO A 120 13.64 2.08 -24.84
CA PRO A 120 14.97 1.44 -24.89
C PRO A 120 15.93 2.01 -25.95
N LYS A 121 17.16 2.31 -25.53
CA LYS A 121 18.23 2.92 -26.33
C LYS A 121 18.53 2.30 -27.75
N THR A 122 18.81 0.97 -27.83
CA THR A 122 19.17 0.23 -29.05
C THR A 122 18.06 0.04 -30.10
N SER A 123 16.79 0.28 -29.73
CA SER A 123 15.63 0.07 -30.61
C SER A 123 14.70 1.29 -30.84
N SER A 124 14.70 2.28 -29.94
CA SER A 124 13.78 3.40 -30.02
C SER A 124 14.12 4.48 -31.01
N TRP A 125 15.42 4.75 -31.19
CA TRP A 125 15.88 5.86 -32.03
C TRP A 125 16.74 5.45 -33.22
N PRO A 126 16.10 4.88 -34.26
CA PRO A 126 16.88 4.41 -35.43
C PRO A 126 17.36 5.51 -36.38
N ASN A 127 16.70 6.68 -36.39
CA ASN A 127 17.04 7.84 -37.22
C ASN A 127 17.61 9.03 -36.41
N HIS A 128 18.01 8.79 -35.17
CA HIS A 128 18.63 9.83 -34.34
C HIS A 128 19.83 9.24 -33.65
N ASP A 129 20.82 10.08 -33.33
CA ASP A 129 22.00 9.63 -32.62
C ASP A 129 21.75 9.60 -31.14
N SER A 130 21.96 8.43 -30.55
CA SER A 130 21.72 8.17 -29.15
C SER A 130 23.00 7.81 -28.38
N ASN A 131 24.17 7.86 -29.04
CA ASN A 131 25.50 7.54 -28.45
C ASN A 131 26.28 8.76 -28.02
N LYS A 132 26.14 9.85 -28.79
CA LYS A 132 26.75 11.14 -28.45
C LYS A 132 25.74 11.81 -27.51
N GLY A 133 26.02 13.01 -27.05
CA GLY A 133 25.02 13.59 -26.14
C GLY A 133 25.37 13.26 -24.71
N VAL A 134 26.67 13.29 -24.50
CA VAL A 134 27.39 13.18 -23.28
C VAL A 134 27.97 14.59 -23.19
N THR A 135 28.27 15.07 -21.97
CA THR A 135 28.78 16.42 -21.71
C THR A 135 29.84 16.51 -20.62
N ALA A 136 30.67 17.58 -20.67
CA ALA A 136 31.68 17.89 -19.63
C ALA A 136 30.91 18.34 -18.38
N ALA A 137 29.66 18.78 -18.57
CA ALA A 137 28.76 19.16 -17.49
C ALA A 137 28.54 17.97 -16.53
N CYS A 138 28.51 16.74 -17.09
CA CYS A 138 28.28 15.50 -16.32
C CYS A 138 29.49 14.59 -16.39
N PRO A 139 30.70 14.91 -15.82
CA PRO A 139 31.82 13.94 -15.87
C PRO A 139 31.57 12.74 -14.94
N HIS A 140 31.99 11.57 -15.39
CA HIS A 140 31.90 10.35 -14.62
C HIS A 140 32.97 9.41 -15.08
N ALA A 141 33.84 9.05 -14.11
CA ALA A 141 34.96 8.14 -14.26
C ALA A 141 35.88 8.52 -15.42
N GLY A 142 36.16 9.83 -15.51
CA GLY A 142 37.09 10.43 -16.47
C GLY A 142 36.52 10.80 -17.82
N ALA A 143 35.37 10.26 -18.15
CA ALA A 143 34.75 10.49 -19.45
C ALA A 143 33.56 11.39 -19.39
N LYS A 144 33.29 12.08 -20.50
CA LYS A 144 32.11 12.92 -20.68
C LYS A 144 30.96 11.95 -20.50
N SER A 145 30.06 12.27 -19.59
CA SER A 145 28.95 11.36 -19.37
C SER A 145 27.62 12.07 -19.50
N PHE A 146 26.56 11.44 -19.07
CA PHE A 146 25.21 12.00 -19.04
C PHE A 146 24.37 11.19 -18.04
N TYR A 147 23.13 11.57 -17.84
CA TYR A 147 22.21 10.89 -16.96
C TYR A 147 21.87 9.51 -17.52
N LYS A 148 21.69 8.54 -16.63
CA LYS A 148 21.33 7.17 -17.05
C LYS A 148 19.84 7.05 -17.50
N ASN A 149 18.92 7.80 -16.86
CA ASN A 149 17.48 7.70 -17.12
C ASN A 149 16.94 8.44 -18.32
N LEU A 150 17.77 9.30 -18.90
CA LEU A 150 17.48 10.08 -20.09
C LEU A 150 18.49 9.79 -21.18
N ILE A 151 18.11 10.15 -22.41
CA ILE A 151 18.94 10.10 -23.64
C ILE A 151 18.91 11.45 -24.32
N TRP A 152 20.10 12.06 -24.40
CA TRP A 152 20.25 13.29 -25.13
C TRP A 152 20.41 12.93 -26.60
N LEU A 153 19.29 12.96 -27.35
CA LEU A 153 19.29 12.71 -28.80
C LEU A 153 19.86 13.91 -29.51
N VAL A 154 20.66 13.63 -30.48
CA VAL A 154 21.36 14.59 -31.24
C VAL A 154 21.20 14.13 -32.70
N LYS A 155 21.54 14.98 -33.69
CA LYS A 155 21.42 14.64 -35.11
C LYS A 155 22.24 13.43 -35.48
N LYS A 156 21.69 12.65 -36.42
CA LYS A 156 22.32 11.46 -36.97
C LYS A 156 23.03 11.99 -38.17
N GLY A 157 24.27 12.38 -37.96
CA GLY A 157 25.22 12.98 -38.91
C GLY A 157 24.55 13.84 -39.95
N ASN A 158 24.32 15.13 -39.62
CA ASN A 158 23.63 16.09 -40.53
C ASN A 158 22.10 15.98 -40.59
N SER A 159 21.51 14.93 -40.05
CA SER A 159 20.07 14.84 -40.10
C SER A 159 19.41 14.59 -38.74
N TYR A 160 18.47 15.48 -38.41
CA TYR A 160 17.61 15.36 -37.27
C TYR A 160 16.22 15.42 -37.89
N PRO A 161 15.72 14.23 -38.32
CA PRO A 161 14.35 14.20 -38.87
C PRO A 161 13.37 14.46 -37.72
N LYS A 162 12.07 14.64 -38.05
CA LYS A 162 11.06 14.83 -37.04
C LYS A 162 11.04 13.57 -36.16
N LEU A 163 10.91 13.79 -34.86
CA LEU A 163 10.76 12.76 -33.86
C LEU A 163 9.30 12.71 -33.46
N SER A 164 8.78 11.48 -33.35
CA SER A 164 7.43 11.16 -32.91
C SER A 164 7.41 9.75 -32.35
N LYS A 165 7.35 9.65 -31.02
CA LYS A 165 7.35 8.36 -30.33
C LYS A 165 6.49 8.47 -29.06
N SER A 166 5.65 7.46 -28.83
CA SER A 166 4.73 7.39 -27.70
C SER A 166 4.99 6.13 -26.86
N TYR A 167 4.42 6.12 -25.65
CA TYR A 167 4.46 5.01 -24.72
C TYR A 167 3.09 4.97 -24.11
N ILE A 168 2.45 3.80 -24.13
CA ILE A 168 1.14 3.65 -23.52
C ILE A 168 1.26 3.53 -22.00
N ASN A 169 1.24 2.32 -21.48
CA ASN A 169 1.19 1.99 -20.05
C ASN A 169 0.32 0.76 -19.91
N ASP A 170 1.04 -0.36 -19.88
CA ASP A 170 0.59 -1.72 -19.69
C ASP A 170 0.99 -2.10 -18.23
N LYS A 171 1.60 -1.13 -17.50
CA LYS A 171 1.96 -1.27 -16.08
C LYS A 171 0.65 -0.90 -15.45
N GLY A 172 0.24 -1.56 -14.39
CA GLY A 172 -1.09 -1.26 -13.88
C GLY A 172 -1.04 -0.27 -12.74
N LYS A 173 -0.23 0.78 -12.92
CA LYS A 173 0.02 1.83 -11.93
C LYS A 173 0.51 3.04 -12.65
N GLU A 174 0.64 4.18 -11.97
CA GLU A 174 1.15 5.37 -12.64
C GLU A 174 2.62 5.19 -13.04
N VAL A 175 2.97 5.78 -14.19
CA VAL A 175 4.35 5.77 -14.65
C VAL A 175 4.92 7.20 -14.58
N LEU A 176 5.98 7.38 -13.77
CA LEU A 176 6.68 8.67 -13.70
C LEU A 176 7.58 8.71 -14.91
N VAL A 177 7.40 9.72 -15.75
CA VAL A 177 8.20 9.93 -16.96
C VAL A 177 8.88 11.26 -16.78
N LEU A 178 10.20 11.28 -16.86
CA LEU A 178 10.94 12.54 -16.82
C LEU A 178 11.56 12.76 -18.21
N TRP A 179 11.69 14.01 -18.62
CA TRP A 179 12.35 14.36 -19.86
C TRP A 179 13.00 15.73 -19.65
N GLY A 180 13.88 16.13 -20.58
CA GLY A 180 14.55 17.42 -20.54
C GLY A 180 14.43 18.22 -21.81
N ILE A 181 14.50 19.55 -21.70
CA ILE A 181 14.47 20.47 -22.84
C ILE A 181 15.83 21.17 -22.92
N HIS A 182 16.55 20.96 -24.02
CA HIS A 182 17.82 21.60 -24.15
C HIS A 182 17.72 22.98 -24.73
N HIS A 183 18.28 23.96 -23.99
CA HIS A 183 18.30 25.36 -24.38
C HIS A 183 19.75 25.73 -24.69
N PRO A 184 20.18 25.58 -25.98
CA PRO A 184 21.57 25.88 -26.32
C PRO A 184 22.00 27.31 -26.08
N SER A 185 23.30 27.49 -26.10
CA SER A 185 24.01 28.71 -25.87
C SER A 185 23.94 29.61 -27.13
N THR A 186 24.21 29.05 -28.30
CA THR A 186 24.31 29.80 -29.54
C THR A 186 23.62 29.09 -30.69
N SER A 187 23.57 29.79 -31.86
CA SER A 187 23.04 29.26 -33.13
C SER A 187 23.96 28.15 -33.58
N ALA A 188 25.29 28.32 -33.40
CA ALA A 188 26.30 27.30 -33.72
C ALA A 188 26.07 26.03 -32.84
N ASP A 189 25.89 26.17 -31.51
CA ASP A 189 25.62 24.98 -30.68
C ASP A 189 24.31 24.23 -31.06
N GLN A 190 23.26 24.98 -31.51
CA GLN A 190 21.98 24.39 -31.99
C GLN A 190 22.25 23.50 -33.23
N GLN A 191 22.98 24.08 -34.21
CA GLN A 191 23.35 23.48 -35.47
C GLN A 191 24.19 22.21 -35.24
N SER A 192 25.23 22.30 -34.38
CA SER A 192 26.16 21.19 -34.09
C SER A 192 25.48 19.97 -33.43
N LEU A 193 24.41 20.24 -32.69
CA LEU A 193 23.71 19.17 -32.01
C LEU A 193 22.52 18.66 -32.85
N TYR A 194 21.71 19.60 -33.44
CA TYR A 194 20.46 19.28 -34.10
C TYR A 194 20.26 19.68 -35.58
N GLN A 195 21.21 20.47 -36.16
CA GLN A 195 21.12 20.99 -37.54
C GLN A 195 19.96 22.01 -37.72
N ASN A 196 18.72 21.55 -37.50
CA ASN A 196 17.51 22.35 -37.65
C ASN A 196 17.57 23.52 -36.68
N ALA A 197 17.46 24.75 -37.26
CA ALA A 197 17.58 26.04 -36.59
C ALA A 197 16.37 26.44 -35.75
N ASP A 198 15.15 26.31 -36.31
CA ASP A 198 13.93 26.68 -35.60
C ASP A 198 13.22 25.39 -35.17
N THR A 199 13.39 25.03 -33.91
CA THR A 199 12.83 23.78 -33.44
C THR A 199 11.76 23.94 -32.38
N TYR A 200 11.12 22.82 -32.02
CA TYR A 200 10.10 22.74 -30.99
C TYR A 200 10.10 21.32 -30.44
N VAL A 201 9.62 21.19 -29.22
CA VAL A 201 9.39 19.91 -28.56
C VAL A 201 7.96 19.98 -28.12
N PHE A 202 7.22 18.91 -28.35
CA PHE A 202 5.86 18.81 -27.86
C PHE A 202 5.80 17.54 -27.03
N VAL A 203 5.11 17.58 -25.92
CA VAL A 203 4.90 16.43 -25.06
C VAL A 203 3.45 16.52 -24.61
N GLY A 204 2.76 15.40 -24.69
CA GLY A 204 1.36 15.37 -24.29
C GLY A 204 0.83 14.01 -23.88
N SER A 205 -0.09 14.03 -22.92
CA SER A 205 -0.83 12.89 -22.40
C SER A 205 -2.31 13.28 -22.38
N SER A 206 -3.15 12.62 -21.58
CA SER A 206 -4.56 12.99 -21.53
C SER A 206 -4.73 14.17 -20.59
N ARG A 207 -3.79 14.31 -19.66
CA ARG A 207 -3.74 15.33 -18.63
C ARG A 207 -2.66 16.39 -18.87
N TYR A 208 -1.57 16.04 -19.57
CA TYR A 208 -0.44 16.92 -19.84
C TYR A 208 -0.40 17.36 -21.28
N SER A 209 0.00 18.63 -21.52
CA SER A 209 0.19 19.22 -22.85
C SER A 209 1.01 20.50 -22.78
N LYS A 210 2.20 20.44 -23.34
CA LYS A 210 3.11 21.57 -23.46
C LYS A 210 4.02 21.43 -24.68
N LYS A 211 4.06 22.52 -25.46
CA LYS A 211 4.94 22.72 -26.57
C LYS A 211 6.03 23.61 -25.97
N PHE A 212 7.25 23.18 -26.17
CA PHE A 212 8.45 23.85 -25.70
C PHE A 212 9.19 24.46 -26.90
N LYS A 213 9.78 25.61 -26.67
CA LYS A 213 10.53 26.31 -27.68
C LYS A 213 11.87 26.67 -27.08
N PRO A 214 12.95 26.11 -27.63
CA PRO A 214 14.28 26.45 -27.08
C PRO A 214 14.65 27.94 -27.23
N GLU A 215 15.15 28.48 -26.12
CA GLU A 215 15.57 29.85 -25.94
C GLU A 215 17.09 29.85 -26.02
N ILE A 216 17.59 30.10 -27.22
CA ILE A 216 19.03 30.14 -27.52
C ILE A 216 19.57 31.45 -27.01
N ALA A 217 20.54 31.35 -26.10
CA ALA A 217 21.16 32.50 -25.48
C ALA A 217 22.25 32.01 -24.57
N ILE A 218 23.32 32.83 -24.47
CA ILE A 218 24.45 32.57 -23.61
C ILE A 218 24.06 33.00 -22.20
N ARG A 219 24.05 32.02 -21.29
CA ARG A 219 23.79 32.19 -19.86
C ARG A 219 25.15 32.18 -19.19
N PRO A 220 25.28 32.71 -17.94
CA PRO A 220 26.57 32.68 -17.28
C PRO A 220 26.98 31.22 -17.08
N LYS A 221 28.21 30.88 -17.48
CA LYS A 221 28.79 29.55 -17.44
C LYS A 221 28.60 28.83 -16.09
N VAL A 222 27.84 27.74 -16.08
CA VAL A 222 27.62 26.91 -14.88
C VAL A 222 28.03 25.52 -15.36
N ARG A 223 29.04 24.88 -14.68
CA ARG A 223 29.53 23.54 -15.03
C ARG A 223 29.92 23.48 -16.50
N ASP A 224 30.71 24.49 -16.97
CA ASP A 224 31.18 24.65 -18.36
C ASP A 224 30.09 24.96 -19.38
N GLN A 225 28.85 25.16 -18.90
CA GLN A 225 27.72 25.42 -19.77
C GLN A 225 27.18 26.84 -19.78
N GLU A 226 26.99 27.40 -20.95
CA GLU A 226 26.35 28.68 -21.17
C GLU A 226 24.94 28.38 -21.66
N GLY A 227 24.70 27.13 -22.03
CA GLY A 227 23.38 26.61 -22.35
C GLY A 227 22.68 26.09 -21.09
N ARG A 228 21.41 25.78 -21.20
CA ARG A 228 20.60 25.29 -20.07
C ARG A 228 19.76 24.09 -20.47
N MET A 229 19.38 23.31 -19.49
CA MET A 229 18.51 22.16 -19.69
C MET A 229 17.45 22.15 -18.62
N ASN A 230 16.17 22.29 -19.00
CA ASN A 230 15.07 22.24 -18.05
C ASN A 230 14.53 20.83 -17.95
N TYR A 231 14.19 20.41 -16.70
CA TYR A 231 13.73 19.06 -16.36
C TYR A 231 12.26 18.99 -16.11
N TYR A 232 11.63 18.03 -16.76
CA TYR A 232 10.19 17.91 -16.70
C TYR A 232 9.76 16.54 -16.31
N TRP A 233 8.59 16.45 -15.67
CA TRP A 233 8.03 15.18 -15.25
C TRP A 233 6.52 15.20 -15.25
N THR A 234 5.92 14.02 -15.40
CA THR A 234 4.47 13.81 -15.38
C THR A 234 4.17 12.40 -14.91
N LEU A 235 3.00 12.19 -14.31
CA LEU A 235 2.62 10.85 -13.93
C LEU A 235 1.58 10.42 -14.94
N VAL A 236 1.87 9.35 -15.68
CA VAL A 236 0.98 8.85 -16.71
C VAL A 236 0.08 7.75 -16.07
N GLU A 237 -1.24 8.01 -16.01
CA GLU A 237 -2.24 7.12 -15.40
C GLU A 237 -2.25 5.71 -16.05
N PRO A 238 -2.61 4.68 -15.21
CA PRO A 238 -2.60 3.26 -15.64
C PRO A 238 -2.92 2.78 -17.07
N GLY A 239 -3.59 3.59 -17.88
CA GLY A 239 -3.84 3.22 -19.27
C GLY A 239 -3.68 4.37 -20.24
N ASP A 240 -3.06 5.46 -19.79
CA ASP A 240 -2.90 6.64 -20.63
C ASP A 240 -1.68 6.51 -21.51
N LYS A 241 -1.60 7.33 -22.55
CA LYS A 241 -0.50 7.41 -23.50
C LYS A 241 0.29 8.73 -23.30
N ILE A 242 1.61 8.73 -23.50
CA ILE A 242 2.40 9.94 -23.49
C ILE A 242 3.14 10.02 -24.83
N THR A 243 2.96 11.12 -25.54
CA THR A 243 3.60 11.29 -26.83
C THR A 243 4.77 12.23 -26.70
N PHE A 244 5.85 11.95 -27.46
CA PHE A 244 7.02 12.78 -27.56
C PHE A 244 7.21 13.20 -29.00
N GLU A 245 7.07 14.48 -29.25
CA GLU A 245 7.20 15.04 -30.59
C GLU A 245 8.32 16.05 -30.48
N ALA A 246 9.26 16.06 -31.48
CA ALA A 246 10.39 17.00 -31.50
C ALA A 246 11.10 17.08 -32.83
N THR A 247 11.74 18.25 -33.09
CA THR A 247 12.57 18.51 -34.28
C THR A 247 13.94 18.95 -33.85
N GLY A 248 14.18 18.84 -32.55
CA GLY A 248 15.43 19.19 -31.90
C GLY A 248 15.22 19.38 -30.41
N ASN A 249 16.32 19.53 -29.65
CA ASN A 249 16.36 19.88 -28.22
C ASN A 249 15.66 18.99 -27.22
N LEU A 250 15.41 17.69 -27.60
CA LEU A 250 14.73 16.78 -26.67
C LEU A 250 15.65 15.79 -25.94
N VAL A 251 15.79 16.02 -24.64
CA VAL A 251 16.53 15.07 -23.84
C VAL A 251 15.42 14.07 -23.51
N VAL A 252 15.45 13.00 -24.28
CA VAL A 252 14.38 12.00 -24.29
C VAL A 252 14.36 11.03 -23.11
N PRO A 253 13.18 10.62 -22.59
CA PRO A 253 13.19 9.66 -21.47
C PRO A 253 13.69 8.33 -21.98
N ARG A 254 14.57 7.70 -21.21
CA ARG A 254 15.10 6.38 -21.49
C ARG A 254 14.50 5.44 -20.44
N TYR A 255 14.51 5.86 -19.17
CA TYR A 255 13.97 5.04 -18.11
C TYR A 255 12.85 5.75 -17.37
N ALA A 256 11.78 5.04 -17.11
CA ALA A 256 10.70 5.67 -16.39
C ALA A 256 10.36 4.82 -15.15
N PHE A 257 9.43 5.26 -14.32
CA PHE A 257 9.19 4.47 -13.11
C PHE A 257 7.73 4.18 -12.84
N ALA A 258 7.39 2.87 -12.83
CA ALA A 258 6.08 2.36 -12.44
C ALA A 258 6.10 2.36 -10.91
N MET A 259 5.12 3.02 -10.27
CA MET A 259 5.06 3.19 -8.82
C MET A 259 3.67 3.46 -8.29
N GLU A 260 3.46 3.15 -6.99
CA GLU A 260 2.24 3.44 -6.23
C GLU A 260 2.67 4.39 -5.14
N ARG A 261 2.18 5.62 -5.17
CA ARG A 261 2.53 6.59 -4.14
C ARG A 261 1.85 6.19 -2.80
N ASN A 262 2.64 6.19 -1.68
CA ASN A 262 2.16 5.83 -0.35
C ASN A 262 1.81 7.04 0.46
N ALA A 263 0.49 7.14 0.75
CA ALA A 263 -0.21 8.12 1.59
C ALA A 263 0.53 9.44 1.81
N GLY A 264 1.52 9.46 2.70
CA GLY A 264 2.28 10.69 2.95
C GLY A 264 3.47 10.62 3.88
N SER A 265 4.69 10.75 3.28
CA SER A 265 5.91 10.81 4.08
C SER A 265 6.70 12.11 3.90
N GLY A 266 7.98 12.03 4.18
CA GLY A 266 8.87 13.17 4.10
C GLY A 266 10.26 12.77 3.72
N ILE A 267 11.13 13.78 3.64
CA ILE A 267 12.53 13.67 3.27
C ILE A 267 13.32 14.15 4.44
N ILE A 268 14.17 13.30 5.02
CA ILE A 268 15.02 13.69 6.12
C ILE A 268 16.39 14.03 5.52
N ILE A 269 16.84 15.30 5.72
CA ILE A 269 18.16 15.74 5.24
C ILE A 269 19.05 15.59 6.48
N SER A 270 19.92 14.57 6.49
CA SER A 270 20.69 14.26 7.70
C SER A 270 21.94 13.41 7.49
N ASP A 271 22.93 13.65 8.34
CA ASP A 271 24.17 12.88 8.35
C ASP A 271 24.02 11.68 9.29
N THR A 272 22.79 11.45 9.81
CA THR A 272 22.51 10.35 10.71
C THR A 272 22.58 9.00 10.00
N PRO A 273 23.42 8.06 10.48
CA PRO A 273 23.52 6.77 9.81
C PRO A 273 22.24 5.94 9.90
N VAL A 274 21.97 5.22 8.82
CA VAL A 274 20.84 4.32 8.65
C VAL A 274 21.15 2.99 9.32
N HIS A 275 20.20 2.46 10.08
CA HIS A 275 20.37 1.21 10.78
C HIS A 275 19.15 0.29 10.65
N ASP A 276 19.39 -1.02 10.78
CA ASP A 276 18.35 -2.06 10.75
C ASP A 276 17.62 -2.09 12.13
N CYS A 277 16.76 -1.07 12.35
CA CYS A 277 15.91 -0.92 13.53
C CYS A 277 14.50 -0.51 13.07
N ASN A 278 13.48 -0.77 13.91
CA ASN A 278 12.10 -0.37 13.62
C ASN A 278 11.73 0.73 14.57
N THR A 279 10.88 1.63 14.10
CA THR A 279 10.37 2.78 14.84
C THR A 279 8.97 3.17 14.37
N THR A 280 8.22 3.81 15.27
CA THR A 280 6.87 4.37 15.06
C THR A 280 7.04 5.89 14.75
N CYS A 281 8.17 6.46 15.20
CA CYS A 281 8.52 7.86 15.09
C CYS A 281 9.97 8.09 14.74
N GLN A 282 10.18 8.84 13.66
CA GLN A 282 11.52 9.18 13.20
C GLN A 282 11.73 10.65 13.23
N THR A 283 12.86 10.98 13.78
CA THR A 283 13.43 12.30 13.96
C THR A 283 14.62 12.41 13.00
N PRO A 284 14.96 13.60 12.48
CA PRO A 284 16.12 13.71 11.60
C PRO A 284 17.43 13.32 12.24
N LYS A 285 17.43 13.16 13.58
CA LYS A 285 18.65 12.87 14.30
C LYS A 285 18.69 11.57 15.15
N GLY A 286 17.65 10.76 15.01
CA GLY A 286 17.52 9.50 15.71
C GLY A 286 16.06 9.15 15.87
N ALA A 287 15.74 7.86 15.96
CA ALA A 287 14.37 7.37 16.12
C ALA A 287 13.93 7.51 17.59
N ILE A 288 12.62 7.69 17.84
CA ILE A 288 12.08 7.81 19.22
C ILE A 288 10.94 6.85 19.58
N ASN A 289 10.91 6.42 20.87
CA ASN A 289 9.82 5.60 21.42
C ASN A 289 8.55 6.51 21.45
N THR A 290 7.35 5.91 21.40
CA THR A 290 6.07 6.66 21.39
C THR A 290 5.21 6.32 22.61
N SER A 291 5.82 5.77 23.66
CA SER A 291 5.08 5.45 24.88
C SER A 291 4.66 6.73 25.56
N LEU A 292 5.41 7.84 25.35
CA LEU A 292 5.14 9.12 25.99
C LEU A 292 4.43 10.15 25.11
N PRO A 293 3.53 10.98 25.72
CA PRO A 293 2.77 11.96 24.93
C PRO A 293 3.56 13.10 24.31
N PHE A 294 4.77 13.40 24.89
CA PHE A 294 5.59 14.52 24.45
C PHE A 294 7.02 14.16 24.17
N GLN A 295 7.71 15.02 23.37
CA GLN A 295 9.15 14.88 23.07
C GLN A 295 9.83 16.24 22.81
N ASN A 296 11.11 16.41 23.19
CA ASN A 296 11.84 17.66 22.96
C ASN A 296 13.05 17.51 22.02
N ILE A 297 13.14 16.36 21.35
CA ILE A 297 14.20 15.94 20.43
C ILE A 297 14.27 16.84 19.19
N HIS A 298 13.16 16.87 18.42
CA HIS A 298 13.08 17.62 17.18
C HIS A 298 11.64 17.95 16.85
N PRO A 299 11.36 19.21 16.39
CA PRO A 299 10.00 19.56 15.99
C PRO A 299 9.53 18.86 14.70
N ILE A 300 10.46 18.62 13.76
CA ILE A 300 10.18 17.99 12.47
C ILE A 300 10.36 16.48 12.53
N THR A 301 9.26 15.76 12.74
CA THR A 301 9.31 14.31 12.81
C THR A 301 8.46 13.68 11.70
N ILE A 302 8.71 12.40 11.38
CA ILE A 302 7.89 11.61 10.48
C ILE A 302 7.41 10.41 11.31
N GLY A 303 6.11 10.12 11.27
CA GLY A 303 5.52 8.96 11.95
C GLY A 303 4.29 9.27 12.79
N LYS A 304 3.90 8.30 13.63
CA LYS A 304 2.82 8.47 14.62
C LYS A 304 3.67 8.92 15.82
N CYS A 305 3.72 10.24 16.01
CA CYS A 305 4.68 10.87 16.88
C CYS A 305 4.17 11.61 18.11
N PRO A 306 4.98 11.64 19.22
CA PRO A 306 4.62 12.49 20.36
C PRO A 306 4.76 13.95 19.95
N LYS A 307 3.94 14.80 20.58
CA LYS A 307 3.91 16.21 20.32
C LYS A 307 5.16 16.88 20.81
N TYR A 308 5.86 17.56 19.91
CA TYR A 308 7.07 18.29 20.23
C TYR A 308 6.76 19.44 21.18
N VAL A 309 7.56 19.58 22.25
CA VAL A 309 7.42 20.63 23.25
C VAL A 309 8.80 21.20 23.51
N LYS A 310 8.85 22.46 23.96
CA LYS A 310 10.11 23.13 24.25
C LYS A 310 10.51 22.92 25.73
N SER A 311 9.91 21.91 26.33
CA SER A 311 10.11 21.52 27.72
C SER A 311 11.43 20.86 27.91
N THR A 312 12.02 21.03 29.10
CA THR A 312 13.27 20.36 29.45
C THR A 312 12.97 19.22 30.41
N LYS A 313 11.85 19.34 31.16
CA LYS A 313 11.34 18.38 32.14
C LYS A 313 9.80 18.43 32.24
N LEU A 314 9.17 17.26 32.23
CA LEU A 314 7.74 17.13 32.43
C LEU A 314 7.51 15.97 33.40
N ARG A 315 7.91 16.19 34.65
CA ARG A 315 7.79 15.17 35.69
C ARG A 315 6.48 15.26 36.45
N LEU A 316 5.73 14.17 36.37
CA LEU A 316 4.43 13.98 36.95
C LEU A 316 4.58 13.13 38.19
N ALA A 317 4.21 13.66 39.35
CA ALA A 317 4.31 12.94 40.60
C ALA A 317 3.34 11.77 40.65
N THR A 318 3.77 10.67 41.25
CA THR A 318 2.94 9.49 41.49
C THR A 318 2.82 9.25 42.98
N GLY A 319 3.97 9.26 43.65
CA GLY A 319 4.05 9.14 45.11
C GLY A 319 3.69 10.46 45.77
N LEU A 320 4.12 10.64 47.03
CA LEU A 320 3.82 11.86 47.78
C LEU A 320 5.06 12.68 48.01
N ARG A 321 4.99 13.73 48.91
CA ARG A 321 6.20 14.48 49.24
C ARG A 321 7.02 13.56 50.12
N ASN A 322 8.29 13.48 49.77
CA ASN A 322 9.25 12.69 50.47
C ASN A 322 9.82 13.57 51.57
N ILE A 323 9.32 13.33 52.81
CA ILE A 323 9.82 14.00 54.00
C ILE A 323 10.59 12.99 54.92
N PRO A 324 11.87 12.64 54.59
CA PRO A 324 12.62 11.72 55.46
C PRO A 324 13.14 12.38 56.74
N SER A 325 12.97 13.73 56.87
CA SER A 325 13.34 14.58 58.01
C SER A 325 14.54 14.12 58.91
N GLY B 1 -0.52 20.47 53.35
CA GLY B 1 -1.29 21.15 52.31
C GLY B 1 -2.80 21.18 52.54
N LEU B 2 -3.56 20.96 51.44
CA LEU B 2 -5.03 20.98 51.35
C LEU B 2 -5.81 20.24 52.46
N PHE B 3 -5.38 19.02 52.84
CA PHE B 3 -6.10 18.26 53.86
C PHE B 3 -5.52 18.25 55.28
N GLY B 4 -4.38 18.93 55.45
CA GLY B 4 -3.71 19.17 56.74
C GLY B 4 -2.89 18.06 57.36
N ALA B 5 -3.01 16.83 56.82
CA ALA B 5 -2.32 15.64 57.30
C ALA B 5 -0.81 15.64 56.97
N ILE B 6 -0.45 15.38 55.68
CA ILE B 6 0.93 15.36 55.15
C ILE B 6 1.55 16.75 55.31
N ALA B 7 2.66 16.80 56.08
CA ALA B 7 3.41 18.00 56.44
C ALA B 7 2.59 18.97 57.26
N GLY B 8 1.48 18.49 57.80
CA GLY B 8 0.61 19.25 58.66
C GLY B 8 0.65 18.64 60.05
N PHE B 9 -0.45 17.98 60.47
CA PHE B 9 -0.52 17.34 61.77
C PHE B 9 0.38 16.12 61.85
N ILE B 10 0.68 15.47 60.71
CA ILE B 10 1.66 14.38 60.70
C ILE B 10 2.94 14.94 60.04
N GLU B 11 3.80 15.56 60.86
CA GLU B 11 5.05 16.25 60.54
C GLU B 11 5.91 15.66 59.42
N GLY B 12 6.19 14.35 59.51
CA GLY B 12 7.07 13.71 58.55
C GLY B 12 6.71 12.33 58.05
N GLY B 13 7.60 11.84 57.17
CA GLY B 13 7.50 10.53 56.53
C GLY B 13 8.07 9.43 57.39
N TRP B 14 8.03 8.23 56.87
CA TRP B 14 8.54 7.05 57.52
C TRP B 14 9.36 6.28 56.51
N THR B 15 10.68 6.16 56.75
CA THR B 15 11.54 5.39 55.86
C THR B 15 11.49 3.93 56.30
N GLY B 16 10.76 3.69 57.40
CA GLY B 16 10.56 2.40 58.04
C GLY B 16 9.43 1.60 57.44
N MET B 17 8.44 2.28 56.86
CA MET B 17 7.31 1.66 56.17
C MET B 17 7.70 1.67 54.69
N VAL B 18 8.18 0.52 54.24
CA VAL B 18 8.70 0.29 52.89
C VAL B 18 7.77 -0.54 52.02
N ASP B 19 6.65 -1.00 52.60
CA ASP B 19 5.63 -1.84 51.97
C ASP B 19 4.36 -1.07 51.53
N GLY B 20 4.45 0.26 51.46
CA GLY B 20 3.28 1.06 51.07
C GLY B 20 3.42 2.55 51.20
N TRP B 21 2.42 3.30 50.71
CA TRP B 21 2.41 4.76 50.74
C TRP B 21 1.92 5.28 52.06
N TYR B 22 0.90 4.61 52.63
CA TYR B 22 0.22 4.97 53.88
C TYR B 22 0.09 3.75 54.75
N GLY B 23 0.25 3.98 56.06
CA GLY B 23 0.12 2.93 57.06
C GLY B 23 0.24 3.40 58.48
N TYR B 24 0.69 2.46 59.34
CA TYR B 24 0.78 2.60 60.78
C TYR B 24 2.07 2.12 61.40
N HIS B 25 2.36 2.64 62.61
CA HIS B 25 3.45 2.24 63.51
C HIS B 25 2.74 1.91 64.81
N HIS B 26 3.25 0.90 65.52
CA HIS B 26 2.63 0.49 66.77
C HIS B 26 3.66 0.28 67.90
N GLN B 27 3.18 0.23 69.13
CA GLN B 27 3.99 -0.05 70.32
C GLN B 27 3.09 -0.77 71.30
N ASN B 28 3.56 -1.93 71.79
CA ASN B 28 2.89 -2.74 72.81
C ASN B 28 3.87 -3.63 73.58
N GLU B 29 3.33 -4.43 74.51
CA GLU B 29 4.10 -5.35 75.33
C GLU B 29 4.95 -6.31 74.46
N GLN B 30 4.44 -6.66 73.26
CA GLN B 30 5.07 -7.57 72.29
C GLN B 30 6.19 -6.95 71.44
N GLY B 31 5.99 -5.72 70.99
CA GLY B 31 6.97 -5.01 70.17
C GLY B 31 6.41 -3.89 69.32
N SER B 32 7.31 -3.26 68.56
CA SER B 32 7.03 -2.14 67.68
C SER B 32 7.13 -2.58 66.22
N GLY B 33 7.04 -1.63 65.29
CA GLY B 33 7.11 -1.94 63.87
C GLY B 33 6.13 -1.20 63.01
N TYR B 34 6.47 -1.05 61.72
CA TYR B 34 5.60 -0.36 60.77
C TYR B 34 4.90 -1.37 59.90
N ALA B 35 3.70 -1.01 59.41
CA ALA B 35 2.86 -1.82 58.51
C ALA B 35 2.10 -0.90 57.62
N ALA B 36 1.89 -1.30 56.36
CA ALA B 36 1.17 -0.46 55.40
C ALA B 36 -0.33 -0.77 55.42
N ASP B 37 -1.17 0.25 55.23
CA ASP B 37 -2.59 -0.03 55.12
C ASP B 37 -2.75 -0.45 53.67
N LEU B 38 -3.09 -1.72 53.46
CA LEU B 38 -3.25 -2.34 52.13
C LEU B 38 -4.38 -1.73 51.33
N LYS B 39 -5.59 -1.66 51.95
CA LYS B 39 -6.81 -1.16 51.29
C LYS B 39 -6.62 0.21 50.63
N SER B 40 -6.05 1.18 51.39
CA SER B 40 -5.81 2.54 50.92
C SER B 40 -4.65 2.62 49.96
N THR B 41 -3.51 1.93 50.28
CA THR B 41 -2.32 1.90 49.43
C THR B 41 -2.68 1.36 48.05
N GLN B 42 -3.33 0.18 48.01
CA GLN B 42 -3.70 -0.43 46.73
C GLN B 42 -4.57 0.47 45.85
N ASN B 43 -5.73 0.92 46.40
CA ASN B 43 -6.70 1.81 45.74
C ASN B 43 -6.01 3.06 45.14
N ALA B 44 -5.07 3.60 45.91
CA ALA B 44 -4.30 4.76 45.54
C ALA B 44 -3.34 4.42 44.39
N ILE B 45 -2.63 3.24 44.42
CA ILE B 45 -1.74 2.82 43.31
C ILE B 45 -2.62 2.72 42.05
N ASP B 46 -3.75 1.97 42.19
CA ASP B 46 -4.77 1.76 41.18
C ASP B 46 -5.17 3.07 40.52
N GLU B 47 -5.60 4.05 41.33
CA GLU B 47 -6.02 5.37 40.87
C GLU B 47 -4.91 6.21 40.30
N ILE B 48 -3.73 6.18 40.94
CA ILE B 48 -2.62 6.95 40.41
C ILE B 48 -2.14 6.39 39.06
N THR B 49 -2.13 5.04 38.91
CA THR B 49 -1.79 4.39 37.63
C THR B 49 -2.81 4.84 36.57
N ASN B 50 -4.11 4.83 36.91
CA ASN B 50 -5.20 5.33 36.06
C ASN B 50 -4.94 6.76 35.53
N LYS B 51 -4.63 7.70 36.45
CA LYS B 51 -4.30 9.10 36.16
C LYS B 51 -3.08 9.17 35.23
N VAL B 52 -2.02 8.42 35.54
CA VAL B 52 -0.80 8.33 34.75
C VAL B 52 -1.09 7.85 33.34
N ASN B 53 -1.90 6.78 33.20
CA ASN B 53 -2.28 6.27 31.88
C ASN B 53 -3.07 7.33 31.13
N SER B 54 -4.13 7.89 31.75
CA SER B 54 -5.02 8.89 31.16
C SER B 54 -4.31 10.06 30.48
N VAL B 55 -3.25 10.58 31.13
CA VAL B 55 -2.44 11.69 30.62
C VAL B 55 -1.68 11.24 29.33
N ILE B 56 -1.29 9.96 29.30
CA ILE B 56 -0.56 9.34 28.21
C ILE B 56 -1.49 8.73 27.14
N GLU B 57 -2.50 7.93 27.57
CA GLU B 57 -3.46 7.23 26.69
C GLU B 57 -4.19 8.15 25.73
N LYS B 58 -4.87 9.20 26.22
CA LYS B 58 -5.68 10.12 25.41
C LYS B 58 -4.99 10.85 24.26
N MET B 59 -3.66 10.77 24.17
CA MET B 59 -2.88 11.41 23.12
C MET B 59 -3.17 10.83 21.71
N ASN B 60 -2.88 9.53 21.49
CA ASN B 60 -3.09 8.85 20.19
C ASN B 60 -2.31 9.35 18.95
N THR B 61 -2.57 10.60 18.44
CA THR B 61 -1.85 11.22 17.28
C THR B 61 -1.91 10.54 15.87
N GLN B 62 -1.76 11.34 14.81
CA GLN B 62 -1.75 10.84 13.42
C GLN B 62 -0.36 10.53 12.94
N PHE B 63 -0.29 9.88 11.77
CA PHE B 63 0.96 9.64 11.06
C PHE B 63 1.16 10.94 10.29
N THR B 64 2.17 11.73 10.69
CA THR B 64 2.43 13.02 10.06
C THR B 64 3.89 13.17 9.63
N ALA B 65 4.12 13.93 8.52
CA ALA B 65 5.42 14.23 7.94
C ALA B 65 6.13 15.38 8.60
N VAL B 66 5.38 16.37 9.06
CA VAL B 66 5.87 17.64 9.68
C VAL B 66 6.60 18.52 8.66
N GLY B 67 7.76 18.06 8.21
CA GLY B 67 8.55 18.75 7.21
C GLY B 67 7.80 18.93 5.92
N LYS B 68 8.07 20.03 5.25
CA LYS B 68 7.54 20.42 3.96
C LYS B 68 8.69 21.21 3.33
N GLU B 69 8.97 21.01 2.04
CA GLU B 69 10.06 21.72 1.39
C GLU B 69 9.49 22.77 0.45
N PHE B 70 10.02 23.99 0.52
CA PHE B 70 9.54 25.09 -0.32
C PHE B 70 10.66 25.75 -1.03
N ASN B 71 10.44 26.25 -2.28
CA ASN B 71 11.53 26.87 -3.05
C ASN B 71 11.80 28.33 -2.71
N HIS B 72 12.80 28.93 -3.34
CA HIS B 72 13.19 30.34 -3.11
C HIS B 72 12.01 31.34 -3.37
N LEU B 73 11.04 30.98 -4.26
CA LEU B 73 9.86 31.80 -4.51
C LEU B 73 8.58 31.28 -3.83
N GLU B 74 8.71 30.74 -2.59
CA GLU B 74 7.61 30.20 -1.82
C GLU B 74 7.85 30.46 -0.35
N LYS B 75 8.42 31.66 -0.01
CA LYS B 75 8.73 32.06 1.36
C LYS B 75 7.49 32.22 2.21
N ARG B 76 6.43 32.79 1.63
CA ARG B 76 5.15 33.03 2.30
C ARG B 76 4.47 31.73 2.76
N ILE B 77 4.48 30.68 1.91
CA ILE B 77 3.94 29.40 2.35
C ILE B 77 4.86 28.74 3.35
N GLU B 78 6.19 28.88 3.13
CA GLU B 78 7.24 28.38 3.99
C GLU B 78 7.14 29.01 5.40
N ASN B 79 6.74 30.31 5.47
CA ASN B 79 6.54 31.02 6.75
C ASN B 79 5.20 30.62 7.36
N LEU B 80 4.18 30.40 6.51
CA LEU B 80 2.87 29.95 6.94
C LEU B 80 3.00 28.60 7.68
N ASN B 81 3.81 27.70 7.13
CA ASN B 81 4.08 26.37 7.65
C ASN B 81 4.84 26.45 8.99
N LYS B 82 5.76 27.44 9.13
CA LYS B 82 6.51 27.65 10.37
C LYS B 82 5.55 28.17 11.40
N LYS B 83 4.57 29.02 11.00
CA LYS B 83 3.53 29.53 11.90
C LYS B 83 2.73 28.35 12.51
N VAL B 84 2.31 27.40 11.67
CA VAL B 84 1.61 26.18 12.06
C VAL B 84 2.49 25.40 13.06
N ASP B 85 3.78 25.19 12.68
CA ASP B 85 4.74 24.47 13.54
C ASP B 85 4.94 25.16 14.87
N ASP B 86 5.11 26.48 14.84
CA ASP B 86 5.36 27.25 16.05
C ASP B 86 4.14 27.43 16.96
N GLY B 87 2.95 27.53 16.36
CA GLY B 87 1.68 27.73 17.05
C GLY B 87 1.25 26.52 17.85
N PHE B 88 1.43 25.32 17.25
CA PHE B 88 1.15 24.04 17.87
C PHE B 88 2.15 23.84 18.98
N LEU B 89 3.39 24.28 18.74
CA LEU B 89 4.49 24.18 19.68
C LEU B 89 4.16 24.94 20.96
N ASP B 90 3.67 26.19 20.81
CA ASP B 90 3.30 27.05 21.91
C ASP B 90 2.08 26.48 22.63
N ILE B 91 1.16 25.84 21.88
CA ILE B 91 -0.04 25.25 22.48
C ILE B 91 0.38 24.06 23.33
N TRP B 92 1.10 23.10 22.70
CA TRP B 92 1.57 21.92 23.39
C TRP B 92 2.53 22.17 24.55
N THR B 93 3.47 23.14 24.43
CA THR B 93 4.39 23.44 25.53
C THR B 93 3.66 24.01 26.73
N TYR B 94 2.75 24.99 26.50
CA TYR B 94 2.02 25.66 27.57
C TYR B 94 1.12 24.70 28.31
N ASN B 95 0.35 23.90 27.56
CA ASN B 95 -0.59 22.94 28.14
C ASN B 95 0.11 21.84 28.88
N ALA B 96 1.18 21.29 28.29
CA ALA B 96 1.92 20.22 28.93
C ALA B 96 2.43 20.71 30.27
N GLU B 97 3.12 21.87 30.26
CA GLU B 97 3.64 22.47 31.47
C GLU B 97 2.59 22.80 32.53
N LEU B 98 1.46 23.44 32.12
CA LEU B 98 0.36 23.74 33.06
C LEU B 98 -0.34 22.50 33.55
N LEU B 99 -0.57 21.53 32.66
CA LEU B 99 -1.22 20.29 33.08
C LEU B 99 -0.46 19.61 34.20
N VAL B 100 0.87 19.48 34.05
CA VAL B 100 1.80 18.87 35.01
C VAL B 100 1.83 19.60 36.35
N LEU B 101 1.97 20.95 36.35
CA LEU B 101 1.95 21.72 37.60
C LEU B 101 0.65 21.51 38.36
N LEU B 102 -0.51 21.67 37.68
CA LEU B 102 -1.82 21.55 38.29
C LEU B 102 -2.12 20.14 38.77
N GLU B 103 -1.71 19.15 37.97
CA GLU B 103 -1.93 17.77 38.36
C GLU B 103 -0.99 17.19 39.44
N ASN B 104 0.22 17.76 39.56
CA ASN B 104 1.17 17.37 40.60
C ASN B 104 0.62 17.86 41.94
N GLU B 105 0.08 19.12 41.95
CA GLU B 105 -0.57 19.68 43.15
C GLU B 105 -1.76 18.81 43.55
N ARG B 106 -2.65 18.48 42.59
CA ARG B 106 -3.82 17.62 42.78
C ARG B 106 -3.48 16.21 43.28
N THR B 107 -2.31 15.64 42.87
CA THR B 107 -1.79 14.32 43.32
C THR B 107 -1.40 14.37 44.82
N LEU B 108 -0.59 15.38 45.18
CA LEU B 108 -0.11 15.53 46.55
C LEU B 108 -1.30 15.79 47.48
N ASP B 109 -2.26 16.64 47.01
CA ASP B 109 -3.51 16.98 47.71
C ASP B 109 -4.33 15.68 47.94
N TYR B 110 -4.29 14.77 46.96
CA TYR B 110 -4.93 13.45 47.01
C TYR B 110 -4.27 12.57 48.13
N HIS B 111 -2.92 12.56 48.23
CA HIS B 111 -2.18 11.77 49.22
C HIS B 111 -2.42 12.32 50.60
N ASP B 112 -2.72 13.62 50.66
CA ASP B 112 -3.03 14.32 51.91
C ASP B 112 -4.39 13.80 52.42
N SER B 113 -5.44 13.81 51.58
CA SER B 113 -6.75 13.28 51.95
C SER B 113 -6.71 11.80 52.36
N ASN B 114 -5.96 10.98 51.61
CA ASN B 114 -5.83 9.55 51.96
C ASN B 114 -5.27 9.36 53.36
N VAL B 115 -4.23 10.12 53.71
CA VAL B 115 -3.65 10.09 55.05
C VAL B 115 -4.61 10.72 56.07
N LYS B 116 -5.34 11.80 55.69
CA LYS B 116 -6.31 12.44 56.60
C LYS B 116 -7.50 11.52 56.88
N ASN B 117 -8.09 10.92 55.84
CA ASN B 117 -9.20 9.96 55.98
C ASN B 117 -8.79 8.74 56.84
N LEU B 118 -7.51 8.31 56.77
CA LEU B 118 -6.96 7.18 57.53
C LEU B 118 -6.94 7.50 59.01
N TYR B 119 -6.56 8.74 59.36
CA TYR B 119 -6.53 9.23 60.73
C TYR B 119 -7.94 9.27 61.28
N GLU B 120 -8.84 9.90 60.52
CA GLU B 120 -10.23 10.07 60.87
C GLU B 120 -10.96 8.74 61.05
N LYS B 121 -10.70 7.74 60.15
CA LYS B 121 -11.27 6.38 60.19
C LYS B 121 -11.01 5.66 61.52
N VAL B 122 -9.78 5.81 62.02
CA VAL B 122 -9.31 5.21 63.28
C VAL B 122 -9.93 5.98 64.45
N ARG B 123 -9.87 7.34 64.42
CA ARG B 123 -10.40 8.23 65.44
C ARG B 123 -11.88 7.86 65.69
N SER B 124 -12.61 7.54 64.58
CA SER B 124 -14.01 7.13 64.59
C SER B 124 -14.22 5.77 65.27
N GLN B 125 -13.23 4.87 65.16
CA GLN B 125 -13.27 3.54 65.75
C GLN B 125 -12.98 3.59 67.26
N LEU B 126 -11.85 4.19 67.63
CA LEU B 126 -11.38 4.22 69.01
C LEU B 126 -12.22 5.08 69.90
N LYS B 127 -12.77 6.18 69.36
CA LYS B 127 -13.58 7.15 70.11
C LYS B 127 -12.85 7.51 71.42
N ASN B 128 -13.52 7.36 72.55
CA ASN B 128 -13.10 7.59 73.94
C ASN B 128 -11.97 6.65 74.35
N ASN B 129 -11.78 5.51 73.64
CA ASN B 129 -10.82 4.48 74.04
C ASN B 129 -9.32 4.78 73.88
N ALA B 130 -8.99 5.83 73.13
CA ALA B 130 -7.62 6.25 72.96
C ALA B 130 -7.56 7.75 73.09
N LYS B 131 -6.35 8.27 73.37
CA LYS B 131 -6.06 9.70 73.47
C LYS B 131 -5.38 10.14 72.16
N GLU B 132 -5.84 11.24 71.55
CA GLU B 132 -5.23 11.76 70.32
C GLU B 132 -4.03 12.61 70.78
N ILE B 133 -2.83 12.08 70.62
CA ILE B 133 -1.64 12.74 71.12
C ILE B 133 -0.88 13.61 70.10
N GLY B 134 -1.47 13.79 68.90
CA GLY B 134 -0.86 14.55 67.82
C GLY B 134 0.25 13.80 67.10
N ASN B 135 0.56 14.24 65.86
CA ASN B 135 1.58 13.62 64.96
C ASN B 135 0.95 12.39 64.30
N GLY B 136 -0.37 12.33 64.40
CA GLY B 136 -1.17 11.25 63.86
C GLY B 136 -1.15 10.05 64.76
N CYS B 137 -0.96 10.28 66.06
CA CYS B 137 -0.87 9.19 67.03
C CYS B 137 -2.05 9.10 67.98
N PHE B 138 -2.27 7.86 68.45
CA PHE B 138 -3.27 7.51 69.45
C PHE B 138 -2.57 6.76 70.55
N GLU B 139 -2.89 7.08 71.82
CA GLU B 139 -2.36 6.42 73.01
C GLU B 139 -3.57 5.76 73.65
N PHE B 140 -3.68 4.44 73.52
CA PHE B 140 -4.79 3.63 74.03
C PHE B 140 -4.94 3.71 75.53
N TYR B 141 -6.19 3.99 75.98
CA TYR B 141 -6.49 4.03 77.42
C TYR B 141 -6.62 2.60 77.94
N HIS B 142 -6.42 1.60 77.09
CA HIS B 142 -6.50 0.19 77.47
C HIS B 142 -5.29 -0.59 76.90
N LYS B 143 -5.21 -1.91 77.21
CA LYS B 143 -4.14 -2.78 76.72
C LYS B 143 -4.49 -3.26 75.30
N CYS B 144 -3.68 -2.87 74.30
CA CYS B 144 -3.95 -3.20 72.91
C CYS B 144 -2.87 -4.08 72.29
N ASP B 145 -3.08 -5.41 72.35
CA ASP B 145 -2.16 -6.42 71.84
C ASP B 145 -2.10 -6.42 70.33
N ASN B 146 -1.15 -7.19 69.73
CA ASN B 146 -0.98 -7.32 68.29
C ASN B 146 -2.30 -7.58 67.56
N THR B 147 -3.19 -8.40 68.15
CA THR B 147 -4.53 -8.74 67.67
C THR B 147 -5.44 -7.49 67.60
N CYS B 148 -5.58 -6.79 68.74
CA CYS B 148 -6.34 -5.55 68.94
C CYS B 148 -5.79 -4.53 67.91
N MET B 149 -4.46 -4.35 67.90
CA MET B 149 -3.76 -3.47 66.98
C MET B 149 -4.13 -3.79 65.53
N GLU B 150 -4.11 -5.09 65.16
CA GLU B 150 -4.52 -5.56 63.84
C GLU B 150 -6.00 -5.27 63.52
N SER B 151 -6.89 -5.34 64.53
CA SER B 151 -8.32 -5.07 64.37
C SER B 151 -8.55 -3.63 63.90
N VAL B 152 -7.85 -2.67 64.55
CA VAL B 152 -7.89 -1.24 64.25
C VAL B 152 -7.43 -1.01 62.81
N LYS B 153 -6.21 -1.51 62.46
CA LYS B 153 -5.58 -1.44 61.13
C LYS B 153 -6.51 -2.01 60.07
N ASN B 154 -7.23 -3.11 60.41
CA ASN B 154 -8.18 -3.76 59.50
C ASN B 154 -9.62 -3.16 59.55
N GLY B 155 -9.82 -2.20 60.44
CA GLY B 155 -11.09 -1.47 60.56
C GLY B 155 -12.20 -2.22 61.27
N THR B 156 -11.84 -3.09 62.22
CA THR B 156 -12.80 -3.88 63.00
C THR B 156 -12.50 -3.73 64.47
N TYR B 157 -12.33 -2.49 64.93
CA TYR B 157 -12.06 -2.25 66.34
C TYR B 157 -13.35 -2.43 67.12
N ASP B 158 -13.30 -3.23 68.20
CA ASP B 158 -14.41 -3.50 69.09
C ASP B 158 -14.31 -2.54 70.32
N TYR B 159 -15.02 -1.40 70.23
CA TYR B 159 -15.11 -0.35 71.23
C TYR B 159 -15.80 -0.86 72.53
N PRO B 160 -17.00 -1.50 72.50
CA PRO B 160 -17.58 -1.99 73.77
C PRO B 160 -16.72 -3.01 74.53
N LYS B 161 -15.84 -3.76 73.80
CA LYS B 161 -14.95 -4.77 74.40
C LYS B 161 -13.91 -4.17 75.34
N TYR B 162 -13.28 -3.07 74.92
CA TYR B 162 -12.24 -2.40 75.69
C TYR B 162 -12.72 -1.21 76.53
N SER B 163 -13.99 -0.79 76.36
CA SER B 163 -14.68 0.30 77.03
C SER B 163 -14.40 0.45 78.54
N GLU B 164 -14.73 -0.57 79.34
CA GLU B 164 -14.56 -0.54 80.78
C GLU B 164 -13.14 -0.23 81.21
N GLU B 165 -12.16 -0.94 80.64
CA GLU B 165 -10.73 -0.74 80.96
C GLU B 165 -10.30 0.68 80.58
N ALA B 166 -10.75 1.16 79.40
CA ALA B 166 -10.43 2.51 78.94
C ALA B 166 -11.06 3.61 79.77
N LYS B 167 -12.30 3.37 80.29
CA LYS B 167 -13.03 4.34 81.09
C LYS B 167 -12.39 4.51 82.46
N LEU B 168 -11.84 3.44 83.02
CA LEU B 168 -11.19 3.48 84.34
C LEU B 168 -9.83 4.15 84.27
N ASN B 169 -9.05 3.85 83.20
CA ASN B 169 -7.73 4.44 82.95
C ASN B 169 -7.83 5.93 82.67
N ARG B 170 -8.76 6.31 81.78
CA ARG B 170 -9.07 7.70 81.40
C ARG B 170 -9.50 8.43 82.70
N GLU B 171 -10.49 7.88 83.41
CA GLU B 171 -10.99 8.46 84.65
C GLU B 171 -9.94 8.62 85.76
N GLU B 172 -8.88 7.79 85.73
CA GLU B 172 -7.74 7.86 86.66
C GLU B 172 -6.76 8.93 86.18
N ILE B 173 -6.48 8.99 84.86
CA ILE B 173 -5.57 9.98 84.27
C ILE B 173 -6.17 11.36 84.50
N ASP B 174 -7.45 11.50 84.13
CA ASP B 174 -8.25 12.71 84.31
C ASP B 174 -8.42 13.04 85.81
N SER B 175 -8.11 12.08 86.73
CA SER B 175 -8.10 12.29 88.19
C SER B 175 -6.73 12.85 88.67
N ASP C 3 -34.08 7.69 69.15
CA ASP C 3 -34.36 8.70 68.13
C ASP C 3 -33.13 8.98 67.29
N THR C 4 -33.27 9.05 65.95
CA THR C 4 -32.15 9.31 65.05
C THR C 4 -32.40 10.29 63.91
N LEU C 5 -31.39 11.10 63.59
CA LEU C 5 -31.36 11.97 62.42
C LEU C 5 -30.09 11.61 61.67
N CYS C 6 -30.25 11.29 60.39
CA CYS C 6 -29.15 10.91 59.55
C CYS C 6 -28.82 11.97 58.52
N ILE C 7 -27.66 11.83 57.91
CA ILE C 7 -27.18 12.63 56.81
C ILE C 7 -26.88 11.60 55.73
N GLY C 8 -27.16 11.96 54.48
CA GLY C 8 -26.97 11.09 53.34
C GLY C 8 -27.23 11.79 52.04
N TYR C 9 -27.00 11.07 50.94
CA TYR C 9 -27.08 11.57 49.58
C TYR C 9 -27.99 10.71 48.66
N HIS C 10 -28.34 11.26 47.50
CA HIS C 10 -29.23 10.67 46.50
C HIS C 10 -28.63 9.47 45.74
N ALA C 11 -29.52 8.51 45.42
CA ALA C 11 -29.23 7.33 44.60
C ALA C 11 -30.42 7.09 43.67
N ASN C 12 -30.16 6.71 42.39
CA ASN C 12 -31.26 6.47 41.44
C ASN C 12 -31.16 5.28 40.48
N ASN C 13 -32.07 5.26 39.48
CA ASN C 13 -32.30 4.28 38.42
C ASN C 13 -31.29 4.47 37.28
N SER C 14 -30.41 5.50 37.40
CA SER C 14 -29.42 5.84 36.36
C SER C 14 -28.36 4.80 36.15
N THR C 15 -28.08 4.53 34.86
CA THR C 15 -27.14 3.51 34.38
C THR C 15 -25.91 4.16 33.73
N ASP C 16 -25.98 5.48 33.51
CA ASP C 16 -24.92 6.25 32.85
C ASP C 16 -23.58 6.34 33.60
N THR C 17 -22.48 6.08 32.86
CA THR C 17 -21.13 6.13 33.42
C THR C 17 -20.30 7.27 32.85
N VAL C 18 -19.42 7.77 33.69
CA VAL C 18 -18.46 8.80 33.33
C VAL C 18 -17.09 8.23 33.65
N ASP C 19 -16.08 8.87 33.12
CA ASP C 19 -14.70 8.53 33.36
C ASP C 19 -14.10 9.72 34.10
N THR C 20 -13.36 9.45 35.17
CA THR C 20 -12.72 10.45 35.99
C THR C 20 -11.24 10.24 35.79
N VAL C 21 -10.40 11.07 36.40
CA VAL C 21 -8.95 10.92 36.24
C VAL C 21 -8.44 9.71 37.02
N LEU C 22 -9.10 9.43 38.14
CA LEU C 22 -8.70 8.35 39.01
C LEU C 22 -9.46 7.03 38.79
N GLU C 23 -10.68 7.07 38.23
CA GLU C 23 -11.46 5.84 38.03
C GLU C 23 -12.18 5.79 36.70
N LYS C 24 -11.99 4.68 35.97
CA LYS C 24 -12.58 4.50 34.64
C LYS C 24 -14.11 4.37 34.51
N ASN C 25 -14.77 3.33 35.02
CA ASN C 25 -16.22 3.33 34.77
C ASN C 25 -17.09 3.76 35.94
N VAL C 26 -17.42 5.05 36.00
CA VAL C 26 -18.18 5.56 37.15
C VAL C 26 -19.66 5.84 36.87
N THR C 27 -20.55 5.03 37.48
CA THR C 27 -22.01 5.19 37.41
C THR C 27 -22.39 6.39 38.26
N VAL C 28 -22.96 7.42 37.62
CA VAL C 28 -23.37 8.68 38.25
C VAL C 28 -24.87 8.90 38.17
N THR C 29 -25.44 9.55 39.22
CA THR C 29 -26.87 9.83 39.36
C THR C 29 -27.38 10.67 38.22
N HIS C 30 -26.58 11.69 37.83
CA HIS C 30 -26.90 12.62 36.73
C HIS C 30 -25.64 12.93 35.90
N SER C 31 -25.81 13.28 34.60
CA SER C 31 -24.70 13.61 33.69
C SER C 31 -25.15 14.32 32.40
N VAL C 32 -24.28 15.17 31.86
CA VAL C 32 -24.57 15.83 30.58
C VAL C 32 -23.55 15.42 29.50
N ASN C 33 -23.97 15.29 28.25
CA ASN C 33 -23.09 14.93 27.13
C ASN C 33 -22.45 16.19 26.53
N LEU C 34 -21.14 16.21 26.34
CA LEU C 34 -20.51 17.40 25.73
C LEU C 34 -20.16 17.22 24.28
N LEU C 35 -20.24 15.96 23.78
CA LEU C 35 -19.92 15.59 22.41
C LEU C 35 -21.17 15.30 21.57
N GLU C 36 -21.34 16.06 20.48
CA GLU C 36 -22.45 15.91 19.54
C GLU C 36 -22.14 14.76 18.59
N ASP C 37 -23.03 13.79 18.50
CA ASP C 37 -22.86 12.63 17.61
C ASP C 37 -24.09 12.42 16.70
N LYS C 38 -25.02 13.37 16.71
CA LYS C 38 -26.24 13.30 15.91
C LYS C 38 -26.22 14.36 14.81
N HIS C 39 -26.80 14.01 13.65
CA HIS C 39 -26.98 14.90 12.50
C HIS C 39 -28.28 14.50 11.79
N ASN C 40 -28.88 15.44 11.02
CA ASN C 40 -30.15 15.24 10.33
C ASN C 40 -30.11 14.50 8.97
N GLY C 41 -28.90 14.30 8.45
CA GLY C 41 -28.69 13.62 7.17
C GLY C 41 -29.10 14.40 5.94
N LYS C 42 -29.45 15.70 6.14
CA LYS C 42 -29.91 16.64 5.13
C LYS C 42 -28.89 17.77 4.89
N LEU C 43 -28.88 18.34 3.66
CA LEU C 43 -28.02 19.46 3.30
C LEU C 43 -28.88 20.70 3.39
N CYS C 44 -28.55 21.56 4.36
CA CYS C 44 -29.37 22.67 4.79
C CYS C 44 -29.01 24.06 4.38
N LYS C 45 -29.92 24.99 4.72
CA LYS C 45 -29.79 26.43 4.49
C LYS C 45 -28.83 27.02 5.54
N LEU C 46 -27.66 27.48 5.10
CA LEU C 46 -26.71 28.18 5.96
C LEU C 46 -26.97 29.64 5.64
N ARG C 47 -26.93 30.52 6.64
CA ARG C 47 -27.13 31.97 6.45
C ARG C 47 -28.51 32.27 5.76
N GLY C 48 -29.52 31.45 6.08
CA GLY C 48 -30.86 31.53 5.50
C GLY C 48 -30.96 31.27 4.01
N VAL C 49 -29.83 30.96 3.36
CA VAL C 49 -29.81 30.69 1.92
C VAL C 49 -29.52 29.22 1.65
N ALA C 50 -30.23 28.65 0.67
CA ALA C 50 -30.09 27.28 0.25
C ALA C 50 -28.76 27.10 -0.55
N PRO C 51 -28.15 25.88 -0.55
CA PRO C 51 -26.93 25.71 -1.36
C PRO C 51 -27.26 25.65 -2.84
N LEU C 52 -26.20 25.68 -3.70
CA LEU C 52 -26.34 25.53 -5.14
C LEU C 52 -25.94 24.08 -5.44
N HIS C 53 -26.95 23.23 -5.61
CA HIS C 53 -26.73 21.81 -5.88
C HIS C 53 -26.52 21.66 -7.37
N LEU C 54 -25.38 21.07 -7.76
CA LEU C 54 -25.04 20.93 -9.19
C LEU C 54 -25.43 19.63 -9.90
N GLY C 55 -25.99 18.66 -9.18
CA GLY C 55 -26.39 17.38 -9.73
C GLY C 55 -25.22 16.65 -10.34
N LYS C 56 -25.39 16.21 -11.61
CA LYS C 56 -24.40 15.50 -12.43
C LYS C 56 -23.23 16.41 -12.93
N CYS C 57 -23.37 17.72 -12.78
CA CYS C 57 -22.37 18.68 -13.20
C CYS C 57 -21.41 19.07 -12.10
N ASN C 58 -20.21 19.44 -12.51
CA ASN C 58 -19.21 19.98 -11.60
C ASN C 58 -19.10 21.47 -11.96
N ILE C 59 -18.41 22.27 -11.10
CA ILE C 59 -18.22 23.70 -11.30
C ILE C 59 -17.76 24.09 -12.72
N ALA C 60 -16.79 23.35 -13.31
CA ALA C 60 -16.28 23.62 -14.67
C ALA C 60 -17.40 23.55 -15.67
N GLY C 61 -18.16 22.46 -15.62
CA GLY C 61 -19.30 22.22 -16.48
C GLY C 61 -20.45 23.18 -16.29
N TRP C 62 -20.70 23.58 -15.05
CA TRP C 62 -21.79 24.50 -14.75
C TRP C 62 -21.48 25.96 -15.18
N ILE C 63 -20.30 26.46 -14.83
CA ILE C 63 -19.91 27.81 -15.20
C ILE C 63 -19.87 27.95 -16.72
N LEU C 64 -19.15 27.03 -17.36
CA LEU C 64 -19.05 27.00 -18.82
C LEU C 64 -20.40 26.43 -19.11
N GLY C 65 -21.05 26.78 -20.19
CA GLY C 65 -22.40 26.25 -20.32
C GLY C 65 -22.53 24.79 -20.75
N ASN C 66 -21.86 23.83 -20.05
CA ASN C 66 -21.88 22.42 -20.48
C ASN C 66 -23.27 21.95 -20.80
N PRO C 67 -23.43 21.44 -22.04
CA PRO C 67 -24.75 20.96 -22.50
C PRO C 67 -25.64 20.20 -21.51
N GLU C 68 -25.05 19.55 -20.49
CA GLU C 68 -25.84 18.78 -19.51
C GLU C 68 -26.17 19.55 -18.22
N CYS C 69 -25.85 20.87 -18.17
CA CYS C 69 -25.96 21.72 -16.97
C CYS C 69 -27.09 22.78 -16.85
N GLU C 70 -27.85 23.12 -17.94
CA GLU C 70 -28.96 24.12 -17.96
C GLU C 70 -28.76 25.54 -17.29
N SER C 71 -28.48 25.60 -15.95
CA SER C 71 -28.22 26.83 -15.14
C SER C 71 -29.35 27.90 -14.98
N LEU C 72 -28.97 29.20 -14.78
CA LEU C 72 -29.81 30.41 -14.62
C LEU C 72 -30.89 30.31 -13.52
N SER C 73 -31.97 29.54 -13.78
CA SER C 73 -33.10 29.27 -12.89
C SER C 73 -32.63 28.60 -11.58
N THR C 74 -31.32 28.32 -11.52
CA THR C 74 -30.60 27.75 -10.39
C THR C 74 -29.97 28.91 -9.58
N ALA C 75 -30.85 29.70 -8.91
CA ALA C 75 -30.58 30.83 -8.01
C ALA C 75 -29.76 32.04 -8.54
N SER C 76 -29.67 33.07 -7.70
CA SER C 76 -28.94 34.33 -7.85
C SER C 76 -28.13 34.55 -6.57
N SER C 77 -28.36 33.69 -5.57
CA SER C 77 -27.70 33.69 -4.29
C SER C 77 -27.67 32.25 -3.75
N TRP C 78 -26.52 31.86 -3.16
CA TRP C 78 -26.32 30.56 -2.52
C TRP C 78 -25.31 30.66 -1.38
N SER C 79 -25.54 29.86 -0.33
CA SER C 79 -24.73 29.84 0.87
C SER C 79 -23.45 29.00 0.72
N TYR C 80 -23.51 27.94 -0.09
CA TYR C 80 -22.41 27.00 -0.36
C TYR C 80 -22.74 26.20 -1.61
N ILE C 81 -21.75 25.52 -2.20
CA ILE C 81 -22.01 24.70 -3.38
C ILE C 81 -22.09 23.22 -3.06
N VAL C 82 -23.15 22.56 -3.52
CA VAL C 82 -23.21 21.12 -3.42
C VAL C 82 -22.91 20.53 -4.82
N GLU C 83 -21.84 19.76 -4.87
CA GLU C 83 -21.42 18.99 -6.02
C GLU C 83 -21.43 17.55 -5.50
N THR C 84 -21.94 16.59 -6.30
CA THR C 84 -21.99 15.18 -5.91
C THR C 84 -20.64 14.52 -6.24
N PRO C 85 -20.23 13.42 -5.54
CA PRO C 85 -18.94 12.78 -5.85
C PRO C 85 -18.78 12.23 -7.28
N SER C 86 -19.91 11.81 -7.92
CA SER C 86 -19.97 11.25 -9.28
C SER C 86 -20.10 12.28 -10.41
N SER C 87 -20.12 13.60 -10.08
CA SER C 87 -20.25 14.70 -11.05
C SER C 87 -19.21 14.64 -12.19
N ASP C 88 -19.59 14.02 -13.31
CA ASP C 88 -18.74 13.83 -14.48
C ASP C 88 -18.73 15.02 -15.43
N ASN C 89 -19.92 15.62 -15.70
CA ASN C 89 -20.16 16.72 -16.65
C ASN C 89 -19.51 18.05 -16.33
N GLY C 90 -18.33 18.24 -16.90
CA GLY C 90 -17.50 19.43 -16.76
C GLY C 90 -17.08 20.01 -18.07
N THR C 91 -15.77 19.95 -18.36
CA THR C 91 -15.19 20.43 -19.63
C THR C 91 -15.22 19.30 -20.63
N CYS C 92 -16.31 19.24 -21.39
CA CYS C 92 -16.51 18.18 -22.35
C CYS C 92 -15.43 18.16 -23.43
N TYR C 93 -15.01 19.34 -23.90
CA TYR C 93 -13.89 19.43 -24.84
C TYR C 93 -12.61 19.45 -23.98
N PRO C 94 -11.64 18.53 -24.20
CA PRO C 94 -10.49 18.45 -23.28
C PRO C 94 -9.51 19.60 -23.32
N GLY C 95 -8.95 19.90 -22.15
CA GLY C 95 -7.99 20.98 -21.99
C GLY C 95 -7.89 21.35 -20.54
N ASP C 96 -7.09 22.36 -20.26
CA ASP C 96 -6.83 22.79 -18.91
C ASP C 96 -7.60 23.97 -18.48
N PHE C 97 -8.14 23.88 -17.27
CA PHE C 97 -8.92 24.97 -16.68
C PHE C 97 -7.93 25.69 -15.72
N ILE C 98 -7.51 26.91 -16.12
CA ILE C 98 -6.53 27.68 -15.38
C ILE C 98 -7.16 28.29 -14.14
N ASP C 99 -6.47 28.10 -12.97
CA ASP C 99 -6.88 28.57 -11.65
C ASP C 99 -8.29 28.07 -11.39
N TYR C 100 -8.52 26.79 -11.72
CA TYR C 100 -9.83 26.18 -11.58
C TYR C 100 -10.34 26.16 -10.13
N GLU C 101 -9.51 25.63 -9.16
CA GLU C 101 -9.81 25.50 -7.73
C GLU C 101 -9.94 26.87 -7.09
N GLU C 102 -9.24 27.85 -7.66
CA GLU C 102 -9.29 29.23 -7.24
C GLU C 102 -10.68 29.76 -7.58
N LEU C 103 -11.12 29.59 -8.83
CA LEU C 103 -12.49 29.95 -9.25
C LEU C 103 -13.57 29.24 -8.38
N ARG C 104 -13.33 27.97 -8.02
CA ARG C 104 -14.22 27.14 -7.21
C ARG C 104 -14.49 27.74 -5.82
N GLU C 105 -13.43 28.19 -5.16
CA GLU C 105 -13.44 28.89 -3.89
C GLU C 105 -14.19 30.23 -4.03
N GLN C 106 -14.00 30.93 -5.14
CA GLN C 106 -14.56 32.24 -5.37
C GLN C 106 -16.03 32.21 -5.72
N LEU C 107 -16.46 31.12 -6.38
CA LEU C 107 -17.85 30.90 -6.72
C LEU C 107 -18.60 30.18 -5.58
N SER C 108 -17.90 29.67 -4.53
CA SER C 108 -18.46 28.94 -3.37
C SER C 108 -19.68 29.57 -2.67
N SER C 109 -19.61 30.88 -2.38
CA SER C 109 -20.73 31.62 -1.81
C SER C 109 -20.81 32.95 -2.51
N VAL C 110 -22.02 33.27 -3.00
CA VAL C 110 -22.33 34.48 -3.76
C VAL C 110 -23.66 35.09 -3.26
N SER C 111 -23.67 36.40 -2.99
CA SER C 111 -24.85 37.15 -2.47
C SER C 111 -25.66 37.83 -3.57
N SER C 112 -25.15 37.76 -4.83
CA SER C 112 -25.80 38.29 -6.04
C SER C 112 -25.11 37.64 -7.23
N PHE C 113 -25.88 37.05 -8.17
CA PHE C 113 -25.34 36.35 -9.31
C PHE C 113 -26.27 36.50 -10.44
N GLU C 114 -25.78 37.06 -11.54
CA GLU C 114 -26.64 37.29 -12.68
C GLU C 114 -25.90 37.02 -13.97
N ARG C 115 -26.44 36.08 -14.74
CA ARG C 115 -25.93 35.74 -16.06
C ARG C 115 -26.45 36.79 -17.04
N PHE C 116 -25.59 37.26 -17.92
CA PHE C 116 -25.96 38.25 -18.92
C PHE C 116 -25.11 38.04 -20.13
N GLU C 117 -25.68 38.24 -21.32
CA GLU C 117 -24.92 38.10 -22.56
C GLU C 117 -23.98 39.28 -22.73
N ILE C 118 -22.72 39.09 -22.36
CA ILE C 118 -21.66 40.10 -22.46
C ILE C 118 -21.50 40.54 -23.92
N PHE C 119 -21.50 39.53 -24.82
CA PHE C 119 -21.38 39.71 -26.24
C PHE C 119 -22.55 39.00 -26.90
N PRO C 120 -23.71 39.70 -27.05
CA PRO C 120 -24.85 39.06 -27.75
C PRO C 120 -24.40 38.33 -29.02
N LYS C 121 -24.86 37.07 -29.17
CA LYS C 121 -24.52 36.20 -30.31
C LYS C 121 -24.84 36.93 -31.62
N THR C 122 -26.03 37.56 -31.66
CA THR C 122 -26.61 38.33 -32.76
C THR C 122 -25.72 39.45 -33.22
N SER C 123 -25.50 40.44 -32.34
CA SER C 123 -24.77 41.67 -32.65
C SER C 123 -23.26 41.64 -32.73
N SER C 124 -22.61 40.99 -31.78
CA SER C 124 -21.15 41.00 -31.59
C SER C 124 -20.18 40.59 -32.69
N TRP C 125 -20.51 39.60 -33.54
CA TRP C 125 -19.58 39.05 -34.52
C TRP C 125 -19.99 39.15 -35.99
N PRO C 126 -19.94 40.35 -36.61
CA PRO C 126 -20.30 40.46 -38.03
C PRO C 126 -19.29 39.94 -39.05
N ASN C 127 -18.06 39.57 -38.64
CA ASN C 127 -17.03 39.13 -39.61
C ASN C 127 -16.56 37.72 -39.43
N HIS C 128 -17.07 37.04 -38.37
CA HIS C 128 -16.76 35.66 -38.01
C HIS C 128 -18.03 34.83 -37.90
N ASP C 129 -17.90 33.51 -38.05
CA ASP C 129 -19.02 32.58 -37.98
C ASP C 129 -19.26 32.17 -36.55
N SER C 130 -20.50 32.41 -36.07
CA SER C 130 -20.92 32.07 -34.71
C SER C 130 -21.89 30.87 -34.64
N ASN C 131 -22.25 30.28 -35.78
CA ASN C 131 -23.18 29.14 -35.87
C ASN C 131 -22.46 27.79 -35.97
N LYS C 132 -21.25 27.82 -36.52
CA LYS C 132 -20.34 26.69 -36.54
C LYS C 132 -19.45 27.03 -35.38
N GLY C 133 -19.33 26.06 -34.48
CA GLY C 133 -18.58 26.13 -33.24
C GLY C 133 -19.19 25.11 -32.31
N VAL C 134 -19.46 23.93 -32.86
CA VAL C 134 -20.09 22.80 -32.20
C VAL C 134 -19.19 21.58 -32.34
N THR C 135 -19.30 20.61 -31.43
CA THR C 135 -18.43 19.43 -31.45
C THR C 135 -19.06 18.13 -30.91
N ALA C 136 -18.53 16.97 -31.42
CA ALA C 136 -18.85 15.62 -31.01
C ALA C 136 -18.35 15.38 -29.55
N ALA C 137 -17.39 16.23 -29.07
CA ALA C 137 -16.88 16.22 -27.69
C ALA C 137 -17.96 16.70 -26.71
N CYS C 138 -18.85 17.61 -27.16
CA CYS C 138 -19.90 18.22 -26.34
C CYS C 138 -21.28 17.94 -26.93
N PRO C 139 -21.82 16.71 -26.78
CA PRO C 139 -23.13 16.45 -27.37
C PRO C 139 -24.29 16.83 -26.48
N HIS C 140 -25.40 17.18 -27.13
CA HIS C 140 -26.66 17.46 -26.47
C HIS C 140 -27.75 16.85 -27.30
N ALA C 141 -28.49 15.89 -26.69
CA ALA C 141 -29.59 15.13 -27.33
C ALA C 141 -29.13 14.46 -28.64
N GLY C 142 -27.89 13.93 -28.60
CA GLY C 142 -27.24 13.26 -29.72
C GLY C 142 -26.99 14.13 -30.94
N ALA C 143 -26.27 15.25 -30.74
CA ALA C 143 -25.94 16.20 -31.80
C ALA C 143 -24.79 17.08 -31.38
N LYS C 144 -23.83 17.34 -32.30
CA LYS C 144 -22.67 18.22 -32.07
C LYS C 144 -23.17 19.53 -31.45
N SER C 145 -22.77 19.83 -30.20
CA SER C 145 -23.14 21.06 -29.51
C SER C 145 -21.87 21.69 -28.88
N PHE C 146 -22.02 22.52 -27.83
CA PHE C 146 -20.93 23.24 -27.16
C PHE C 146 -21.48 23.86 -25.85
N TYR C 147 -20.60 24.53 -25.09
CA TYR C 147 -20.98 25.20 -23.86
C TYR C 147 -21.83 26.43 -24.23
N LYS C 148 -22.93 26.66 -23.48
CA LYS C 148 -23.89 27.75 -23.67
C LYS C 148 -23.30 29.14 -23.53
N ASN C 149 -22.33 29.29 -22.63
CA ASN C 149 -21.71 30.56 -22.23
C ASN C 149 -20.55 30.98 -23.11
N LEU C 150 -20.14 30.09 -24.03
CA LEU C 150 -19.06 30.38 -24.95
C LEU C 150 -19.47 30.22 -26.38
N ILE C 151 -18.89 31.04 -27.25
CA ILE C 151 -19.05 30.88 -28.67
C ILE C 151 -17.67 30.54 -29.21
N TRP C 152 -17.61 29.45 -29.99
CA TRP C 152 -16.41 29.00 -30.65
C TRP C 152 -16.41 29.61 -32.03
N LEU C 153 -15.78 30.81 -32.17
CA LEU C 153 -15.69 31.51 -33.46
C LEU C 153 -14.77 30.77 -34.37
N VAL C 154 -15.17 30.75 -35.63
CA VAL C 154 -14.63 30.05 -36.77
C VAL C 154 -14.66 31.01 -37.98
N LYS C 155 -13.79 30.78 -38.98
CA LYS C 155 -13.70 31.57 -40.23
C LYS C 155 -15.06 31.76 -40.97
N LYS C 156 -15.20 32.91 -41.65
CA LYS C 156 -16.40 33.26 -42.38
C LYS C 156 -16.08 33.15 -43.86
N GLY C 157 -16.40 32.00 -44.44
CA GLY C 157 -16.22 31.72 -45.86
C GLY C 157 -14.79 31.94 -46.35
N ASN C 158 -13.83 31.33 -45.63
CA ASN C 158 -12.39 31.36 -45.92
C ASN C 158 -11.67 32.63 -45.47
N SER C 159 -12.21 33.29 -44.43
CA SER C 159 -11.60 34.47 -43.81
C SER C 159 -11.87 34.66 -42.30
N TYR C 160 -10.76 34.79 -41.55
CA TYR C 160 -10.81 35.10 -40.11
C TYR C 160 -10.12 36.48 -39.94
N PRO C 161 -10.87 37.58 -40.18
CA PRO C 161 -10.28 38.91 -40.04
C PRO C 161 -9.83 39.08 -38.61
N LYS C 162 -8.96 40.05 -38.33
CA LYS C 162 -8.58 40.22 -36.94
C LYS C 162 -9.80 40.64 -36.11
N LEU C 163 -10.08 39.91 -35.02
CA LEU C 163 -11.17 40.33 -34.15
C LEU C 163 -10.70 41.22 -33.03
N SER C 164 -11.54 42.18 -32.64
CA SER C 164 -11.29 43.15 -31.58
C SER C 164 -12.63 43.47 -30.98
N LYS C 165 -12.88 43.06 -29.72
CA LYS C 165 -14.14 43.32 -29.03
C LYS C 165 -13.89 43.69 -27.58
N SER C 166 -14.62 44.69 -27.09
CA SER C 166 -14.46 45.11 -25.69
C SER C 166 -15.77 45.18 -24.89
N TYR C 167 -15.66 44.89 -23.61
CA TYR C 167 -16.79 45.08 -22.73
C TYR C 167 -16.37 45.99 -21.64
N ILE C 168 -17.09 47.07 -21.45
CA ILE C 168 -16.86 47.99 -20.34
C ILE C 168 -17.90 47.71 -19.26
N ASN C 169 -17.46 47.30 -18.06
CA ASN C 169 -18.33 46.89 -16.96
C ASN C 169 -19.22 47.99 -16.42
N ASP C 170 -20.49 47.99 -16.83
CA ASP C 170 -21.54 48.93 -16.41
C ASP C 170 -22.44 48.36 -15.30
N LYS C 171 -22.21 47.11 -14.89
CA LYS C 171 -22.95 46.48 -13.78
C LYS C 171 -22.36 47.05 -12.49
N GLY C 172 -23.12 47.01 -11.41
CA GLY C 172 -22.66 47.62 -10.17
C GLY C 172 -21.71 46.76 -9.36
N LYS C 173 -21.27 45.66 -9.96
CA LYS C 173 -20.43 44.68 -9.30
C LYS C 173 -19.38 44.08 -10.22
N GLU C 174 -18.73 43.02 -9.74
CA GLU C 174 -17.74 42.32 -10.51
C GLU C 174 -18.40 41.44 -11.55
N VAL C 175 -17.75 41.36 -12.70
CA VAL C 175 -18.22 40.54 -13.79
C VAL C 175 -17.21 39.40 -14.05
N LEU C 176 -17.69 38.16 -13.96
CA LEU C 176 -16.86 37.01 -14.24
C LEU C 176 -16.96 36.69 -15.74
N VAL C 177 -15.86 36.87 -16.44
CA VAL C 177 -15.76 36.59 -17.85
C VAL C 177 -14.92 35.32 -18.03
N LEU C 178 -15.45 34.35 -18.80
CA LEU C 178 -14.75 33.11 -19.15
C LEU C 178 -14.55 33.01 -20.67
N TRP C 179 -13.40 32.50 -21.11
CA TRP C 179 -13.09 32.34 -22.54
C TRP C 179 -12.15 31.15 -22.76
N GLY C 180 -11.89 30.81 -24.01
CA GLY C 180 -11.04 29.67 -24.28
C GLY C 180 -10.12 29.79 -25.47
N ILE C 181 -8.98 29.11 -25.34
CA ILE C 181 -7.99 29.04 -26.40
C ILE C 181 -8.00 27.64 -26.96
N HIS C 182 -8.34 27.55 -28.22
CA HIS C 182 -8.38 26.28 -28.86
C HIS C 182 -7.03 26.00 -29.50
N HIS C 183 -6.51 24.80 -29.20
CA HIS C 183 -5.25 24.26 -29.65
C HIS C 183 -5.56 23.09 -30.58
N PRO C 184 -5.50 23.31 -31.91
CA PRO C 184 -5.87 22.23 -32.84
C PRO C 184 -4.83 21.13 -32.84
N SER C 185 -5.20 19.97 -33.32
CA SER C 185 -4.27 18.85 -33.40
C SER C 185 -3.34 18.98 -34.64
N THR C 186 -3.87 19.47 -35.78
CA THR C 186 -3.08 19.57 -37.00
C THR C 186 -3.14 20.95 -37.65
N SER C 187 -2.24 21.18 -38.63
CA SER C 187 -2.15 22.39 -39.46
C SER C 187 -3.38 22.52 -40.28
N ALA C 188 -3.89 21.37 -40.73
CA ALA C 188 -5.08 21.33 -41.57
C ALA C 188 -6.29 21.73 -40.73
N ASP C 189 -6.50 21.09 -39.56
CA ASP C 189 -7.59 21.43 -38.61
C ASP C 189 -7.59 22.95 -38.32
N GLN C 190 -6.40 23.54 -38.04
CA GLN C 190 -6.17 24.97 -37.84
C GLN C 190 -6.59 25.78 -39.03
N GLN C 191 -6.26 25.31 -40.24
CA GLN C 191 -6.63 26.00 -41.49
C GLN C 191 -8.13 25.86 -41.78
N SER C 192 -8.75 24.70 -41.50
CA SER C 192 -10.17 24.46 -41.76
C SER C 192 -11.08 25.23 -40.81
N LEU C 193 -10.58 25.53 -39.60
CA LEU C 193 -11.30 26.26 -38.57
C LEU C 193 -11.08 27.77 -38.67
N TYR C 194 -9.81 28.22 -38.81
CA TYR C 194 -9.44 29.64 -38.77
C TYR C 194 -8.81 30.25 -40.04
N GLN C 195 -8.37 29.41 -41.00
CA GLN C 195 -7.70 29.83 -42.23
C GLN C 195 -6.29 30.35 -42.03
N ASN C 196 -6.08 31.17 -40.98
CA ASN C 196 -4.85 31.90 -40.67
C ASN C 196 -3.53 31.21 -40.32
N ALA C 197 -3.52 30.02 -39.69
CA ALA C 197 -2.26 29.29 -39.39
C ALA C 197 -1.26 29.89 -38.38
N ASP C 198 -0.75 31.13 -38.60
CA ASP C 198 0.12 31.69 -37.55
C ASP C 198 -0.77 32.68 -36.88
N THR C 199 -1.36 32.27 -35.73
CA THR C 199 -2.41 33.05 -35.07
C THR C 199 -2.08 33.29 -33.64
N TYR C 200 -2.86 34.17 -33.01
CA TYR C 200 -2.70 34.50 -31.60
C TYR C 200 -4.05 34.93 -30.99
N VAL C 201 -4.10 35.01 -29.67
CA VAL C 201 -5.29 35.46 -28.93
C VAL C 201 -4.76 36.44 -27.88
N PHE C 202 -5.35 37.62 -27.74
CA PHE C 202 -4.96 38.60 -26.75
C PHE C 202 -6.17 39.01 -25.95
N VAL C 203 -6.06 38.93 -24.61
CA VAL C 203 -7.09 39.32 -23.66
C VAL C 203 -6.52 40.39 -22.72
N GLY C 204 -7.13 41.58 -22.75
CA GLY C 204 -6.74 42.72 -21.93
C GLY C 204 -7.83 43.31 -21.03
N SER C 205 -7.42 43.86 -19.88
CA SER C 205 -8.25 44.46 -18.84
C SER C 205 -7.33 45.50 -18.16
N SER C 206 -7.69 46.07 -17.00
CA SER C 206 -6.77 46.99 -16.31
C SER C 206 -5.81 46.08 -15.49
N ARG C 207 -6.39 45.05 -14.85
CA ARG C 207 -5.75 44.04 -14.00
C ARG C 207 -5.14 42.86 -14.79
N TYR C 208 -5.69 42.53 -15.98
CA TYR C 208 -5.29 41.34 -16.75
C TYR C 208 -4.71 41.66 -18.12
N SER C 209 -3.69 40.88 -18.54
CA SER C 209 -3.04 40.97 -19.87
C SER C 209 -2.31 39.68 -20.17
N LYS C 210 -2.68 39.00 -21.29
CA LYS C 210 -2.08 37.73 -21.70
C LYS C 210 -2.24 37.49 -23.20
N LYS C 211 -1.13 37.15 -23.88
CA LYS C 211 -1.19 36.77 -25.28
C LYS C 211 -1.08 35.29 -25.30
N PHE C 212 -1.92 34.66 -26.06
CA PHE C 212 -1.96 33.21 -26.17
C PHE C 212 -1.52 32.87 -27.54
N LYS C 213 -0.67 31.85 -27.68
CA LYS C 213 -0.16 31.38 -28.96
C LYS C 213 -0.52 29.89 -29.10
N PRO C 214 -1.48 29.53 -29.99
CA PRO C 214 -1.88 28.13 -30.11
C PRO C 214 -0.77 27.13 -30.43
N GLU C 215 -0.81 26.00 -29.69
CA GLU C 215 0.07 24.84 -29.75
C GLU C 215 -0.63 23.76 -30.59
N ILE C 216 -0.21 23.64 -31.85
CA ILE C 216 -0.78 22.67 -32.79
C ILE C 216 -0.04 21.33 -32.73
N ALA C 217 -0.70 20.32 -32.10
CA ALA C 217 -0.14 18.98 -31.94
C ALA C 217 -1.16 17.88 -31.66
N ILE C 218 -0.85 16.64 -32.05
CA ILE C 218 -1.65 15.47 -31.76
C ILE C 218 -1.41 14.98 -30.32
N ARG C 219 -2.31 15.37 -29.44
CA ARG C 219 -2.33 14.90 -28.07
C ARG C 219 -3.11 13.60 -28.12
N PRO C 220 -2.91 12.70 -27.12
CA PRO C 220 -3.70 11.46 -27.06
C PRO C 220 -5.21 11.78 -26.99
N LYS C 221 -6.03 11.03 -27.73
CA LYS C 221 -7.48 11.23 -27.83
C LYS C 221 -8.23 11.23 -26.49
N VAL C 222 -8.79 12.39 -26.13
CA VAL C 222 -9.66 12.52 -24.97
C VAL C 222 -11.02 12.93 -25.56
N ARG C 223 -12.01 12.00 -25.52
CA ARG C 223 -13.36 12.17 -26.07
C ARG C 223 -13.36 12.49 -27.57
N ASP C 224 -12.52 11.74 -28.33
CA ASP C 224 -12.29 11.86 -29.77
C ASP C 224 -11.51 13.12 -30.18
N GLN C 225 -10.97 13.86 -29.20
CA GLN C 225 -10.25 15.09 -29.47
C GLN C 225 -8.74 14.99 -29.33
N GLU C 226 -8.06 15.21 -30.44
CA GLU C 226 -6.59 15.21 -30.48
C GLU C 226 -6.09 16.64 -30.23
N GLY C 227 -7.02 17.55 -30.12
CA GLY C 227 -6.75 18.94 -29.80
C GLY C 227 -7.09 19.22 -28.35
N ARG C 228 -6.80 20.44 -27.90
CA ARG C 228 -7.08 20.83 -26.53
C ARG C 228 -7.69 22.22 -26.44
N MET C 229 -8.46 22.47 -25.38
CA MET C 229 -9.07 23.78 -25.23
C MET C 229 -8.81 24.23 -23.84
N ASN C 230 -7.92 25.18 -23.69
CA ASN C 230 -7.61 25.67 -22.38
C ASN C 230 -8.64 26.68 -21.95
N TYR C 231 -9.04 26.61 -20.66
CA TYR C 231 -10.07 27.46 -20.10
C TYR C 231 -9.52 28.44 -19.12
N TYR C 232 -9.90 29.70 -19.37
CA TYR C 232 -9.49 30.88 -18.63
C TYR C 232 -10.66 31.70 -18.14
N TRP C 233 -10.46 32.41 -17.01
CA TRP C 233 -11.47 33.29 -16.42
C TRP C 233 -10.79 34.50 -15.75
N THR C 234 -11.55 35.54 -15.45
CA THR C 234 -11.05 36.73 -14.77
C THR C 234 -12.25 37.52 -14.24
N LEU C 235 -12.04 38.26 -13.13
CA LEU C 235 -13.11 39.08 -12.58
C LEU C 235 -12.81 40.52 -12.95
N VAL C 236 -13.70 41.12 -13.76
CA VAL C 236 -13.59 42.48 -14.26
C VAL C 236 -14.29 43.43 -13.26
N GLU C 237 -13.49 44.29 -12.57
CA GLU C 237 -13.98 45.22 -11.53
C GLU C 237 -14.95 46.24 -12.15
N PRO C 238 -15.95 46.76 -11.40
CA PRO C 238 -16.90 47.71 -12.00
C PRO C 238 -16.24 48.93 -12.64
N GLY C 239 -16.71 49.27 -13.82
CA GLY C 239 -16.16 50.39 -14.58
C GLY C 239 -14.95 50.02 -15.41
N ASP C 240 -14.45 48.78 -15.27
CA ASP C 240 -13.30 48.34 -16.02
C ASP C 240 -13.70 47.69 -17.36
N LYS C 241 -12.83 47.87 -18.36
CA LYS C 241 -12.98 47.34 -19.70
C LYS C 241 -12.24 46.05 -19.86
N ILE C 242 -12.84 45.07 -20.53
CA ILE C 242 -12.19 43.83 -20.88
C ILE C 242 -12.17 43.81 -22.40
N THR C 243 -10.99 43.57 -22.98
CA THR C 243 -10.80 43.61 -24.43
C THR C 243 -10.20 42.33 -24.98
N PHE C 244 -10.83 41.79 -26.04
CA PHE C 244 -10.46 40.55 -26.74
C PHE C 244 -10.02 40.91 -28.14
N GLU C 245 -8.91 40.31 -28.57
CA GLU C 245 -8.33 40.50 -29.89
C GLU C 245 -7.82 39.16 -30.34
N ALA C 246 -8.06 38.78 -31.62
CA ALA C 246 -7.63 37.46 -32.13
C ALA C 246 -7.55 37.37 -33.63
N THR C 247 -6.75 36.42 -34.12
CA THR C 247 -6.66 36.13 -35.56
C THR C 247 -7.00 34.65 -35.74
N GLY C 248 -7.65 34.10 -34.71
CA GLY C 248 -8.11 32.72 -34.61
C GLY C 248 -7.83 32.16 -33.22
N ASN C 249 -8.44 31.00 -32.92
CA ASN C 249 -8.30 30.18 -31.72
C ASN C 249 -8.98 30.71 -30.46
N LEU C 250 -9.78 31.76 -30.63
CA LEU C 250 -10.52 32.34 -29.53
C LEU C 250 -11.92 31.77 -29.45
N VAL C 251 -12.23 31.25 -28.28
CA VAL C 251 -13.53 30.70 -27.93
C VAL C 251 -14.06 31.77 -27.00
N VAL C 252 -14.68 32.78 -27.62
CA VAL C 252 -15.22 33.97 -27.00
C VAL C 252 -16.24 33.73 -25.88
N PRO C 253 -16.34 34.70 -24.95
CA PRO C 253 -17.45 34.65 -24.01
C PRO C 253 -18.73 35.09 -24.76
N ARG C 254 -19.85 34.54 -24.33
CA ARG C 254 -21.18 34.90 -24.81
C ARG C 254 -21.87 35.41 -23.56
N TYR C 255 -21.81 34.60 -22.48
CA TYR C 255 -22.40 34.90 -21.21
C TYR C 255 -21.38 35.19 -20.13
N ALA C 256 -21.56 36.32 -19.44
CA ALA C 256 -20.71 36.74 -18.33
C ALA C 256 -21.57 36.78 -17.06
N PHE C 257 -20.94 36.92 -15.89
CA PHE C 257 -21.72 36.88 -14.66
C PHE C 257 -21.40 38.02 -13.76
N ALA C 258 -22.40 38.88 -13.51
CA ALA C 258 -22.25 39.97 -12.55
C ALA C 258 -22.54 39.31 -11.22
N MET C 259 -21.60 39.42 -10.26
CA MET C 259 -21.73 38.74 -8.97
C MET C 259 -21.17 39.48 -7.79
N GLU C 260 -21.54 39.01 -6.58
CA GLU C 260 -21.13 39.52 -5.27
C GLU C 260 -20.62 38.37 -4.40
N ARG C 261 -19.28 38.26 -4.27
CA ARG C 261 -18.66 37.17 -3.53
C ARG C 261 -18.92 37.30 -2.06
N ASN C 262 -19.40 36.22 -1.47
CA ASN C 262 -19.75 36.21 -0.08
C ASN C 262 -18.64 35.66 0.81
N ALA C 263 -18.63 36.15 2.07
CA ALA C 263 -17.69 35.91 3.17
C ALA C 263 -16.71 34.74 3.02
N GLY C 264 -17.02 33.59 3.62
CA GLY C 264 -16.14 32.44 3.63
C GLY C 264 -16.79 31.09 3.82
N SER C 265 -17.20 30.48 2.69
CA SER C 265 -17.84 29.17 2.59
C SER C 265 -16.99 28.24 1.70
N GLY C 266 -17.56 27.12 1.31
CA GLY C 266 -16.89 26.15 0.48
C GLY C 266 -17.81 25.30 -0.36
N ILE C 267 -17.23 24.22 -0.87
CA ILE C 267 -17.93 23.29 -1.72
C ILE C 267 -18.04 21.96 -0.99
N ILE C 268 -19.28 21.53 -0.73
CA ILE C 268 -19.50 20.23 -0.12
C ILE C 268 -19.73 19.24 -1.26
N ILE C 269 -18.85 18.23 -1.33
CA ILE C 269 -18.96 17.17 -2.31
C ILE C 269 -19.67 16.00 -1.61
N SER C 270 -20.97 15.82 -1.90
CA SER C 270 -21.71 14.77 -1.21
C SER C 270 -22.92 14.22 -1.96
N ASP C 271 -23.26 12.97 -1.61
CA ASP C 271 -24.42 12.25 -2.11
C ASP C 271 -25.63 12.59 -1.24
N THR C 272 -25.42 13.19 -0.05
CA THR C 272 -26.49 13.48 0.91
C THR C 272 -27.54 14.48 0.39
N PRO C 273 -28.85 14.22 0.55
CA PRO C 273 -29.86 15.13 -0.04
C PRO C 273 -30.03 16.50 0.60
N VAL C 274 -30.32 17.48 -0.25
CA VAL C 274 -30.56 18.88 0.06
C VAL C 274 -32.04 19.02 0.48
N HIS C 275 -32.32 19.73 1.58
CA HIS C 275 -33.68 19.92 2.08
C HIS C 275 -34.05 21.38 2.38
N ASP C 276 -35.28 21.60 2.93
CA ASP C 276 -35.81 22.92 3.31
C ASP C 276 -35.52 23.26 4.80
N CYS C 277 -34.54 22.55 5.38
CA CYS C 277 -34.06 22.68 6.75
C CYS C 277 -33.14 23.92 6.83
N ASN C 278 -33.22 24.62 7.95
CA ASN C 278 -32.43 25.80 8.29
C ASN C 278 -31.40 25.35 9.35
N THR C 279 -30.08 25.39 9.05
CA THR C 279 -29.02 25.07 10.04
C THR C 279 -27.92 26.13 10.11
N THR C 280 -27.08 26.02 11.15
CA THR C 280 -25.97 26.92 11.43
C THR C 280 -24.63 26.21 11.14
N CYS C 281 -24.65 24.87 11.10
CA CYS C 281 -23.48 24.05 10.83
C CYS C 281 -23.82 22.93 9.86
N GLN C 282 -23.02 22.83 8.78
CA GLN C 282 -23.17 21.81 7.74
C GLN C 282 -21.93 20.89 7.63
N THR C 283 -22.22 19.61 7.42
CA THR C 283 -21.28 18.50 7.31
C THR C 283 -21.60 17.80 5.97
N PRO C 284 -20.62 17.19 5.24
CA PRO C 284 -20.98 16.43 4.02
C PRO C 284 -22.03 15.35 4.28
N LYS C 285 -22.02 14.78 5.49
CA LYS C 285 -22.83 13.69 6.02
C LYS C 285 -24.23 14.11 6.47
N GLY C 286 -24.43 15.40 6.74
CA GLY C 286 -25.68 15.94 7.24
C GLY C 286 -25.42 17.14 8.14
N ALA C 287 -26.48 17.82 8.62
CA ALA C 287 -26.26 19.02 9.43
C ALA C 287 -26.40 18.80 10.91
N ILE C 288 -25.57 19.51 11.68
CA ILE C 288 -25.63 19.40 13.13
C ILE C 288 -26.32 20.61 13.78
N ASN C 289 -27.33 20.36 14.67
CA ASN C 289 -27.98 21.45 15.43
C ASN C 289 -27.27 21.60 16.78
N THR C 290 -26.09 22.21 16.66
CA THR C 290 -25.02 22.56 17.58
C THR C 290 -25.30 22.43 19.09
N SER C 291 -25.36 23.57 19.80
CA SER C 291 -25.50 23.71 21.26
C SER C 291 -24.19 23.31 21.95
N LEU C 292 -23.72 22.07 21.71
CA LEU C 292 -22.52 21.48 22.29
C LEU C 292 -21.17 21.99 21.75
N PRO C 293 -20.08 21.97 22.58
CA PRO C 293 -18.77 22.45 22.09
C PRO C 293 -18.00 21.47 21.18
N PHE C 294 -18.28 20.14 21.32
CA PHE C 294 -17.57 19.07 20.60
C PHE C 294 -18.42 18.27 19.64
N GLN C 295 -17.75 17.55 18.69
CA GLN C 295 -18.42 16.77 17.62
C GLN C 295 -17.50 15.69 16.98
N ASN C 296 -18.09 14.55 16.59
CA ASN C 296 -17.32 13.46 15.99
C ASN C 296 -17.92 13.02 14.66
N ILE C 297 -18.75 13.88 14.09
CA ILE C 297 -19.46 13.64 12.84
C ILE C 297 -18.52 13.79 11.65
N HIS C 298 -17.90 14.97 11.50
CA HIS C 298 -17.01 15.21 10.38
C HIS C 298 -15.98 16.26 10.64
N PRO C 299 -14.71 16.08 10.17
CA PRO C 299 -13.71 17.18 10.24
C PRO C 299 -14.10 18.38 9.35
N ILE C 300 -14.40 18.11 8.07
CA ILE C 300 -14.79 19.11 7.10
C ILE C 300 -16.24 19.55 7.34
N THR C 301 -16.42 20.83 7.71
CA THR C 301 -17.72 21.43 8.01
C THR C 301 -17.76 22.89 7.62
N ILE C 302 -18.95 23.41 7.34
CA ILE C 302 -19.16 24.82 7.04
C ILE C 302 -20.14 25.40 8.11
N GLY C 303 -19.81 26.57 8.67
CA GLY C 303 -20.63 27.26 9.66
C GLY C 303 -20.02 27.52 11.02
N LYS C 304 -20.85 28.00 11.97
CA LYS C 304 -20.49 28.21 13.36
C LYS C 304 -20.72 26.82 13.97
N CYS C 305 -19.65 26.02 13.91
CA CYS C 305 -19.56 24.59 14.21
C CYS C 305 -18.88 24.20 15.52
N PRO C 306 -19.21 23.00 16.08
CA PRO C 306 -18.45 22.50 17.25
C PRO C 306 -17.10 21.94 16.77
N LYS C 307 -16.12 21.85 17.66
CA LYS C 307 -14.80 21.36 17.25
C LYS C 307 -14.79 19.86 17.07
N TYR C 308 -14.21 19.41 15.96
CA TYR C 308 -14.08 18.01 15.62
C TYR C 308 -13.03 17.41 16.54
N VAL C 309 -13.45 16.37 17.24
CA VAL C 309 -12.67 15.60 18.22
C VAL C 309 -12.79 14.14 17.79
N LYS C 310 -11.80 13.30 18.15
CA LYS C 310 -11.86 11.87 17.81
C LYS C 310 -12.49 11.06 18.94
N SER C 311 -12.99 11.74 20.00
CA SER C 311 -13.64 11.11 21.14
C SER C 311 -14.98 10.53 20.73
N THR C 312 -15.29 9.32 21.19
CA THR C 312 -16.57 8.65 20.90
C THR C 312 -17.56 8.89 22.06
N LYS C 313 -17.00 9.27 23.21
CA LYS C 313 -17.75 9.56 24.41
C LYS C 313 -17.07 10.67 25.22
N LEU C 314 -17.83 11.77 25.46
CA LEU C 314 -17.44 12.92 26.27
C LEU C 314 -18.63 13.30 27.14
N ARG C 315 -18.59 12.85 28.40
CA ARG C 315 -19.71 13.04 29.32
C ARG C 315 -19.29 13.66 30.67
N LEU C 316 -19.96 14.77 31.04
CA LEU C 316 -19.71 15.52 32.27
C LEU C 316 -20.65 15.05 33.32
N ALA C 317 -20.11 14.52 34.43
CA ALA C 317 -20.97 14.12 35.53
C ALA C 317 -21.39 15.42 36.18
N THR C 318 -22.65 15.48 36.57
CA THR C 318 -23.25 16.64 37.23
C THR C 318 -23.73 16.16 38.61
N GLY C 319 -24.36 14.99 38.60
CA GLY C 319 -24.79 14.29 39.79
C GLY C 319 -23.60 13.61 40.45
N LEU C 320 -23.87 12.90 41.55
CA LEU C 320 -22.83 12.20 42.30
C LEU C 320 -22.79 10.71 41.94
N ARG C 321 -21.79 9.99 42.50
CA ARG C 321 -21.62 8.55 42.32
C ARG C 321 -22.89 7.86 42.82
N ASN C 322 -23.59 7.17 41.92
CA ASN C 322 -24.79 6.44 42.27
C ASN C 322 -24.41 5.18 43.04
N ILE C 323 -24.85 5.09 44.32
CA ILE C 323 -24.58 3.94 45.20
C ILE C 323 -25.94 3.47 45.79
N PRO C 324 -26.79 2.79 44.95
CA PRO C 324 -28.13 2.39 45.43
C PRO C 324 -28.23 1.39 46.56
N SER C 325 -27.65 0.17 46.41
CA SER C 325 -27.64 -0.96 47.40
C SER C 325 -29.01 -1.65 47.70
N GLY D 1 -15.07 10.12 47.17
CA GLY D 1 -13.72 9.64 47.48
C GLY D 1 -12.82 10.53 48.32
N LEU D 2 -12.57 11.80 47.86
CA LEU D 2 -11.69 12.81 48.47
C LEU D 2 -11.98 13.23 49.93
N PHE D 3 -13.24 13.59 50.24
CA PHE D 3 -13.60 14.04 51.58
C PHE D 3 -14.03 12.93 52.54
N GLY D 4 -13.82 11.69 52.11
CA GLY D 4 -14.11 10.46 52.85
C GLY D 4 -15.50 10.29 53.40
N ALA D 5 -16.50 11.04 52.87
CA ALA D 5 -17.89 10.95 53.31
C ALA D 5 -18.72 10.07 52.35
N ILE D 6 -18.92 10.49 51.07
CA ILE D 6 -19.63 9.71 50.06
C ILE D 6 -18.76 8.51 49.75
N ALA D 7 -19.33 7.28 49.92
CA ALA D 7 -18.67 5.99 49.74
C ALA D 7 -17.48 5.85 50.70
N GLY D 8 -17.52 6.68 51.74
CA GLY D 8 -16.54 6.72 52.81
C GLY D 8 -17.26 6.36 54.08
N PHE D 9 -17.47 7.34 54.98
CA PHE D 9 -18.16 7.04 56.22
C PHE D 9 -19.66 6.82 56.03
N ILE D 10 -20.27 7.48 55.00
CA ILE D 10 -21.68 7.27 54.62
C ILE D 10 -21.63 6.29 53.43
N GLU D 11 -21.38 4.99 53.74
CA GLU D 11 -21.22 3.83 52.85
C GLU D 11 -21.94 3.87 51.50
N GLY D 12 -23.23 4.27 51.53
CA GLY D 12 -24.07 4.34 50.33
C GLY D 12 -25.10 5.45 50.28
N GLY D 13 -25.74 5.57 49.10
CA GLY D 13 -26.80 6.53 48.83
C GLY D 13 -28.19 6.03 49.10
N TRP D 14 -29.15 6.96 49.21
CA TRP D 14 -30.54 6.65 49.47
C TRP D 14 -31.37 6.80 48.21
N THR D 15 -31.93 5.68 47.70
CA THR D 15 -32.85 5.70 46.56
C THR D 15 -34.16 6.35 47.01
N GLY D 16 -34.47 6.22 48.30
CA GLY D 16 -35.65 6.79 48.92
C GLY D 16 -35.68 8.31 48.98
N MET D 17 -34.59 8.97 48.56
CA MET D 17 -34.51 10.42 48.59
C MET D 17 -34.54 11.03 47.18
N VAL D 18 -35.74 11.08 46.61
CA VAL D 18 -36.07 11.62 45.27
C VAL D 18 -36.01 13.16 45.30
N ASP D 19 -36.35 13.71 46.49
CA ASP D 19 -36.42 15.12 46.88
C ASP D 19 -35.32 16.03 46.35
N GLY D 20 -34.08 15.57 46.39
CA GLY D 20 -32.91 16.32 45.95
C GLY D 20 -31.63 15.52 46.06
N TRP D 21 -30.45 16.19 45.91
CA TRP D 21 -29.13 15.57 45.96
C TRP D 21 -28.62 15.16 47.33
N TYR D 22 -28.76 16.06 48.34
CA TYR D 22 -28.30 15.80 49.70
C TYR D 22 -29.35 16.15 50.74
N GLY D 23 -29.63 15.19 51.60
CA GLY D 23 -30.61 15.44 52.65
C GLY D 23 -30.45 14.61 53.89
N TYR D 24 -31.58 14.38 54.55
CA TYR D 24 -31.63 13.70 55.82
C TYR D 24 -32.57 12.51 55.81
N HIS D 25 -32.60 11.81 56.92
CA HIS D 25 -33.51 10.72 57.20
C HIS D 25 -33.71 10.78 58.69
N HIS D 26 -34.95 11.06 59.09
CA HIS D 26 -35.35 11.14 60.49
C HIS D 26 -36.03 9.86 60.87
N GLN D 27 -35.99 9.54 62.17
CA GLN D 27 -36.62 8.40 62.81
C GLN D 27 -36.83 8.84 64.24
N ASN D 28 -38.05 9.29 64.55
CA ASN D 28 -38.38 9.75 65.89
C ASN D 28 -39.55 8.94 66.46
N GLU D 29 -40.65 9.62 66.83
CA GLU D 29 -41.87 9.04 67.37
C GLU D 29 -43.00 9.15 66.37
N GLN D 30 -43.07 10.27 65.61
CA GLN D 30 -44.12 10.46 64.61
C GLN D 30 -43.71 10.35 63.15
N GLY D 31 -43.58 9.11 62.69
CA GLY D 31 -43.21 8.80 61.31
C GLY D 31 -41.77 9.05 60.95
N SER D 32 -41.20 8.12 60.15
CA SER D 32 -39.83 8.18 59.67
C SER D 32 -39.80 8.17 58.15
N GLY D 33 -38.84 8.89 57.58
CA GLY D 33 -38.64 9.03 56.14
C GLY D 33 -37.54 10.01 55.81
N TYR D 34 -37.37 10.31 54.52
CA TYR D 34 -36.34 11.23 54.02
C TYR D 34 -36.90 12.57 53.54
N ALA D 35 -36.05 13.58 53.55
CA ALA D 35 -36.30 14.93 53.05
C ALA D 35 -34.95 15.58 52.69
N ALA D 36 -34.83 16.12 51.47
CA ALA D 36 -33.63 16.79 50.99
C ALA D 36 -33.34 18.10 51.76
N ASP D 37 -32.08 18.57 51.70
CA ASP D 37 -31.70 19.85 52.29
C ASP D 37 -31.68 20.83 51.12
N LEU D 38 -32.68 21.73 51.07
CA LEU D 38 -32.84 22.72 49.99
C LEU D 38 -31.69 23.74 49.91
N LYS D 39 -31.33 24.33 51.07
CA LYS D 39 -30.28 25.35 51.25
C LYS D 39 -28.86 24.78 51.08
N SER D 40 -28.71 23.86 50.11
CA SER D 40 -27.47 23.19 49.73
C SER D 40 -27.71 22.53 48.39
N THR D 41 -28.86 21.84 48.22
CA THR D 41 -29.23 21.18 46.96
C THR D 41 -29.42 22.22 45.86
N GLN D 42 -30.13 23.33 46.17
CA GLN D 42 -30.34 24.39 45.19
C GLN D 42 -29.00 25.00 44.82
N ASN D 43 -28.15 25.32 45.83
CA ASN D 43 -26.80 25.85 45.65
C ASN D 43 -26.01 24.96 44.75
N ALA D 44 -25.94 23.64 45.07
CA ALA D 44 -25.23 22.66 44.24
C ALA D 44 -25.69 22.68 42.80
N ILE D 45 -27.01 22.60 42.56
CA ILE D 45 -27.63 22.61 41.24
C ILE D 45 -27.23 23.87 40.49
N ASP D 46 -27.30 25.03 41.14
CA ASP D 46 -26.98 26.33 40.55
C ASP D 46 -25.53 26.42 40.14
N GLU D 47 -24.65 25.92 41.02
CA GLU D 47 -23.21 25.90 40.83
C GLU D 47 -22.80 24.90 39.75
N ILE D 48 -23.31 23.67 39.83
CA ILE D 48 -23.05 22.64 38.81
C ILE D 48 -23.57 23.11 37.43
N THR D 49 -24.81 23.68 37.37
CA THR D 49 -25.33 24.20 36.09
C THR D 49 -24.35 25.25 35.51
N ASN D 50 -23.81 26.14 36.39
CA ASN D 50 -22.85 27.18 36.03
C ASN D 50 -21.57 26.56 35.42
N LYS D 51 -21.06 25.49 36.05
CA LYS D 51 -19.90 24.72 35.60
C LYS D 51 -20.13 24.18 34.19
N VAL D 52 -21.35 23.68 33.91
CA VAL D 52 -21.76 23.11 32.63
C VAL D 52 -21.82 24.19 31.55
N ASN D 53 -22.56 25.28 31.84
CA ASN D 53 -22.71 26.40 30.91
C ASN D 53 -21.38 27.00 30.55
N SER D 54 -20.42 27.03 31.50
CA SER D 54 -19.06 27.50 31.28
C SER D 54 -18.31 26.63 30.27
N VAL D 55 -18.32 25.29 30.46
CA VAL D 55 -17.66 24.35 29.55
C VAL D 55 -18.29 24.49 28.17
N ILE D 56 -19.62 24.63 28.12
CA ILE D 56 -20.37 24.74 26.87
C ILE D 56 -20.25 26.12 26.24
N GLU D 57 -20.68 27.16 26.95
CA GLU D 57 -20.74 28.55 26.48
C GLU D 57 -19.42 29.26 26.23
N LYS D 58 -18.29 28.78 26.82
CA LYS D 58 -16.99 29.39 26.55
C LYS D 58 -16.44 29.14 25.14
N MET D 59 -17.06 28.19 24.40
CA MET D 59 -16.67 27.80 23.05
C MET D 59 -16.93 28.87 21.97
N ASN D 60 -18.21 29.17 21.69
CA ASN D 60 -18.63 30.14 20.66
C ASN D 60 -18.16 29.82 19.22
N THR D 61 -16.95 30.27 18.81
CA THR D 61 -16.35 30.05 17.47
C THR D 61 -16.94 30.87 16.30
N GLN D 62 -16.20 31.00 15.21
CA GLN D 62 -16.68 31.77 14.03
C GLN D 62 -17.13 30.88 12.86
N PHE D 63 -17.70 31.50 11.83
CA PHE D 63 -18.09 30.80 10.61
C PHE D 63 -16.80 30.55 9.76
N THR D 64 -16.53 29.28 9.48
CA THR D 64 -15.35 28.79 8.74
C THR D 64 -15.86 27.75 7.72
N ALA D 65 -15.06 27.50 6.67
CA ALA D 65 -15.35 26.48 5.66
C ALA D 65 -14.60 25.15 5.86
N VAL D 66 -13.36 25.19 6.37
CA VAL D 66 -12.52 24.01 6.73
C VAL D 66 -11.93 23.29 5.52
N GLY D 67 -12.80 22.69 4.73
CA GLY D 67 -12.43 21.98 3.54
C GLY D 67 -11.74 22.91 2.56
N LYS D 68 -10.68 22.39 1.97
CA LYS D 68 -9.86 23.03 0.94
C LYS D 68 -9.73 22.08 -0.24
N GLU D 69 -9.56 22.64 -1.43
CA GLU D 69 -9.47 21.89 -2.67
C GLU D 69 -8.12 22.28 -3.30
N PHE D 70 -7.38 21.28 -3.85
CA PHE D 70 -6.05 21.49 -4.42
C PHE D 70 -5.80 20.57 -5.57
N ASN D 71 -5.16 21.10 -6.67
CA ASN D 71 -4.83 20.31 -7.86
C ASN D 71 -3.76 19.21 -7.62
N HIS D 72 -3.44 18.41 -8.65
CA HIS D 72 -2.46 17.33 -8.56
C HIS D 72 -1.02 17.82 -8.27
N LEU D 73 -0.73 19.09 -8.56
CA LEU D 73 0.60 19.70 -8.39
C LEU D 73 0.64 20.67 -7.20
N GLU D 74 -0.23 20.41 -6.24
CA GLU D 74 -0.40 21.19 -5.02
C GLU D 74 -0.41 20.33 -3.80
N LYS D 75 0.23 19.15 -3.89
CA LYS D 75 0.36 18.18 -2.79
C LYS D 75 0.98 18.72 -1.51
N ARG D 76 1.96 19.63 -1.59
CA ARG D 76 2.59 20.19 -0.38
C ARG D 76 1.62 21.11 0.36
N ILE D 77 0.82 21.88 -0.39
CA ILE D 77 -0.16 22.69 0.31
C ILE D 77 -1.32 21.88 0.80
N GLU D 78 -1.63 20.77 0.05
CA GLU D 78 -2.65 19.77 0.42
C GLU D 78 -2.23 19.18 1.73
N ASN D 79 -0.98 18.67 1.79
CA ASN D 79 -0.40 18.11 3.02
C ASN D 79 -0.26 19.11 4.19
N LEU D 80 0.06 20.40 3.92
CA LEU D 80 0.13 21.44 4.97
C LEU D 80 -1.29 21.62 5.58
N ASN D 81 -2.28 21.65 4.71
CA ASN D 81 -3.65 21.77 5.14
C ASN D 81 -4.10 20.62 6.05
N LYS D 82 -3.65 19.40 5.76
CA LYS D 82 -3.95 18.22 6.56
C LYS D 82 -3.26 18.31 7.93
N LYS D 83 -2.05 18.88 7.98
CA LYS D 83 -1.29 19.09 9.24
C LYS D 83 -2.07 19.98 10.23
N VAL D 84 -2.72 21.04 9.71
CA VAL D 84 -3.52 22.01 10.45
C VAL D 84 -4.75 21.29 11.03
N ASP D 85 -5.43 20.55 10.12
CA ASP D 85 -6.59 19.72 10.44
C ASP D 85 -6.27 18.67 11.52
N ASP D 86 -5.19 17.88 11.32
CA ASP D 86 -4.78 16.87 12.29
C ASP D 86 -4.26 17.47 13.62
N GLY D 87 -3.50 18.57 13.53
CA GLY D 87 -2.98 19.27 14.69
C GLY D 87 -4.11 19.79 15.55
N PHE D 88 -5.11 20.43 14.94
CA PHE D 88 -6.27 20.89 15.71
C PHE D 88 -7.05 19.76 16.32
N LEU D 89 -7.14 18.63 15.60
CA LEU D 89 -7.90 17.45 16.03
C LEU D 89 -7.28 16.86 17.30
N ASP D 90 -5.95 16.61 17.24
CA ASP D 90 -5.13 16.11 18.33
C ASP D 90 -5.19 17.03 19.55
N ILE D 91 -5.20 18.38 19.32
CA ILE D 91 -5.28 19.37 20.38
C ILE D 91 -6.64 19.27 21.08
N TRP D 92 -7.72 19.42 20.29
CA TRP D 92 -9.06 19.41 20.80
C TRP D 92 -9.42 18.10 21.45
N THR D 93 -9.12 16.94 20.81
CA THR D 93 -9.41 15.59 21.35
C THR D 93 -8.77 15.44 22.73
N TYR D 94 -7.45 15.66 22.83
CA TYR D 94 -6.68 15.52 24.05
C TYR D 94 -7.20 16.47 25.11
N ASN D 95 -7.54 17.71 24.71
CA ASN D 95 -8.04 18.70 25.65
C ASN D 95 -9.40 18.37 26.19
N ALA D 96 -10.34 18.09 25.28
CA ALA D 96 -11.72 17.72 25.60
C ALA D 96 -11.71 16.48 26.49
N GLU D 97 -10.91 15.47 26.10
CA GLU D 97 -10.80 14.21 26.80
C GLU D 97 -10.27 14.29 28.20
N LEU D 98 -9.28 15.16 28.44
CA LEU D 98 -8.62 15.40 29.73
C LEU D 98 -9.47 16.27 30.64
N LEU D 99 -10.07 17.34 30.09
CA LEU D 99 -10.93 18.24 30.87
C LEU D 99 -12.11 17.43 31.39
N VAL D 100 -12.69 16.55 30.57
CA VAL D 100 -13.78 15.66 30.93
C VAL D 100 -13.34 14.77 32.10
N LEU D 101 -12.16 14.11 32.01
CA LEU D 101 -11.63 13.27 33.10
C LEU D 101 -11.40 14.09 34.37
N LEU D 102 -10.53 15.13 34.28
CA LEU D 102 -10.16 16.03 35.36
C LEU D 102 -11.36 16.62 36.11
N GLU D 103 -12.32 17.19 35.33
CA GLU D 103 -13.55 17.81 35.80
C GLU D 103 -14.54 16.89 36.40
N ASN D 104 -14.71 15.66 35.86
CA ASN D 104 -15.62 14.67 36.45
C ASN D 104 -15.15 14.34 37.83
N GLU D 105 -13.80 14.20 38.01
CA GLU D 105 -13.22 13.96 39.32
C GLU D 105 -13.49 15.13 40.29
N ARG D 106 -13.48 16.37 39.75
CA ARG D 106 -13.74 17.60 40.52
C ARG D 106 -15.22 17.71 40.99
N THR D 107 -16.17 17.44 40.09
CA THR D 107 -17.59 17.43 40.40
C THR D 107 -17.95 16.45 41.53
N LEU D 108 -17.50 15.18 41.45
CA LEU D 108 -17.76 14.14 42.45
C LEU D 108 -17.20 14.48 43.86
N ASP D 109 -15.99 15.09 43.90
CA ASP D 109 -15.30 15.58 45.09
C ASP D 109 -16.17 16.66 45.75
N TYR D 110 -16.78 17.54 44.92
CA TYR D 110 -17.66 18.65 45.30
C TYR D 110 -18.89 18.13 46.03
N HIS D 111 -19.42 17.01 45.55
CA HIS D 111 -20.57 16.35 46.13
C HIS D 111 -20.17 15.75 47.46
N ASP D 112 -18.98 15.13 47.53
CA ASP D 112 -18.41 14.53 48.74
C ASP D 112 -18.21 15.61 49.81
N SER D 113 -17.70 16.78 49.40
CA SER D 113 -17.43 17.95 50.23
C SER D 113 -18.72 18.52 50.73
N ASN D 114 -19.76 18.56 49.86
CA ASN D 114 -21.08 19.08 50.25
C ASN D 114 -21.75 18.21 51.34
N VAL D 115 -21.67 16.86 51.22
CA VAL D 115 -22.23 15.91 52.18
C VAL D 115 -21.47 16.02 53.54
N LYS D 116 -20.11 16.07 53.47
CA LYS D 116 -19.20 16.25 54.61
C LYS D 116 -19.60 17.52 55.36
N ASN D 117 -19.75 18.64 54.64
CA ASN D 117 -20.14 19.93 55.21
C ASN D 117 -21.50 19.90 55.83
N LEU D 118 -22.45 19.17 55.23
CA LEU D 118 -23.80 19.05 55.79
C LEU D 118 -23.80 18.24 57.08
N TYR D 119 -23.01 17.12 57.12
CA TYR D 119 -22.87 16.26 58.30
C TYR D 119 -22.21 17.06 59.42
N GLU D 120 -21.10 17.78 59.09
CA GLU D 120 -20.35 18.57 60.07
C GLU D 120 -21.17 19.64 60.74
N LYS D 121 -22.01 20.35 59.93
CA LYS D 121 -22.91 21.41 60.38
C LYS D 121 -23.88 20.96 61.47
N VAL D 122 -24.49 19.76 61.25
CA VAL D 122 -25.45 19.14 62.17
C VAL D 122 -24.71 18.75 63.42
N ARG D 123 -23.54 18.03 63.32
CA ARG D 123 -22.73 17.61 64.47
C ARG D 123 -22.35 18.77 65.41
N SER D 124 -22.09 19.95 64.82
CA SER D 124 -21.73 21.21 65.47
C SER D 124 -22.91 21.79 66.27
N GLN D 125 -24.12 21.78 65.69
CA GLN D 125 -25.33 22.27 66.36
C GLN D 125 -25.67 21.35 67.51
N LEU D 126 -25.70 20.04 67.23
CA LEU D 126 -26.04 19.03 68.22
C LEU D 126 -25.09 18.97 69.42
N LYS D 127 -23.80 18.64 69.19
CA LYS D 127 -22.77 18.42 70.22
C LYS D 127 -23.20 17.24 71.15
N ASN D 128 -22.98 17.35 72.47
CA ASN D 128 -23.31 16.34 73.52
C ASN D 128 -24.72 15.73 73.44
N ASN D 129 -25.71 16.54 72.97
CA ASN D 129 -27.14 16.27 72.78
C ASN D 129 -27.51 14.99 72.02
N ALA D 130 -26.68 14.59 71.07
CA ALA D 130 -26.86 13.38 70.26
C ALA D 130 -25.52 12.66 70.06
N LYS D 131 -25.55 11.31 70.08
CA LYS D 131 -24.40 10.42 69.91
C LYS D 131 -24.10 10.17 68.40
N GLU D 132 -22.81 10.29 68.00
CA GLU D 132 -22.37 9.99 66.64
C GLU D 132 -22.29 8.47 66.54
N ILE D 133 -23.15 7.86 65.72
CA ILE D 133 -23.20 6.40 65.58
C ILE D 133 -22.64 5.85 64.25
N GLY D 134 -21.86 6.68 63.54
CA GLY D 134 -21.28 6.33 62.25
C GLY D 134 -22.28 6.33 61.11
N ASN D 135 -21.77 6.26 59.87
CA ASN D 135 -22.58 6.29 58.64
C ASN D 135 -23.55 7.49 58.55
N GLY D 136 -23.09 8.63 59.02
CA GLY D 136 -23.84 9.88 59.01
C GLY D 136 -25.00 9.97 59.99
N CYS D 137 -25.15 9.00 60.88
CA CYS D 137 -26.27 9.06 61.81
C CYS D 137 -25.99 9.54 63.20
N PHE D 138 -26.95 10.31 63.75
CA PHE D 138 -26.90 10.83 65.10
C PHE D 138 -28.02 10.21 65.87
N GLU D 139 -27.69 9.61 67.04
CA GLU D 139 -28.66 9.00 67.95
C GLU D 139 -28.86 10.00 69.07
N PHE D 140 -30.04 10.64 69.09
CA PHE D 140 -30.41 11.64 70.09
C PHE D 140 -30.52 11.07 71.48
N TYR D 141 -29.84 11.73 72.43
CA TYR D 141 -29.85 11.36 73.84
C TYR D 141 -31.16 11.81 74.49
N HIS D 142 -31.77 12.85 73.89
CA HIS D 142 -33.05 13.41 74.30
C HIS D 142 -34.15 13.01 73.29
N LYS D 143 -35.37 13.51 73.54
CA LYS D 143 -36.56 13.28 72.71
C LYS D 143 -36.70 14.44 71.72
N CYS D 144 -36.69 14.13 70.40
CA CYS D 144 -36.79 15.12 69.32
C CYS D 144 -38.00 14.86 68.39
N ASP D 145 -39.10 15.63 68.56
CA ASP D 145 -40.30 15.47 67.75
C ASP D 145 -40.12 16.04 66.34
N ASN D 146 -41.12 15.82 65.45
CA ASN D 146 -41.14 16.26 64.04
C ASN D 146 -40.82 17.75 63.80
N THR D 147 -41.08 18.61 64.80
CA THR D 147 -40.83 20.07 64.78
C THR D 147 -39.37 20.31 65.14
N CYS D 148 -38.90 19.64 66.22
CA CYS D 148 -37.53 19.66 66.73
C CYS D 148 -36.57 19.17 65.62
N MET D 149 -37.01 18.14 64.86
CA MET D 149 -36.28 17.52 63.77
C MET D 149 -36.09 18.50 62.64
N GLU D 150 -37.18 19.20 62.25
CA GLU D 150 -37.22 20.23 61.20
C GLU D 150 -36.21 21.36 61.52
N SER D 151 -36.06 21.70 62.82
CA SER D 151 -35.19 22.75 63.32
C SER D 151 -33.69 22.46 63.08
N VAL D 152 -33.24 21.22 63.38
CA VAL D 152 -31.85 20.77 63.20
C VAL D 152 -31.45 20.94 61.74
N LYS D 153 -32.40 20.66 60.82
CA LYS D 153 -32.25 20.81 59.37
C LYS D 153 -32.20 22.31 58.97
N ASN D 154 -33.06 23.14 59.61
CA ASN D 154 -33.18 24.59 59.38
C ASN D 154 -31.96 25.42 59.78
N GLY D 155 -31.08 24.85 60.60
CA GLY D 155 -29.90 25.53 61.10
C GLY D 155 -30.19 26.27 62.39
N THR D 156 -31.33 25.94 63.01
CA THR D 156 -31.80 26.57 64.23
C THR D 156 -32.04 25.52 65.33
N TYR D 157 -30.96 25.11 66.03
CA TYR D 157 -31.07 24.11 67.08
C TYR D 157 -30.49 24.58 68.42
N ASP D 158 -31.38 24.88 69.38
CA ASP D 158 -31.03 25.32 70.72
C ASP D 158 -30.50 24.14 71.55
N TYR D 159 -29.17 24.15 71.83
CA TYR D 159 -28.48 23.16 72.65
C TYR D 159 -28.96 23.25 74.11
N PRO D 160 -29.09 24.47 74.73
CA PRO D 160 -29.53 24.53 76.15
C PRO D 160 -30.90 23.89 76.43
N LYS D 161 -31.90 24.06 75.54
CA LYS D 161 -33.27 23.52 75.72
C LYS D 161 -33.33 22.03 76.13
N TYR D 162 -32.44 21.22 75.53
CA TYR D 162 -32.35 19.77 75.73
C TYR D 162 -31.02 19.38 76.43
N SER D 163 -30.28 20.37 76.99
CA SER D 163 -29.00 20.19 77.66
C SER D 163 -29.08 19.16 78.79
N GLU D 164 -29.78 19.50 79.90
CA GLU D 164 -29.94 18.60 81.05
C GLU D 164 -30.77 17.35 80.71
N GLU D 165 -31.75 17.50 79.78
CA GLU D 165 -32.64 16.46 79.28
C GLU D 165 -31.81 15.33 78.62
N ALA D 166 -30.68 15.71 77.98
CA ALA D 166 -29.75 14.78 77.32
C ALA D 166 -28.56 14.43 78.23
N LYS D 167 -28.17 15.35 79.16
CA LYS D 167 -27.07 15.14 80.11
C LYS D 167 -27.36 13.91 81.00
N LEU D 168 -28.60 13.85 81.55
CA LEU D 168 -29.03 12.73 82.39
C LEU D 168 -29.47 11.50 81.57
N ASN D 169 -28.89 11.35 80.36
CA ASN D 169 -29.09 10.23 79.46
C ASN D 169 -27.79 9.56 79.06
N ARG D 170 -26.67 10.03 79.65
CA ARG D 170 -25.34 9.45 79.48
C ARG D 170 -25.11 8.60 80.73
N GLU D 171 -24.96 7.28 80.55
CA GLU D 171 -24.75 6.35 81.68
C GLU D 171 -23.52 5.45 81.47
N ASP E 3 -12.84 34.74 78.24
CA ASP E 3 -11.87 35.25 77.26
C ASP E 3 -12.04 34.55 75.89
N THR E 4 -11.95 35.32 74.80
CA THR E 4 -12.18 34.80 73.45
C THR E 4 -11.07 34.94 72.43
N LEU E 5 -10.95 33.93 71.58
CA LEU E 5 -9.98 33.81 70.48
C LEU E 5 -10.76 33.24 69.28
N CYS E 6 -10.88 34.03 68.22
CA CYS E 6 -11.59 33.58 67.03
C CYS E 6 -10.65 33.54 65.84
N ILE E 7 -10.53 32.39 65.18
CA ILE E 7 -9.65 32.35 64.02
C ILE E 7 -10.51 32.73 62.81
N GLY E 8 -10.07 33.74 62.06
CA GLY E 8 -10.82 34.22 60.91
C GLY E 8 -9.98 34.69 59.74
N TYR E 9 -10.67 35.23 58.71
CA TYR E 9 -10.09 35.69 57.45
C TYR E 9 -10.22 37.19 57.17
N HIS E 10 -9.69 37.64 56.02
CA HIS E 10 -9.67 39.05 55.61
C HIS E 10 -10.82 39.45 54.69
N ALA E 11 -11.14 40.76 54.73
CA ALA E 11 -12.10 41.50 53.90
C ALA E 11 -11.55 42.94 53.80
N ASN E 12 -11.80 43.62 52.67
CA ASN E 12 -11.28 44.96 52.45
C ASN E 12 -12.21 45.75 51.56
N ASN E 13 -11.76 46.93 51.10
CA ASN E 13 -12.50 47.82 50.19
C ASN E 13 -12.52 47.34 48.72
N SER E 14 -11.74 46.28 48.38
CA SER E 14 -11.63 45.70 47.02
C SER E 14 -12.97 45.43 46.35
N THR E 15 -13.03 45.76 45.07
CA THR E 15 -14.22 45.65 44.24
C THR E 15 -13.99 44.75 43.01
N ASP E 16 -12.79 44.18 42.89
CA ASP E 16 -12.40 43.29 41.80
C ASP E 16 -13.25 42.01 41.79
N THR E 17 -13.98 41.79 40.69
CA THR E 17 -14.85 40.64 40.50
C THR E 17 -14.31 39.66 39.48
N VAL E 18 -14.24 38.37 39.86
CA VAL E 18 -13.77 37.27 39.02
C VAL E 18 -14.87 36.22 38.85
N ASP E 19 -14.77 35.41 37.81
CA ASP E 19 -15.71 34.34 37.57
C ASP E 19 -14.99 33.04 37.84
N THR E 20 -15.68 32.11 38.51
CA THR E 20 -15.16 30.78 38.81
C THR E 20 -16.11 29.75 38.22
N VAL E 21 -15.63 28.54 37.91
CA VAL E 21 -16.43 27.46 37.34
C VAL E 21 -17.80 27.28 37.97
N LEU E 22 -17.86 27.53 39.28
CA LEU E 22 -19.01 27.32 40.12
C LEU E 22 -19.91 28.53 40.26
N GLU E 23 -19.41 29.74 39.96
CA GLU E 23 -20.20 30.97 39.95
C GLU E 23 -19.55 32.19 39.31
N LYS E 24 -20.39 33.00 38.66
CA LYS E 24 -19.96 34.23 37.99
C LYS E 24 -19.97 35.40 38.96
N ASN E 25 -19.14 36.44 38.67
CA ASN E 25 -19.00 37.68 39.44
C ASN E 25 -18.85 37.48 40.95
N VAL E 26 -17.65 37.11 41.37
CA VAL E 26 -17.37 36.93 42.78
C VAL E 26 -16.38 38.04 43.09
N THR E 27 -16.69 38.84 44.16
CA THR E 27 -15.78 39.90 44.58
C THR E 27 -14.70 39.27 45.43
N VAL E 28 -13.45 39.55 45.06
CA VAL E 28 -12.26 39.05 45.74
C VAL E 28 -11.50 40.18 46.39
N THR E 29 -10.68 39.82 47.40
CA THR E 29 -9.84 40.74 48.15
C THR E 29 -8.65 41.17 47.31
N HIS E 30 -8.17 40.27 46.45
CA HIS E 30 -7.00 40.45 45.57
C HIS E 30 -7.20 39.56 44.34
N SER E 31 -6.69 40.02 43.19
CA SER E 31 -6.74 39.27 41.92
C SER E 31 -5.82 39.94 40.92
N VAL E 32 -5.34 39.18 39.95
CA VAL E 32 -4.47 39.73 38.93
C VAL E 32 -5.06 39.56 37.55
N ASN E 33 -4.78 40.51 36.67
CA ASN E 33 -5.24 40.38 35.30
C ASN E 33 -4.20 39.59 34.55
N LEU E 34 -4.65 38.76 33.59
CA LEU E 34 -3.83 37.93 32.71
C LEU E 34 -3.95 38.37 31.25
N LEU E 35 -4.82 39.35 30.96
CA LEU E 35 -5.07 39.78 29.60
C LEU E 35 -4.63 41.21 29.28
N GLU E 36 -3.69 41.34 28.32
CA GLU E 36 -3.22 42.64 27.89
C GLU E 36 -4.29 43.27 26.99
N ASP E 37 -4.90 44.36 27.50
CA ASP E 37 -6.00 45.09 26.87
C ASP E 37 -5.59 46.46 26.36
N LYS E 38 -4.37 46.88 26.68
CA LYS E 38 -3.89 48.20 26.27
C LYS E 38 -2.67 48.16 25.35
N HIS E 39 -2.50 49.21 24.54
CA HIS E 39 -1.36 49.40 23.64
C HIS E 39 -0.92 50.89 23.65
N ASN E 40 0.29 51.17 23.15
CA ASN E 40 0.84 52.54 23.09
C ASN E 40 0.34 53.46 21.95
N GLY E 41 -0.31 52.89 20.93
CA GLY E 41 -0.81 53.65 19.79
C GLY E 41 0.27 54.31 18.95
N LYS E 42 1.48 53.70 18.96
CA LYS E 42 2.66 54.14 18.24
C LYS E 42 3.28 52.93 17.56
N LEU E 43 4.01 53.12 16.44
CA LEU E 43 4.73 52.00 15.84
C LEU E 43 6.18 52.15 16.30
N CYS E 44 6.68 51.08 16.95
CA CYS E 44 7.97 51.02 17.62
C CYS E 44 9.07 50.22 16.93
N LYS E 45 10.27 50.26 17.50
CA LYS E 45 11.43 49.50 17.07
C LYS E 45 11.21 48.08 17.52
N LEU E 46 11.71 47.12 16.76
CA LEU E 46 11.62 45.72 17.11
C LEU E 46 13.02 45.22 17.10
N ARG E 47 13.40 44.46 18.15
CA ARG E 47 14.79 43.95 18.32
C ARG E 47 15.78 45.15 18.22
N GLY E 48 15.39 46.30 18.80
CA GLY E 48 16.15 47.56 18.76
C GLY E 48 16.35 48.16 17.38
N VAL E 49 15.53 47.74 16.39
CA VAL E 49 15.60 48.22 15.00
C VAL E 49 14.28 48.87 14.59
N ALA E 50 14.36 50.08 14.04
CA ALA E 50 13.24 50.86 13.56
C ALA E 50 12.63 50.21 12.32
N PRO E 51 11.29 50.35 12.08
CA PRO E 51 10.73 49.81 10.82
C PRO E 51 11.05 50.76 9.69
N LEU E 52 10.86 50.29 8.44
CA LEU E 52 11.02 51.09 7.24
C LEU E 52 9.63 51.59 6.91
N HIS E 53 9.40 52.90 7.03
CA HIS E 53 8.11 53.50 6.71
C HIS E 53 8.10 53.94 5.26
N LEU E 54 7.12 53.45 4.49
CA LEU E 54 7.05 53.73 3.04
C LEU E 54 6.40 55.05 2.56
N GLY E 55 5.84 55.82 3.50
CA GLY E 55 5.18 57.09 3.21
C GLY E 55 3.96 56.93 2.33
N LYS E 56 3.90 57.71 1.25
CA LYS E 56 2.80 57.66 0.26
C LYS E 56 2.97 56.51 -0.76
N CYS E 57 4.03 55.69 -0.57
CA CYS E 57 4.35 54.56 -1.44
C CYS E 57 4.08 53.19 -0.87
N ASN E 58 4.08 52.19 -1.75
CA ASN E 58 3.98 50.78 -1.38
C ASN E 58 5.30 50.15 -1.78
N ILE E 59 5.52 48.86 -1.46
CA ILE E 59 6.78 48.19 -1.79
C ILE E 59 7.21 48.30 -3.26
N ALA E 60 6.27 48.13 -4.22
CA ALA E 60 6.53 48.21 -5.66
C ALA E 60 7.07 49.60 -6.02
N GLY E 61 6.35 50.64 -5.58
CA GLY E 61 6.74 52.03 -5.79
C GLY E 61 8.08 52.31 -5.15
N TRP E 62 8.29 51.76 -3.96
CA TRP E 62 9.52 51.97 -3.26
C TRP E 62 10.73 51.33 -3.95
N ILE E 63 10.67 50.03 -4.19
CA ILE E 63 11.78 49.22 -4.74
C ILE E 63 12.23 49.63 -6.17
N LEU E 64 11.25 49.92 -7.06
CA LEU E 64 11.48 50.51 -8.37
C LEU E 64 11.68 51.99 -7.98
N GLY E 65 12.10 52.87 -8.86
CA GLY E 65 12.27 54.20 -8.29
C GLY E 65 11.15 55.21 -8.35
N ASN E 66 9.86 54.82 -8.07
CA ASN E 66 8.70 55.73 -8.20
C ASN E 66 8.99 57.17 -7.79
N PRO E 67 8.78 58.13 -8.74
CA PRO E 67 9.16 59.54 -8.48
C PRO E 67 8.68 60.16 -7.18
N GLU E 68 7.53 59.69 -6.67
CA GLU E 68 6.91 60.13 -5.40
C GLU E 68 7.57 59.48 -4.17
N CYS E 69 8.49 58.53 -4.37
CA CYS E 69 9.13 57.78 -3.28
C CYS E 69 10.47 58.29 -2.77
N GLU E 70 10.68 58.09 -1.46
CA GLU E 70 11.81 58.53 -0.63
C GLU E 70 13.22 58.34 -1.20
N SER E 71 13.69 57.08 -1.29
CA SER E 71 15.03 56.65 -1.72
C SER E 71 15.98 56.53 -0.53
N LEU E 72 16.79 55.45 -0.53
CA LEU E 72 17.78 55.15 0.52
C LEU E 72 19.12 54.87 -0.17
N SER E 73 19.79 55.96 -0.54
CA SER E 73 21.08 55.91 -1.24
C SER E 73 22.17 55.30 -0.38
N THR E 74 21.83 55.01 0.89
CA THR E 74 22.74 54.51 1.91
C THR E 74 22.35 53.15 2.50
N ALA E 75 23.33 52.50 3.18
CA ALA E 75 23.20 51.22 3.86
C ALA E 75 22.21 51.37 4.99
N SER E 76 21.26 50.42 5.06
CA SER E 76 20.20 50.42 6.06
C SER E 76 19.75 49.03 6.48
N SER E 77 18.80 49.00 7.42
CA SER E 77 18.18 47.79 7.99
C SER E 77 16.90 48.16 8.67
N TRP E 78 15.93 47.26 8.56
CA TRP E 78 14.63 47.41 9.19
C TRP E 78 14.19 46.12 9.83
N SER E 79 13.33 46.23 10.87
CA SER E 79 12.75 45.13 11.63
C SER E 79 11.45 44.64 10.99
N TYR E 80 10.76 45.57 10.34
CA TYR E 80 9.53 45.33 9.58
C TYR E 80 9.33 46.49 8.59
N ILE E 81 8.25 46.44 7.79
CA ILE E 81 7.90 47.49 6.85
C ILE E 81 6.53 48.11 7.22
N VAL E 82 6.49 49.46 7.31
CA VAL E 82 5.22 50.17 7.51
C VAL E 82 4.86 50.79 6.18
N GLU E 83 3.60 50.57 5.77
CA GLU E 83 2.99 51.06 4.53
C GLU E 83 1.62 51.59 4.98
N THR E 84 1.26 52.85 4.64
CA THR E 84 -0.03 53.47 5.04
C THR E 84 -1.21 52.98 4.17
N PRO E 85 -2.44 52.78 4.72
CA PRO E 85 -3.56 52.26 3.88
C PRO E 85 -3.87 53.04 2.61
N SER E 86 -3.46 54.30 2.57
CA SER E 86 -3.63 55.27 1.47
C SER E 86 -2.41 55.35 0.53
N SER E 87 -1.45 54.40 0.65
CA SER E 87 -0.24 54.33 -0.18
C SER E 87 -0.60 53.97 -1.63
N ASP E 88 -0.71 55.00 -2.47
CA ASP E 88 -1.08 54.86 -3.88
C ASP E 88 0.12 54.61 -4.81
N ASN E 89 1.26 55.26 -4.51
CA ASN E 89 2.46 55.30 -5.35
C ASN E 89 3.26 54.02 -5.53
N GLY E 90 2.85 53.25 -6.53
CA GLY E 90 3.40 51.95 -6.88
C GLY E 90 3.91 51.92 -8.29
N THR E 91 3.33 51.06 -9.12
CA THR E 91 3.76 50.95 -10.52
C THR E 91 3.08 52.04 -11.34
N CYS E 92 3.74 53.21 -11.49
CA CYS E 92 3.17 54.35 -12.20
C CYS E 92 2.78 54.08 -13.65
N TYR E 93 3.60 53.30 -14.39
CA TYR E 93 3.33 52.81 -15.72
C TYR E 93 2.62 51.47 -15.50
N PRO E 94 1.42 51.21 -16.05
CA PRO E 94 0.72 49.97 -15.71
C PRO E 94 1.36 48.68 -16.16
N GLY E 95 1.13 47.64 -15.35
CA GLY E 95 1.62 46.30 -15.61
C GLY E 95 1.75 45.42 -14.38
N ASP E 96 2.23 44.20 -14.61
CA ASP E 96 2.40 43.16 -13.60
C ASP E 96 3.77 43.17 -12.97
N PHE E 97 3.79 43.11 -11.65
CA PHE E 97 5.02 43.02 -10.85
C PHE E 97 5.10 41.54 -10.52
N ILE E 98 5.90 40.80 -11.27
CA ILE E 98 6.03 39.35 -11.13
C ILE E 98 6.61 38.97 -9.80
N ASP E 99 5.87 38.08 -9.06
CA ASP E 99 6.19 37.59 -7.74
C ASP E 99 6.30 38.75 -6.79
N TYR E 100 5.31 39.64 -6.89
CA TYR E 100 5.26 40.83 -6.04
C TYR E 100 5.15 40.52 -4.55
N GLU E 101 4.19 39.68 -4.13
CA GLU E 101 4.04 39.39 -2.68
C GLU E 101 5.22 38.62 -2.13
N GLU E 102 5.92 37.85 -3.01
CA GLU E 102 7.16 37.15 -2.65
C GLU E 102 8.25 38.15 -2.40
N LEU E 103 8.38 39.19 -3.24
CA LEU E 103 9.38 40.22 -3.02
C LEU E 103 9.13 40.93 -1.71
N ARG E 104 7.86 41.37 -1.49
CA ARG E 104 7.36 42.05 -0.29
C ARG E 104 7.80 41.36 0.98
N GLU E 105 7.54 40.03 1.07
CA GLU E 105 7.97 39.19 2.20
C GLU E 105 9.49 39.16 2.35
N GLN E 106 10.25 38.99 1.23
CA GLN E 106 11.73 38.91 1.28
C GLN E 106 12.35 40.21 1.72
N LEU E 107 11.68 41.34 1.46
CA LEU E 107 12.13 42.68 1.86
C LEU E 107 11.58 43.06 3.22
N SER E 108 10.58 42.33 3.74
CA SER E 108 9.92 42.62 5.02
C SER E 108 10.88 43.03 6.12
N SER E 109 11.97 42.29 6.30
CA SER E 109 12.99 42.66 7.28
C SER E 109 14.31 42.35 6.70
N VAL E 110 15.23 43.30 6.75
CA VAL E 110 16.52 43.14 6.11
C VAL E 110 17.62 43.49 7.11
N SER E 111 18.63 42.60 7.24
CA SER E 111 19.78 42.74 8.13
C SER E 111 20.78 43.79 7.65
N SER E 112 20.84 44.02 6.33
CA SER E 112 21.71 44.98 5.66
C SER E 112 21.10 45.18 4.29
N PHE E 113 20.95 46.44 3.84
CA PHE E 113 20.32 46.83 2.55
C PHE E 113 21.09 48.03 1.99
N GLU E 114 21.55 47.94 0.74
CA GLU E 114 22.37 49.00 0.18
C GLU E 114 22.25 49.17 -1.31
N ARG E 115 21.74 50.33 -1.74
CA ARG E 115 21.63 50.68 -3.15
C ARG E 115 23.00 51.07 -3.73
N PHE E 116 23.27 50.56 -4.95
CA PHE E 116 24.48 50.83 -5.73
C PHE E 116 24.08 50.86 -7.23
N GLU E 117 24.81 51.66 -8.05
CA GLU E 117 24.57 51.82 -9.50
C GLU E 117 25.22 50.68 -10.23
N ILE E 118 24.46 49.61 -10.41
CA ILE E 118 24.86 48.36 -11.05
C ILE E 118 25.39 48.57 -12.45
N PHE E 119 24.64 49.35 -13.28
CA PHE E 119 24.90 49.72 -14.66
C PHE E 119 24.85 51.26 -14.71
N PRO E 120 25.96 51.95 -14.38
CA PRO E 120 25.92 53.42 -14.35
C PRO E 120 25.43 54.10 -15.62
N LYS E 121 24.39 54.94 -15.47
CA LYS E 121 23.73 55.70 -16.55
C LYS E 121 24.68 56.36 -17.63
N THR E 122 25.80 56.96 -17.20
CA THR E 122 26.73 57.69 -18.09
C THR E 122 27.64 56.87 -19.02
N SER E 123 27.95 55.63 -18.64
CA SER E 123 28.92 54.84 -19.39
C SER E 123 28.42 53.52 -19.93
N SER E 124 27.30 53.01 -19.40
CA SER E 124 26.76 51.69 -19.72
C SER E 124 26.14 51.48 -21.09
N TRP E 125 25.50 52.55 -21.65
CA TRP E 125 24.76 52.49 -22.92
C TRP E 125 25.22 53.53 -23.94
N PRO E 126 26.42 53.38 -24.55
CA PRO E 126 26.87 54.38 -25.55
C PRO E 126 26.12 54.33 -26.87
N ASN E 127 25.34 53.25 -27.08
CA ASN E 127 24.61 52.97 -28.33
C ASN E 127 23.07 53.10 -28.24
N HIS E 128 22.56 53.45 -27.07
CA HIS E 128 21.12 53.56 -26.86
C HIS E 128 20.83 54.81 -26.04
N ASP E 129 19.59 55.32 -26.15
CA ASP E 129 19.16 56.53 -25.45
C ASP E 129 18.73 56.24 -24.02
N SER E 130 19.53 56.74 -23.06
CA SER E 130 19.25 56.63 -21.62
C SER E 130 18.44 57.85 -21.12
N ASN E 131 18.55 59.02 -21.84
CA ASN E 131 17.88 60.30 -21.53
C ASN E 131 16.38 60.21 -21.76
N LYS E 132 15.96 59.75 -22.97
CA LYS E 132 14.56 59.49 -23.31
C LYS E 132 14.16 58.21 -22.57
N GLY E 133 12.88 58.09 -22.30
CA GLY E 133 12.38 56.96 -21.52
C GLY E 133 11.69 57.47 -20.28
N VAL E 134 11.01 58.59 -20.47
CA VAL E 134 10.20 59.34 -19.54
C VAL E 134 8.77 59.25 -20.05
N THR E 135 7.80 59.29 -19.13
CA THR E 135 6.39 59.11 -19.44
C THR E 135 5.51 60.03 -18.61
N ALA E 136 4.31 60.34 -19.14
CA ALA E 136 3.27 61.13 -18.49
C ALA E 136 2.69 60.31 -17.33
N ALA E 137 2.74 58.96 -17.47
CA ALA E 137 2.28 57.98 -16.50
C ALA E 137 3.05 58.09 -15.19
N CYS E 138 4.36 58.42 -15.26
CA CYS E 138 5.21 58.62 -14.09
C CYS E 138 5.56 60.11 -14.01
N PRO E 139 4.66 61.00 -13.56
CA PRO E 139 5.06 62.40 -13.50
C PRO E 139 5.86 62.73 -12.25
N HIS E 140 6.59 63.84 -12.30
CA HIS E 140 7.35 64.37 -11.17
C HIS E 140 7.47 65.84 -11.33
N ALA E 141 6.98 66.60 -10.33
CA ALA E 141 6.97 68.07 -10.31
C ALA E 141 6.47 68.63 -11.67
N GLY E 142 5.36 68.05 -12.14
CA GLY E 142 4.66 68.38 -13.37
C GLY E 142 5.40 68.11 -14.67
N ALA E 143 6.12 66.96 -14.76
CA ALA E 143 6.87 66.60 -15.98
C ALA E 143 7.03 65.11 -16.20
N LYS E 144 7.20 64.70 -17.48
CA LYS E 144 7.43 63.31 -17.87
C LYS E 144 8.69 62.80 -17.16
N SER E 145 8.51 61.77 -16.35
CA SER E 145 9.56 61.16 -15.56
C SER E 145 9.42 59.61 -15.66
N PHE E 146 10.19 58.90 -14.82
CA PHE E 146 10.20 57.45 -14.75
C PHE E 146 10.75 56.99 -13.38
N TYR E 147 10.83 55.68 -13.19
CA TYR E 147 11.41 55.02 -12.03
C TYR E 147 12.90 55.44 -11.89
N LYS E 148 13.35 55.76 -10.68
CA LYS E 148 14.75 56.13 -10.40
C LYS E 148 15.74 54.98 -10.60
N ASN E 149 15.35 53.77 -10.18
CA ASN E 149 16.23 52.61 -10.21
C ASN E 149 16.30 51.89 -11.55
N LEU E 150 15.60 52.45 -12.57
CA LEU E 150 15.52 51.88 -13.93
C LEU E 150 15.65 52.89 -15.05
N ILE E 151 16.22 52.47 -16.17
CA ILE E 151 16.30 53.31 -17.37
C ILE E 151 15.47 52.67 -18.46
N TRP E 152 14.54 53.45 -19.03
CA TRP E 152 13.76 52.97 -20.15
C TRP E 152 14.62 53.27 -21.37
N LEU E 153 15.52 52.32 -21.73
CA LEU E 153 16.40 52.49 -22.90
C LEU E 153 15.57 52.53 -24.14
N VAL E 154 16.01 53.35 -25.09
CA VAL E 154 15.26 53.57 -26.29
C VAL E 154 16.22 53.73 -27.46
N LYS E 155 15.73 53.61 -28.72
CA LYS E 155 16.56 53.73 -29.92
C LYS E 155 17.39 55.01 -30.04
N LYS E 156 18.64 54.86 -30.47
CA LYS E 156 19.54 55.97 -30.71
C LYS E 156 19.54 56.30 -32.20
N GLY E 157 18.75 57.32 -32.55
CA GLY E 157 18.58 57.85 -33.89
C GLY E 157 18.33 56.81 -34.96
N ASN E 158 17.12 56.18 -34.93
CA ASN E 158 16.69 55.15 -35.91
C ASN E 158 17.50 53.83 -35.79
N SER E 159 18.30 53.71 -34.74
CA SER E 159 19.07 52.50 -34.50
C SER E 159 18.86 52.00 -33.07
N TYR E 160 18.78 50.68 -32.93
CA TYR E 160 18.72 50.00 -31.65
C TYR E 160 19.55 48.74 -31.85
N PRO E 161 20.88 48.81 -31.59
CA PRO E 161 21.69 47.59 -31.71
C PRO E 161 21.38 46.58 -30.59
N LYS E 162 21.81 45.32 -30.78
CA LYS E 162 21.67 44.27 -29.80
C LYS E 162 22.46 44.71 -28.55
N LEU E 163 21.81 44.66 -27.36
CA LEU E 163 22.58 44.99 -26.19
C LEU E 163 22.92 43.77 -25.43
N SER E 164 24.16 43.73 -24.98
CA SER E 164 24.67 42.68 -24.12
C SER E 164 25.34 43.37 -22.91
N LYS E 165 24.79 43.14 -21.74
CA LYS E 165 25.32 43.77 -20.55
C LYS E 165 25.29 42.76 -19.44
N SER E 166 26.41 42.57 -18.81
CA SER E 166 26.50 41.61 -17.73
C SER E 166 27.11 42.26 -16.45
N TYR E 167 26.83 41.66 -15.29
CA TYR E 167 27.33 42.18 -14.01
C TYR E 167 27.71 41.04 -13.10
N ILE E 168 28.97 41.03 -12.59
CA ILE E 168 29.45 40.01 -11.63
C ILE E 168 29.36 40.54 -10.18
N ASN E 169 28.52 39.89 -9.35
CA ASN E 169 28.34 40.25 -7.93
C ASN E 169 29.65 40.23 -7.12
N ASP E 170 30.40 41.37 -7.14
CA ASP E 170 31.67 41.60 -6.43
C ASP E 170 31.42 41.84 -4.94
N LYS E 171 30.14 42.04 -4.56
CA LYS E 171 29.76 42.22 -3.16
C LYS E 171 29.83 40.82 -2.54
N GLY E 172 29.78 40.74 -1.22
CA GLY E 172 29.89 39.44 -0.58
C GLY E 172 28.60 39.03 0.04
N LYS E 173 27.54 39.54 -0.52
CA LYS E 173 26.17 39.35 -0.12
C LYS E 173 25.27 39.39 -1.37
N GLU E 174 24.07 38.79 -1.28
CA GLU E 174 23.09 38.75 -2.39
C GLU E 174 22.81 40.13 -2.90
N VAL E 175 22.55 40.23 -4.19
CA VAL E 175 22.17 41.49 -4.80
C VAL E 175 20.80 41.29 -5.42
N LEU E 176 19.84 42.16 -5.08
CA LEU E 176 18.51 42.12 -5.69
C LEU E 176 18.53 43.00 -6.93
N VAL E 177 18.22 42.39 -8.08
CA VAL E 177 18.20 43.11 -9.34
C VAL E 177 16.79 43.20 -9.81
N LEU E 178 16.37 44.38 -10.35
CA LEU E 178 15.04 44.57 -10.93
C LEU E 178 15.14 45.04 -12.37
N TRP E 179 14.19 44.64 -13.22
CA TRP E 179 14.14 45.11 -14.62
C TRP E 179 12.71 45.10 -15.07
N GLY E 180 12.47 45.66 -16.24
CA GLY E 180 11.14 45.75 -16.81
C GLY E 180 11.10 45.37 -18.26
N ILE E 181 9.96 44.81 -18.67
CA ILE E 181 9.77 44.50 -20.08
C ILE E 181 8.64 45.37 -20.55
N HIS E 182 8.94 46.25 -21.49
CA HIS E 182 7.90 47.12 -22.00
C HIS E 182 7.17 46.40 -23.12
N HIS E 183 5.83 46.46 -23.08
CA HIS E 183 4.96 45.88 -24.07
C HIS E 183 4.20 47.05 -24.68
N PRO E 184 4.63 47.54 -25.88
CA PRO E 184 3.96 48.70 -26.50
C PRO E 184 2.57 48.38 -27.01
N SER E 185 1.71 49.41 -27.18
CA SER E 185 0.35 49.23 -27.68
C SER E 185 0.26 48.97 -29.18
N THR E 186 1.02 49.71 -30.01
CA THR E 186 1.01 49.58 -31.47
C THR E 186 2.34 49.10 -32.00
N SER E 187 2.40 48.71 -33.27
CA SER E 187 3.60 48.33 -34.02
C SER E 187 4.38 49.62 -34.37
N ALA E 188 3.64 50.76 -34.35
CA ALA E 188 4.12 52.12 -34.56
C ALA E 188 4.93 52.50 -33.34
N ASP E 189 4.42 52.13 -32.14
CA ASP E 189 5.04 52.35 -30.81
C ASP E 189 6.31 51.54 -30.67
N GLN E 190 6.28 50.30 -31.17
CA GLN E 190 7.41 49.40 -31.16
C GLN E 190 8.53 49.95 -32.06
N GLN E 191 8.18 50.59 -33.18
CA GLN E 191 9.14 51.19 -34.08
C GLN E 191 9.62 52.53 -33.51
N SER E 192 8.67 53.40 -33.11
CA SER E 192 8.98 54.71 -32.55
C SER E 192 9.98 54.61 -31.39
N LEU E 193 9.82 53.62 -30.50
CA LEU E 193 10.70 53.45 -29.35
C LEU E 193 11.92 52.58 -29.64
N TYR E 194 11.75 51.46 -30.35
CA TYR E 194 12.81 50.47 -30.52
C TYR E 194 13.26 50.15 -31.95
N GLN E 195 12.63 50.78 -32.98
CA GLN E 195 12.89 50.58 -34.41
C GLN E 195 12.69 49.13 -34.87
N ASN E 196 13.32 48.17 -34.18
CA ASN E 196 13.50 46.75 -34.46
C ASN E 196 12.31 45.87 -34.78
N ALA E 197 11.13 46.17 -34.22
CA ALA E 197 9.88 45.45 -34.53
C ALA E 197 9.72 43.98 -34.07
N ASP E 198 10.71 43.10 -34.31
CA ASP E 198 10.65 41.71 -33.82
C ASP E 198 11.70 41.53 -32.73
N THR E 199 11.41 42.06 -31.58
CA THR E 199 12.37 42.01 -30.51
C THR E 199 12.19 40.84 -29.50
N TYR E 200 13.21 40.65 -28.63
CA TYR E 200 13.27 39.76 -27.48
C TYR E 200 14.14 40.45 -26.43
N VAL E 201 14.08 39.93 -25.19
CA VAL E 201 14.87 40.33 -24.04
C VAL E 201 15.25 39.04 -23.40
N PHE E 202 16.54 38.86 -23.18
CA PHE E 202 17.03 37.69 -22.49
C PHE E 202 17.77 38.08 -21.20
N VAL E 203 17.38 37.46 -20.07
CA VAL E 203 18.01 37.71 -18.76
C VAL E 203 18.42 36.37 -18.13
N GLY E 204 19.69 36.27 -17.72
CA GLY E 204 20.26 35.06 -17.12
C GLY E 204 21.26 35.31 -16.01
N SER E 205 21.33 34.37 -15.06
CA SER E 205 22.27 34.29 -13.93
C SER E 205 22.62 32.78 -13.81
N SER E 206 23.17 32.33 -12.69
CA SER E 206 23.43 30.89 -12.53
C SER E 206 22.14 30.13 -12.20
N ARG E 207 21.17 30.82 -11.60
CA ARG E 207 19.90 30.27 -11.15
C ARG E 207 18.70 30.71 -11.99
N TYR E 208 18.85 31.84 -12.69
CA TYR E 208 17.81 32.48 -13.48
C TYR E 208 18.13 32.44 -14.98
N SER E 209 17.07 32.36 -15.78
CA SER E 209 17.12 32.35 -17.25
C SER E 209 15.73 32.54 -17.73
N LYS E 210 15.51 33.54 -18.57
CA LYS E 210 14.22 33.86 -19.20
C LYS E 210 14.42 34.66 -20.47
N LYS E 211 13.71 34.26 -21.51
CA LYS E 211 13.64 35.02 -22.76
C LYS E 211 12.26 35.64 -22.74
N PHE E 212 12.21 36.95 -22.90
CA PHE E 212 10.99 37.74 -22.93
C PHE E 212 10.70 38.15 -24.35
N LYS E 213 9.42 38.18 -24.72
CA LYS E 213 8.97 38.59 -26.04
C LYS E 213 7.85 39.59 -25.85
N PRO E 214 7.98 40.80 -26.42
CA PRO E 214 6.91 41.79 -26.27
C PRO E 214 5.59 41.31 -26.81
N GLU E 215 4.55 41.59 -26.05
CA GLU E 215 3.17 41.28 -26.38
C GLU E 215 2.63 42.63 -26.86
N ILE E 216 2.54 42.84 -28.21
CA ILE E 216 2.05 44.10 -28.78
C ILE E 216 0.52 44.07 -28.93
N ALA E 217 -0.19 44.97 -28.22
CA ALA E 217 -1.67 45.07 -28.24
C ALA E 217 -2.17 46.34 -27.51
N ILE E 218 -3.43 46.73 -27.77
CA ILE E 218 -4.09 47.87 -27.13
C ILE E 218 -4.83 47.31 -25.90
N ARG E 219 -4.35 47.67 -24.71
CA ARG E 219 -4.99 47.26 -23.46
C ARG E 219 -5.87 48.43 -23.14
N PRO E 220 -6.88 48.28 -22.25
CA PRO E 220 -7.65 49.48 -21.83
C PRO E 220 -6.69 50.49 -21.17
N LYS E 221 -6.86 51.78 -21.52
CA LYS E 221 -6.05 52.91 -21.06
C LYS E 221 -6.07 53.12 -19.52
N VAL E 222 -4.93 52.77 -18.85
CA VAL E 222 -4.69 52.94 -17.40
C VAL E 222 -3.61 54.02 -17.28
N ARG E 223 -3.86 55.08 -16.46
CA ARG E 223 -2.94 56.21 -16.25
C ARG E 223 -2.38 56.71 -17.61
N ASP E 224 -3.29 56.96 -18.58
CA ASP E 224 -3.04 57.44 -19.96
C ASP E 224 -2.26 56.44 -20.83
N GLN E 225 -2.15 55.16 -20.39
CA GLN E 225 -1.37 54.12 -21.09
C GLN E 225 -2.15 52.93 -21.63
N GLU E 226 -2.00 52.71 -22.94
CA GLU E 226 -2.62 51.61 -23.67
C GLU E 226 -1.67 50.40 -23.69
N GLY E 227 -0.36 50.64 -23.49
CA GLY E 227 0.66 49.60 -23.40
C GLY E 227 0.89 49.18 -21.96
N ARG E 228 1.66 48.09 -21.74
CA ARG E 228 1.98 47.60 -20.39
C ARG E 228 3.51 47.39 -20.14
N MET E 229 3.90 47.45 -18.86
CA MET E 229 5.26 47.22 -18.40
C MET E 229 5.23 46.15 -17.33
N ASN E 230 5.99 45.08 -17.53
CA ASN E 230 6.03 44.04 -16.52
C ASN E 230 7.31 44.16 -15.72
N TYR E 231 7.24 43.90 -14.39
CA TYR E 231 8.34 44.06 -13.46
C TYR E 231 8.79 42.72 -12.92
N TYR E 232 10.10 42.45 -13.06
CA TYR E 232 10.77 41.22 -12.67
C TYR E 232 11.95 41.52 -11.79
N TRP E 233 12.29 40.57 -10.94
CA TRP E 233 13.39 40.72 -10.01
C TRP E 233 13.98 39.39 -9.76
N THR E 234 15.22 39.37 -9.29
CA THR E 234 15.94 38.18 -8.91
C THR E 234 17.00 38.56 -7.91
N LEU E 235 17.45 37.57 -7.12
CA LEU E 235 18.49 37.73 -6.12
C LEU E 235 19.71 37.00 -6.69
N VAL E 236 20.69 37.78 -7.13
CA VAL E 236 21.96 37.25 -7.65
C VAL E 236 22.87 36.85 -6.44
N GLU E 237 23.39 35.61 -6.44
CA GLU E 237 24.27 35.16 -5.34
C GLU E 237 25.65 35.80 -5.42
N PRO E 238 26.38 35.84 -4.30
CA PRO E 238 27.75 36.41 -4.32
C PRO E 238 28.72 36.07 -5.50
N GLY E 239 29.01 34.79 -5.73
CA GLY E 239 29.93 34.47 -6.83
C GLY E 239 29.43 34.83 -8.23
N ASP E 240 28.12 34.81 -8.37
CA ASP E 240 27.32 35.00 -9.54
C ASP E 240 27.42 36.27 -10.38
N LYS E 241 27.00 36.11 -11.64
CA LYS E 241 26.97 37.07 -12.72
C LYS E 241 25.57 37.09 -13.29
N ILE E 242 24.97 38.29 -13.52
CA ILE E 242 23.66 38.49 -14.20
C ILE E 242 23.86 39.18 -15.56
N THR E 243 23.36 38.56 -16.62
CA THR E 243 23.49 39.08 -17.96
C THR E 243 22.16 39.51 -18.60
N PHE E 244 22.18 40.64 -19.28
CA PHE E 244 21.07 41.21 -20.02
C PHE E 244 21.40 41.23 -21.51
N GLU E 245 20.45 40.74 -22.31
CA GLU E 245 20.54 40.74 -23.76
C GLU E 245 19.22 41.25 -24.29
N ALA E 246 19.24 42.16 -25.26
CA ALA E 246 17.99 42.71 -25.84
C ALA E 246 18.15 43.36 -27.18
N THR E 247 17.08 43.25 -28.01
CA THR E 247 16.99 43.94 -29.32
C THR E 247 15.98 45.11 -29.23
N GLY E 248 15.35 45.24 -28.06
CA GLY E 248 14.42 46.29 -27.72
C GLY E 248 13.67 45.92 -26.46
N ASN E 249 12.76 46.79 -26.02
CA ASN E 249 11.79 46.63 -24.93
C ASN E 249 12.32 46.41 -23.52
N LEU E 250 13.63 46.52 -23.33
CA LEU E 250 14.21 46.31 -22.01
C LEU E 250 14.26 47.60 -21.20
N VAL E 251 13.76 47.49 -19.96
CA VAL E 251 13.76 48.59 -19.00
C VAL E 251 14.83 48.16 -18.05
N VAL E 252 16.01 48.60 -18.37
CA VAL E 252 17.27 48.26 -17.75
C VAL E 252 17.44 48.65 -16.29
N PRO E 253 18.18 47.82 -15.51
CA PRO E 253 18.49 48.20 -14.12
C PRO E 253 19.50 49.34 -14.14
N ARG E 254 19.41 50.23 -13.17
CA ARG E 254 20.35 51.35 -13.01
C ARG E 254 20.88 51.20 -11.61
N TYR E 255 19.96 51.02 -10.66
CA TYR E 255 20.27 50.79 -9.27
C TYR E 255 19.84 49.40 -8.83
N ALA E 256 20.72 48.70 -8.15
CA ALA E 256 20.42 47.37 -7.60
C ALA E 256 20.73 47.42 -6.12
N PHE E 257 20.36 46.36 -5.38
CA PHE E 257 20.50 46.37 -3.93
C PHE E 257 21.12 45.13 -3.32
N ALA E 258 22.25 45.32 -2.63
CA ALA E 258 22.94 44.27 -1.90
C ALA E 258 22.22 44.11 -0.58
N MET E 259 21.92 42.86 -0.19
CA MET E 259 21.23 42.60 1.06
C MET E 259 21.59 41.30 1.72
N GLU E 260 21.17 41.19 2.97
CA GLU E 260 21.22 40.02 3.83
C GLU E 260 19.78 39.98 4.32
N ARG E 261 19.07 38.91 3.95
CA ARG E 261 17.67 38.75 4.31
C ARG E 261 17.60 38.29 5.75
N ASN E 262 16.95 39.11 6.60
CA ASN E 262 16.76 38.90 8.04
C ASN E 262 15.63 37.97 8.30
N ALA E 263 15.90 36.96 9.15
CA ALA E 263 15.08 35.87 9.69
C ALA E 263 13.55 36.01 9.62
N GLY E 264 13.06 36.42 8.45
CA GLY E 264 11.64 36.61 8.13
C GLY E 264 10.81 37.48 9.05
N SER E 265 10.23 38.59 8.52
CA SER E 265 9.32 39.43 9.32
C SER E 265 8.00 39.74 8.58
N GLY E 266 7.47 40.94 8.74
CA GLY E 266 6.21 41.28 8.10
C GLY E 266 6.03 42.74 7.77
N ILE E 267 4.86 43.06 7.15
CA ILE E 267 4.45 44.40 6.75
C ILE E 267 3.22 44.82 7.49
N ILE E 268 3.25 45.99 8.13
CA ILE E 268 2.11 46.57 8.80
C ILE E 268 1.55 47.65 7.92
N ILE E 269 0.25 47.54 7.61
CA ILE E 269 -0.45 48.54 6.83
C ILE E 269 -1.24 49.39 7.84
N SER E 270 -0.62 50.50 8.32
CA SER E 270 -1.22 51.34 9.37
C SER E 270 -0.96 52.84 9.26
N ASP E 271 -1.97 53.63 9.69
CA ASP E 271 -1.90 55.08 9.78
C ASP E 271 -1.35 55.53 11.16
N THR E 272 -1.03 54.55 12.05
CA THR E 272 -0.45 54.74 13.37
C THR E 272 0.95 55.35 13.17
N PRO E 273 1.27 56.48 13.86
CA PRO E 273 2.58 57.08 13.65
C PRO E 273 3.72 56.30 14.29
N VAL E 274 4.84 56.26 13.55
CA VAL E 274 6.10 55.65 13.94
C VAL E 274 6.78 56.54 14.98
N HIS E 275 7.31 55.94 16.06
CA HIS E 275 7.91 56.68 17.18
C HIS E 275 9.22 56.02 17.62
N ASP E 276 10.05 56.77 18.38
CA ASP E 276 11.29 56.21 18.92
C ASP E 276 11.01 55.48 20.26
N CYS E 277 10.13 54.45 20.20
CA CYS E 277 9.80 53.54 21.32
C CYS E 277 10.41 52.18 20.92
N ASN E 278 10.55 51.26 21.88
CA ASN E 278 11.04 49.92 21.57
C ASN E 278 10.00 48.95 22.08
N THR E 279 9.83 47.81 21.37
CA THR E 279 8.95 46.72 21.77
C THR E 279 9.47 45.39 21.41
N THR E 280 8.80 44.39 21.99
CA THR E 280 8.95 42.96 21.78
C THR E 280 7.73 42.50 20.96
N CYS E 281 6.67 43.30 21.00
CA CYS E 281 5.45 43.03 20.28
C CYS E 281 4.86 44.28 19.65
N GLN E 282 4.64 44.19 18.34
CA GLN E 282 4.07 45.23 17.53
C GLN E 282 2.78 44.71 16.91
N THR E 283 1.75 45.56 16.95
CA THR E 283 0.41 45.37 16.40
C THR E 283 0.17 46.55 15.41
N PRO E 284 -0.64 46.43 14.33
CA PRO E 284 -0.89 47.61 13.49
C PRO E 284 -1.38 48.86 14.24
N LYS E 285 -2.17 48.68 15.29
CA LYS E 285 -2.78 49.69 16.21
C LYS E 285 -1.76 50.39 17.14
N GLY E 286 -0.60 49.78 17.32
CA GLY E 286 0.40 50.22 18.28
C GLY E 286 0.98 49.06 19.04
N ALA E 287 2.03 49.29 19.78
CA ALA E 287 2.78 48.24 20.48
C ALA E 287 2.25 47.77 21.85
N ILE E 288 2.45 46.48 22.17
CA ILE E 288 2.01 45.88 23.45
C ILE E 288 3.14 45.28 24.29
N ASN E 289 2.87 45.14 25.60
CA ASN E 289 3.79 44.52 26.55
C ASN E 289 3.60 43.01 26.54
N THR E 290 4.70 42.28 26.37
CA THR E 290 4.71 40.82 26.33
C THR E 290 4.86 40.29 27.75
N SER E 291 4.40 41.11 28.71
CA SER E 291 4.43 40.86 30.14
C SER E 291 3.44 39.76 30.50
N LEU E 292 2.22 39.82 29.90
CA LEU E 292 1.10 38.90 30.18
C LEU E 292 0.95 37.83 29.12
N PRO E 293 0.43 36.62 29.48
CA PRO E 293 0.32 35.55 28.48
C PRO E 293 -0.69 35.78 27.35
N PHE E 294 -1.79 36.49 27.64
CA PHE E 294 -2.84 36.70 26.62
C PHE E 294 -3.03 38.15 26.27
N GLN E 295 -3.53 38.40 25.05
CA GLN E 295 -3.77 39.75 24.54
C GLN E 295 -5.05 39.76 23.68
N ASN E 296 -5.87 40.87 23.77
CA ASN E 296 -7.13 41.04 22.99
C ASN E 296 -7.05 42.26 22.07
N ILE E 297 -5.82 42.73 21.85
CA ILE E 297 -5.57 43.90 21.02
C ILE E 297 -5.77 43.64 19.53
N HIS E 298 -4.94 42.80 18.95
CA HIS E 298 -4.97 42.54 17.52
C HIS E 298 -4.48 41.15 17.23
N PRO E 299 -5.13 40.43 16.30
CA PRO E 299 -4.65 39.09 15.92
C PRO E 299 -3.36 39.07 15.08
N ILE E 300 -3.09 40.13 14.31
CA ILE E 300 -1.87 40.24 13.47
C ILE E 300 -0.77 40.96 14.22
N THR E 301 0.23 40.24 14.68
CA THR E 301 1.30 40.86 15.43
C THR E 301 2.67 40.46 14.93
N ILE E 302 3.69 41.29 15.24
CA ILE E 302 5.09 41.00 14.91
C ILE E 302 5.85 41.08 16.22
N GLY E 303 6.66 40.06 16.48
CA GLY E 303 7.47 39.95 17.67
C GLY E 303 7.21 38.69 18.45
N LYS E 304 7.70 38.67 19.71
CA LYS E 304 7.45 37.61 20.70
C LYS E 304 6.23 38.17 21.44
N CYS E 305 5.05 37.68 21.10
CA CYS E 305 3.79 38.26 21.55
C CYS E 305 2.94 37.40 22.47
N PRO E 306 2.04 38.02 23.29
CA PRO E 306 1.03 37.21 23.99
C PRO E 306 0.09 36.59 22.94
N LYS E 307 -0.62 35.54 23.31
CA LYS E 307 -1.52 34.87 22.37
C LYS E 307 -2.79 35.67 22.16
N TYR E 308 -3.22 35.90 20.89
CA TYR E 308 -4.46 36.65 20.63
C TYR E 308 -5.67 35.96 21.21
N VAL E 309 -6.57 36.73 21.85
CA VAL E 309 -7.74 36.19 22.50
C VAL E 309 -9.03 37.05 22.30
N LYS E 310 -10.19 36.39 22.06
CA LYS E 310 -11.51 37.05 21.90
C LYS E 310 -12.06 37.67 23.24
N SER E 311 -11.66 37.11 24.41
CA SER E 311 -12.05 37.56 25.77
C SER E 311 -11.88 39.04 26.01
N THR E 312 -12.77 39.64 26.79
CA THR E 312 -12.66 41.06 27.13
C THR E 312 -12.02 41.24 28.51
N LYS E 313 -11.99 40.16 29.34
CA LYS E 313 -11.41 40.09 30.69
C LYS E 313 -10.99 38.66 31.10
N LEU E 314 -9.78 38.54 31.66
CA LEU E 314 -9.22 37.28 32.13
C LEU E 314 -8.53 37.52 33.43
N ARG E 315 -9.25 37.89 34.51
CA ARG E 315 -8.58 38.10 35.80
C ARG E 315 -8.68 36.95 36.77
N LEU E 316 -7.50 36.48 37.14
CA LEU E 316 -7.28 35.34 38.00
C LEU E 316 -7.30 35.74 39.45
N ALA E 317 -8.14 35.08 40.25
CA ALA E 317 -8.24 35.32 41.69
C ALA E 317 -6.93 34.91 42.36
N THR E 318 -6.51 35.70 43.35
CA THR E 318 -5.28 35.52 44.13
C THR E 318 -5.63 35.60 45.61
N GLY E 319 -6.49 36.54 45.98
CA GLY E 319 -6.98 36.68 47.36
C GLY E 319 -8.14 35.74 47.61
N LEU E 320 -8.98 36.03 48.58
CA LEU E 320 -10.15 35.18 48.90
C LEU E 320 -11.44 35.90 48.62
N ARG E 321 -12.58 35.23 48.87
CA ARG E 321 -13.89 35.86 48.64
C ARG E 321 -13.99 37.06 49.57
N ASN E 322 -14.52 38.18 49.06
CA ASN E 322 -14.63 39.40 49.85
C ASN E 322 -15.98 39.41 50.54
N ILE E 323 -15.99 39.14 51.86
CA ILE E 323 -17.24 39.13 52.64
C ILE E 323 -17.12 40.27 53.65
N PRO E 324 -17.62 41.49 53.31
CA PRO E 324 -17.47 42.65 54.21
C PRO E 324 -18.11 42.49 55.58
N SER E 325 -19.40 42.08 55.63
CA SER E 325 -20.24 41.90 56.84
C SER E 325 -20.28 43.14 57.74
N GLY F 1 -17.31 26.98 51.89
CA GLY F 1 -17.08 26.75 50.47
C GLY F 1 -16.87 25.26 50.20
N LEU F 2 -15.60 24.82 49.97
CA LEU F 2 -15.24 23.40 49.78
C LEU F 2 -14.86 22.76 51.12
N PHE F 3 -14.11 23.51 51.97
CA PHE F 3 -13.58 23.07 53.26
C PHE F 3 -14.42 23.50 54.46
N GLY F 4 -15.55 24.15 54.18
CA GLY F 4 -16.54 24.55 55.17
C GLY F 4 -16.28 25.80 55.99
N ALA F 5 -15.06 26.35 55.94
CA ALA F 5 -14.66 27.51 56.73
C ALA F 5 -15.18 28.83 56.21
N ILE F 6 -14.54 29.38 55.14
CA ILE F 6 -14.96 30.62 54.50
C ILE F 6 -16.41 30.46 54.08
N ALA F 7 -17.30 31.37 54.55
CA ALA F 7 -18.75 31.36 54.28
C ALA F 7 -19.32 29.97 54.57
N GLY F 8 -19.13 29.56 55.81
CA GLY F 8 -19.58 28.32 56.40
C GLY F 8 -19.71 28.56 57.88
N PHE F 9 -18.90 27.89 58.71
CA PHE F 9 -18.91 28.12 60.15
C PHE F 9 -18.30 29.49 60.47
N ILE F 10 -17.32 29.96 59.67
CA ILE F 10 -16.80 31.32 59.82
C ILE F 10 -17.53 32.17 58.76
N GLU F 11 -18.71 32.67 59.20
CA GLU F 11 -19.77 33.45 58.56
C GLU F 11 -19.30 34.55 57.56
N GLY F 12 -18.32 35.35 57.98
CA GLY F 12 -17.77 36.45 57.20
C GLY F 12 -16.32 36.81 57.51
N GLY F 13 -15.82 37.82 56.80
CA GLY F 13 -14.45 38.33 56.92
C GLY F 13 -14.27 39.56 57.79
N TRP F 14 -13.01 39.84 58.17
CA TRP F 14 -12.69 40.99 59.01
C TRP F 14 -12.00 42.12 58.26
N THR F 15 -12.65 43.29 58.22
CA THR F 15 -12.04 44.44 57.57
C THR F 15 -10.95 45.07 58.46
N GLY F 16 -11.05 44.82 59.77
CA GLY F 16 -10.12 45.28 60.81
C GLY F 16 -8.81 44.50 60.89
N MET F 17 -8.70 43.40 60.13
CA MET F 17 -7.48 42.59 60.09
C MET F 17 -6.74 42.90 58.77
N VAL F 18 -6.13 44.10 58.68
CA VAL F 18 -5.42 44.51 57.45
C VAL F 18 -4.07 43.79 57.24
N ASP F 19 -3.39 43.38 58.32
CA ASP F 19 -2.09 42.72 58.32
C ASP F 19 -1.92 41.39 57.56
N GLY F 20 -3.00 40.70 57.23
CA GLY F 20 -2.91 39.45 56.48
C GLY F 20 -4.21 38.83 56.02
N TRP F 21 -4.12 37.73 55.24
CA TRP F 21 -5.25 36.97 54.74
C TRP F 21 -5.99 36.22 55.85
N TYR F 22 -5.23 35.54 56.74
CA TYR F 22 -5.72 34.72 57.83
C TYR F 22 -5.24 35.21 59.20
N GLY F 23 -6.01 34.93 60.25
CA GLY F 23 -5.60 35.32 61.58
C GLY F 23 -6.55 35.08 62.75
N TYR F 24 -6.42 35.92 63.78
CA TYR F 24 -7.16 35.80 65.02
C TYR F 24 -7.70 37.13 65.51
N HIS F 25 -8.77 37.07 66.32
CA HIS F 25 -9.33 38.20 67.04
C HIS F 25 -9.21 37.89 68.52
N HIS F 26 -8.10 38.34 69.12
CA HIS F 26 -7.85 38.14 70.55
C HIS F 26 -8.74 39.07 71.38
N GLN F 27 -9.32 38.52 72.44
CA GLN F 27 -10.23 39.26 73.32
C GLN F 27 -10.10 38.76 74.74
N ASN F 28 -9.28 39.44 75.57
CA ASN F 28 -9.07 39.03 76.96
C ASN F 28 -9.18 40.15 77.99
N GLU F 29 -8.61 39.94 79.19
CA GLU F 29 -8.63 40.91 80.29
C GLU F 29 -7.82 42.17 80.02
N GLN F 30 -6.78 42.07 79.17
CA GLN F 30 -5.91 43.20 78.83
C GLN F 30 -5.98 43.63 77.36
N GLY F 31 -7.05 44.33 77.00
CA GLY F 31 -7.32 44.82 75.65
C GLY F 31 -7.62 43.75 74.62
N SER F 32 -8.09 44.19 73.43
CA SER F 32 -8.44 43.30 72.33
C SER F 32 -7.98 43.84 70.95
N GLY F 33 -8.18 43.02 69.92
CA GLY F 33 -7.82 43.37 68.54
C GLY F 33 -7.60 42.19 67.62
N TYR F 34 -7.22 42.50 66.37
CA TYR F 34 -6.96 41.52 65.32
C TYR F 34 -5.44 41.38 65.07
N ALA F 35 -4.99 40.18 64.68
CA ALA F 35 -3.59 39.86 64.34
C ALA F 35 -3.56 38.74 63.29
N ALA F 36 -2.68 38.89 62.29
CA ALA F 36 -2.54 37.92 61.20
C ALA F 36 -1.67 36.74 61.59
N ASP F 37 -1.99 35.51 61.10
CA ASP F 37 -1.12 34.39 61.37
C ASP F 37 0.00 34.43 60.36
N LEU F 38 1.16 34.94 60.78
CA LEU F 38 2.36 35.14 59.98
C LEU F 38 2.73 33.96 59.07
N LYS F 39 2.92 32.75 59.67
CA LYS F 39 3.27 31.51 58.96
C LYS F 39 2.30 31.23 57.80
N SER F 40 1.02 30.92 58.15
CA SER F 40 -0.08 30.61 57.23
C SER F 40 -0.33 31.67 56.17
N THR F 41 -0.16 32.97 56.50
CA THR F 41 -0.38 34.06 55.56
C THR F 41 0.77 34.09 54.57
N GLN F 42 2.01 34.31 55.04
CA GLN F 42 3.24 34.33 54.26
C GLN F 42 3.35 33.12 53.31
N ASN F 43 3.13 31.88 53.86
CA ASN F 43 3.15 30.60 53.12
C ASN F 43 2.18 30.66 51.94
N ALA F 44 0.94 31.15 52.20
CA ALA F 44 -0.11 31.31 51.21
C ALA F 44 0.30 32.28 50.14
N ILE F 45 0.80 33.49 50.53
CA ILE F 45 1.28 34.56 49.65
C ILE F 45 2.28 33.94 48.65
N ASP F 46 3.35 33.29 49.17
CA ASP F 46 4.41 32.63 48.41
C ASP F 46 3.86 31.64 47.39
N GLU F 47 2.96 30.75 47.85
CA GLU F 47 2.35 29.73 46.98
C GLU F 47 1.48 30.35 45.88
N ILE F 48 0.63 31.31 46.25
CA ILE F 48 -0.22 32.02 45.29
C ILE F 48 0.67 32.74 44.26
N THR F 49 1.70 33.48 44.72
CA THR F 49 2.64 34.19 43.84
C THR F 49 3.29 33.23 42.85
N ASN F 50 3.49 31.95 43.26
CA ASN F 50 4.06 30.91 42.41
C ASN F 50 3.03 30.50 41.40
N LYS F 51 1.76 30.31 41.83
CA LYS F 51 0.65 29.91 40.96
C LYS F 51 0.47 30.90 39.82
N VAL F 52 0.57 32.19 40.16
CA VAL F 52 0.44 33.30 39.25
C VAL F 52 1.58 33.26 38.20
N ASN F 53 2.80 33.13 38.71
CA ASN F 53 4.01 33.11 37.93
C ASN F 53 4.11 31.92 37.03
N SER F 54 3.54 30.77 37.44
CA SER F 54 3.45 29.58 36.60
C SER F 54 2.58 29.87 35.35
N VAL F 55 1.36 30.46 35.56
CA VAL F 55 0.38 30.78 34.50
C VAL F 55 0.96 31.79 33.46
N ILE F 56 1.61 32.84 33.94
CA ILE F 56 2.24 33.86 33.12
C ILE F 56 3.55 33.33 32.54
N GLU F 57 4.50 32.88 33.37
CA GLU F 57 5.84 32.47 32.89
C GLU F 57 5.99 31.22 32.01
N LYS F 58 5.02 30.27 31.99
CA LYS F 58 5.17 29.08 31.14
C LYS F 58 4.81 29.36 29.64
N MET F 59 4.34 30.58 29.37
CA MET F 59 3.95 31.05 28.05
C MET F 59 5.13 31.14 27.06
N ASN F 60 6.06 32.08 27.25
CA ASN F 60 7.22 32.23 26.35
C ASN F 60 6.96 32.72 24.91
N THR F 61 6.63 31.81 23.95
CA THR F 61 6.38 32.14 22.51
C THR F 61 7.61 32.67 21.76
N GLN F 62 7.77 32.30 20.50
CA GLN F 62 8.90 32.80 19.68
C GLN F 62 8.48 33.87 18.71
N PHE F 63 9.49 34.45 18.00
CA PHE F 63 9.26 35.50 17.02
C PHE F 63 8.46 34.95 15.86
N THR F 64 7.37 35.65 15.55
CA THR F 64 6.44 35.36 14.47
C THR F 64 6.01 36.69 13.87
N ALA F 65 5.62 36.65 12.58
CA ALA F 65 5.10 37.77 11.83
C ALA F 65 3.57 37.71 11.77
N VAL F 66 2.96 36.49 11.81
CA VAL F 66 1.48 36.27 11.73
C VAL F 66 0.91 36.69 10.39
N GLY F 67 1.03 37.99 10.11
CA GLY F 67 0.53 38.62 8.91
C GLY F 67 1.07 38.00 7.64
N LYS F 68 0.17 37.75 6.69
CA LYS F 68 0.49 37.18 5.41
C LYS F 68 -0.27 37.89 4.29
N GLU F 69 0.45 38.26 3.21
CA GLU F 69 -0.13 38.93 2.02
C GLU F 69 -0.25 37.95 0.85
N PHE F 70 -1.47 37.88 0.24
CA PHE F 70 -1.74 37.00 -0.91
C PHE F 70 -2.34 37.80 -2.04
N ASN F 71 -2.16 37.35 -3.33
CA ASN F 71 -2.81 38.02 -4.49
C ASN F 71 -4.25 37.53 -4.67
N HIS F 72 -5.02 38.08 -5.63
CA HIS F 72 -6.42 37.69 -5.91
C HIS F 72 -6.56 36.23 -6.36
N LEU F 73 -5.46 35.63 -6.85
CA LEU F 73 -5.43 34.26 -7.36
C LEU F 73 -4.82 33.30 -6.34
N GLU F 74 -4.84 33.71 -5.07
CA GLU F 74 -4.30 32.92 -3.96
C GLU F 74 -5.28 32.90 -2.80
N LYS F 75 -6.61 33.02 -3.06
CA LYS F 75 -7.65 33.01 -2.03
C LYS F 75 -7.67 31.74 -1.18
N ARG F 76 -7.40 30.57 -1.78
CA ARG F 76 -7.38 29.33 -1.00
C ARG F 76 -6.27 29.42 0.03
N ILE F 77 -5.05 29.86 -0.38
CA ILE F 77 -3.99 30.03 0.63
C ILE F 77 -4.35 31.06 1.67
N GLU F 78 -4.97 32.22 1.23
CA GLU F 78 -5.46 33.29 2.11
C GLU F 78 -6.37 32.69 3.16
N ASN F 79 -7.27 31.80 2.73
CA ASN F 79 -8.19 31.09 3.59
C ASN F 79 -7.56 30.09 4.47
N LEU F 80 -6.46 29.44 4.03
CA LEU F 80 -5.72 28.49 4.87
C LEU F 80 -5.03 29.25 6.01
N ASN F 81 -4.47 30.41 5.69
CA ASN F 81 -3.88 31.29 6.67
C ASN F 81 -4.91 31.72 7.74
N LYS F 82 -6.17 32.05 7.32
CA LYS F 82 -7.26 32.45 8.21
C LYS F 82 -7.66 31.31 9.12
N LYS F 83 -7.81 30.07 8.56
CA LYS F 83 -8.16 28.85 9.33
C LYS F 83 -7.14 28.60 10.46
N VAL F 84 -5.85 28.89 10.20
CA VAL F 84 -4.79 28.71 11.18
C VAL F 84 -4.96 29.72 12.30
N ASP F 85 -5.09 31.03 11.95
CA ASP F 85 -5.24 32.08 12.94
C ASP F 85 -6.47 31.85 13.80
N ASP F 86 -7.62 31.56 13.17
CA ASP F 86 -8.89 31.36 13.91
C ASP F 86 -8.86 30.10 14.74
N GLY F 87 -8.13 29.09 14.27
CA GLY F 87 -7.96 27.82 14.97
C GLY F 87 -7.26 28.03 16.29
N PHE F 88 -6.12 28.73 16.24
CA PHE F 88 -5.35 29.10 17.40
C PHE F 88 -6.15 30.07 18.27
N LEU F 89 -6.96 30.95 17.64
CA LEU F 89 -7.79 31.89 18.39
C LEU F 89 -8.87 31.15 19.18
N ASP F 90 -9.45 30.10 18.59
CA ASP F 90 -10.48 29.26 19.22
C ASP F 90 -9.91 28.46 20.39
N ILE F 91 -8.68 27.96 20.22
CA ILE F 91 -7.94 27.18 21.23
C ILE F 91 -7.57 28.08 22.42
N TRP F 92 -6.78 29.16 22.19
CA TRP F 92 -6.37 30.04 23.27
C TRP F 92 -7.52 30.66 24.05
N THR F 93 -8.52 31.21 23.35
CA THR F 93 -9.69 31.83 23.99
C THR F 93 -10.37 30.88 24.96
N TYR F 94 -10.75 29.67 24.48
CA TYR F 94 -11.43 28.66 25.29
C TYR F 94 -10.54 28.17 26.44
N ASN F 95 -9.24 27.89 26.16
CA ASN F 95 -8.31 27.41 27.17
C ASN F 95 -8.04 28.43 28.27
N ALA F 96 -7.70 29.67 27.89
CA ALA F 96 -7.46 30.77 28.82
C ALA F 96 -8.71 30.99 29.69
N GLU F 97 -9.88 31.06 29.02
CA GLU F 97 -11.16 31.26 29.67
C GLU F 97 -11.46 30.17 30.68
N LEU F 98 -11.21 28.89 30.32
CA LEU F 98 -11.41 27.75 31.19
C LEU F 98 -10.37 27.70 32.28
N LEU F 99 -9.10 28.01 31.96
CA LEU F 99 -7.99 28.03 32.93
C LEU F 99 -8.24 29.06 34.01
N VAL F 100 -8.82 30.21 33.66
CA VAL F 100 -9.16 31.21 34.66
C VAL F 100 -10.34 30.73 35.56
N LEU F 101 -11.44 30.22 34.95
CA LEU F 101 -12.60 29.73 35.71
C LEU F 101 -12.27 28.63 36.71
N LEU F 102 -11.67 27.55 36.20
CA LEU F 102 -11.26 26.36 36.92
C LEU F 102 -10.26 26.69 37.99
N GLU F 103 -9.32 27.59 37.67
CA GLU F 103 -8.27 28.00 38.61
C GLU F 103 -8.65 28.99 39.68
N ASN F 104 -9.67 29.82 39.42
CA ASN F 104 -10.23 30.75 40.43
C ASN F 104 -10.94 29.97 41.51
N GLU F 105 -11.65 28.92 41.09
CA GLU F 105 -12.33 28.02 41.97
C GLU F 105 -11.30 27.26 42.87
N ARG F 106 -10.15 26.79 42.32
CA ARG F 106 -9.12 26.09 43.12
C ARG F 106 -8.39 26.97 44.13
N THR F 107 -8.33 28.26 43.85
CA THR F 107 -7.72 29.25 44.71
C THR F 107 -8.60 29.54 45.89
N LEU F 108 -9.90 29.83 45.68
CA LEU F 108 -10.81 30.12 46.79
C LEU F 108 -10.93 28.95 47.77
N ASP F 109 -10.87 27.70 47.25
CA ASP F 109 -10.89 26.45 48.03
C ASP F 109 -9.62 26.39 48.90
N TYR F 110 -8.46 26.80 48.32
CA TYR F 110 -7.13 26.83 48.95
C TYR F 110 -7.12 27.75 50.15
N HIS F 111 -7.81 28.88 50.05
CA HIS F 111 -7.95 29.83 51.14
C HIS F 111 -8.84 29.17 52.22
N ASP F 112 -9.98 28.57 51.80
CA ASP F 112 -10.92 27.86 52.68
C ASP F 112 -10.15 26.79 53.45
N SER F 113 -9.22 26.11 52.74
CA SER F 113 -8.34 25.07 53.30
C SER F 113 -7.42 25.63 54.39
N ASN F 114 -6.72 26.74 54.13
CA ASN F 114 -5.83 27.33 55.13
C ASN F 114 -6.57 27.81 56.39
N VAL F 115 -7.84 28.27 56.23
CA VAL F 115 -8.68 28.71 57.35
C VAL F 115 -9.14 27.50 58.18
N LYS F 116 -9.67 26.45 57.52
CA LYS F 116 -10.11 25.18 58.14
C LYS F 116 -8.95 24.53 58.90
N ASN F 117 -7.76 24.45 58.24
CA ASN F 117 -6.53 23.89 58.83
C ASN F 117 -6.11 24.62 60.09
N LEU F 118 -6.07 25.97 60.01
CA LEU F 118 -5.70 26.81 61.13
C LEU F 118 -6.70 26.59 62.27
N TYR F 119 -8.02 26.57 61.96
CA TYR F 119 -9.05 26.32 62.95
C TYR F 119 -8.80 25.07 63.74
N GLU F 120 -8.54 23.95 63.05
CA GLU F 120 -8.30 22.65 63.68
C GLU F 120 -6.98 22.59 64.44
N LYS F 121 -5.94 23.32 63.96
CA LYS F 121 -4.63 23.39 64.63
C LYS F 121 -4.78 23.92 66.06
N VAL F 122 -5.56 24.99 66.22
CA VAL F 122 -5.83 25.63 67.51
C VAL F 122 -6.70 24.69 68.39
N ARG F 123 -7.76 24.11 67.81
CA ARG F 123 -8.64 23.15 68.45
C ARG F 123 -7.86 21.99 69.06
N SER F 124 -6.85 21.48 68.30
CA SER F 124 -5.95 20.37 68.67
C SER F 124 -5.05 20.74 69.82
N GLN F 125 -4.70 22.03 69.95
CA GLN F 125 -3.87 22.52 71.05
C GLN F 125 -4.69 22.62 72.32
N LEU F 126 -5.85 23.31 72.24
CA LEU F 126 -6.70 23.57 73.40
C LEU F 126 -7.52 22.39 73.92
N LYS F 127 -7.71 21.34 73.08
CA LYS F 127 -8.52 20.13 73.34
C LYS F 127 -9.83 20.30 74.15
N ASN F 128 -9.75 20.57 75.46
CA ASN F 128 -10.97 20.77 76.26
C ASN F 128 -10.91 21.95 77.25
N ASN F 129 -9.83 22.74 77.16
CA ASN F 129 -9.59 23.93 77.95
C ASN F 129 -10.35 25.17 77.42
N ALA F 130 -10.97 25.02 76.22
CA ALA F 130 -11.77 26.07 75.58
C ALA F 130 -13.01 25.50 74.91
N LYS F 131 -14.10 26.28 74.95
CA LYS F 131 -15.39 25.93 74.35
C LYS F 131 -15.48 26.49 72.90
N GLU F 132 -15.98 25.66 71.95
CA GLU F 132 -16.19 26.03 70.56
C GLU F 132 -17.59 26.68 70.53
N ILE F 133 -17.67 27.98 70.16
CA ILE F 133 -18.96 28.69 70.15
C ILE F 133 -19.48 29.13 68.79
N GLY F 134 -18.90 28.57 67.73
CA GLY F 134 -19.25 28.90 66.36
C GLY F 134 -18.61 30.20 65.91
N ASN F 135 -18.72 30.51 64.60
CA ASN F 135 -18.10 31.70 63.97
C ASN F 135 -16.55 31.51 63.97
N GLY F 136 -16.13 30.30 64.33
CA GLY F 136 -14.74 29.90 64.47
C GLY F 136 -14.16 30.49 65.74
N CYS F 137 -14.94 30.43 66.84
CA CYS F 137 -14.58 31.02 68.14
C CYS F 137 -14.33 30.03 69.26
N PHE F 138 -13.28 30.32 70.04
CA PHE F 138 -12.94 29.55 71.24
C PHE F 138 -13.10 30.43 72.45
N GLU F 139 -13.93 30.01 73.43
CA GLU F 139 -14.10 30.72 74.69
C GLU F 139 -13.32 29.93 75.75
N PHE F 140 -12.31 30.58 76.35
CA PHE F 140 -11.43 30.00 77.35
C PHE F 140 -12.09 29.76 78.67
N TYR F 141 -11.89 28.55 79.22
CA TYR F 141 -12.38 28.16 80.53
C TYR F 141 -11.45 28.74 81.59
N HIS F 142 -10.21 29.07 81.19
CA HIS F 142 -9.17 29.66 82.05
C HIS F 142 -8.90 31.13 81.67
N LYS F 143 -7.90 31.74 82.33
CA LYS F 143 -7.51 33.12 82.08
C LYS F 143 -6.31 33.18 81.12
N CYS F 144 -6.61 33.30 79.83
CA CYS F 144 -5.55 33.36 78.82
C CYS F 144 -5.07 34.79 78.64
N ASP F 145 -3.94 35.12 79.29
CA ASP F 145 -3.31 36.43 79.22
C ASP F 145 -2.69 36.66 77.83
N ASN F 146 -2.10 37.85 77.60
CA ASN F 146 -1.50 38.20 76.32
C ASN F 146 -0.37 37.25 75.89
N THR F 147 0.44 36.73 76.86
CA THR F 147 1.52 35.77 76.57
C THR F 147 0.94 34.38 76.31
N CYS F 148 -0.20 34.04 76.99
CA CYS F 148 -0.93 32.78 76.79
C CYS F 148 -1.58 32.86 75.42
N MET F 149 -2.15 34.04 75.10
CA MET F 149 -2.78 34.33 73.80
C MET F 149 -1.71 34.27 72.71
N GLU F 150 -0.49 34.81 72.99
CA GLU F 150 0.67 34.79 72.07
C GLU F 150 1.45 33.45 72.17
N SER F 151 0.73 32.36 72.41
CA SER F 151 1.26 30.99 72.48
C SER F 151 0.35 30.11 71.60
N VAL F 152 -0.97 30.42 71.61
CA VAL F 152 -2.01 29.78 70.79
C VAL F 152 -1.77 30.17 69.31
N LYS F 153 -1.35 31.44 69.08
CA LYS F 153 -1.05 32.00 67.76
C LYS F 153 0.18 31.33 67.12
N ASN F 154 1.33 31.31 67.85
CA ASN F 154 2.58 30.69 67.37
C ASN F 154 2.65 29.17 67.58
N GLY F 155 1.61 28.60 68.19
CA GLY F 155 1.45 27.17 68.39
C GLY F 155 2.37 26.55 69.42
N THR F 156 2.50 27.20 70.58
CA THR F 156 3.32 26.75 71.70
C THR F 156 2.45 26.65 72.99
N TYR F 157 1.10 26.70 72.84
CA TYR F 157 0.10 26.63 73.90
C TYR F 157 0.36 25.50 74.86
N ASP F 158 0.33 25.84 76.17
CA ASP F 158 0.59 24.92 77.27
C ASP F 158 -0.70 24.44 77.98
N TYR F 159 -1.22 23.30 77.51
CA TYR F 159 -2.38 22.63 78.06
C TYR F 159 -2.22 22.23 79.53
N PRO F 160 -1.04 21.71 80.02
CA PRO F 160 -0.95 21.33 81.45
C PRO F 160 -1.00 22.52 82.41
N LYS F 161 -0.54 23.70 81.96
CA LYS F 161 -0.50 24.96 82.70
C LYS F 161 -1.90 25.37 83.19
N TYR F 162 -2.92 25.13 82.33
CA TYR F 162 -4.32 25.50 82.60
C TYR F 162 -5.31 24.31 82.76
N SER F 163 -4.84 23.06 82.51
CA SER F 163 -5.61 21.81 82.59
C SER F 163 -6.65 21.76 83.68
N GLU F 164 -6.21 21.67 84.96
CA GLU F 164 -7.06 21.58 86.15
C GLU F 164 -7.82 22.86 86.48
N GLU F 165 -7.26 24.04 86.10
CA GLU F 165 -7.91 25.33 86.30
C GLU F 165 -9.19 25.35 85.42
N ALA F 166 -9.05 24.91 84.15
CA ALA F 166 -10.15 24.80 83.19
C ALA F 166 -11.14 23.71 83.63
N LYS F 167 -10.63 22.60 84.22
CA LYS F 167 -11.43 21.47 84.69
C LYS F 167 -12.48 21.93 85.69
N LEU F 168 -12.08 22.84 86.59
CA LEU F 168 -12.91 23.40 87.64
C LEU F 168 -14.02 24.31 87.12
N ASN F 169 -13.67 25.27 86.24
CA ASN F 169 -14.60 26.23 85.63
C ASN F 169 -15.73 25.55 84.85
N ARG F 170 -15.39 24.43 84.16
CA ARG F 170 -16.29 23.60 83.35
C ARG F 170 -17.52 23.11 84.13
N GLU F 171 -17.39 23.00 85.49
CA GLU F 171 -18.43 22.53 86.41
C GLU F 171 -19.05 23.67 87.22
N ASP G 3 -32.96 -25.30 39.10
CA ASP G 3 -33.05 -24.59 37.81
C ASP G 3 -31.96 -25.01 36.82
N THR G 4 -32.08 -24.65 35.53
CA THR G 4 -31.12 -25.09 34.50
C THR G 4 -30.65 -24.05 33.47
N LEU G 5 -29.39 -24.19 33.03
CA LEU G 5 -28.79 -23.42 31.94
C LEU G 5 -28.10 -24.41 31.02
N CYS G 6 -28.39 -24.32 29.72
CA CYS G 6 -27.80 -25.20 28.70
C CYS G 6 -26.88 -24.42 27.78
N ILE G 7 -25.73 -24.98 27.46
CA ILE G 7 -24.94 -24.36 26.41
C ILE G 7 -25.34 -25.15 25.15
N GLY G 8 -25.34 -24.49 24.01
CA GLY G 8 -25.73 -25.12 22.75
C GLY G 8 -25.30 -24.40 21.48
N TYR G 9 -25.79 -24.91 20.33
CA TYR G 9 -25.44 -24.43 18.98
C TYR G 9 -26.62 -24.43 18.02
N HIS G 10 -26.55 -23.53 17.02
CA HIS G 10 -27.55 -23.25 16.00
C HIS G 10 -27.79 -24.42 15.06
N ALA G 11 -29.04 -24.52 14.59
CA ALA G 11 -29.51 -25.42 13.55
C ALA G 11 -30.58 -24.66 12.75
N ASN G 12 -30.73 -24.98 11.48
CA ASN G 12 -31.69 -24.30 10.63
C ASN G 12 -32.31 -25.17 9.54
N ASN G 13 -33.13 -24.55 8.69
CA ASN G 13 -33.85 -25.21 7.62
C ASN G 13 -32.99 -25.14 6.34
N SER G 14 -31.68 -25.51 6.47
CA SER G 14 -30.70 -25.52 5.38
C SER G 14 -30.32 -26.93 4.94
N THR G 15 -30.42 -27.14 3.63
CA THR G 15 -30.16 -28.38 2.91
C THR G 15 -28.72 -28.44 2.42
N ASP G 16 -28.09 -27.27 2.13
CA ASP G 16 -26.73 -27.19 1.60
C ASP G 16 -25.70 -28.05 2.34
N THR G 17 -24.96 -28.82 1.53
CA THR G 17 -23.97 -29.80 1.97
C THR G 17 -22.61 -29.45 1.46
N VAL G 18 -21.57 -29.86 2.23
CA VAL G 18 -20.17 -29.78 1.86
C VAL G 18 -19.59 -31.20 1.98
N ASP G 19 -18.41 -31.41 1.36
CA ASP G 19 -17.65 -32.63 1.50
C ASP G 19 -16.43 -32.23 2.33
N THR G 20 -15.97 -33.07 3.24
CA THR G 20 -14.79 -32.84 4.08
C THR G 20 -13.81 -33.98 3.82
N VAL G 21 -12.65 -33.96 4.46
CA VAL G 21 -11.70 -35.07 4.26
C VAL G 21 -12.25 -36.36 4.73
N LEU G 22 -12.95 -36.33 5.87
CA LEU G 22 -13.51 -37.46 6.59
C LEU G 22 -14.88 -37.94 6.12
N GLU G 23 -15.73 -37.01 5.71
CA GLU G 23 -17.09 -37.33 5.30
C GLU G 23 -17.51 -36.43 4.18
N LYS G 24 -18.29 -36.99 3.25
CA LYS G 24 -18.86 -36.28 2.11
C LYS G 24 -20.35 -36.00 2.41
N ASN G 25 -20.96 -35.02 1.70
CA ASN G 25 -22.36 -34.62 1.81
C ASN G 25 -22.84 -34.29 3.26
N VAL G 26 -21.96 -33.59 4.02
CA VAL G 26 -22.22 -33.12 5.40
C VAL G 26 -23.15 -31.90 5.29
N THR G 27 -24.38 -31.95 5.84
CA THR G 27 -25.25 -30.77 5.75
C THR G 27 -24.75 -29.74 6.75
N VAL G 28 -24.59 -28.50 6.26
CA VAL G 28 -24.11 -27.36 7.07
C VAL G 28 -25.18 -26.26 7.22
N THR G 29 -25.08 -25.45 8.31
CA THR G 29 -26.00 -24.32 8.54
C THR G 29 -25.74 -23.22 7.49
N HIS G 30 -24.45 -22.91 7.20
CA HIS G 30 -24.05 -21.86 6.26
C HIS G 30 -22.83 -22.27 5.43
N SER G 31 -22.78 -21.86 4.15
CA SER G 31 -21.69 -22.21 3.25
C SER G 31 -21.53 -21.24 2.10
N VAL G 32 -20.38 -21.30 1.43
CA VAL G 32 -20.09 -20.41 0.30
C VAL G 32 -19.52 -21.18 -0.91
N ASN G 33 -19.98 -20.83 -2.12
CA ASN G 33 -19.43 -21.47 -3.31
C ASN G 33 -18.13 -20.74 -3.70
N LEU G 34 -17.04 -21.49 -3.94
CA LEU G 34 -15.77 -20.91 -4.35
C LEU G 34 -15.54 -21.09 -5.86
N LEU G 35 -16.48 -21.79 -6.49
CA LEU G 35 -16.40 -22.08 -7.91
C LEU G 35 -17.41 -21.23 -8.66
N GLU G 36 -16.95 -20.57 -9.73
CA GLU G 36 -17.84 -19.79 -10.61
C GLU G 36 -18.33 -20.67 -11.75
N ASP G 37 -19.66 -20.90 -11.77
CA ASP G 37 -20.28 -21.73 -12.80
C ASP G 37 -21.16 -20.92 -13.73
N LYS G 38 -21.52 -19.68 -13.32
CA LYS G 38 -22.38 -18.79 -14.10
C LYS G 38 -21.67 -17.70 -14.94
N HIS G 39 -22.15 -17.54 -16.20
CA HIS G 39 -21.68 -16.55 -17.15
C HIS G 39 -22.91 -15.85 -17.82
N ASN G 40 -22.75 -14.59 -18.30
CA ASN G 40 -23.84 -13.81 -18.92
C ASN G 40 -24.21 -14.12 -20.39
N GLY G 41 -23.51 -15.07 -21.00
CA GLY G 41 -23.74 -15.51 -22.37
C GLY G 41 -23.51 -14.46 -23.45
N LYS G 42 -22.77 -13.39 -23.12
CA LYS G 42 -22.48 -12.27 -24.01
C LYS G 42 -20.98 -12.05 -24.20
N LEU G 43 -20.58 -11.61 -25.41
CA LEU G 43 -19.18 -11.24 -25.65
C LEU G 43 -19.09 -9.75 -25.33
N CYS G 44 -18.50 -9.44 -24.17
CA CYS G 44 -18.47 -8.10 -23.59
C CYS G 44 -17.29 -7.23 -23.90
N LYS G 45 -17.28 -6.03 -23.30
CA LYS G 45 -16.17 -5.09 -23.36
C LYS G 45 -15.18 -5.53 -22.27
N LEU G 46 -13.89 -5.47 -22.60
CA LEU G 46 -12.77 -5.78 -21.70
C LEU G 46 -11.99 -4.51 -21.50
N ARG G 47 -11.74 -4.15 -20.22
CA ARG G 47 -11.08 -2.89 -19.84
C ARG G 47 -11.94 -1.72 -20.38
N GLY G 48 -13.26 -1.95 -20.47
CA GLY G 48 -14.24 -1.00 -21.01
C GLY G 48 -14.06 -0.69 -22.49
N VAL G 49 -13.33 -1.55 -23.21
CA VAL G 49 -13.08 -1.38 -24.64
C VAL G 49 -13.73 -2.55 -25.38
N ALA G 50 -14.51 -2.24 -26.40
CA ALA G 50 -15.26 -3.20 -27.18
C ALA G 50 -14.37 -4.01 -28.09
N PRO G 51 -14.68 -5.32 -28.26
CA PRO G 51 -13.92 -6.12 -29.23
C PRO G 51 -14.17 -5.69 -30.67
N LEU G 52 -13.38 -6.23 -31.56
CA LEU G 52 -13.58 -6.03 -32.99
C LEU G 52 -14.38 -7.26 -33.38
N HIS G 53 -15.58 -7.09 -33.93
CA HIS G 53 -16.34 -8.25 -34.35
C HIS G 53 -16.31 -8.36 -35.88
N LEU G 54 -15.81 -9.49 -36.39
CA LEU G 54 -15.74 -9.80 -37.83
C LEU G 54 -16.85 -10.87 -38.04
N GLY G 55 -17.99 -10.45 -38.59
CA GLY G 55 -19.15 -11.33 -38.80
C GLY G 55 -18.84 -12.65 -39.47
N LYS G 56 -19.17 -12.77 -40.75
CA LYS G 56 -18.82 -14.00 -41.47
C LYS G 56 -17.39 -13.91 -42.07
N CYS G 57 -16.61 -12.89 -41.62
CA CYS G 57 -15.23 -12.62 -42.06
C CYS G 57 -14.20 -13.12 -41.12
N ASN G 58 -12.97 -13.29 -41.63
CA ASN G 58 -11.83 -13.72 -40.85
C ASN G 58 -10.69 -12.67 -40.93
N ILE G 59 -9.76 -12.66 -40.00
CA ILE G 59 -8.67 -11.65 -39.99
C ILE G 59 -8.02 -11.34 -41.36
N ALA G 60 -7.84 -12.36 -42.21
CA ALA G 60 -7.20 -12.22 -43.52
C ALA G 60 -8.03 -11.37 -44.46
N GLY G 61 -9.29 -11.74 -44.64
CA GLY G 61 -10.25 -11.01 -45.45
C GLY G 61 -10.45 -9.59 -44.98
N TRP G 62 -10.47 -9.37 -43.64
CA TRP G 62 -10.62 -8.06 -43.02
C TRP G 62 -9.42 -7.11 -43.30
N ILE G 63 -8.19 -7.54 -43.00
CA ILE G 63 -6.99 -6.71 -43.22
C ILE G 63 -6.60 -6.48 -44.67
N LEU G 64 -6.89 -7.44 -45.54
CA LEU G 64 -6.62 -7.29 -46.97
C LEU G 64 -7.71 -6.46 -47.65
N GLY G 65 -8.85 -6.33 -46.99
CA GLY G 65 -9.99 -5.60 -47.51
C GLY G 65 -10.82 -6.36 -48.52
N ASN G 66 -11.04 -7.67 -48.28
CA ASN G 66 -11.88 -8.57 -49.09
C ASN G 66 -13.20 -7.82 -49.29
N PRO G 67 -13.66 -7.61 -50.54
CA PRO G 67 -14.87 -6.80 -50.74
C PRO G 67 -16.09 -7.21 -49.94
N GLU G 68 -16.14 -8.45 -49.42
CA GLU G 68 -17.26 -8.98 -48.63
C GLU G 68 -17.27 -8.40 -47.21
N CYS G 69 -16.08 -8.15 -46.68
CA CYS G 69 -15.88 -7.53 -45.37
C CYS G 69 -15.91 -6.05 -45.65
N GLU G 70 -17.08 -5.46 -45.42
CA GLU G 70 -17.32 -4.05 -45.69
C GLU G 70 -17.81 -3.39 -44.43
N SER G 71 -17.05 -2.35 -44.01
CA SER G 71 -17.21 -1.56 -42.80
C SER G 71 -17.81 -2.35 -41.64
N LEU G 72 -16.92 -3.00 -40.86
CA LEU G 72 -17.33 -3.76 -39.68
C LEU G 72 -17.15 -2.78 -38.51
N SER G 73 -17.66 -1.53 -38.78
CA SER G 73 -17.66 -0.29 -37.99
C SER G 73 -16.22 0.22 -37.77
N THR G 74 -15.24 -0.72 -37.85
CA THR G 74 -13.80 -0.61 -37.59
C THR G 74 -13.41 0.63 -36.77
N ALA G 75 -13.45 0.40 -35.45
CA ALA G 75 -13.11 1.35 -34.40
C ALA G 75 -11.60 1.60 -34.43
N SER G 76 -11.18 2.67 -33.77
CA SER G 76 -9.77 3.02 -33.66
C SER G 76 -9.11 2.11 -32.61
N SER G 77 -9.89 1.33 -31.86
CA SER G 77 -9.40 0.42 -30.82
C SER G 77 -10.32 -0.76 -30.51
N TRP G 78 -9.68 -1.87 -30.10
CA TRP G 78 -10.37 -3.08 -29.71
C TRP G 78 -9.63 -3.83 -28.65
N SER G 79 -10.36 -4.46 -27.74
CA SER G 79 -9.72 -5.18 -26.63
C SER G 79 -9.33 -6.61 -26.98
N TYR G 80 -10.01 -7.20 -27.97
CA TYR G 80 -9.83 -8.56 -28.47
C TYR G 80 -10.61 -8.69 -29.75
N ILE G 81 -10.43 -9.82 -30.44
CA ILE G 81 -11.11 -10.01 -31.72
C ILE G 81 -12.14 -11.16 -31.68
N VAL G 82 -13.31 -10.91 -32.31
CA VAL G 82 -14.30 -11.94 -32.45
C VAL G 82 -14.39 -12.35 -33.91
N GLU G 83 -14.30 -13.64 -34.11
CA GLU G 83 -14.40 -14.33 -35.39
C GLU G 83 -15.49 -15.42 -35.20
N THR G 84 -16.39 -15.61 -36.17
CA THR G 84 -17.38 -16.67 -35.95
C THR G 84 -16.81 -18.03 -36.35
N PRO G 85 -17.17 -19.15 -35.66
CA PRO G 85 -16.64 -20.47 -36.06
C PRO G 85 -16.85 -20.82 -37.54
N SER G 86 -17.79 -20.12 -38.18
CA SER G 86 -18.22 -20.25 -39.58
C SER G 86 -17.66 -19.09 -40.44
N SER G 87 -16.52 -18.51 -40.02
CA SER G 87 -15.87 -17.39 -40.70
C SER G 87 -15.37 -17.76 -42.08
N ASP G 88 -16.12 -17.28 -43.06
CA ASP G 88 -15.89 -17.46 -44.48
C ASP G 88 -14.73 -16.49 -44.89
N ASN G 89 -15.06 -15.50 -45.73
CA ASN G 89 -14.25 -14.42 -46.31
C ASN G 89 -12.80 -14.18 -45.79
N GLY G 90 -11.85 -14.85 -46.46
CA GLY G 90 -10.42 -14.75 -46.18
C GLY G 90 -9.68 -14.35 -47.43
N THR G 91 -8.83 -15.24 -47.95
CA THR G 91 -8.15 -14.96 -49.21
C THR G 91 -9.05 -15.45 -50.32
N CYS G 92 -9.68 -14.49 -51.01
CA CYS G 92 -10.54 -14.77 -52.14
C CYS G 92 -9.65 -15.20 -53.34
N TYR G 93 -8.44 -14.64 -53.41
CA TYR G 93 -7.48 -15.08 -54.41
C TYR G 93 -6.52 -16.07 -53.72
N PRO G 94 -6.51 -17.38 -54.13
CA PRO G 94 -5.65 -18.37 -53.48
C PRO G 94 -4.16 -18.05 -53.48
N GLY G 95 -3.54 -18.39 -52.37
CA GLY G 95 -2.13 -18.15 -52.11
C GLY G 95 -1.88 -18.42 -50.65
N ASP G 96 -0.67 -18.07 -50.16
CA ASP G 96 -0.35 -18.31 -48.76
C ASP G 96 -0.04 -17.04 -48.04
N PHE G 97 -0.78 -16.80 -46.96
CA PHE G 97 -0.60 -15.63 -46.10
C PHE G 97 0.56 -15.93 -45.15
N ILE G 98 1.71 -15.31 -45.45
CA ILE G 98 2.97 -15.50 -44.70
C ILE G 98 2.91 -14.93 -43.30
N ASP G 99 3.29 -15.76 -42.31
CA ASP G 99 3.28 -15.44 -40.85
C ASP G 99 1.93 -14.92 -40.44
N TYR G 100 0.86 -15.57 -40.91
CA TYR G 100 -0.51 -15.16 -40.65
C TYR G 100 -0.85 -15.12 -39.17
N GLU G 101 -0.64 -16.23 -38.43
CA GLU G 101 -0.93 -16.37 -37.01
C GLU G 101 -0.24 -15.29 -36.17
N GLU G 102 0.97 -14.89 -36.58
CA GLU G 102 1.77 -13.85 -35.97
C GLU G 102 1.07 -12.52 -36.17
N LEU G 103 0.63 -12.21 -37.41
CA LEU G 103 -0.18 -11.01 -37.70
C LEU G 103 -1.49 -11.05 -36.91
N ARG G 104 -2.12 -12.22 -36.80
CA ARG G 104 -3.35 -12.37 -36.00
C ARG G 104 -3.17 -11.92 -34.56
N GLU G 105 -2.06 -12.33 -33.90
CA GLU G 105 -1.66 -11.96 -32.53
C GLU G 105 -1.40 -10.46 -32.39
N GLN G 106 -0.66 -9.89 -33.38
CA GLN G 106 -0.29 -8.47 -33.43
C GLN G 106 -1.51 -7.57 -33.38
N LEU G 107 -2.51 -7.92 -34.20
CA LEU G 107 -3.78 -7.24 -34.34
C LEU G 107 -4.82 -7.57 -33.24
N SER G 108 -4.59 -8.59 -32.37
CA SER G 108 -5.57 -9.03 -31.33
C SER G 108 -6.15 -7.93 -30.43
N SER G 109 -5.34 -6.98 -30.03
CA SER G 109 -5.74 -5.79 -29.28
C SER G 109 -4.85 -4.72 -29.75
N VAL G 110 -5.46 -3.60 -30.06
CA VAL G 110 -4.85 -2.41 -30.65
C VAL G 110 -5.52 -1.21 -29.99
N SER G 111 -4.73 -0.23 -29.49
CA SER G 111 -5.27 0.94 -28.81
C SER G 111 -5.35 2.19 -29.67
N SER G 112 -4.94 2.07 -30.94
CA SER G 112 -4.96 3.13 -31.94
C SER G 112 -4.88 2.42 -33.29
N PHE G 113 -5.89 2.63 -34.16
CA PHE G 113 -5.96 1.99 -35.45
C PHE G 113 -6.43 2.97 -36.49
N GLU G 114 -5.56 3.28 -37.44
CA GLU G 114 -5.91 4.27 -38.42
C GLU G 114 -5.54 3.78 -39.79
N ARG G 115 -6.53 3.68 -40.67
CA ARG G 115 -6.30 3.26 -42.07
C ARG G 115 -6.06 4.53 -42.86
N PHE G 116 -4.95 4.57 -43.58
CA PHE G 116 -4.61 5.71 -44.44
C PHE G 116 -4.15 5.19 -45.78
N GLU G 117 -4.32 5.98 -46.85
CA GLU G 117 -3.89 5.61 -48.20
C GLU G 117 -2.38 5.84 -48.36
N ILE G 118 -1.61 4.76 -48.25
CA ILE G 118 -0.14 4.77 -48.28
C ILE G 118 0.40 5.23 -49.62
N PHE G 119 -0.18 4.68 -50.67
CA PHE G 119 0.13 4.99 -52.05
C PHE G 119 -1.20 5.34 -52.71
N PRO G 120 -1.48 6.67 -52.75
CA PRO G 120 -2.74 7.15 -53.32
C PRO G 120 -2.93 6.66 -54.75
N LYS G 121 -4.07 5.96 -54.99
CA LYS G 121 -4.45 5.34 -56.24
C LYS G 121 -4.32 6.24 -57.49
N THR G 122 -4.83 7.47 -57.39
CA THR G 122 -4.85 8.42 -58.50
C THR G 122 -3.51 9.04 -58.85
N SER G 123 -2.52 9.03 -57.95
CA SER G 123 -1.22 9.64 -58.26
C SER G 123 -0.02 8.70 -58.29
N SER G 124 -0.06 7.62 -57.50
CA SER G 124 1.11 6.77 -57.34
C SER G 124 1.67 6.05 -58.53
N TRP G 125 0.79 5.70 -59.49
CA TRP G 125 1.13 4.85 -60.61
C TRP G 125 0.81 5.43 -62.01
N PRO G 126 1.57 6.43 -62.51
CA PRO G 126 1.24 7.01 -63.83
C PRO G 126 1.57 6.09 -65.01
N ASN G 127 2.44 5.12 -64.78
CA ASN G 127 2.91 4.21 -65.82
C ASN G 127 2.33 2.80 -65.74
N HIS G 128 1.38 2.58 -64.82
CA HIS G 128 0.79 1.26 -64.61
C HIS G 128 -0.72 1.35 -64.47
N ASP G 129 -1.41 0.26 -64.86
CA ASP G 129 -2.86 0.17 -64.75
C ASP G 129 -3.29 -0.30 -63.38
N SER G 130 -4.18 0.49 -62.76
CA SER G 130 -4.64 0.26 -61.40
C SER G 130 -6.14 -0.03 -61.32
N ASN G 131 -6.80 -0.01 -62.48
CA ASN G 131 -8.23 -0.28 -62.68
C ASN G 131 -8.45 -1.72 -63.10
N LYS G 132 -7.70 -2.19 -64.15
CA LYS G 132 -7.64 -3.55 -64.66
C LYS G 132 -7.07 -4.34 -63.48
N GLY G 133 -7.03 -5.66 -63.55
CA GLY G 133 -6.44 -6.33 -62.40
C GLY G 133 -7.45 -6.43 -61.28
N VAL G 134 -8.49 -7.12 -61.61
CA VAL G 134 -9.62 -7.51 -60.81
C VAL G 134 -9.80 -8.97 -61.23
N THR G 135 -10.56 -9.75 -60.44
CA THR G 135 -10.66 -11.18 -60.69
C THR G 135 -12.00 -11.71 -60.32
N ALA G 136 -12.38 -12.79 -61.01
CA ALA G 136 -13.62 -13.52 -60.73
C ALA G 136 -13.55 -14.09 -59.29
N ALA G 137 -12.32 -14.37 -58.79
CA ALA G 137 -12.09 -14.86 -57.43
C ALA G 137 -12.39 -13.89 -56.30
N CYS G 138 -12.48 -12.57 -56.56
CA CYS G 138 -12.82 -11.60 -55.49
C CYS G 138 -14.00 -10.77 -55.97
N PRO G 139 -15.20 -11.35 -56.10
CA PRO G 139 -16.29 -10.57 -56.67
C PRO G 139 -16.96 -9.62 -55.70
N HIS G 140 -17.35 -8.46 -56.20
CA HIS G 140 -18.10 -7.51 -55.41
C HIS G 140 -19.33 -7.16 -56.20
N ALA G 141 -20.50 -7.34 -55.57
CA ALA G 141 -21.80 -7.05 -56.17
C ALA G 141 -21.92 -7.55 -57.64
N GLY G 142 -21.68 -8.85 -57.81
CA GLY G 142 -21.80 -9.57 -59.07
C GLY G 142 -20.85 -9.13 -60.15
N ALA G 143 -19.75 -8.48 -59.78
CA ALA G 143 -18.74 -7.98 -60.73
C ALA G 143 -17.32 -8.37 -60.26
N LYS G 144 -16.36 -8.50 -61.22
CA LYS G 144 -14.97 -8.83 -60.90
C LYS G 144 -14.35 -7.67 -60.11
N SER G 145 -13.76 -7.96 -58.97
CA SER G 145 -13.12 -6.93 -58.16
C SER G 145 -11.81 -7.47 -57.58
N PHE G 146 -11.41 -6.91 -56.43
CA PHE G 146 -10.15 -7.23 -55.78
C PHE G 146 -10.14 -6.59 -54.38
N TYR G 147 -9.22 -7.04 -53.51
CA TYR G 147 -9.03 -6.52 -52.16
C TYR G 147 -8.96 -5.00 -52.21
N LYS G 148 -9.64 -4.33 -51.28
CA LYS G 148 -9.67 -2.87 -51.22
C LYS G 148 -8.36 -2.25 -50.80
N ASN G 149 -7.60 -2.91 -49.95
CA ASN G 149 -6.36 -2.36 -49.42
C ASN G 149 -5.13 -2.53 -50.33
N LEU G 150 -5.32 -3.24 -51.45
CA LEU G 150 -4.25 -3.54 -52.38
C LEU G 150 -4.63 -3.19 -53.80
N ILE G 151 -3.63 -2.89 -54.63
CA ILE G 151 -3.85 -2.62 -56.03
C ILE G 151 -3.09 -3.67 -56.79
N TRP G 152 -3.78 -4.42 -57.63
CA TRP G 152 -3.14 -5.43 -58.46
C TRP G 152 -2.63 -4.74 -59.72
N LEU G 153 -1.46 -4.08 -59.60
CA LEU G 153 -0.89 -3.35 -60.74
C LEU G 153 -0.57 -4.24 -61.89
N VAL G 154 -1.03 -3.81 -63.05
CA VAL G 154 -0.98 -4.50 -64.31
C VAL G 154 -0.48 -3.57 -65.45
N LYS G 155 0.01 -4.15 -66.58
CA LYS G 155 0.58 -3.38 -67.70
C LYS G 155 -0.34 -2.31 -68.31
N LYS G 156 0.22 -1.12 -68.55
CA LYS G 156 -0.50 -0.01 -69.18
C LYS G 156 -0.25 -0.17 -70.67
N GLY G 157 -1.15 -0.93 -71.32
CA GLY G 157 -1.10 -1.28 -72.73
C GLY G 157 0.25 -1.80 -73.19
N ASN G 158 0.54 -3.09 -72.92
CA ASN G 158 1.80 -3.76 -73.30
C ASN G 158 3.08 -3.15 -72.73
N SER G 159 2.94 -2.36 -71.63
CA SER G 159 4.10 -1.75 -71.00
C SER G 159 4.11 -1.83 -69.48
N TYR G 160 5.09 -2.58 -68.94
CA TYR G 160 5.29 -2.64 -67.50
C TYR G 160 6.70 -2.13 -67.18
N PRO G 161 6.94 -0.78 -67.15
CA PRO G 161 8.26 -0.29 -66.75
C PRO G 161 8.54 -0.69 -65.31
N LYS G 162 9.82 -0.69 -64.92
CA LYS G 162 10.25 -1.00 -63.57
C LYS G 162 9.58 0.01 -62.59
N LEU G 163 8.92 -0.49 -61.52
CA LEU G 163 8.33 0.41 -60.52
C LEU G 163 9.19 0.47 -59.29
N SER G 164 9.30 1.67 -58.70
CA SER G 164 10.10 2.00 -57.54
C SER G 164 9.30 3.00 -56.72
N LYS G 165 8.81 2.59 -55.53
CA LYS G 165 8.00 3.50 -54.72
C LYS G 165 8.27 3.34 -53.25
N SER G 166 8.55 4.46 -52.57
CA SER G 166 8.86 4.48 -51.15
C SER G 166 7.79 5.20 -50.30
N TYR G 167 7.77 4.84 -49.01
CA TYR G 167 6.94 5.47 -47.99
C TYR G 167 7.82 5.70 -46.75
N ILE G 168 7.71 6.86 -46.09
CA ILE G 168 8.55 7.15 -44.93
C ILE G 168 7.96 6.97 -43.53
N ASN G 169 6.66 7.04 -43.32
CA ASN G 169 6.19 6.87 -41.89
C ASN G 169 6.45 8.09 -41.04
N ASP G 170 5.67 9.12 -41.33
CA ASP G 170 5.47 10.42 -40.74
C ASP G 170 4.65 10.23 -39.45
N LYS G 171 3.98 9.06 -39.30
CA LYS G 171 3.18 8.69 -38.13
C LYS G 171 4.18 8.49 -36.98
N GLY G 172 3.69 8.42 -35.77
CA GLY G 172 4.60 8.23 -34.65
C GLY G 172 4.36 6.88 -34.04
N LYS G 173 4.03 5.92 -34.92
CA LYS G 173 3.67 4.56 -34.51
C LYS G 173 3.85 3.57 -35.64
N GLU G 174 3.88 2.28 -35.27
CA GLU G 174 4.02 1.18 -36.20
C GLU G 174 3.06 1.35 -37.36
N VAL G 175 3.53 1.08 -38.57
CA VAL G 175 2.63 1.11 -39.69
C VAL G 175 2.59 -0.28 -40.28
N LEU G 176 1.38 -0.87 -40.33
CA LEU G 176 1.23 -2.17 -40.93
C LEU G 176 1.08 -2.04 -42.41
N VAL G 177 2.10 -2.52 -43.12
CA VAL G 177 2.10 -2.52 -44.58
C VAL G 177 1.88 -3.97 -44.97
N LEU G 178 1.02 -4.19 -45.94
CA LEU G 178 0.69 -5.49 -46.51
C LEU G 178 0.84 -5.38 -48.02
N TRP G 179 1.28 -6.46 -48.68
CA TRP G 179 1.40 -6.54 -50.14
C TRP G 179 1.16 -7.98 -50.60
N GLY G 180 1.23 -8.20 -51.90
CA GLY G 180 1.10 -9.52 -52.49
C GLY G 180 2.09 -9.71 -53.64
N ILE G 181 2.45 -10.95 -53.87
CA ILE G 181 3.31 -11.35 -54.97
C ILE G 181 2.42 -12.29 -55.69
N HIS G 182 2.19 -12.02 -57.01
CA HIS G 182 1.33 -12.85 -57.81
C HIS G 182 2.15 -13.84 -58.63
N HIS G 183 1.79 -15.12 -58.48
CA HIS G 183 2.39 -16.24 -59.17
C HIS G 183 1.43 -16.72 -60.26
N PRO G 184 1.68 -16.37 -61.55
CA PRO G 184 0.77 -16.79 -62.64
C PRO G 184 0.84 -18.29 -62.92
N SER G 185 -0.20 -18.81 -63.60
CA SER G 185 -0.22 -20.22 -63.97
C SER G 185 0.61 -20.48 -65.22
N THR G 186 0.55 -19.58 -66.20
CA THR G 186 1.28 -19.71 -67.47
C THR G 186 2.14 -18.50 -67.75
N SER G 187 3.00 -18.63 -68.73
CA SER G 187 3.85 -17.56 -69.23
C SER G 187 2.97 -16.59 -70.05
N ALA G 188 1.88 -17.12 -70.64
CA ALA G 188 0.88 -16.38 -71.41
C ALA G 188 0.18 -15.39 -70.49
N ASP G 189 -0.22 -15.85 -69.26
CA ASP G 189 -0.86 -15.02 -68.21
C ASP G 189 0.10 -13.96 -67.68
N GLN G 190 1.38 -14.32 -67.47
CA GLN G 190 2.46 -13.41 -67.05
C GLN G 190 2.63 -12.32 -68.12
N GLN G 191 2.43 -12.68 -69.40
CA GLN G 191 2.54 -11.71 -70.47
C GLN G 191 1.31 -10.81 -70.48
N SER G 192 0.11 -11.39 -70.30
CA SER G 192 -1.11 -10.56 -70.36
C SER G 192 -1.16 -9.50 -69.29
N LEU G 193 -0.74 -9.87 -68.07
CA LEU G 193 -0.72 -8.98 -66.93
C LEU G 193 0.51 -8.06 -66.88
N TYR G 194 1.72 -8.61 -67.08
CA TYR G 194 2.99 -7.90 -66.88
C TYR G 194 3.95 -7.71 -68.04
N GLN G 195 3.69 -8.35 -69.20
CA GLN G 195 4.50 -8.30 -70.43
C GLN G 195 5.92 -8.91 -70.29
N ASN G 196 6.69 -8.42 -69.32
CA ASN G 196 8.08 -8.70 -69.05
C ASN G 196 8.66 -10.14 -69.05
N ALA G 197 7.93 -11.17 -68.56
CA ALA G 197 8.40 -12.59 -68.54
C ALA G 197 9.36 -12.93 -67.40
N ASP G 198 10.56 -12.29 -67.35
CA ASP G 198 11.47 -12.54 -66.23
C ASP G 198 11.38 -11.32 -65.36
N THR G 199 10.67 -11.47 -64.24
CA THR G 199 10.37 -10.38 -63.33
C THR G 199 10.84 -10.69 -61.93
N TYR G 200 10.90 -9.65 -61.11
CA TYR G 200 11.24 -9.72 -59.70
C TYR G 200 10.43 -8.68 -58.95
N VAL G 201 10.33 -8.86 -57.64
CA VAL G 201 9.74 -7.91 -56.72
C VAL G 201 10.76 -7.84 -55.62
N PHE G 202 10.99 -6.64 -55.10
CA PHE G 202 11.84 -6.45 -53.95
C PHE G 202 11.10 -5.54 -52.99
N VAL G 203 11.07 -5.93 -51.72
CA VAL G 203 10.49 -5.15 -50.63
C VAL G 203 11.64 -4.92 -49.63
N GLY G 204 11.78 -3.70 -49.16
CA GLY G 204 12.88 -3.41 -48.25
C GLY G 204 12.66 -2.31 -47.23
N SER G 205 12.98 -2.61 -45.96
CA SER G 205 12.95 -1.68 -44.86
C SER G 205 14.29 -1.77 -44.07
N SER G 206 14.28 -1.39 -42.80
CA SER G 206 15.48 -1.49 -41.98
C SER G 206 15.54 -2.87 -41.36
N ARG G 207 14.36 -3.50 -41.18
CA ARG G 207 14.20 -4.86 -40.65
C ARG G 207 14.01 -5.84 -41.83
N TYR G 208 12.99 -5.58 -42.68
CA TYR G 208 12.64 -6.44 -43.80
C TYR G 208 13.53 -6.26 -44.97
N SER G 209 13.73 -7.34 -45.74
CA SER G 209 14.42 -7.35 -47.04
C SER G 209 14.13 -8.67 -47.69
N LYS G 210 13.53 -8.65 -48.90
CA LYS G 210 13.22 -9.86 -49.68
C LYS G 210 12.92 -9.54 -51.12
N LYS G 211 13.61 -10.27 -52.00
CA LYS G 211 13.46 -10.26 -53.45
C LYS G 211 12.60 -11.48 -53.76
N PHE G 212 11.48 -11.23 -54.40
CA PHE G 212 10.52 -12.24 -54.76
C PHE G 212 10.67 -12.56 -56.23
N LYS G 213 10.67 -13.86 -56.53
CA LYS G 213 10.83 -14.35 -57.88
C LYS G 213 9.57 -15.14 -58.16
N PRO G 214 8.76 -14.68 -59.14
CA PRO G 214 7.50 -15.39 -59.43
C PRO G 214 7.74 -16.80 -59.95
N GLU G 215 7.05 -17.76 -59.35
CA GLU G 215 7.14 -19.15 -59.76
C GLU G 215 5.95 -19.50 -60.61
N ILE G 216 6.17 -19.52 -61.96
CA ILE G 216 5.13 -19.82 -62.95
C ILE G 216 4.87 -21.32 -63.07
N ALA G 217 3.66 -21.72 -62.65
CA ALA G 217 3.16 -23.09 -62.75
C ALA G 217 1.64 -23.14 -62.57
N ILE G 218 1.02 -24.14 -63.20
CA ILE G 218 -0.41 -24.41 -63.10
C ILE G 218 -0.64 -25.18 -61.79
N ARG G 219 -1.38 -24.57 -60.84
CA ARG G 219 -1.73 -25.18 -59.54
C ARG G 219 -3.17 -25.64 -59.61
N PRO G 220 -3.60 -26.67 -58.82
CA PRO G 220 -4.99 -27.12 -58.91
C PRO G 220 -5.93 -26.00 -58.55
N LYS G 221 -6.61 -25.50 -59.61
CA LYS G 221 -7.64 -24.44 -59.69
C LYS G 221 -8.46 -24.16 -58.40
N VAL G 222 -8.17 -23.06 -57.71
CA VAL G 222 -8.95 -22.68 -56.52
C VAL G 222 -9.73 -21.44 -56.92
N ARG G 223 -11.08 -21.48 -56.77
CA ARG G 223 -11.98 -20.40 -57.20
C ARG G 223 -11.59 -19.94 -58.60
N ASP G 224 -11.57 -20.89 -59.56
CA ASP G 224 -11.24 -20.62 -60.97
C ASP G 224 -9.75 -20.16 -61.17
N GLN G 225 -8.89 -20.29 -60.12
CA GLN G 225 -7.52 -19.83 -60.24
C GLN G 225 -6.42 -20.88 -60.23
N GLU G 226 -5.74 -21.01 -61.38
CA GLU G 226 -4.61 -21.92 -61.52
C GLU G 226 -3.30 -21.31 -60.97
N GLY G 227 -3.31 -19.99 -60.73
CA GLY G 227 -2.20 -19.24 -60.15
C GLY G 227 -2.39 -19.01 -58.66
N ARG G 228 -1.39 -18.46 -57.99
CA ARG G 228 -1.50 -18.17 -56.57
C ARG G 228 -1.07 -16.72 -56.27
N MET G 229 -1.39 -16.25 -55.07
CA MET G 229 -0.97 -14.92 -54.66
C MET G 229 -0.56 -14.99 -53.23
N ASN G 230 0.73 -14.89 -52.93
CA ASN G 230 1.18 -14.93 -51.55
C ASN G 230 1.07 -13.56 -50.90
N TYR G 231 0.63 -13.53 -49.64
CA TYR G 231 0.42 -12.30 -48.86
C TYR G 231 1.50 -12.17 -47.81
N TYR G 232 2.08 -10.96 -47.77
CA TYR G 232 3.16 -10.59 -46.87
C TYR G 232 2.78 -9.34 -46.14
N TRP G 233 3.44 -9.14 -44.99
CA TRP G 233 3.18 -7.99 -44.15
C TRP G 233 4.43 -7.67 -43.36
N THR G 234 4.53 -6.41 -42.95
CA THR G 234 5.61 -5.90 -42.13
C THR G 234 5.08 -4.73 -41.34
N LEU G 235 5.67 -4.53 -40.16
CA LEU G 235 5.37 -3.38 -39.33
C LEU G 235 6.54 -2.46 -39.50
N VAL G 236 6.37 -1.42 -40.32
CA VAL G 236 7.36 -0.38 -40.54
C VAL G 236 7.37 0.50 -39.25
N GLU G 237 8.52 0.52 -38.59
CA GLU G 237 8.76 1.27 -37.35
C GLU G 237 8.64 2.77 -37.59
N PRO G 238 8.29 3.58 -36.55
CA PRO G 238 8.23 5.04 -36.76
C PRO G 238 9.51 5.58 -37.41
N GLY G 239 9.34 6.40 -38.44
CA GLY G 239 10.42 7.05 -39.16
C GLY G 239 11.18 6.21 -40.16
N ASP G 240 10.78 4.95 -40.26
CA ASP G 240 11.39 3.99 -41.15
C ASP G 240 10.76 4.09 -42.54
N LYS G 241 11.58 3.85 -43.56
CA LYS G 241 11.26 3.83 -44.97
C LYS G 241 10.94 2.40 -45.39
N ILE G 242 9.90 2.23 -46.20
CA ILE G 242 9.58 0.96 -46.83
C ILE G 242 9.62 1.16 -48.38
N THR G 243 10.46 0.35 -49.06
CA THR G 243 10.64 0.45 -50.49
C THR G 243 10.08 -0.75 -51.23
N PHE G 244 9.49 -0.46 -52.42
CA PHE G 244 8.86 -1.43 -53.31
C PHE G 244 9.38 -1.21 -54.72
N GLU G 245 10.20 -2.16 -55.20
CA GLU G 245 10.79 -2.23 -56.53
C GLU G 245 10.16 -3.44 -57.29
N ALA G 246 9.77 -3.28 -58.58
CA ALA G 246 9.15 -4.39 -59.34
C ALA G 246 9.12 -4.24 -60.86
N THR G 247 9.36 -5.36 -61.55
CA THR G 247 9.30 -5.40 -63.03
C THR G 247 8.07 -6.23 -63.49
N GLY G 248 7.22 -6.60 -62.52
CA GLY G 248 5.96 -7.33 -62.68
C GLY G 248 5.60 -8.05 -61.40
N ASN G 249 4.39 -8.62 -61.34
CA ASN G 249 3.89 -9.46 -60.23
C ASN G 249 3.69 -8.83 -58.84
N LEU G 250 3.75 -7.48 -58.71
CA LEU G 250 3.56 -6.82 -57.43
C LEU G 250 2.09 -6.45 -57.15
N VAL G 251 1.60 -6.88 -56.01
CA VAL G 251 0.28 -6.50 -55.52
C VAL G 251 0.58 -5.49 -54.42
N VAL G 252 0.66 -4.27 -54.88
CA VAL G 252 1.06 -3.09 -54.16
C VAL G 252 0.10 -2.68 -53.06
N PRO G 253 0.61 -2.12 -51.93
CA PRO G 253 -0.30 -1.63 -50.90
C PRO G 253 -1.07 -0.41 -51.46
N ARG G 254 -2.28 -0.19 -50.97
CA ARG G 254 -3.01 1.00 -51.29
C ARG G 254 -3.31 1.69 -49.95
N TYR G 255 -3.78 0.88 -48.95
CA TYR G 255 -4.05 1.36 -47.62
C TYR G 255 -3.14 0.66 -46.64
N ALA G 256 -2.55 1.43 -45.74
CA ALA G 256 -1.76 0.90 -44.66
C ALA G 256 -2.47 1.20 -43.34
N PHE G 257 -1.91 0.75 -42.20
CA PHE G 257 -2.55 0.94 -40.90
C PHE G 257 -1.58 1.40 -39.80
N ALA G 258 -1.66 2.70 -39.38
CA ALA G 258 -0.91 3.27 -38.24
C ALA G 258 -1.53 2.69 -36.95
N MET G 259 -0.71 1.96 -36.20
CA MET G 259 -1.28 1.32 -35.03
C MET G 259 -0.39 1.36 -33.83
N GLU G 260 -1.01 1.04 -32.70
CA GLU G 260 -0.40 0.93 -31.40
C GLU G 260 -1.01 -0.31 -30.81
N ARG G 261 -0.25 -1.41 -30.85
CA ARG G 261 -0.68 -2.74 -30.44
C ARG G 261 -0.66 -2.83 -28.94
N ASN G 262 -1.61 -3.61 -28.37
CA ASN G 262 -1.72 -3.83 -26.92
C ASN G 262 -1.11 -5.17 -26.49
N ALA G 263 -0.97 -5.30 -25.17
CA ALA G 263 -0.39 -6.41 -24.42
C ALA G 263 -1.01 -7.80 -24.64
N GLY G 264 -1.44 -8.45 -23.54
CA GLY G 264 -1.94 -9.83 -23.50
C GLY G 264 -3.39 -10.11 -23.79
N SER G 265 -3.75 -9.99 -25.08
CA SER G 265 -5.09 -10.31 -25.55
C SER G 265 -5.00 -11.26 -26.73
N GLY G 266 -6.16 -11.71 -27.18
CA GLY G 266 -6.26 -12.66 -28.26
C GLY G 266 -7.55 -12.59 -29.01
N ILE G 267 -7.78 -13.59 -29.82
CA ILE G 267 -8.87 -13.77 -30.76
C ILE G 267 -9.82 -14.83 -30.19
N ILE G 268 -11.12 -14.49 -30.10
CA ILE G 268 -12.18 -15.39 -29.64
C ILE G 268 -12.96 -15.87 -30.88
N ILE G 269 -12.98 -17.20 -31.10
CA ILE G 269 -13.72 -17.80 -32.20
C ILE G 269 -14.99 -18.31 -31.55
N SER G 270 -16.10 -17.54 -31.73
CA SER G 270 -17.39 -17.78 -31.07
C SER G 270 -18.65 -17.21 -31.76
N ASP G 271 -19.72 -18.04 -31.79
CA ASP G 271 -21.02 -17.65 -32.33
C ASP G 271 -21.90 -16.95 -31.27
N THR G 272 -21.34 -16.73 -30.04
CA THR G 272 -22.07 -16.05 -28.99
C THR G 272 -22.07 -14.56 -29.30
N PRO G 273 -23.16 -13.80 -29.05
CA PRO G 273 -23.16 -12.40 -29.53
C PRO G 273 -22.40 -11.41 -28.68
N VAL G 274 -22.01 -10.34 -29.32
CA VAL G 274 -21.32 -9.25 -28.65
C VAL G 274 -22.40 -8.27 -28.18
N HIS G 275 -22.26 -7.75 -26.93
CA HIS G 275 -23.23 -6.83 -26.33
C HIS G 275 -22.57 -5.64 -25.64
N ASP G 276 -23.37 -4.63 -25.23
CA ASP G 276 -22.87 -3.40 -24.58
C ASP G 276 -22.35 -3.57 -23.15
N CYS G 277 -22.51 -4.79 -22.57
CA CYS G 277 -21.99 -5.24 -21.28
C CYS G 277 -20.47 -4.98 -21.20
N ASN G 278 -19.94 -4.95 -19.99
CA ASN G 278 -18.52 -4.78 -19.74
C ASN G 278 -18.12 -5.81 -18.68
N THR G 279 -16.97 -6.48 -18.88
CA THR G 279 -16.40 -7.44 -17.91
C THR G 279 -14.90 -7.35 -17.78
N THR G 280 -14.37 -8.14 -16.85
CA THR G 280 -12.94 -8.18 -16.59
C THR G 280 -12.40 -9.56 -16.97
N CYS G 281 -13.30 -10.48 -17.37
CA CYS G 281 -13.02 -11.83 -17.78
C CYS G 281 -14.01 -12.20 -18.87
N GLN G 282 -13.51 -12.63 -20.02
CA GLN G 282 -14.23 -13.03 -21.20
C GLN G 282 -13.87 -14.45 -21.59
N THR G 283 -14.86 -15.23 -21.93
CA THR G 283 -14.84 -16.61 -22.36
C THR G 283 -15.61 -16.63 -23.72
N PRO G 284 -15.36 -17.60 -24.64
CA PRO G 284 -16.15 -17.62 -25.90
C PRO G 284 -17.64 -17.93 -25.65
N LYS G 285 -18.00 -18.56 -24.50
CA LYS G 285 -19.41 -18.88 -24.10
C LYS G 285 -20.16 -17.66 -23.50
N GLY G 286 -19.43 -16.70 -22.96
CA GLY G 286 -19.97 -15.53 -22.27
C GLY G 286 -18.98 -15.00 -21.25
N ALA G 287 -19.35 -13.93 -20.53
CA ALA G 287 -18.45 -13.25 -19.59
C ALA G 287 -18.62 -13.64 -18.09
N ILE G 288 -17.56 -13.38 -17.26
CA ILE G 288 -17.57 -13.71 -15.82
C ILE G 288 -17.36 -12.49 -14.92
N ASN G 289 -18.25 -12.30 -13.92
CA ASN G 289 -18.12 -11.25 -12.91
C ASN G 289 -17.23 -11.87 -11.78
N THR G 290 -15.91 -11.91 -12.09
CA THR G 290 -14.79 -12.53 -11.35
C THR G 290 -14.52 -12.11 -9.88
N SER G 291 -15.29 -12.64 -8.91
CA SER G 291 -14.97 -12.37 -7.49
C SER G 291 -14.18 -13.58 -6.94
N LEU G 292 -14.76 -14.76 -7.16
CA LEU G 292 -14.34 -16.10 -6.81
C LEU G 292 -13.02 -16.54 -7.46
N PRO G 293 -12.29 -17.51 -6.86
CA PRO G 293 -10.99 -17.88 -7.41
C PRO G 293 -11.00 -18.95 -8.50
N PHE G 294 -12.09 -19.73 -8.56
CA PHE G 294 -12.24 -20.84 -9.50
C PHE G 294 -13.42 -20.68 -10.39
N GLN G 295 -13.25 -21.19 -11.61
CA GLN G 295 -14.24 -21.08 -12.68
C GLN G 295 -14.21 -22.42 -13.43
N ASN G 296 -15.38 -22.94 -13.85
CA ASN G 296 -15.43 -24.21 -14.60
C ASN G 296 -16.13 -24.06 -15.98
N ILE G 297 -16.33 -22.82 -16.42
CA ILE G 297 -16.96 -22.47 -17.67
C ILE G 297 -16.06 -22.80 -18.86
N HIS G 298 -14.90 -22.17 -18.96
CA HIS G 298 -14.04 -22.38 -20.10
C HIS G 298 -12.57 -22.20 -19.77
N PRO G 299 -11.70 -23.12 -20.23
CA PRO G 299 -10.26 -22.94 -20.04
C PRO G 299 -9.71 -21.73 -20.81
N ILE G 300 -10.21 -21.49 -22.03
CA ILE G 300 -9.77 -20.35 -22.83
C ILE G 300 -10.55 -19.15 -22.37
N THR G 301 -9.85 -18.21 -21.73
CA THR G 301 -10.43 -16.97 -21.22
C THR G 301 -9.52 -15.80 -21.54
N ILE G 302 -10.07 -14.56 -21.69
CA ILE G 302 -9.25 -13.34 -21.85
C ILE G 302 -9.58 -12.42 -20.68
N GLY G 303 -8.55 -11.86 -20.05
CA GLY G 303 -8.70 -10.96 -18.91
C GLY G 303 -8.10 -11.45 -17.61
N LYS G 304 -8.39 -10.72 -16.51
CA LYS G 304 -8.00 -11.03 -15.13
C LYS G 304 -9.10 -12.02 -14.71
N CYS G 305 -8.84 -13.30 -14.91
CA CYS G 305 -9.78 -14.41 -14.78
C CYS G 305 -9.58 -15.34 -13.60
N PRO G 306 -10.67 -16.00 -13.07
CA PRO G 306 -10.46 -17.03 -12.06
C PRO G 306 -9.85 -18.26 -12.76
N LYS G 307 -8.97 -18.97 -12.06
CA LYS G 307 -8.31 -20.12 -12.65
C LYS G 307 -9.29 -21.21 -13.05
N TYR G 308 -9.10 -21.79 -14.25
CA TYR G 308 -9.94 -22.87 -14.74
C TYR G 308 -9.70 -24.17 -14.02
N VAL G 309 -10.77 -24.73 -13.51
CA VAL G 309 -10.80 -25.96 -12.72
C VAL G 309 -11.82 -26.94 -13.34
N LYS G 310 -11.56 -28.24 -13.23
CA LYS G 310 -12.46 -29.29 -13.77
C LYS G 310 -13.70 -29.49 -12.86
N SER G 311 -13.57 -29.18 -11.54
CA SER G 311 -14.58 -29.36 -10.50
C SER G 311 -15.97 -28.84 -10.85
N THR G 312 -16.99 -29.45 -10.23
CA THR G 312 -18.41 -29.14 -10.45
C THR G 312 -19.02 -28.53 -9.18
N LYS G 313 -18.35 -28.78 -8.03
CA LYS G 313 -18.74 -28.30 -6.71
C LYS G 313 -17.48 -27.96 -5.91
N LEU G 314 -17.47 -26.75 -5.31
CA LEU G 314 -16.40 -26.26 -4.45
C LEU G 314 -17.02 -25.37 -3.36
N ARG G 315 -17.82 -25.99 -2.48
CA ARG G 315 -18.49 -25.31 -1.39
C ARG G 315 -17.63 -25.31 -0.14
N LEU G 316 -17.36 -24.12 0.39
CA LEU G 316 -16.63 -23.94 1.63
C LEU G 316 -17.66 -23.75 2.71
N ALA G 317 -17.58 -24.58 3.78
CA ALA G 317 -18.49 -24.46 4.88
C ALA G 317 -18.08 -23.23 5.68
N THR G 318 -19.08 -22.42 6.11
CA THR G 318 -18.88 -21.23 6.94
C THR G 318 -19.58 -21.47 8.25
N GLY G 319 -20.62 -22.29 8.19
CA GLY G 319 -21.41 -22.66 9.34
C GLY G 319 -21.02 -24.03 9.82
N LEU G 320 -21.78 -24.54 10.78
CA LEU G 320 -21.51 -25.82 11.37
C LEU G 320 -22.45 -26.86 10.82
N ARG G 321 -22.25 -28.13 11.25
CA ARG G 321 -23.10 -29.28 10.93
C ARG G 321 -24.52 -28.92 11.38
N ASN G 322 -25.45 -28.81 10.42
CA ASN G 322 -26.84 -28.47 10.74
C ASN G 322 -27.47 -29.73 11.25
N ILE G 323 -27.77 -29.76 12.56
CA ILE G 323 -28.40 -30.87 13.28
C ILE G 323 -29.77 -30.41 13.87
N PRO G 324 -30.85 -30.24 13.06
CA PRO G 324 -32.15 -29.89 13.67
C PRO G 324 -32.81 -31.14 14.27
N SER G 325 -32.06 -32.27 14.30
CA SER G 325 -32.47 -33.59 14.78
C SER G 325 -32.84 -33.60 16.27
N GLY H 1 -17.15 -33.53 16.54
CA GLY H 1 -16.13 -34.37 15.93
C GLY H 1 -14.81 -34.33 16.66
N LEU H 2 -13.86 -33.48 16.18
CA LEU H 2 -12.53 -33.39 16.79
C LEU H 2 -12.53 -33.01 18.26
N PHE H 3 -13.44 -32.10 18.64
CA PHE H 3 -13.55 -31.61 20.01
C PHE H 3 -14.67 -32.21 20.87
N GLY H 4 -15.40 -33.17 20.30
CA GLY H 4 -16.44 -33.95 20.95
C GLY H 4 -17.63 -33.24 21.57
N ALA H 5 -17.81 -31.93 21.28
CA ALA H 5 -18.95 -31.18 21.80
C ALA H 5 -20.11 -31.17 20.75
N ILE H 6 -19.87 -30.64 19.52
CA ILE H 6 -20.87 -30.64 18.42
C ILE H 6 -20.97 -32.08 17.92
N ALA H 7 -22.21 -32.65 17.95
CA ALA H 7 -22.58 -34.03 17.59
C ALA H 7 -21.84 -35.04 18.49
N GLY H 8 -21.45 -34.54 19.66
CA GLY H 8 -20.76 -35.28 20.70
C GLY H 8 -21.65 -35.35 21.92
N PHE H 9 -21.22 -34.72 23.03
CA PHE H 9 -22.02 -34.69 24.25
C PHE H 9 -23.22 -33.76 24.09
N ILE H 10 -23.10 -32.71 23.22
CA ILE H 10 -24.28 -31.91 22.89
C ILE H 10 -24.81 -32.58 21.61
N GLU H 11 -25.77 -33.52 21.78
CA GLU H 11 -26.37 -34.36 20.74
C GLU H 11 -26.67 -33.64 19.43
N GLY H 12 -27.43 -32.54 19.52
CA GLY H 12 -27.88 -31.76 18.38
C GLY H 12 -27.99 -30.25 18.51
N GLY H 13 -28.43 -29.63 17.43
CA GLY H 13 -28.59 -28.19 17.34
C GLY H 13 -29.96 -27.71 17.71
N TRP H 14 -30.06 -26.38 17.77
CA TRP H 14 -31.29 -25.71 18.15
C TRP H 14 -31.83 -24.85 16.99
N THR H 15 -33.09 -25.07 16.61
CA THR H 15 -33.72 -24.25 15.58
C THR H 15 -34.28 -23.00 16.24
N GLY H 16 -34.57 -23.12 17.53
CA GLY H 16 -35.09 -22.05 18.39
C GLY H 16 -34.11 -20.92 18.55
N MET H 17 -32.82 -21.21 18.37
CA MET H 17 -31.82 -20.17 18.46
C MET H 17 -31.57 -19.55 17.07
N VAL H 18 -32.28 -18.46 16.78
CA VAL H 18 -32.13 -17.71 15.52
C VAL H 18 -30.93 -16.75 15.67
N ASP H 19 -30.88 -15.99 16.79
CA ASP H 19 -29.91 -14.94 17.15
C ASP H 19 -28.41 -15.20 16.97
N GLY H 20 -28.02 -16.43 16.61
CA GLY H 20 -26.62 -16.73 16.38
C GLY H 20 -26.27 -18.19 16.32
N TRP H 21 -24.93 -18.47 16.19
CA TRP H 21 -24.30 -19.78 16.07
C TRP H 21 -24.22 -20.58 17.37
N TYR H 22 -23.76 -19.95 18.46
CA TYR H 22 -23.60 -20.66 19.72
C TYR H 22 -24.18 -19.84 20.84
N GLY H 23 -24.95 -20.48 21.71
CA GLY H 23 -25.53 -19.79 22.84
C GLY H 23 -26.08 -20.68 23.94
N TYR H 24 -27.10 -20.16 24.60
CA TYR H 24 -27.68 -20.81 25.74
C TYR H 24 -29.16 -21.00 25.67
N HIS H 25 -29.66 -21.92 26.48
CA HIS H 25 -31.07 -22.12 26.79
C HIS H 25 -31.15 -22.22 28.33
N HIS H 26 -32.20 -21.66 28.93
CA HIS H 26 -32.34 -21.64 30.38
C HIS H 26 -33.79 -21.80 30.81
N GLN H 27 -34.02 -22.51 31.92
CA GLN H 27 -35.35 -22.73 32.51
C GLN H 27 -35.27 -22.32 33.97
N ASN H 28 -36.00 -21.28 34.36
CA ASN H 28 -36.01 -20.85 35.75
C ASN H 28 -37.44 -20.52 36.22
N GLU H 29 -37.58 -19.82 37.37
CA GLU H 29 -38.86 -19.42 37.96
C GLU H 29 -39.66 -18.55 36.99
N GLN H 30 -38.99 -17.54 36.38
CA GLN H 30 -39.59 -16.59 35.45
C GLN H 30 -39.16 -16.78 33.99
N GLY H 31 -39.82 -17.73 33.33
CA GLY H 31 -39.61 -18.04 31.91
C GLY H 31 -38.39 -18.84 31.51
N SER H 32 -38.44 -19.34 30.27
CA SER H 32 -37.42 -20.14 29.60
C SER H 32 -37.06 -19.46 28.31
N GLY H 33 -35.81 -19.51 27.95
CA GLY H 33 -35.41 -18.86 26.72
C GLY H 33 -34.08 -19.24 26.13
N TYR H 34 -34.04 -19.23 24.79
CA TYR H 34 -32.86 -19.40 23.97
C TYR H 34 -32.25 -18.02 23.85
N ALA H 35 -30.94 -17.92 23.96
CA ALA H 35 -30.24 -16.64 23.79
C ALA H 35 -28.85 -16.92 23.24
N ALA H 36 -28.45 -16.27 22.14
CA ALA H 36 -27.12 -16.55 21.58
C ALA H 36 -26.05 -15.86 22.38
N ASP H 37 -24.84 -16.46 22.42
CA ASP H 37 -23.68 -15.88 23.11
C ASP H 37 -23.01 -15.00 22.10
N LEU H 38 -23.41 -13.72 22.09
CA LEU H 38 -22.95 -12.72 21.12
C LEU H 38 -21.45 -12.59 20.86
N LYS H 39 -20.62 -12.65 21.93
CA LYS H 39 -19.16 -12.55 21.83
C LYS H 39 -18.61 -13.72 21.02
N SER H 40 -18.92 -14.97 21.42
CA SER H 40 -18.49 -16.18 20.71
C SER H 40 -18.86 -16.14 19.24
N THR H 41 -20.14 -15.87 18.96
CA THR H 41 -20.73 -15.77 17.63
C THR H 41 -20.03 -14.70 16.83
N GLN H 42 -19.96 -13.45 17.33
CA GLN H 42 -19.32 -12.37 16.58
C GLN H 42 -17.84 -12.58 16.31
N ASN H 43 -17.08 -13.17 17.26
CA ASN H 43 -15.67 -13.54 17.04
C ASN H 43 -15.56 -14.59 15.93
N ALA H 44 -16.35 -15.67 16.03
CA ALA H 44 -16.44 -16.73 15.04
C ALA H 44 -16.86 -16.21 13.66
N ILE H 45 -17.92 -15.33 13.57
CA ILE H 45 -18.36 -14.70 12.29
C ILE H 45 -17.13 -14.02 11.70
N ASP H 46 -16.48 -13.12 12.50
CA ASP H 46 -15.29 -12.36 12.14
C ASP H 46 -14.12 -13.26 11.73
N GLU H 47 -13.87 -14.33 12.51
CA GLU H 47 -12.81 -15.29 12.22
C GLU H 47 -13.11 -16.08 10.94
N ILE H 48 -14.34 -16.61 10.77
CA ILE H 48 -14.73 -17.35 9.55
C ILE H 48 -14.75 -16.47 8.28
N THR H 49 -15.25 -15.21 8.36
CA THR H 49 -15.27 -14.27 7.21
C THR H 49 -13.85 -14.02 6.71
N ASN H 50 -12.88 -13.86 7.65
CA ASN H 50 -11.47 -13.68 7.32
C ASN H 50 -10.97 -14.91 6.54
N LYS H 51 -11.28 -16.12 7.06
CA LYS H 51 -10.93 -17.38 6.43
C LYS H 51 -11.33 -17.37 4.95
N VAL H 52 -12.64 -17.15 4.66
CA VAL H 52 -13.18 -17.09 3.31
C VAL H 52 -12.38 -16.11 2.45
N ASN H 53 -12.35 -14.83 2.87
CA ASN H 53 -11.62 -13.75 2.23
C ASN H 53 -10.16 -14.11 1.91
N SER H 54 -9.51 -14.90 2.78
CA SER H 54 -8.11 -15.31 2.59
C SER H 54 -7.99 -16.30 1.44
N VAL H 55 -8.96 -17.21 1.28
CA VAL H 55 -8.98 -18.19 0.20
C VAL H 55 -9.32 -17.45 -1.15
N ILE H 56 -10.25 -16.48 -1.08
CA ILE H 56 -10.62 -15.73 -2.26
C ILE H 56 -9.51 -14.73 -2.63
N GLU H 57 -9.36 -13.65 -1.85
CA GLU H 57 -8.41 -12.58 -2.09
C GLU H 57 -6.96 -12.94 -2.33
N LYS H 58 -6.50 -14.10 -1.84
CA LYS H 58 -5.09 -14.45 -2.09
C LYS H 58 -4.77 -14.78 -3.55
N MET H 59 -5.82 -14.94 -4.39
CA MET H 59 -5.74 -15.24 -5.82
C MET H 59 -5.04 -14.15 -6.60
N ASN H 60 -5.70 -13.00 -6.79
CA ASN H 60 -5.17 -11.88 -7.57
C ASN H 60 -5.07 -12.13 -9.13
N THR H 61 -3.98 -12.72 -9.66
CA THR H 61 -3.80 -13.00 -11.11
C THR H 61 -3.81 -11.84 -12.13
N GLN H 62 -2.88 -11.91 -13.07
CA GLN H 62 -2.75 -10.88 -14.12
C GLN H 62 -3.67 -11.09 -15.35
N PHE H 63 -3.75 -10.05 -16.21
CA PHE H 63 -4.49 -10.04 -17.47
C PHE H 63 -3.74 -10.98 -18.42
N THR H 64 -4.45 -11.98 -18.93
CA THR H 64 -3.86 -13.01 -19.77
C THR H 64 -4.82 -13.37 -20.89
N ALA H 65 -4.26 -13.91 -21.99
CA ALA H 65 -4.95 -14.50 -23.12
C ALA H 65 -5.24 -15.90 -22.60
N VAL H 66 -4.55 -16.94 -23.08
CA VAL H 66 -4.62 -18.39 -22.73
C VAL H 66 -4.58 -19.02 -24.07
N GLY H 67 -5.52 -18.61 -24.91
CA GLY H 67 -5.63 -19.07 -26.28
C GLY H 67 -4.39 -18.79 -27.11
N LYS H 68 -4.10 -19.71 -28.02
CA LYS H 68 -3.00 -19.62 -28.94
C LYS H 68 -3.39 -20.18 -30.27
N GLU H 69 -2.96 -19.51 -31.32
CA GLU H 69 -3.23 -19.92 -32.68
C GLU H 69 -1.93 -20.42 -33.32
N PHE H 70 -1.93 -21.70 -33.72
CA PHE H 70 -0.81 -22.41 -34.33
C PHE H 70 -1.27 -23.02 -35.61
N ASN H 71 -0.45 -22.98 -36.67
CA ASN H 71 -0.88 -23.58 -37.93
C ASN H 71 -0.65 -25.09 -37.96
N HIS H 72 -0.89 -25.70 -39.14
CA HIS H 72 -0.76 -27.15 -39.36
C HIS H 72 0.64 -27.65 -39.18
N LEU H 73 1.66 -26.83 -39.50
CA LEU H 73 3.04 -27.28 -39.32
C LEU H 73 3.61 -26.79 -37.99
N GLU H 74 2.72 -26.61 -37.00
CA GLU H 74 3.11 -26.21 -35.64
C GLU H 74 2.38 -27.05 -34.63
N LYS H 75 2.24 -28.37 -34.89
CA LYS H 75 1.52 -29.28 -33.99
C LYS H 75 2.21 -29.52 -32.62
N ARG H 76 3.55 -29.64 -32.61
CA ARG H 76 4.32 -29.87 -31.37
C ARG H 76 4.19 -28.69 -30.40
N ILE H 77 4.27 -27.45 -30.91
CA ILE H 77 4.13 -26.26 -30.07
C ILE H 77 2.70 -26.10 -29.62
N GLU H 78 1.75 -26.50 -30.49
CA GLU H 78 0.35 -26.51 -30.15
C GLU H 78 0.13 -27.49 -29.02
N ASN H 79 0.81 -28.65 -29.08
CA ASN H 79 0.76 -29.68 -28.05
C ASN H 79 1.41 -29.26 -26.73
N LEU H 80 2.56 -28.52 -26.80
CA LEU H 80 3.27 -27.98 -25.62
C LEU H 80 2.30 -27.01 -24.90
N ASN H 81 1.57 -26.21 -25.70
CA ASN H 81 0.57 -25.26 -25.22
C ASN H 81 -0.56 -26.00 -24.52
N LYS H 82 -1.04 -27.11 -25.13
CA LYS H 82 -2.08 -27.97 -24.55
C LYS H 82 -1.53 -28.55 -23.24
N LYS H 83 -0.28 -29.06 -23.23
CA LYS H 83 0.37 -29.61 -22.03
C LYS H 83 0.40 -28.58 -20.92
N VAL H 84 0.76 -27.34 -21.24
CA VAL H 84 0.75 -26.25 -20.28
C VAL H 84 -0.67 -26.07 -19.72
N ASP H 85 -1.70 -25.82 -20.59
CA ASP H 85 -3.13 -25.64 -20.21
C ASP H 85 -3.66 -26.76 -19.34
N ASP H 86 -3.49 -28.01 -19.81
CA ASP H 86 -3.91 -29.21 -19.11
C ASP H 86 -3.13 -29.39 -17.82
N GLY H 87 -1.83 -29.06 -17.87
CA GLY H 87 -0.93 -29.10 -16.71
C GLY H 87 -1.38 -28.21 -15.58
N PHE H 88 -1.75 -26.95 -15.90
CA PHE H 88 -2.29 -25.98 -14.95
C PHE H 88 -3.69 -26.37 -14.53
N LEU H 89 -4.41 -27.12 -15.39
CA LEU H 89 -5.78 -27.56 -15.10
C LEU H 89 -5.78 -28.60 -13.98
N ASP H 90 -4.90 -29.62 -14.11
CA ASP H 90 -4.65 -30.68 -13.16
C ASP H 90 -4.12 -30.13 -11.82
N ILE H 91 -3.27 -29.07 -11.84
CA ILE H 91 -2.69 -28.49 -10.62
C ILE H 91 -3.77 -27.81 -9.83
N TRP H 92 -4.46 -26.89 -10.49
CA TRP H 92 -5.52 -26.11 -9.88
C TRP H 92 -6.75 -26.88 -9.39
N THR H 93 -7.23 -27.89 -10.16
CA THR H 93 -8.41 -28.72 -9.80
C THR H 93 -8.10 -29.54 -8.54
N TYR H 94 -6.89 -30.11 -8.47
CA TYR H 94 -6.47 -30.95 -7.36
C TYR H 94 -6.37 -30.08 -6.12
N ASN H 95 -5.57 -29.00 -6.23
CA ASN H 95 -5.32 -28.05 -5.17
C ASN H 95 -6.57 -27.52 -4.57
N ALA H 96 -7.52 -27.09 -5.43
CA ALA H 96 -8.80 -26.54 -5.03
C ALA H 96 -9.66 -27.56 -4.29
N GLU H 97 -9.80 -28.76 -4.87
CA GLU H 97 -10.61 -29.79 -4.28
C GLU H 97 -10.13 -30.16 -2.86
N LEU H 98 -8.83 -30.42 -2.73
CA LEU H 98 -8.18 -30.78 -1.46
C LEU H 98 -8.26 -29.66 -0.45
N LEU H 99 -8.03 -28.40 -0.87
CA LEU H 99 -8.11 -27.22 -0.02
C LEU H 99 -9.52 -27.17 0.61
N VAL H 100 -10.53 -27.33 -0.25
CA VAL H 100 -11.91 -27.35 0.17
C VAL H 100 -12.14 -28.47 1.19
N LEU H 101 -11.87 -29.73 0.83
CA LEU H 101 -12.00 -30.91 1.69
C LEU H 101 -11.33 -30.72 3.05
N LEU H 102 -10.03 -30.31 3.06
CA LEU H 102 -9.20 -30.06 4.25
C LEU H 102 -9.75 -28.96 5.17
N GLU H 103 -10.06 -27.79 4.61
CA GLU H 103 -10.53 -26.64 5.37
C GLU H 103 -11.95 -26.76 5.91
N ASN H 104 -12.77 -27.58 5.21
CA ASN H 104 -14.14 -27.88 5.64
C ASN H 104 -14.08 -28.67 6.94
N GLU H 105 -13.13 -29.64 7.01
CA GLU H 105 -12.87 -30.37 8.22
C GLU H 105 -12.46 -29.37 9.33
N ARG H 106 -11.44 -28.52 9.09
CA ARG H 106 -10.92 -27.53 10.06
C ARG H 106 -11.94 -26.51 10.57
N THR H 107 -12.96 -26.16 9.74
CA THR H 107 -14.06 -25.22 10.06
C THR H 107 -15.00 -25.87 11.07
N LEU H 108 -15.45 -27.10 10.76
CA LEU H 108 -16.37 -27.87 11.61
C LEU H 108 -15.70 -28.15 12.95
N ASP H 109 -14.42 -28.49 12.90
CA ASP H 109 -13.61 -28.72 14.07
C ASP H 109 -13.48 -27.41 14.85
N TYR H 110 -13.49 -26.30 14.13
CA TYR H 110 -13.35 -24.97 14.71
C TYR H 110 -14.56 -24.69 15.57
N HIS H 111 -15.75 -24.77 14.99
CA HIS H 111 -17.03 -24.55 15.65
C HIS H 111 -17.18 -25.48 16.85
N ASP H 112 -16.62 -26.70 16.73
CA ASP H 112 -16.65 -27.71 17.78
C ASP H 112 -15.85 -27.25 19.00
N SER H 113 -14.75 -26.50 18.78
CA SER H 113 -13.95 -26.02 19.91
C SER H 113 -14.67 -24.84 20.56
N ASN H 114 -15.18 -23.90 19.76
CA ASN H 114 -15.91 -22.74 20.26
C ASN H 114 -17.05 -23.15 21.18
N VAL H 115 -17.69 -24.30 20.87
CA VAL H 115 -18.75 -24.88 21.71
C VAL H 115 -18.12 -25.48 22.99
N LYS H 116 -17.07 -26.32 22.83
CA LYS H 116 -16.38 -26.96 23.96
C LYS H 116 -15.86 -25.89 24.92
N ASN H 117 -15.23 -24.84 24.36
CA ASN H 117 -14.67 -23.72 25.12
C ASN H 117 -15.75 -23.02 25.91
N LEU H 118 -16.90 -22.72 25.25
CA LEU H 118 -18.08 -22.06 25.84
C LEU H 118 -18.67 -22.91 26.96
N TYR H 119 -18.77 -24.24 26.74
CA TYR H 119 -19.26 -25.19 27.72
C TYR H 119 -18.35 -25.22 28.92
N GLU H 120 -17.04 -25.37 28.68
CA GLU H 120 -16.02 -25.40 29.72
C GLU H 120 -16.02 -24.11 30.54
N LYS H 121 -16.15 -22.93 29.87
CA LYS H 121 -16.17 -21.60 30.51
C LYS H 121 -17.23 -21.59 31.60
N VAL H 122 -18.45 -22.05 31.28
CA VAL H 122 -19.60 -22.15 32.19
C VAL H 122 -19.30 -23.12 33.34
N ARG H 123 -18.70 -24.28 33.03
CA ARG H 123 -18.32 -25.34 33.97
C ARG H 123 -17.35 -24.85 35.05
N SER H 124 -16.33 -24.09 34.62
CA SER H 124 -15.28 -23.51 35.46
C SER H 124 -15.84 -22.48 36.44
N GLN H 125 -16.87 -21.72 36.01
CA GLN H 125 -17.53 -20.70 36.84
C GLN H 125 -18.43 -21.30 37.90
N LEU H 126 -19.34 -22.19 37.47
CA LEU H 126 -20.34 -22.83 38.31
C LEU H 126 -19.78 -23.69 39.42
N LYS H 127 -18.82 -24.59 39.07
CA LYS H 127 -18.18 -25.52 40.00
C LYS H 127 -19.23 -26.37 40.73
N ASN H 128 -19.05 -26.54 42.05
CA ASN H 128 -19.86 -27.23 43.04
C ASN H 128 -21.31 -26.74 43.12
N ASN H 129 -21.57 -25.49 42.68
CA ASN H 129 -22.89 -24.88 42.70
C ASN H 129 -23.89 -25.48 41.73
N ALA H 130 -23.41 -26.24 40.74
CA ALA H 130 -24.31 -26.84 39.76
C ALA H 130 -23.92 -28.26 39.42
N LYS H 131 -24.93 -29.07 39.12
CA LYS H 131 -24.79 -30.47 38.74
C LYS H 131 -24.65 -30.52 37.21
N GLU H 132 -23.52 -31.07 36.74
CA GLU H 132 -23.26 -31.29 35.31
C GLU H 132 -24.18 -32.45 34.92
N ILE H 133 -25.27 -32.17 34.20
CA ILE H 133 -26.19 -33.25 33.87
C ILE H 133 -25.86 -34.00 32.61
N GLY H 134 -25.11 -33.37 31.72
CA GLY H 134 -24.76 -33.95 30.43
C GLY H 134 -25.66 -33.39 29.34
N ASN H 135 -25.23 -33.58 28.09
CA ASN H 135 -25.90 -33.03 26.91
C ASN H 135 -25.77 -31.49 26.91
N GLY H 136 -24.75 -31.00 27.65
CA GLY H 136 -24.40 -29.59 27.76
C GLY H 136 -25.22 -28.74 28.71
N CYS H 137 -25.98 -29.36 29.61
CA CYS H 137 -26.77 -28.60 30.55
C CYS H 137 -26.21 -28.71 31.96
N PHE H 138 -26.50 -27.70 32.76
CA PHE H 138 -26.15 -27.62 34.16
C PHE H 138 -27.44 -27.42 34.90
N GLU H 139 -27.68 -28.29 35.90
CA GLU H 139 -28.79 -28.24 36.82
C GLU H 139 -28.18 -27.48 38.02
N PHE H 140 -28.70 -26.28 38.33
CA PHE H 140 -28.18 -25.46 39.43
C PHE H 140 -28.68 -25.97 40.78
N TYR H 141 -27.78 -25.98 41.79
CA TYR H 141 -28.08 -26.43 43.15
C TYR H 141 -28.72 -25.35 44.03
N HIS H 142 -28.86 -24.14 43.47
CA HIS H 142 -29.48 -22.94 44.07
C HIS H 142 -30.40 -22.28 43.03
N LYS H 143 -31.38 -21.48 43.50
CA LYS H 143 -32.28 -20.74 42.61
C LYS H 143 -31.49 -19.70 41.81
N CYS H 144 -31.45 -19.88 40.49
CA CYS H 144 -30.75 -18.97 39.59
C CYS H 144 -31.77 -18.15 38.78
N ASP H 145 -32.13 -16.95 39.30
CA ASP H 145 -33.06 -16.03 38.65
C ASP H 145 -32.41 -15.42 37.39
N ASN H 146 -33.15 -14.52 36.69
CA ASN H 146 -32.68 -13.89 35.46
C ASN H 146 -31.32 -13.19 35.60
N THR H 147 -31.14 -12.41 36.67
CA THR H 147 -29.87 -11.72 36.93
C THR H 147 -28.70 -12.68 37.17
N CYS H 148 -28.95 -13.83 37.82
CA CYS H 148 -27.92 -14.86 38.08
C CYS H 148 -27.57 -15.53 36.75
N MET H 149 -28.60 -15.84 35.97
CA MET H 149 -28.49 -16.48 34.67
C MET H 149 -27.68 -15.61 33.74
N GLU H 150 -27.93 -14.29 33.76
CA GLU H 150 -27.15 -13.40 32.92
C GLU H 150 -25.68 -13.36 33.36
N SER H 151 -25.42 -13.39 34.69
CA SER H 151 -24.08 -13.43 35.29
C SER H 151 -23.26 -14.63 34.80
N VAL H 152 -23.93 -15.79 34.61
CA VAL H 152 -23.27 -17.00 34.12
C VAL H 152 -22.80 -16.76 32.66
N LYS H 153 -23.76 -16.36 31.79
CA LYS H 153 -23.56 -16.11 30.36
C LYS H 153 -22.44 -15.11 30.04
N ASN H 154 -22.36 -13.99 30.80
CA ASN H 154 -21.33 -12.96 30.60
C ASN H 154 -20.16 -13.04 31.60
N GLY H 155 -19.76 -14.29 31.91
CA GLY H 155 -18.66 -14.68 32.77
C GLY H 155 -18.53 -14.01 34.12
N THR H 156 -19.61 -13.40 34.64
CA THR H 156 -19.64 -12.66 35.91
C THR H 156 -20.32 -13.41 37.08
N TYR H 157 -20.48 -14.75 36.95
CA TYR H 157 -21.13 -15.59 37.96
C TYR H 157 -20.40 -15.55 39.30
N ASP H 158 -21.18 -15.35 40.39
CA ASP H 158 -20.64 -15.24 41.74
C ASP H 158 -20.74 -16.56 42.52
N TYR H 159 -19.72 -17.44 42.41
CA TYR H 159 -19.74 -18.73 43.12
C TYR H 159 -19.94 -18.58 44.65
N PRO H 160 -19.16 -17.70 45.35
CA PRO H 160 -19.35 -17.56 46.81
C PRO H 160 -20.74 -17.08 47.23
N LYS H 161 -21.41 -16.26 46.38
CA LYS H 161 -22.75 -15.74 46.67
C LYS H 161 -23.74 -16.86 46.93
N TYR H 162 -23.80 -17.84 46.02
CA TYR H 162 -24.73 -18.97 46.06
C TYR H 162 -24.19 -20.23 46.74
N SER H 163 -22.88 -20.26 47.04
CA SER H 163 -22.13 -21.35 47.67
C SER H 163 -22.88 -22.04 48.77
N GLU H 164 -23.36 -21.27 49.77
CA GLU H 164 -24.07 -21.89 50.87
C GLU H 164 -25.47 -22.40 50.55
N GLU H 165 -26.20 -21.73 49.61
CA GLU H 165 -27.52 -22.21 49.15
C GLU H 165 -27.31 -23.55 48.42
N ALA H 166 -26.26 -23.59 47.56
CA ALA H 166 -25.87 -24.75 46.77
C ALA H 166 -25.33 -25.90 47.61
N LYS H 167 -24.46 -25.61 48.61
CA LYS H 167 -23.92 -26.64 49.51
C LYS H 167 -25.06 -27.30 50.29
N LEU H 168 -26.05 -26.49 50.69
CA LEU H 168 -27.23 -26.88 51.44
C LEU H 168 -27.95 -27.98 50.69
N ASN H 169 -28.39 -27.68 49.42
CA ASN H 169 -29.13 -28.64 48.57
C ASN H 169 -28.29 -29.80 48.02
N ARG H 170 -26.96 -29.62 47.87
CA ARG H 170 -26.09 -30.68 47.36
C ARG H 170 -26.13 -31.95 48.24
N GLU H 171 -26.22 -31.77 49.57
CA GLU H 171 -26.26 -32.88 50.54
C GLU H 171 -27.56 -32.98 51.36
N ASP I 3 -0.93 -21.17 49.36
CA ASP I 3 0.18 -21.39 48.43
C ASP I 3 -0.29 -21.55 47.00
N THR I 4 0.56 -21.19 46.01
CA THR I 4 0.21 -21.26 44.57
C THR I 4 1.26 -21.85 43.61
N LEU I 5 0.76 -22.46 42.52
CA LEU I 5 1.48 -23.01 41.37
C LEU I 5 0.66 -22.63 40.16
N CYS I 6 1.28 -21.90 39.23
CA CYS I 6 0.59 -21.38 38.07
C CYS I 6 1.22 -21.85 36.79
N ILE I 7 0.40 -22.17 35.79
CA ILE I 7 0.88 -22.60 34.50
C ILE I 7 0.66 -21.44 33.54
N GLY I 8 1.67 -21.18 32.71
CA GLY I 8 1.64 -20.08 31.79
C GLY I 8 2.57 -20.22 30.60
N TYR I 9 2.47 -19.23 29.73
CA TYR I 9 3.23 -19.14 28.50
C TYR I 9 4.13 -17.94 28.48
N HIS I 10 5.13 -18.01 27.62
CA HIS I 10 6.13 -16.98 27.43
C HIS I 10 5.53 -15.74 26.80
N ALA I 11 6.10 -14.59 27.12
CA ALA I 11 5.73 -13.29 26.57
C ALA I 11 6.98 -12.44 26.46
N ASN I 12 7.09 -11.68 25.39
CA ASN I 12 8.27 -10.84 25.16
C ASN I 12 7.92 -9.52 24.50
N ASN I 13 8.92 -8.64 24.35
CA ASN I 13 8.73 -7.34 23.75
C ASN I 13 8.64 -7.39 22.21
N SER I 14 8.62 -8.61 21.61
CA SER I 14 8.54 -8.78 20.16
C SER I 14 7.23 -8.29 19.56
N THR I 15 7.37 -7.53 18.44
CA THR I 15 6.32 -6.87 17.67
C THR I 15 6.12 -7.49 16.30
N ASP I 16 6.76 -8.65 16.03
CA ASP I 16 6.58 -9.33 14.76
C ASP I 16 5.19 -9.89 14.68
N THR I 17 4.46 -9.52 13.64
CA THR I 17 3.13 -10.04 13.42
C THR I 17 3.13 -11.03 12.26
N VAL I 18 2.13 -11.87 12.25
CA VAL I 18 1.87 -12.86 11.20
C VAL I 18 0.37 -12.87 10.98
N ASP I 19 -0.06 -13.23 9.77
CA ASP I 19 -1.46 -13.35 9.45
C ASP I 19 -1.78 -14.83 9.50
N THR I 20 -2.96 -15.14 10.00
CA THR I 20 -3.42 -16.51 10.06
C THR I 20 -4.64 -16.61 9.17
N VAL I 21 -5.25 -17.80 9.10
CA VAL I 21 -6.45 -18.01 8.30
C VAL I 21 -7.65 -17.34 9.00
N LEU I 22 -7.62 -17.26 10.34
CA LEU I 22 -8.73 -16.67 11.06
C LEU I 22 -8.57 -15.21 11.44
N GLU I 23 -7.32 -14.76 11.60
CA GLU I 23 -7.04 -13.40 12.06
C GLU I 23 -5.81 -12.85 11.35
N LYS I 24 -5.80 -11.54 11.09
CA LYS I 24 -4.65 -10.87 10.49
C LYS I 24 -3.89 -10.18 11.60
N ASN I 25 -2.63 -9.82 11.31
CA ASN I 25 -1.69 -9.10 12.15
C ASN I 25 -1.62 -9.56 13.60
N VAL I 26 -1.47 -10.88 13.81
CA VAL I 26 -1.32 -11.51 15.14
C VAL I 26 0.14 -11.36 15.57
N THR I 27 0.38 -10.73 16.74
CA THR I 27 1.75 -10.58 17.27
C THR I 27 2.18 -11.89 17.89
N VAL I 28 3.33 -12.40 17.41
CA VAL I 28 3.89 -13.65 17.92
C VAL I 28 5.16 -13.39 18.72
N THR I 29 5.52 -14.33 19.61
CA THR I 29 6.72 -14.26 20.45
C THR I 29 8.00 -14.41 19.62
N HIS I 30 7.98 -15.34 18.64
CA HIS I 30 9.07 -15.69 17.72
C HIS I 30 8.54 -16.05 16.31
N SER I 31 9.31 -15.73 15.26
CA SER I 31 8.97 -16.07 13.86
C SER I 31 10.20 -16.15 12.95
N VAL I 32 10.04 -16.88 11.83
CA VAL I 32 11.01 -17.02 10.74
C VAL I 32 10.32 -16.63 9.44
N ASN I 33 11.03 -15.88 8.55
CA ASN I 33 10.48 -15.46 7.25
C ASN I 33 10.90 -16.46 6.18
N LEU I 34 9.93 -16.99 5.38
CA LEU I 34 10.16 -17.97 4.29
C LEU I 34 10.44 -17.28 2.94
N LEU I 35 10.38 -15.97 2.92
CA LEU I 35 10.53 -15.24 1.69
C LEU I 35 11.85 -14.52 1.59
N GLU I 36 12.67 -14.89 0.62
CA GLU I 36 13.94 -14.20 0.41
C GLU I 36 13.61 -12.92 -0.34
N ASP I 37 13.88 -11.79 0.31
CA ASP I 37 13.65 -10.45 -0.26
C ASP I 37 14.94 -9.66 -0.40
N LYS I 38 16.08 -10.32 -0.20
CA LYS I 38 17.40 -9.70 -0.28
C LYS I 38 18.33 -10.37 -1.32
N HIS I 39 19.05 -9.52 -2.08
CA HIS I 39 20.05 -9.96 -3.05
C HIS I 39 21.35 -9.17 -2.84
N ASN I 40 22.49 -9.69 -3.31
CA ASN I 40 23.77 -9.01 -3.13
C ASN I 40 24.01 -7.88 -4.17
N GLY I 41 23.13 -7.79 -5.15
CA GLY I 41 23.22 -6.77 -6.19
C GLY I 41 24.45 -6.89 -7.06
N LYS I 42 24.89 -8.14 -7.29
CA LYS I 42 26.07 -8.44 -8.08
C LYS I 42 25.83 -9.57 -9.06
N LEU I 43 26.63 -9.61 -10.13
CA LEU I 43 26.67 -10.70 -11.09
C LEU I 43 27.86 -11.58 -10.71
N CYS I 44 27.56 -12.79 -10.29
CA CYS I 44 28.58 -13.65 -9.72
C CYS I 44 28.94 -14.84 -10.59
N LYS I 45 29.84 -15.68 -10.06
CA LYS I 45 30.21 -16.91 -10.74
C LYS I 45 29.09 -17.94 -10.47
N LEU I 46 28.68 -18.68 -11.52
CA LEU I 46 27.68 -19.73 -11.36
C LEU I 46 28.50 -21.00 -11.20
N ARG I 47 28.54 -21.50 -9.96
CA ARG I 47 29.32 -22.66 -9.51
C ARG I 47 30.80 -22.51 -9.88
N GLY I 48 31.41 -21.43 -9.41
CA GLY I 48 32.83 -21.10 -9.60
C GLY I 48 33.26 -20.67 -10.99
N VAL I 49 32.32 -20.71 -11.95
CA VAL I 49 32.58 -20.35 -13.34
C VAL I 49 32.06 -18.94 -13.54
N ALA I 50 32.97 -17.99 -13.86
CA ALA I 50 32.65 -16.57 -14.09
C ALA I 50 31.90 -16.37 -15.42
N PRO I 51 30.90 -15.47 -15.51
CA PRO I 51 30.20 -15.29 -16.79
C PRO I 51 31.06 -14.59 -17.87
N LEU I 52 30.55 -14.58 -19.11
CA LEU I 52 31.17 -13.90 -20.22
C LEU I 52 30.42 -12.60 -20.32
N HIS I 53 31.12 -11.51 -20.06
CA HIS I 53 30.54 -10.19 -20.11
C HIS I 53 31.02 -9.52 -21.39
N LEU I 54 30.09 -9.25 -22.31
CA LEU I 54 30.39 -8.56 -23.58
C LEU I 54 30.37 -7.09 -23.21
N GLY I 55 31.19 -6.29 -23.87
CA GLY I 55 31.30 -4.90 -23.49
C GLY I 55 30.29 -4.01 -24.16
N LYS I 56 30.79 -3.26 -25.13
CA LYS I 56 30.07 -2.34 -26.00
C LYS I 56 29.19 -3.16 -26.98
N CYS I 57 29.49 -4.49 -27.07
CA CYS I 57 28.94 -5.49 -27.97
C CYS I 57 27.78 -6.35 -27.47
N ASN I 58 27.13 -7.00 -28.43
CA ASN I 58 26.05 -7.95 -28.26
C ASN I 58 26.62 -9.30 -28.79
N ILE I 59 25.91 -10.41 -28.64
CA ILE I 59 26.36 -11.73 -29.11
C ILE I 59 26.83 -11.64 -30.54
N ALA I 60 26.02 -11.04 -31.42
CA ALA I 60 26.34 -10.87 -32.85
C ALA I 60 27.70 -10.19 -33.06
N GLY I 61 27.86 -8.96 -32.59
CA GLY I 61 29.11 -8.21 -32.69
C GLY I 61 30.30 -8.95 -32.12
N TRP I 62 30.16 -9.52 -30.90
CA TRP I 62 31.17 -10.31 -30.21
C TRP I 62 31.59 -11.53 -31.05
N ILE I 63 30.62 -12.42 -31.37
CA ILE I 63 30.83 -13.63 -32.18
C ILE I 63 31.31 -13.31 -33.60
N LEU I 64 30.87 -12.18 -34.17
CA LEU I 64 31.35 -11.86 -35.53
C LEU I 64 32.75 -11.27 -35.52
N GLY I 65 33.08 -10.63 -34.40
CA GLY I 65 34.38 -10.00 -34.20
C GLY I 65 34.38 -8.53 -34.58
N ASN I 66 33.26 -7.83 -34.32
CA ASN I 66 33.10 -6.40 -34.58
C ASN I 66 34.31 -5.67 -33.97
N PRO I 67 34.98 -4.76 -34.74
CA PRO I 67 36.21 -4.10 -34.23
C PRO I 67 36.20 -3.57 -32.80
N GLU I 68 35.04 -3.15 -32.28
CA GLU I 68 34.86 -2.65 -30.91
C GLU I 68 34.84 -3.78 -29.90
N CYS I 69 34.88 -5.04 -30.37
CA CYS I 69 34.82 -6.18 -29.46
C CYS I 69 36.22 -6.67 -28.94
N GLU I 70 36.23 -7.47 -27.84
CA GLU I 70 37.43 -7.86 -27.10
C GLU I 70 38.42 -8.92 -27.64
N SER I 71 37.92 -10.14 -27.99
CA SER I 71 38.67 -11.31 -28.50
C SER I 71 39.66 -11.96 -27.53
N LEU I 72 40.28 -11.15 -26.64
CA LEU I 72 41.24 -11.61 -25.64
C LEU I 72 40.61 -11.80 -24.24
N SER I 73 39.49 -11.09 -23.97
CA SER I 73 38.71 -11.25 -22.73
C SER I 73 37.60 -12.31 -22.97
N THR I 74 37.86 -13.23 -23.94
CA THR I 74 36.97 -14.31 -24.37
C THR I 74 36.89 -15.46 -23.39
N ALA I 75 38.02 -15.80 -22.69
CA ALA I 75 38.18 -16.88 -21.69
C ALA I 75 37.68 -18.25 -22.16
N SER I 76 38.53 -19.27 -22.08
CA SER I 76 38.21 -20.63 -22.51
C SER I 76 36.81 -21.15 -22.14
N SER I 77 36.16 -20.63 -21.05
CA SER I 77 34.79 -21.04 -20.64
C SER I 77 34.01 -19.97 -19.81
N TRP I 78 32.67 -20.16 -19.70
CA TRP I 78 31.75 -19.27 -18.96
C TRP I 78 30.45 -19.93 -18.55
N SER I 79 29.80 -19.39 -17.52
CA SER I 79 28.59 -20.00 -16.97
C SER I 79 27.30 -19.45 -17.55
N TYR I 80 27.32 -18.17 -17.99
CA TYR I 80 26.22 -17.45 -18.63
C TYR I 80 26.80 -16.22 -19.37
N ILE I 81 25.93 -15.48 -20.07
CA ILE I 81 26.36 -14.29 -20.80
C ILE I 81 25.74 -13.02 -20.24
N VAL I 82 26.56 -11.98 -20.04
CA VAL I 82 26.06 -10.69 -19.60
C VAL I 82 26.20 -9.68 -20.78
N GLU I 83 25.09 -8.96 -21.07
CA GLU I 83 25.01 -7.89 -22.08
C GLU I 83 24.44 -6.63 -21.39
N THR I 84 25.12 -5.49 -21.52
CA THR I 84 24.67 -4.23 -20.96
C THR I 84 23.51 -3.73 -21.83
N PRO I 85 22.38 -3.23 -21.28
CA PRO I 85 21.29 -2.77 -22.16
C PRO I 85 21.63 -1.60 -23.10
N SER I 86 22.89 -1.17 -23.16
CA SER I 86 23.37 -0.13 -24.06
C SER I 86 24.27 -0.73 -25.14
N SER I 87 24.53 -2.05 -25.05
CA SER I 87 25.33 -2.85 -25.98
C SER I 87 24.87 -2.54 -27.40
N ASP I 88 25.52 -1.54 -27.97
CA ASP I 88 25.21 -0.98 -29.28
C ASP I 88 25.91 -1.71 -30.43
N ASN I 89 27.24 -1.94 -30.30
CA ASN I 89 28.11 -2.54 -31.31
C ASN I 89 27.80 -3.97 -31.69
N GLY I 90 27.22 -4.15 -32.87
CA GLY I 90 26.80 -5.47 -33.32
C GLY I 90 27.14 -5.77 -34.74
N THR I 91 26.10 -6.01 -35.55
CA THR I 91 26.22 -6.22 -36.99
C THR I 91 26.27 -4.84 -37.63
N CYS I 92 27.48 -4.27 -37.69
CA CYS I 92 27.77 -2.95 -38.23
C CYS I 92 27.40 -2.86 -39.71
N TYR I 93 27.60 -3.94 -40.48
CA TYR I 93 27.12 -3.93 -41.86
C TYR I 93 25.70 -4.47 -41.71
N PRO I 94 24.65 -3.76 -42.14
CA PRO I 94 23.28 -4.25 -41.89
C PRO I 94 23.01 -5.60 -42.51
N GLY I 95 22.11 -6.34 -41.91
CA GLY I 95 21.71 -7.63 -42.41
C GLY I 95 20.97 -8.47 -41.42
N ASP I 96 20.65 -9.68 -41.84
CA ASP I 96 19.92 -10.67 -41.09
C ASP I 96 20.88 -11.67 -40.47
N PHE I 97 20.73 -11.92 -39.17
CA PHE I 97 21.53 -12.93 -38.48
C PHE I 97 20.61 -14.15 -38.37
N ILE I 98 20.87 -15.16 -39.20
CA ILE I 98 20.02 -16.33 -39.32
C ILE I 98 20.19 -17.24 -38.16
N ASP I 99 19.05 -17.49 -37.47
CA ASP I 99 18.97 -18.30 -36.29
C ASP I 99 19.84 -17.72 -35.18
N TYR I 100 19.75 -16.35 -35.07
CA TYR I 100 20.48 -15.54 -34.08
C TYR I 100 20.17 -15.92 -32.64
N GLU I 101 18.89 -15.93 -32.26
CA GLU I 101 18.42 -16.28 -30.90
C GLU I 101 18.80 -17.70 -30.58
N GLU I 102 18.72 -18.59 -31.60
CA GLU I 102 19.12 -19.97 -31.48
C GLU I 102 20.61 -20.02 -31.09
N LEU I 103 21.51 -19.29 -31.80
CA LEU I 103 22.95 -19.21 -31.49
C LEU I 103 23.20 -18.75 -30.07
N ARG I 104 22.64 -17.60 -29.72
CA ARG I 104 22.68 -16.98 -28.41
C ARG I 104 22.42 -18.01 -27.32
N GLU I 105 21.42 -18.90 -27.51
CA GLU I 105 21.07 -19.98 -26.58
C GLU I 105 22.21 -20.99 -26.53
N GLN I 106 22.77 -21.40 -27.70
CA GLN I 106 23.89 -22.36 -27.81
C GLN I 106 25.15 -21.86 -27.11
N LEU I 107 25.43 -20.56 -27.23
CA LEU I 107 26.60 -19.89 -26.66
C LEU I 107 26.53 -19.49 -25.16
N SER I 108 25.32 -19.49 -24.53
CA SER I 108 25.07 -19.08 -23.14
C SER I 108 25.97 -19.70 -22.11
N SER I 109 26.16 -21.02 -22.18
CA SER I 109 27.10 -21.72 -21.30
C SER I 109 28.02 -22.58 -22.14
N VAL I 110 29.32 -22.49 -21.86
CA VAL I 110 30.38 -23.19 -22.56
C VAL I 110 31.39 -23.85 -21.56
N SER I 111 31.83 -25.09 -21.86
CA SER I 111 32.77 -25.87 -21.05
C SER I 111 34.20 -25.75 -21.63
N SER I 112 34.29 -25.10 -22.80
CA SER I 112 35.50 -24.81 -23.55
C SER I 112 35.11 -24.03 -24.80
N PHE I 113 35.93 -23.03 -25.15
CA PHE I 113 35.77 -22.16 -26.30
C PHE I 113 37.17 -21.83 -26.72
N GLU I 114 37.48 -22.14 -27.96
CA GLU I 114 38.80 -22.02 -28.50
C GLU I 114 38.73 -21.42 -29.91
N ARG I 115 39.13 -20.15 -30.02
CA ARG I 115 39.17 -19.44 -31.31
C ARG I 115 40.42 -19.85 -32.04
N PHE I 116 40.34 -19.96 -33.37
CA PHE I 116 41.50 -20.32 -34.22
C PHE I 116 41.28 -19.90 -35.65
N GLU I 117 42.38 -19.63 -36.34
CA GLU I 117 42.36 -19.26 -37.73
C GLU I 117 41.99 -20.46 -38.62
N ILE I 118 40.67 -20.70 -38.81
CA ILE I 118 40.11 -21.75 -39.68
C ILE I 118 40.78 -21.66 -41.06
N PHE I 119 40.61 -20.52 -41.73
CA PHE I 119 41.23 -20.28 -43.04
C PHE I 119 42.19 -19.12 -42.89
N PRO I 120 43.50 -19.41 -42.67
CA PRO I 120 44.48 -18.33 -42.51
C PRO I 120 44.48 -17.32 -43.65
N LYS I 121 44.32 -16.03 -43.30
CA LYS I 121 44.26 -14.87 -44.21
C LYS I 121 45.44 -14.87 -45.16
N THR I 122 46.63 -15.02 -44.57
CA THR I 122 47.96 -15.03 -45.17
C THR I 122 48.12 -15.97 -46.37
N SER I 123 47.64 -17.24 -46.24
CA SER I 123 47.80 -18.30 -47.25
C SER I 123 46.57 -18.78 -48.02
N SER I 124 45.36 -18.68 -47.44
CA SER I 124 44.12 -19.22 -48.02
C SER I 124 43.62 -18.74 -49.36
N TRP I 125 43.71 -17.43 -49.65
CA TRP I 125 43.11 -16.87 -50.86
C TRP I 125 44.08 -16.16 -51.81
N PRO I 126 44.90 -16.92 -52.61
CA PRO I 126 45.87 -16.27 -53.52
C PRO I 126 45.27 -15.67 -54.80
N ASN I 127 44.00 -16.00 -55.11
CA ASN I 127 43.31 -15.52 -56.32
C ASN I 127 42.20 -14.47 -56.04
N HIS I 128 42.09 -14.03 -54.76
CA HIS I 128 41.11 -13.05 -54.29
C HIS I 128 41.75 -12.05 -53.32
N ASP I 129 41.19 -10.84 -53.22
CA ASP I 129 41.71 -9.83 -52.29
C ASP I 129 41.14 -10.00 -50.89
N SER I 130 42.03 -10.34 -49.95
CA SER I 130 41.73 -10.57 -48.55
C SER I 130 42.05 -9.33 -47.73
N ASN I 131 42.81 -8.39 -48.31
CA ASN I 131 43.18 -7.12 -47.68
C ASN I 131 42.04 -6.12 -47.83
N LYS I 132 41.53 -6.01 -49.09
CA LYS I 132 40.36 -5.22 -49.46
C LYS I 132 39.14 -5.94 -48.85
N GLY I 133 38.04 -5.19 -48.69
CA GLY I 133 36.81 -5.71 -48.08
C GLY I 133 36.66 -5.14 -46.69
N VAL I 134 36.70 -3.81 -46.64
CA VAL I 134 36.57 -2.96 -45.45
C VAL I 134 35.46 -1.97 -45.75
N THR I 135 34.82 -1.43 -44.71
CA THR I 135 33.68 -0.56 -44.89
C THR I 135 33.58 0.50 -43.83
N ALA I 136 32.98 1.66 -44.20
CA ALA I 136 32.76 2.77 -43.28
C ALA I 136 31.70 2.33 -42.28
N ALA I 137 30.87 1.35 -42.68
CA ALA I 137 29.82 0.76 -41.86
C ALA I 137 30.43 0.11 -40.64
N CYS I 138 31.63 -0.48 -40.83
CA CYS I 138 32.38 -1.13 -39.77
C CYS I 138 33.68 -0.38 -39.49
N PRO I 139 33.67 0.78 -38.82
CA PRO I 139 34.94 1.46 -38.56
C PRO I 139 35.69 0.94 -37.33
N HIS I 140 36.99 1.25 -37.32
CA HIS I 140 37.94 1.00 -36.25
C HIS I 140 38.89 2.18 -36.27
N ALA I 141 39.05 2.86 -35.11
CA ALA I 141 39.91 4.03 -34.90
C ALA I 141 39.82 5.04 -36.07
N GLY I 142 38.58 5.42 -36.39
CA GLY I 142 38.23 6.33 -37.47
C GLY I 142 38.87 5.96 -38.79
N ALA I 143 38.51 4.77 -39.30
CA ALA I 143 39.04 4.21 -40.55
C ALA I 143 38.19 3.02 -40.94
N LYS I 144 38.02 2.82 -42.27
CA LYS I 144 37.24 1.70 -42.82
C LYS I 144 37.87 0.37 -42.38
N SER I 145 37.05 -0.49 -41.78
CA SER I 145 37.49 -1.79 -41.29
C SER I 145 36.34 -2.82 -41.48
N PHE I 146 36.45 -4.00 -40.83
CA PHE I 146 35.43 -5.04 -40.92
C PHE I 146 35.54 -5.95 -39.72
N TYR I 147 34.64 -6.96 -39.62
CA TYR I 147 34.64 -7.97 -38.56
C TYR I 147 35.97 -8.71 -38.61
N LYS I 148 36.50 -9.05 -37.44
CA LYS I 148 37.79 -9.72 -37.34
C LYS I 148 37.80 -11.23 -37.61
N ASN I 149 36.72 -11.94 -37.22
CA ASN I 149 36.56 -13.38 -37.45
C ASN I 149 36.20 -13.74 -38.93
N LEU I 150 35.89 -12.71 -39.75
CA LEU I 150 35.53 -12.89 -41.17
C LEU I 150 36.38 -12.05 -42.10
N ILE I 151 36.49 -12.49 -43.36
CA ILE I 151 37.18 -11.79 -44.44
C ILE I 151 36.17 -11.55 -45.53
N TRP I 152 35.99 -10.29 -45.91
CA TRP I 152 35.09 -9.93 -46.99
C TRP I 152 35.92 -10.05 -48.28
N LEU I 153 35.97 -11.27 -48.87
CA LEU I 153 36.71 -11.51 -50.13
C LEU I 153 36.15 -10.73 -51.31
N VAL I 154 37.04 -10.05 -52.01
CA VAL I 154 36.75 -9.20 -53.15
C VAL I 154 37.62 -9.63 -54.34
N LYS I 155 37.21 -9.35 -55.59
CA LYS I 155 37.99 -9.66 -56.81
C LYS I 155 39.42 -9.10 -56.75
N LYS I 156 40.35 -9.81 -57.41
CA LYS I 156 41.75 -9.40 -57.50
C LYS I 156 41.94 -8.89 -58.92
N GLY I 157 41.98 -7.56 -59.05
CA GLY I 157 42.14 -6.84 -60.31
C GLY I 157 41.28 -7.35 -61.44
N ASN I 158 39.96 -7.15 -61.32
CA ASN I 158 38.96 -7.57 -62.31
C ASN I 158 38.79 -9.10 -62.52
N SER I 159 39.28 -9.90 -61.55
CA SER I 159 39.14 -11.35 -61.58
C SER I 159 38.66 -11.96 -60.25
N TYR I 160 37.50 -12.63 -60.30
CA TYR I 160 36.98 -13.40 -59.17
C TYR I 160 36.74 -14.83 -59.64
N PRO I 161 37.80 -15.68 -59.71
CA PRO I 161 37.58 -17.07 -60.11
C PRO I 161 36.75 -17.83 -59.09
N LYS I 162 36.18 -18.99 -59.50
CA LYS I 162 35.36 -19.87 -58.65
C LYS I 162 36.21 -20.27 -57.45
N LEU I 163 35.69 -20.08 -56.23
CA LEU I 163 36.49 -20.47 -55.08
C LEU I 163 35.91 -21.68 -54.37
N SER I 164 36.78 -22.64 -54.05
CA SER I 164 36.42 -23.84 -53.32
C SER I 164 37.45 -24.03 -52.21
N LYS I 165 36.97 -24.07 -50.94
CA LYS I 165 37.84 -24.25 -49.78
C LYS I 165 37.15 -25.07 -48.71
N SER I 166 37.79 -26.15 -48.25
CA SER I 166 37.25 -27.01 -47.18
C SER I 166 38.10 -26.94 -45.91
N TYR I 167 37.54 -27.37 -44.79
CA TYR I 167 38.22 -27.48 -43.50
C TYR I 167 37.77 -28.80 -42.90
N ILE I 168 38.73 -29.69 -42.56
CA ILE I 168 38.42 -31.05 -42.09
C ILE I 168 38.19 -31.28 -40.58
N ASN I 169 38.20 -30.22 -39.74
CA ASN I 169 37.99 -30.31 -38.28
C ASN I 169 39.01 -31.19 -37.55
N ASP I 170 40.30 -30.77 -37.60
CA ASP I 170 41.43 -31.47 -36.95
C ASP I 170 41.31 -31.38 -35.41
N LYS I 171 40.39 -30.51 -34.92
CA LYS I 171 40.12 -30.33 -33.50
C LYS I 171 39.40 -31.60 -33.02
N GLY I 172 39.02 -31.66 -31.75
CA GLY I 172 38.39 -32.87 -31.22
C GLY I 172 37.00 -32.65 -30.72
N LYS I 173 36.60 -31.39 -30.72
CA LYS I 173 35.30 -30.91 -30.27
C LYS I 173 34.62 -30.09 -31.38
N GLU I 174 33.33 -29.73 -31.20
CA GLU I 174 32.51 -28.97 -32.17
C GLU I 174 33.15 -27.68 -32.69
N VAL I 175 32.88 -27.35 -33.96
CA VAL I 175 33.43 -26.13 -34.54
C VAL I 175 32.32 -25.20 -35.00
N LEU I 176 32.22 -24.05 -34.32
CA LEU I 176 31.27 -23.03 -34.73
C LEU I 176 31.88 -22.24 -35.92
N VAL I 177 31.24 -22.34 -37.09
CA VAL I 177 31.67 -21.64 -38.27
C VAL I 177 30.60 -20.60 -38.63
N LEU I 178 31.05 -19.37 -38.88
CA LEU I 178 30.20 -18.26 -39.27
C LEU I 178 30.72 -17.72 -40.59
N TRP I 179 29.80 -17.32 -41.47
CA TRP I 179 30.10 -16.75 -42.76
C TRP I 179 29.00 -15.73 -43.14
N GLY I 180 29.32 -14.86 -44.08
CA GLY I 180 28.38 -13.87 -44.56
C GLY I 180 28.16 -14.00 -46.05
N ILE I 181 26.94 -13.57 -46.49
CA ILE I 181 26.51 -13.50 -47.89
C ILE I 181 26.22 -12.02 -48.17
N HIS I 182 27.05 -11.39 -49.00
CA HIS I 182 26.84 -9.99 -49.25
C HIS I 182 25.91 -9.78 -50.40
N HIS I 183 24.91 -8.92 -50.18
CA HIS I 183 23.87 -8.56 -51.12
C HIS I 183 24.05 -7.08 -51.50
N PRO I 184 24.69 -6.79 -52.66
CA PRO I 184 24.93 -5.39 -53.04
C PRO I 184 23.66 -4.65 -53.37
N SER I 185 23.74 -3.32 -53.39
CA SER I 185 22.61 -2.48 -53.75
C SER I 185 22.36 -2.43 -55.27
N THR I 186 23.44 -2.42 -56.07
CA THR I 186 23.31 -2.31 -57.53
C THR I 186 24.18 -3.31 -58.28
N SER I 187 23.93 -3.44 -59.60
CA SER I 187 24.70 -4.26 -60.55
C SER I 187 26.12 -3.67 -60.65
N ALA I 188 26.20 -2.32 -60.58
CA ALA I 188 27.44 -1.57 -60.58
C ALA I 188 28.22 -1.91 -59.30
N ASP I 189 27.51 -1.98 -58.15
CA ASP I 189 28.12 -2.35 -56.86
C ASP I 189 28.70 -3.77 -56.96
N GLN I 190 27.89 -4.71 -57.52
CA GLN I 190 28.19 -6.12 -57.76
C GLN I 190 29.47 -6.33 -58.62
N GLN I 191 29.55 -5.73 -59.82
CA GLN I 191 30.72 -5.84 -60.70
C GLN I 191 32.00 -5.22 -60.08
N SER I 192 31.86 -4.09 -59.34
CA SER I 192 32.96 -3.38 -58.70
C SER I 192 33.66 -4.23 -57.67
N LEU I 193 32.87 -5.05 -56.95
CA LEU I 193 33.31 -5.93 -55.87
C LEU I 193 33.79 -7.30 -56.35
N TYR I 194 33.00 -7.98 -57.19
CA TYR I 194 33.26 -9.35 -57.65
C TYR I 194 33.36 -9.56 -59.18
N GLN I 195 33.02 -8.54 -60.00
CA GLN I 195 33.02 -8.63 -61.48
C GLN I 195 31.91 -9.52 -62.07
N ASN I 196 31.82 -10.80 -61.61
CA ASN I 196 30.95 -11.89 -62.08
C ASN I 196 29.43 -11.74 -62.24
N ALA I 197 28.83 -10.54 -62.04
CA ALA I 197 27.39 -10.24 -62.25
C ALA I 197 26.37 -11.29 -61.77
N ASP I 198 26.26 -12.46 -62.45
CA ASP I 198 25.41 -13.55 -61.96
C ASP I 198 26.32 -14.40 -61.08
N THR I 199 26.13 -14.33 -59.78
CA THR I 199 26.98 -15.05 -58.82
C THR I 199 26.18 -15.93 -57.89
N TYR I 200 26.89 -16.79 -57.17
CA TYR I 200 26.30 -17.65 -56.15
C TYR I 200 27.35 -17.98 -55.12
N VAL I 201 26.87 -18.45 -53.97
CA VAL I 201 27.67 -18.95 -52.86
C VAL I 201 27.08 -20.30 -52.50
N PHE I 202 27.92 -21.24 -52.14
CA PHE I 202 27.48 -22.54 -51.66
C PHE I 202 28.29 -22.93 -50.43
N VAL I 203 27.61 -23.28 -49.35
CA VAL I 203 28.24 -23.76 -48.12
C VAL I 203 27.61 -25.12 -47.82
N GLY I 204 28.46 -26.12 -47.65
CA GLY I 204 28.00 -27.47 -47.34
C GLY I 204 28.88 -28.21 -46.34
N SER I 205 28.25 -28.97 -45.43
CA SER I 205 28.91 -29.82 -44.43
C SER I 205 28.27 -31.22 -44.53
N SER I 206 28.48 -32.13 -43.56
CA SER I 206 27.79 -33.43 -43.61
C SER I 206 26.28 -33.22 -43.31
N ARG I 207 25.99 -32.31 -42.38
CA ARG I 207 24.64 -31.94 -41.94
C ARG I 207 24.10 -30.76 -42.77
N TYR I 208 24.94 -29.78 -43.05
CA TYR I 208 24.56 -28.57 -43.79
C TYR I 208 24.66 -28.74 -45.32
N SER I 209 24.00 -27.82 -46.04
CA SER I 209 23.93 -27.65 -47.51
C SER I 209 22.94 -26.55 -47.82
N LYS I 210 23.46 -25.44 -48.34
CA LYS I 210 22.71 -24.29 -48.77
C LYS I 210 23.49 -23.53 -49.83
N LYS I 211 22.84 -23.30 -51.00
CA LYS I 211 23.33 -22.51 -52.12
C LYS I 211 22.65 -21.16 -51.95
N PHE I 212 23.43 -20.09 -51.90
CA PHE I 212 22.93 -18.73 -51.71
C PHE I 212 22.99 -17.95 -53.00
N LYS I 213 21.92 -17.18 -53.27
CA LYS I 213 21.85 -16.33 -54.43
C LYS I 213 21.72 -14.87 -53.98
N PRO I 214 22.68 -14.00 -54.36
CA PRO I 214 22.56 -12.58 -53.97
C PRO I 214 21.35 -11.91 -54.60
N GLU I 215 20.66 -11.15 -53.76
CA GLU I 215 19.45 -10.41 -54.08
C GLU I 215 19.85 -8.95 -54.22
N ILE I 216 20.01 -8.51 -55.48
CA ILE I 216 20.48 -7.16 -55.74
C ILE I 216 19.31 -6.19 -55.88
N ALA I 217 19.26 -5.22 -54.95
CA ALA I 217 18.25 -4.17 -54.85
C ALA I 217 18.73 -3.13 -53.86
N ILE I 218 18.15 -1.91 -53.97
CA ILE I 218 18.52 -0.84 -53.04
C ILE I 218 17.61 -0.85 -51.81
N ARG I 219 18.16 -1.16 -50.61
CA ARG I 219 17.41 -1.16 -49.34
C ARG I 219 17.54 0.21 -48.70
N PRO I 220 16.65 0.62 -47.75
CA PRO I 220 16.90 1.88 -47.01
C PRO I 220 18.26 1.87 -46.32
N LYS I 221 18.91 3.03 -46.23
CA LYS I 221 20.25 3.15 -45.64
C LYS I 221 20.22 2.94 -44.15
N VAL I 222 21.02 1.96 -43.73
CA VAL I 222 21.28 1.63 -42.34
C VAL I 222 22.81 1.68 -42.28
N ARG I 223 23.32 2.59 -41.44
CA ARG I 223 24.73 2.87 -41.22
C ARG I 223 25.39 3.21 -42.57
N ASP I 224 24.65 4.04 -43.37
CA ASP I 224 25.02 4.52 -44.70
C ASP I 224 25.11 3.37 -45.74
N GLN I 225 24.40 2.24 -45.51
CA GLN I 225 24.46 1.11 -46.44
C GLN I 225 23.15 0.82 -47.10
N GLU I 226 23.16 0.77 -48.45
CA GLU I 226 21.98 0.47 -49.28
C GLU I 226 21.85 -1.03 -49.51
N GLY I 227 22.96 -1.73 -49.42
CA GLY I 227 22.99 -3.18 -49.54
C GLY I 227 22.83 -3.84 -48.17
N ARG I 228 22.98 -5.16 -48.13
CA ARG I 228 22.84 -5.90 -46.90
C ARG I 228 23.78 -7.07 -46.91
N MET I 229 24.02 -7.65 -45.75
CA MET I 229 24.90 -8.80 -45.58
C MET I 229 24.25 -9.69 -44.52
N ASN I 230 23.93 -10.92 -44.90
CA ASN I 230 23.31 -11.86 -43.98
C ASN I 230 24.35 -12.75 -43.38
N TYR I 231 24.13 -13.12 -42.12
CA TYR I 231 25.01 -13.90 -41.28
C TYR I 231 24.43 -15.24 -40.94
N TYR I 232 25.26 -16.24 -41.18
CA TYR I 232 24.96 -17.65 -40.97
C TYR I 232 26.05 -18.28 -40.11
N TRP I 233 25.69 -19.39 -39.45
CA TRP I 233 26.57 -20.15 -38.58
C TRP I 233 26.18 -21.59 -38.64
N THR I 234 27.10 -22.47 -38.28
CA THR I 234 26.88 -23.91 -38.26
C THR I 234 27.78 -24.55 -37.20
N LEU I 235 27.43 -25.73 -36.72
CA LEU I 235 28.25 -26.46 -35.78
C LEU I 235 28.78 -27.69 -36.49
N VAL I 236 30.10 -27.72 -36.73
CA VAL I 236 30.77 -28.78 -37.49
C VAL I 236 31.24 -29.86 -36.56
N GLU I 237 30.69 -31.08 -36.75
CA GLU I 237 30.94 -32.28 -35.92
C GLU I 237 32.41 -32.71 -35.79
N PRO I 238 32.81 -33.27 -34.61
CA PRO I 238 34.22 -33.71 -34.40
C PRO I 238 35.06 -34.21 -35.57
N GLY I 239 34.49 -35.06 -36.41
CA GLY I 239 35.22 -35.61 -37.54
C GLY I 239 34.81 -35.05 -38.90
N ASP I 240 33.78 -34.21 -38.91
CA ASP I 240 33.20 -33.63 -40.11
C ASP I 240 34.08 -32.66 -40.87
N LYS I 241 33.67 -32.33 -42.12
CA LYS I 241 34.28 -31.42 -43.08
C LYS I 241 33.28 -30.30 -43.52
N ILE I 242 33.79 -29.11 -43.84
CA ILE I 242 32.93 -28.02 -44.31
C ILE I 242 33.54 -27.39 -45.56
N THR I 243 32.77 -27.40 -46.67
CA THR I 243 33.19 -26.84 -47.95
C THR I 243 32.44 -25.56 -48.30
N PHE I 244 33.18 -24.54 -48.69
CA PHE I 244 32.67 -23.24 -49.12
C PHE I 244 32.95 -23.09 -50.61
N GLU I 245 31.98 -22.56 -51.34
CA GLU I 245 32.11 -22.38 -52.76
C GLU I 245 31.50 -21.04 -53.13
N ALA I 246 32.02 -20.35 -54.15
CA ALA I 246 31.49 -19.05 -54.57
C ALA I 246 32.13 -18.47 -55.83
N THR I 247 31.33 -17.69 -56.57
CA THR I 247 31.70 -16.95 -57.76
C THR I 247 31.53 -15.44 -57.44
N GLY I 248 31.53 -15.14 -56.14
CA GLY I 248 31.37 -13.81 -55.54
C GLY I 248 30.56 -13.89 -54.26
N ASN I 249 30.35 -12.73 -53.61
CA ASN I 249 29.47 -12.55 -52.46
C ASN I 249 29.74 -13.34 -51.17
N LEU I 250 30.91 -14.01 -51.09
CA LEU I 250 31.26 -14.76 -49.91
C LEU I 250 32.12 -13.97 -48.93
N VAL I 251 31.61 -13.89 -47.68
CA VAL I 251 32.26 -13.24 -46.55
C VAL I 251 32.79 -14.41 -45.75
N VAL I 252 34.00 -14.75 -46.10
CA VAL I 252 34.74 -15.89 -45.64
C VAL I 252 35.04 -15.94 -44.13
N PRO I 253 34.93 -17.12 -43.47
CA PRO I 253 35.35 -17.20 -42.07
C PRO I 253 36.87 -17.08 -42.05
N ARG I 254 37.41 -16.47 -40.99
CA ARG I 254 38.85 -16.31 -40.79
C ARG I 254 39.17 -16.99 -39.48
N TYR I 255 38.36 -16.74 -38.44
CA TYR I 255 38.48 -17.34 -37.12
C TYR I 255 37.17 -18.05 -36.78
N ALA I 256 37.24 -19.38 -36.57
CA ALA I 256 36.11 -20.24 -36.22
C ALA I 256 36.34 -20.72 -34.81
N PHE I 257 35.36 -21.40 -34.22
CA PHE I 257 35.41 -21.74 -32.79
C PHE I 257 35.20 -23.17 -32.39
N ALA I 258 36.23 -23.76 -31.81
CA ALA I 258 36.23 -25.09 -31.22
C ALA I 258 35.57 -24.95 -29.82
N MET I 259 34.60 -25.81 -29.48
CA MET I 259 33.88 -25.66 -28.23
C MET I 259 33.08 -26.88 -27.72
N GLU I 260 32.82 -26.91 -26.39
CA GLU I 260 32.00 -27.92 -25.73
C GLU I 260 30.82 -27.18 -25.16
N ARG I 261 29.64 -27.48 -25.70
CA ARG I 261 28.41 -26.88 -25.22
C ARG I 261 28.06 -27.49 -23.85
N ASN I 262 27.48 -26.67 -22.99
CA ASN I 262 27.02 -27.11 -21.68
C ASN I 262 25.56 -27.58 -21.79
N ALA I 263 24.89 -27.81 -20.64
CA ALA I 263 23.49 -28.24 -20.61
C ALA I 263 22.60 -27.12 -21.13
N GLY I 264 22.98 -25.89 -20.79
CA GLY I 264 22.29 -24.67 -21.18
C GLY I 264 22.16 -23.69 -20.03
N SER I 265 22.37 -22.41 -20.36
CA SER I 265 22.27 -21.32 -19.41
C SER I 265 21.35 -20.24 -19.98
N GLY I 266 21.72 -18.97 -19.78
CA GLY I 266 20.94 -17.82 -20.25
C GLY I 266 21.81 -16.59 -20.47
N ILE I 267 21.19 -15.52 -20.99
CA ILE I 267 21.82 -14.23 -21.29
C ILE I 267 21.17 -13.17 -20.42
N ILE I 268 21.91 -12.68 -19.43
CA ILE I 268 21.44 -11.61 -18.55
C ILE I 268 21.71 -10.28 -19.26
N ILE I 269 20.67 -9.42 -19.34
CA ILE I 269 20.85 -8.10 -19.96
C ILE I 269 20.72 -7.10 -18.82
N SER I 270 21.88 -6.82 -18.18
CA SER I 270 21.93 -5.98 -16.98
C SER I 270 23.08 -5.00 -16.93
N ASP I 271 22.95 -4.00 -16.07
CA ASP I 271 23.99 -3.02 -15.84
C ASP I 271 24.65 -3.31 -14.50
N THR I 272 24.08 -4.31 -13.73
CA THR I 272 24.60 -4.71 -12.42
C THR I 272 26.06 -5.19 -12.50
N PRO I 273 26.92 -4.71 -11.59
CA PRO I 273 28.33 -5.08 -11.67
C PRO I 273 28.60 -6.57 -11.51
N VAL I 274 29.40 -7.10 -12.44
CA VAL I 274 29.84 -8.50 -12.45
C VAL I 274 30.98 -8.58 -11.45
N HIS I 275 30.80 -9.43 -10.43
CA HIS I 275 31.72 -9.56 -9.30
C HIS I 275 32.39 -10.90 -9.16
N ASP I 276 33.31 -10.95 -8.21
CA ASP I 276 34.10 -12.11 -7.83
C ASP I 276 33.37 -13.11 -6.89
N CYS I 277 32.12 -12.80 -6.45
CA CYS I 277 31.27 -13.63 -5.58
C CYS I 277 30.95 -15.00 -6.24
N ASN I 278 30.39 -15.95 -5.49
CA ASN I 278 30.02 -17.26 -6.03
C ASN I 278 28.61 -17.65 -5.67
N THR I 279 27.67 -17.55 -6.62
CA THR I 279 26.33 -18.02 -6.32
C THR I 279 25.95 -19.36 -6.96
N THR I 280 24.77 -19.81 -6.58
CA THR I 280 24.12 -21.04 -6.99
C THR I 280 22.84 -20.58 -7.66
N CYS I 281 22.50 -19.28 -7.48
CA CYS I 281 21.30 -18.60 -7.98
C CYS I 281 21.58 -17.12 -8.44
N GLN I 282 21.41 -16.86 -9.74
CA GLN I 282 21.72 -15.56 -10.33
C GLN I 282 20.49 -14.88 -10.93
N THR I 283 20.30 -13.57 -10.61
CA THR I 283 19.20 -12.69 -11.02
C THR I 283 19.82 -11.46 -11.77
N PRO I 284 19.19 -10.82 -12.78
CA PRO I 284 19.84 -9.66 -13.43
C PRO I 284 20.07 -8.44 -12.51
N LYS I 285 19.29 -8.36 -11.39
CA LYS I 285 19.33 -7.33 -10.35
C LYS I 285 20.50 -7.62 -9.36
N GLY I 286 20.78 -8.90 -9.11
CA GLY I 286 21.82 -9.31 -8.16
C GLY I 286 21.72 -10.77 -7.75
N ALA I 287 22.62 -11.26 -6.89
CA ALA I 287 22.59 -12.68 -6.55
C ALA I 287 21.94 -13.11 -5.22
N ILE I 288 21.54 -14.39 -5.11
CA ILE I 288 20.88 -14.91 -3.91
C ILE I 288 21.65 -16.02 -3.14
N ASN I 289 22.02 -15.74 -1.87
CA ASN I 289 22.62 -16.74 -0.97
C ASN I 289 21.34 -17.34 -0.37
N THR I 290 20.85 -18.35 -1.11
CA THR I 290 19.61 -19.14 -1.02
C THR I 290 18.81 -19.22 0.27
N SER I 291 18.84 -20.45 0.86
CA SER I 291 18.15 -20.98 2.06
C SER I 291 16.64 -21.26 1.86
N LEU I 292 15.82 -20.20 1.94
CA LEU I 292 14.36 -20.15 1.85
C LEU I 292 13.76 -20.68 0.52
N PRO I 293 12.48 -21.14 0.49
CA PRO I 293 11.95 -21.76 -0.74
C PRO I 293 11.29 -20.81 -1.70
N PHE I 294 11.01 -19.59 -1.21
CA PHE I 294 10.36 -18.54 -2.01
C PHE I 294 11.24 -17.32 -2.12
N GLN I 295 11.00 -16.51 -3.14
CA GLN I 295 11.84 -15.36 -3.46
C GLN I 295 11.01 -14.37 -4.25
N ASN I 296 11.08 -13.08 -3.90
CA ASN I 296 10.31 -12.06 -4.62
C ASN I 296 11.19 -11.04 -5.37
N ILE I 297 12.50 -11.34 -5.53
CA ILE I 297 13.49 -10.48 -6.17
C ILE I 297 13.25 -10.24 -7.65
N HIS I 298 13.15 -11.34 -8.42
CA HIS I 298 13.05 -11.34 -9.87
C HIS I 298 12.57 -12.68 -10.40
N PRO I 299 11.65 -12.67 -11.39
CA PRO I 299 11.17 -13.95 -11.95
C PRO I 299 12.13 -14.66 -12.90
N ILE I 300 13.12 -13.96 -13.43
CA ILE I 300 14.08 -14.48 -14.41
C ILE I 300 15.46 -14.74 -13.76
N THR I 301 15.66 -16.00 -13.31
CA THR I 301 16.88 -16.45 -12.61
C THR I 301 17.58 -17.56 -13.36
N ILE I 302 18.84 -17.86 -12.95
CA ILE I 302 19.68 -18.93 -13.48
C ILE I 302 20.28 -19.71 -12.29
N GLY I 303 20.02 -21.02 -12.24
CA GLY I 303 20.56 -21.92 -11.22
C GLY I 303 19.57 -22.61 -10.29
N LYS I 304 20.05 -23.03 -9.09
CA LYS I 304 19.27 -23.65 -7.99
C LYS I 304 18.53 -22.47 -7.33
N CYS I 305 17.36 -22.13 -7.85
CA CYS I 305 16.66 -20.95 -7.36
C CYS I 305 15.37 -21.14 -6.58
N PRO I 306 15.06 -20.27 -5.61
CA PRO I 306 13.79 -20.40 -4.88
C PRO I 306 12.64 -19.91 -5.77
N LYS I 307 11.47 -20.54 -5.66
CA LYS I 307 10.35 -20.15 -6.54
C LYS I 307 9.94 -18.67 -6.43
N TYR I 308 9.64 -18.04 -7.58
CA TYR I 308 9.28 -16.63 -7.65
C TYR I 308 7.84 -16.40 -7.29
N VAL I 309 7.63 -15.62 -6.26
CA VAL I 309 6.28 -15.30 -5.79
C VAL I 309 6.04 -13.79 -5.83
N LYS I 310 4.75 -13.41 -5.98
CA LYS I 310 4.26 -12.03 -6.00
C LYS I 310 4.12 -11.49 -4.55
N SER I 311 4.28 -12.39 -3.55
CA SER I 311 4.22 -12.12 -2.12
C SER I 311 5.22 -11.08 -1.65
N THR I 312 4.75 -10.17 -0.76
CA THR I 312 5.52 -9.09 -0.10
C THR I 312 6.15 -9.64 1.18
N LYS I 313 5.40 -10.52 1.90
CA LYS I 313 5.85 -11.15 3.15
C LYS I 313 5.35 -12.59 3.33
N LEU I 314 6.25 -13.54 3.73
CA LEU I 314 5.87 -14.93 3.99
C LEU I 314 6.41 -15.34 5.35
N ARG I 315 5.80 -14.74 6.43
CA ARG I 315 6.27 -14.93 7.81
C ARG I 315 5.59 -16.08 8.53
N LEU I 316 6.42 -17.06 8.92
CA LEU I 316 5.98 -18.25 9.63
C LEU I 316 6.23 -18.12 11.14
N ALA I 317 5.14 -18.21 11.91
CA ALA I 317 5.22 -18.17 13.35
C ALA I 317 5.93 -19.43 13.78
N THR I 318 6.78 -19.30 14.78
CA THR I 318 7.53 -20.40 15.39
C THR I 318 7.05 -20.48 16.84
N GLY I 319 6.91 -19.31 17.45
CA GLY I 319 6.43 -19.12 18.81
C GLY I 319 4.92 -18.98 18.90
N LEU I 320 4.46 -18.51 20.05
CA LEU I 320 3.04 -18.37 20.38
C LEU I 320 2.55 -16.93 20.33
N ARG I 321 1.23 -16.74 20.53
CA ARG I 321 0.59 -15.44 20.53
C ARG I 321 1.20 -14.62 21.65
N ASN I 322 1.86 -13.51 21.29
CA ASN I 322 2.49 -12.61 22.24
C ASN I 322 1.41 -11.75 22.91
N ILE I 323 1.09 -12.08 24.17
CA ILE I 323 0.07 -11.44 25.02
C ILE I 323 0.77 -10.99 26.34
N PRO I 324 1.55 -9.88 26.36
CA PRO I 324 2.21 -9.49 27.61
C PRO I 324 1.30 -8.71 28.56
N SER I 325 0.12 -8.27 28.05
CA SER I 325 -0.88 -7.50 28.79
C SER I 325 -2.10 -8.33 29.23
N GLY J 1 -6.86 -19.28 21.38
CA GLY J 1 -7.68 -19.86 20.31
C GLY J 1 -8.40 -21.18 20.59
N LEU J 2 -8.00 -22.25 19.83
CA LEU J 2 -8.57 -23.61 19.75
C LEU J 2 -8.69 -24.44 21.00
N PHE J 3 -7.59 -24.62 21.74
CA PHE J 3 -7.55 -25.46 22.96
C PHE J 3 -8.01 -24.77 24.25
N GLY J 4 -8.38 -23.49 24.14
CA GLY J 4 -8.95 -22.69 25.22
C GLY J 4 -8.02 -22.12 26.27
N ALA J 5 -6.73 -22.55 26.30
CA ALA J 5 -5.75 -22.09 27.31
C ALA J 5 -5.13 -20.74 27.03
N ILE J 6 -4.45 -20.59 25.89
CA ILE J 6 -3.83 -19.34 25.47
C ILE J 6 -4.95 -18.41 25.03
N ALA J 7 -4.97 -17.17 25.59
CA ALA J 7 -5.95 -16.11 25.32
C ALA J 7 -7.38 -16.61 25.65
N GLY J 8 -7.42 -17.55 26.60
CA GLY J 8 -8.61 -18.19 27.11
C GLY J 8 -8.58 -18.20 28.62
N PHE J 9 -8.64 -19.40 29.24
CA PHE J 9 -8.62 -19.47 30.70
C PHE J 9 -7.33 -18.90 31.31
N ILE J 10 -6.19 -19.12 30.63
CA ILE J 10 -4.91 -18.52 31.03
C ILE J 10 -4.87 -17.29 30.16
N GLU J 11 -5.42 -16.21 30.71
CA GLU J 11 -5.63 -14.90 30.09
C GLU J 11 -4.47 -14.26 29.30
N GLY J 12 -3.29 -14.13 29.93
CA GLY J 12 -2.11 -13.56 29.31
C GLY J 12 -0.83 -14.38 29.45
N GLY J 13 0.24 -13.84 28.89
CA GLY J 13 1.57 -14.44 28.94
C GLY J 13 2.42 -13.89 30.06
N TRP J 14 3.61 -14.47 30.23
CA TRP J 14 4.53 -14.06 31.27
C TRP J 14 5.80 -13.52 30.70
N THR J 15 6.03 -12.22 30.89
CA THR J 15 7.25 -11.54 30.43
C THR J 15 8.42 -11.91 31.35
N GLY J 16 8.09 -12.31 32.58
CA GLY J 16 9.02 -12.74 33.61
C GLY J 16 9.62 -14.12 33.36
N MET J 17 9.01 -14.88 32.44
CA MET J 17 9.46 -16.21 32.07
C MET J 17 10.22 -16.13 30.75
N VAL J 18 11.50 -15.71 30.86
CA VAL J 18 12.46 -15.54 29.77
C VAL J 18 13.05 -16.90 29.40
N ASP J 19 13.08 -17.80 30.40
CA ASP J 19 13.60 -19.17 30.42
C ASP J 19 13.14 -20.11 29.30
N GLY J 20 11.88 -20.00 28.88
CA GLY J 20 11.34 -20.87 27.84
C GLY J 20 9.96 -20.51 27.38
N TRP J 21 9.33 -21.42 26.61
CA TRP J 21 8.00 -21.26 26.02
C TRP J 21 6.83 -21.45 26.99
N TYR J 22 6.84 -22.53 27.77
CA TYR J 22 5.79 -22.83 28.74
C TYR J 22 6.40 -23.06 30.11
N GLY J 23 5.74 -22.61 31.17
CA GLY J 23 6.30 -22.79 32.51
C GLY J 23 5.42 -22.54 33.69
N TYR J 24 6.04 -22.17 34.83
CA TYR J 24 5.34 -21.96 36.10
C TYR J 24 5.79 -20.77 36.92
N HIS J 25 4.81 -20.05 37.52
CA HIS J 25 5.07 -19.00 38.51
C HIS J 25 4.59 -19.56 39.84
N HIS J 26 5.54 -19.92 40.71
CA HIS J 26 5.20 -20.49 42.00
C HIS J 26 5.27 -19.47 43.14
N GLN J 27 4.59 -19.79 44.27
CA GLN J 27 4.60 -19.01 45.50
C GLN J 27 4.34 -19.81 46.79
N ASN J 28 5.37 -19.86 47.63
CA ASN J 28 5.36 -20.50 48.92
C ASN J 28 5.98 -19.52 49.94
N GLU J 29 6.17 -19.96 51.19
CA GLU J 29 6.72 -19.15 52.28
C GLU J 29 8.18 -18.77 52.09
N GLN J 30 8.90 -19.51 51.21
CA GLN J 30 10.32 -19.28 50.91
C GLN J 30 10.57 -18.45 49.62
N GLY J 31 9.57 -17.63 49.25
CA GLY J 31 9.64 -16.76 48.08
C GLY J 31 8.94 -17.26 46.83
N SER J 32 8.57 -16.32 45.93
CA SER J 32 7.90 -16.58 44.65
C SER J 32 8.93 -16.66 43.52
N GLY J 33 8.47 -16.80 42.28
CA GLY J 33 9.34 -16.84 41.11
C GLY J 33 8.86 -17.67 39.93
N TYR J 34 9.33 -17.31 38.72
CA TYR J 34 9.03 -17.98 37.46
C TYR J 34 10.06 -19.06 37.15
N ALA J 35 9.67 -20.05 36.32
CA ALA J 35 10.50 -21.19 35.87
C ALA J 35 9.80 -21.85 34.70
N ALA J 36 10.54 -22.12 33.63
CA ALA J 36 9.98 -22.77 32.45
C ALA J 36 10.01 -24.30 32.59
N ASP J 37 9.02 -25.00 31.97
CA ASP J 37 9.03 -26.47 31.94
C ASP J 37 10.00 -26.86 30.83
N LEU J 38 11.21 -27.24 31.24
CA LEU J 38 12.31 -27.57 30.34
C LEU J 38 12.00 -28.66 29.34
N LYS J 39 11.26 -29.71 29.74
CA LYS J 39 10.96 -30.79 28.81
C LYS J 39 9.98 -30.39 27.70
N SER J 40 8.77 -29.89 28.05
CA SER J 40 7.77 -29.47 27.07
C SER J 40 8.34 -28.47 26.07
N THR J 41 9.05 -27.43 26.59
CA THR J 41 9.70 -26.38 25.79
C THR J 41 10.64 -27.03 24.80
N GLN J 42 11.51 -27.95 25.27
CA GLN J 42 12.47 -28.62 24.39
C GLN J 42 11.80 -29.47 23.32
N ASN J 43 10.73 -30.21 23.67
CA ASN J 43 9.95 -31.02 22.73
C ASN J 43 9.43 -30.09 21.67
N ALA J 44 8.64 -29.07 22.09
CA ALA J 44 8.04 -28.05 21.22
C ALA J 44 9.07 -27.33 20.31
N ILE J 45 10.26 -27.00 20.85
CA ILE J 45 11.35 -26.36 20.11
C ILE J 45 11.87 -27.27 18.97
N ASP J 46 11.95 -28.58 19.24
CA ASP J 46 12.37 -29.58 18.26
C ASP J 46 11.29 -29.73 17.21
N GLU J 47 10.02 -30.00 17.63
CA GLU J 47 8.84 -30.18 16.77
C GLU J 47 8.67 -28.98 15.83
N ILE J 48 8.84 -27.75 16.35
CA ILE J 48 8.72 -26.55 15.53
C ILE J 48 9.89 -26.44 14.56
N THR J 49 11.12 -26.79 15.01
CA THR J 49 12.29 -26.77 14.13
C THR J 49 12.07 -27.73 12.95
N ASN J 50 11.55 -28.97 13.22
CA ASN J 50 11.25 -29.91 12.15
C ASN J 50 10.32 -29.24 11.13
N LYS J 51 9.13 -28.74 11.60
CA LYS J 51 8.10 -28.04 10.83
C LYS J 51 8.69 -26.98 9.89
N VAL J 52 9.53 -26.10 10.44
CA VAL J 52 10.18 -25.04 9.70
C VAL J 52 11.08 -25.65 8.64
N ASN J 53 11.92 -26.61 9.04
CA ASN J 53 12.86 -27.28 8.13
C ASN J 53 12.18 -28.08 7.01
N SER J 54 11.00 -28.65 7.28
CA SER J 54 10.23 -29.42 6.30
C SER J 54 9.68 -28.49 5.23
N VAL J 55 9.29 -27.28 5.65
CA VAL J 55 8.76 -26.31 4.71
C VAL J 55 9.94 -25.78 3.84
N ILE J 56 11.13 -25.69 4.44
CA ILE J 56 12.28 -25.19 3.74
C ILE J 56 12.92 -26.24 2.83
N GLU J 57 13.18 -27.42 3.36
CA GLU J 57 13.91 -28.45 2.63
C GLU J 57 13.19 -29.29 1.55
N LYS J 58 11.85 -29.35 1.58
CA LYS J 58 11.07 -30.16 0.62
C LYS J 58 10.97 -29.59 -0.80
N MET J 59 11.56 -28.40 -1.00
CA MET J 59 11.62 -27.66 -2.24
C MET J 59 12.62 -28.27 -3.20
N ASN J 60 13.91 -28.15 -2.84
CA ASN J 60 15.05 -28.57 -3.65
C ASN J 60 15.28 -27.79 -4.96
N THR J 61 14.60 -28.14 -6.08
CA THR J 61 14.73 -27.49 -7.41
C THR J 61 16.03 -27.79 -8.17
N GLN J 62 15.89 -27.96 -9.50
CA GLN J 62 16.99 -28.24 -10.44
C GLN J 62 17.50 -26.95 -11.07
N PHE J 63 18.75 -26.96 -11.56
CA PHE J 63 19.34 -25.83 -12.27
C PHE J 63 18.40 -25.51 -13.44
N THR J 64 17.97 -24.24 -13.51
CA THR J 64 17.03 -23.73 -14.52
C THR J 64 17.55 -22.41 -15.12
N ALA J 65 17.13 -22.08 -16.35
CA ALA J 65 17.48 -20.85 -17.03
C ALA J 65 16.36 -19.77 -17.03
N VAL J 66 15.06 -20.19 -16.97
CA VAL J 66 13.84 -19.36 -16.96
C VAL J 66 13.68 -18.51 -18.22
N GLY J 67 14.55 -17.51 -18.34
CA GLY J 67 14.58 -16.56 -19.44
C GLY J 67 14.60 -17.21 -20.80
N LYS J 68 14.02 -16.53 -21.81
CA LYS J 68 13.96 -17.00 -23.20
C LYS J 68 14.02 -15.82 -24.12
N GLU J 69 14.63 -15.99 -25.27
CA GLU J 69 14.68 -14.90 -26.23
C GLU J 69 13.91 -15.28 -27.46
N PHE J 70 13.06 -14.38 -27.93
CA PHE J 70 12.25 -14.58 -29.11
C PHE J 70 12.36 -13.40 -30.07
N ASN J 71 12.26 -13.63 -31.40
CA ASN J 71 12.35 -12.52 -32.36
C ASN J 71 10.98 -11.87 -32.61
N HIS J 72 10.95 -10.79 -33.40
CA HIS J 72 9.69 -10.10 -33.66
C HIS J 72 8.59 -11.03 -34.27
N LEU J 73 8.98 -12.02 -35.09
CA LEU J 73 8.02 -12.97 -35.67
C LEU J 73 7.78 -14.19 -34.77
N GLU J 74 8.08 -14.04 -33.46
CA GLU J 74 7.90 -15.12 -32.51
C GLU J 74 7.05 -14.67 -31.29
N LYS J 75 6.08 -13.77 -31.52
CA LYS J 75 5.23 -13.22 -30.49
C LYS J 75 4.35 -14.27 -29.82
N ARG J 76 3.93 -15.32 -30.56
CA ARG J 76 3.10 -16.37 -29.97
C ARG J 76 3.88 -17.21 -28.95
N ILE J 77 5.01 -17.85 -29.35
CA ILE J 77 5.85 -18.67 -28.44
C ILE J 77 6.34 -17.89 -27.21
N GLU J 78 6.54 -16.55 -27.39
CA GLU J 78 6.94 -15.60 -26.35
C GLU J 78 5.83 -15.52 -25.35
N ASN J 79 4.57 -15.48 -25.86
CA ASN J 79 3.36 -15.41 -25.04
C ASN J 79 3.08 -16.74 -24.36
N LEU J 80 3.27 -17.86 -25.06
CA LEU J 80 3.16 -19.18 -24.44
C LEU J 80 4.19 -19.28 -23.28
N ASN J 81 5.43 -18.81 -23.50
CA ASN J 81 6.47 -18.80 -22.46
C ASN J 81 6.06 -17.90 -21.31
N LYS J 82 5.50 -16.73 -21.61
CA LYS J 82 5.04 -15.82 -20.57
C LYS J 82 3.98 -16.53 -19.74
N LYS J 83 2.98 -17.18 -20.40
CA LYS J 83 1.89 -17.95 -19.76
C LYS J 83 2.46 -19.00 -18.84
N VAL J 84 3.57 -19.66 -19.25
CA VAL J 84 4.24 -20.68 -18.43
C VAL J 84 4.79 -20.05 -17.15
N ASP J 85 5.63 -19.01 -17.31
CA ASP J 85 6.22 -18.26 -16.20
C ASP J 85 5.19 -17.71 -15.22
N ASP J 86 4.22 -16.94 -15.76
CA ASP J 86 3.12 -16.33 -15.01
C ASP J 86 2.19 -17.33 -14.38
N GLY J 87 1.96 -18.45 -15.05
CA GLY J 87 1.09 -19.51 -14.55
C GLY J 87 1.68 -20.18 -13.33
N PHE J 88 2.99 -20.42 -13.39
CA PHE J 88 3.76 -20.97 -12.28
C PHE J 88 3.70 -20.01 -11.13
N LEU J 89 3.89 -18.69 -11.41
CA LEU J 89 3.90 -17.58 -10.47
C LEU J 89 2.64 -17.55 -9.65
N ASP J 90 1.51 -17.65 -10.33
CA ASP J 90 0.21 -17.68 -9.69
C ASP J 90 0.04 -18.88 -8.73
N ILE J 91 0.54 -20.08 -9.11
CA ILE J 91 0.46 -21.29 -8.28
C ILE J 91 1.25 -21.11 -6.99
N TRP J 92 2.54 -20.82 -7.13
CA TRP J 92 3.46 -20.64 -6.02
C TRP J 92 3.04 -19.53 -5.07
N THR J 93 2.54 -18.40 -5.64
CA THR J 93 2.06 -17.26 -4.85
C THR J 93 0.86 -17.69 -4.05
N TYR J 94 -0.14 -18.27 -4.70
CA TYR J 94 -1.36 -18.72 -4.05
C TYR J 94 -1.08 -19.82 -3.05
N ASN J 95 -0.20 -20.77 -3.36
CA ASN J 95 0.13 -21.86 -2.44
C ASN J 95 0.94 -21.38 -1.23
N ALA J 96 2.10 -20.73 -1.46
CA ALA J 96 2.95 -20.16 -0.40
C ALA J 96 2.15 -19.25 0.53
N GLU J 97 1.49 -18.23 -0.04
CA GLU J 97 0.68 -17.27 0.69
C GLU J 97 -0.66 -17.90 0.83
N LEU J 98 -0.78 -18.85 1.79
CA LEU J 98 -1.94 -19.69 2.09
C LEU J 98 -1.47 -20.86 2.93
N LEU J 99 -0.33 -21.45 2.59
CA LEU J 99 0.33 -22.50 3.36
C LEU J 99 0.72 -21.83 4.67
N VAL J 100 1.30 -20.61 4.57
CA VAL J 100 1.70 -19.78 5.69
C VAL J 100 0.47 -19.41 6.56
N LEU J 101 -0.65 -19.04 5.93
CA LEU J 101 -1.89 -18.69 6.60
C LEU J 101 -2.40 -19.88 7.40
N LEU J 102 -2.43 -21.06 6.74
CA LEU J 102 -2.92 -22.33 7.26
C LEU J 102 -2.05 -22.85 8.40
N GLU J 103 -0.72 -22.86 8.18
CA GLU J 103 0.22 -23.36 9.16
C GLU J 103 0.45 -22.48 10.38
N ASN J 104 0.32 -21.14 10.19
CA ASN J 104 0.42 -20.19 11.30
C ASN J 104 -0.64 -20.45 12.34
N GLU J 105 -1.93 -20.66 11.92
CA GLU J 105 -3.02 -21.02 12.85
C GLU J 105 -2.69 -22.34 13.55
N ARG J 106 -2.21 -23.33 12.79
CA ARG J 106 -1.83 -24.64 13.33
C ARG J 106 -0.73 -24.56 14.39
N THR J 107 0.23 -23.63 14.22
CA THR J 107 1.35 -23.38 15.14
C THR J 107 0.84 -22.78 16.45
N LEU J 108 -0.09 -21.80 16.36
CA LEU J 108 -0.69 -21.11 17.52
C LEU J 108 -1.54 -22.07 18.30
N ASP J 109 -2.28 -22.92 17.59
CA ASP J 109 -3.09 -23.95 18.22
C ASP J 109 -2.19 -25.00 18.86
N TYR J 110 -1.06 -25.35 18.21
CA TYR J 110 -0.06 -26.28 18.76
C TYR J 110 0.38 -25.80 20.15
N HIS J 111 0.79 -24.52 20.25
CA HIS J 111 1.20 -23.91 21.51
C HIS J 111 0.09 -23.86 22.55
N ASP J 112 -1.18 -23.71 22.10
CA ASP J 112 -2.37 -23.69 22.94
C ASP J 112 -2.56 -25.10 23.56
N SER J 113 -2.37 -26.15 22.73
CA SER J 113 -2.47 -27.56 23.11
C SER J 113 -1.41 -27.94 24.12
N ASN J 114 -0.21 -27.36 24.04
CA ASN J 114 0.88 -27.65 24.97
C ASN J 114 0.63 -27.07 26.37
N VAL J 115 0.10 -25.84 26.41
CA VAL J 115 -0.24 -25.14 27.65
C VAL J 115 -1.39 -25.92 28.37
N LYS J 116 -2.46 -26.25 27.59
CA LYS J 116 -3.59 -27.05 28.06
C LYS J 116 -3.10 -28.40 28.63
N ASN J 117 -2.23 -29.13 27.90
CA ASN J 117 -1.67 -30.41 28.34
C ASN J 117 -0.77 -30.30 29.55
N LEU J 118 -0.06 -29.17 29.72
CA LEU J 118 0.74 -28.96 30.92
C LEU J 118 -0.16 -28.65 32.13
N TYR J 119 -1.26 -27.88 31.93
CA TYR J 119 -2.19 -27.58 33.02
C TYR J 119 -2.88 -28.89 33.48
N GLU J 120 -3.25 -29.74 32.52
CA GLU J 120 -3.91 -31.01 32.78
C GLU J 120 -3.05 -32.02 33.57
N LYS J 121 -1.75 -32.16 33.17
CA LYS J 121 -0.70 -33.02 33.77
C LYS J 121 -0.58 -32.75 35.29
N VAL J 122 -0.73 -31.46 35.67
CA VAL J 122 -0.65 -30.92 37.03
C VAL J 122 -1.94 -31.22 37.77
N ARG J 123 -3.09 -30.85 37.17
CA ARG J 123 -4.43 -31.10 37.69
C ARG J 123 -4.56 -32.58 38.06
N SER J 124 -3.95 -33.47 37.25
CA SER J 124 -3.99 -34.91 37.50
C SER J 124 -3.14 -35.35 38.70
N GLN J 125 -2.00 -34.67 38.92
CA GLN J 125 -1.05 -34.96 40.00
C GLN J 125 -1.59 -34.60 41.39
N LEU J 126 -1.99 -33.33 41.57
CA LEU J 126 -2.49 -32.81 42.85
C LEU J 126 -3.93 -33.19 43.09
N LYS J 127 -4.67 -33.47 42.01
CA LYS J 127 -6.08 -33.89 42.02
C LYS J 127 -7.00 -33.24 43.06
N ASN J 128 -6.97 -33.76 44.28
CA ASN J 128 -7.81 -33.37 45.40
C ASN J 128 -7.05 -32.58 46.47
N ASN J 129 -5.69 -32.56 46.38
CA ASN J 129 -4.79 -31.83 47.30
C ASN J 129 -4.69 -30.34 46.97
N ALA J 130 -5.22 -29.94 45.81
CA ALA J 130 -5.23 -28.54 45.37
C ALA J 130 -6.59 -28.11 44.82
N LYS J 131 -6.82 -26.79 44.88
CA LYS J 131 -7.99 -26.06 44.38
C LYS J 131 -7.55 -25.45 43.04
N GLU J 132 -8.45 -25.37 42.04
CA GLU J 132 -8.16 -24.76 40.73
C GLU J 132 -8.78 -23.35 40.72
N ILE J 133 -7.98 -22.31 41.07
CA ILE J 133 -8.48 -20.94 41.18
C ILE J 133 -8.88 -20.23 39.87
N GLY J 134 -8.32 -20.69 38.75
CA GLY J 134 -8.52 -20.09 37.44
C GLY J 134 -7.26 -19.36 37.00
N ASN J 135 -7.25 -18.94 35.73
CA ASN J 135 -6.12 -18.27 35.09
C ASN J 135 -4.83 -19.11 35.19
N GLY J 136 -5.02 -20.44 35.22
CA GLY J 136 -3.91 -21.40 35.27
C GLY J 136 -3.30 -21.66 36.62
N CYS J 137 -3.81 -21.00 37.68
CA CYS J 137 -3.29 -21.21 39.03
C CYS J 137 -4.00 -22.28 39.82
N PHE J 138 -3.22 -22.93 40.69
CA PHE J 138 -3.65 -23.95 41.63
C PHE J 138 -3.38 -23.43 43.00
N GLU J 139 -4.22 -23.79 43.97
CA GLU J 139 -4.01 -23.39 45.36
C GLU J 139 -3.97 -24.64 46.20
N PHE J 140 -2.79 -24.92 46.75
CA PHE J 140 -2.55 -26.09 47.56
C PHE J 140 -3.30 -26.00 48.90
N TYR J 141 -3.91 -27.12 49.31
CA TYR J 141 -4.60 -27.16 50.60
C TYR J 141 -3.57 -27.41 51.70
N HIS J 142 -2.45 -28.03 51.32
CA HIS J 142 -1.33 -28.31 52.22
C HIS J 142 -0.20 -27.30 51.97
N LYS J 143 0.76 -27.20 52.90
CA LYS J 143 1.91 -26.32 52.72
C LYS J 143 2.94 -27.00 51.81
N CYS J 144 2.99 -26.54 50.55
CA CYS J 144 3.89 -27.07 49.52
C CYS J 144 5.21 -26.28 49.49
N ASP J 145 6.28 -26.88 50.06
CA ASP J 145 7.64 -26.31 50.15
C ASP J 145 8.29 -26.18 48.76
N ASN J 146 9.52 -25.61 48.71
CA ASN J 146 10.28 -25.41 47.46
C ASN J 146 10.55 -26.72 46.74
N THR J 147 10.84 -27.81 47.50
CA THR J 147 11.09 -29.13 46.92
C THR J 147 9.79 -29.87 46.58
N CYS J 148 8.70 -29.56 47.30
CA CYS J 148 7.36 -30.10 46.99
C CYS J 148 6.98 -29.50 45.61
N MET J 149 7.18 -28.18 45.45
CA MET J 149 6.92 -27.41 44.26
C MET J 149 7.71 -27.94 43.08
N GLU J 150 8.97 -28.33 43.33
CA GLU J 150 9.86 -28.93 42.33
C GLU J 150 9.34 -30.29 41.89
N SER J 151 8.76 -31.08 42.85
CA SER J 151 8.23 -32.42 42.57
C SER J 151 7.06 -32.40 41.58
N VAL J 152 6.22 -31.34 41.65
CA VAL J 152 5.06 -31.12 40.77
C VAL J 152 5.59 -30.90 39.33
N LYS J 153 6.58 -30.00 39.19
CA LYS J 153 7.23 -29.61 37.94
C LYS J 153 7.86 -30.80 37.18
N ASN J 154 8.73 -31.62 37.83
CA ASN J 154 9.36 -32.79 37.19
C ASN J 154 8.46 -34.03 37.00
N GLY J 155 7.20 -33.92 37.43
CA GLY J 155 6.16 -34.95 37.29
C GLY J 155 6.20 -36.05 38.34
N THR J 156 6.87 -35.79 39.49
CA THR J 156 6.99 -36.75 40.60
C THR J 156 6.35 -36.26 41.90
N TYR J 157 5.20 -35.54 41.81
CA TYR J 157 4.50 -35.06 43.00
C TYR J 157 3.91 -36.24 43.74
N ASP J 158 4.15 -36.30 45.06
CA ASP J 158 3.67 -37.38 45.91
C ASP J 158 2.33 -37.00 46.55
N TYR J 159 1.23 -37.42 45.90
CA TYR J 159 -0.13 -37.19 46.40
C TYR J 159 -0.33 -37.91 47.74
N PRO J 160 0.04 -39.22 47.90
CA PRO J 160 -0.19 -39.88 49.20
C PRO J 160 0.53 -39.24 50.39
N LYS J 161 1.63 -38.48 50.12
CA LYS J 161 2.43 -37.79 51.16
C LYS J 161 1.63 -36.68 51.88
N TYR J 162 0.97 -35.80 51.09
CA TYR J 162 0.21 -34.65 51.57
C TYR J 162 -1.31 -34.86 51.71
N SER J 163 -1.81 -36.07 51.38
CA SER J 163 -3.22 -36.48 51.42
C SER J 163 -3.94 -36.11 52.71
N GLU J 164 -3.32 -36.41 53.88
CA GLU J 164 -3.90 -36.11 55.19
C GLU J 164 -3.86 -34.62 55.50
N GLU J 165 -2.68 -33.98 55.34
CA GLU J 165 -2.50 -32.55 55.59
C GLU J 165 -3.57 -31.78 54.81
N ALA J 166 -3.63 -32.04 53.46
CA ALA J 166 -4.56 -31.46 52.48
C ALA J 166 -6.04 -31.68 52.80
N LYS J 167 -6.38 -32.77 53.53
CA LYS J 167 -7.77 -33.06 53.90
C LYS J 167 -8.35 -32.09 54.94
N LEU J 168 -7.82 -32.09 56.17
CA LEU J 168 -8.30 -31.28 57.29
C LEU J 168 -8.53 -29.77 57.05
N ASN J 169 -7.66 -29.15 56.23
CA ASN J 169 -7.73 -27.72 55.88
C ASN J 169 -8.69 -27.42 54.74
N ARG J 170 -9.06 -28.45 53.95
CA ARG J 170 -10.05 -28.35 52.89
C ARG J 170 -11.44 -28.46 53.55
N GLU J 171 -11.49 -28.97 54.81
CA GLU J 171 -12.73 -29.08 55.59
C GLU J 171 -13.16 -27.71 56.13
N GLU J 172 -14.27 -27.19 55.56
CA GLU J 172 -14.88 -25.90 55.88
C GLU J 172 -16.16 -26.07 56.73
N PRO K 1 -8.06 -53.08 46.02
CA PRO K 1 -8.72 -52.21 45.02
C PRO K 1 -10.15 -52.62 44.69
N GLY K 2 -10.66 -52.06 43.58
CA GLY K 2 -12.00 -52.30 43.06
C GLY K 2 -11.97 -52.59 41.57
N ASP K 3 -13.15 -52.58 40.94
CA ASP K 3 -13.33 -52.88 39.52
C ASP K 3 -12.77 -51.79 38.66
N THR K 4 -12.06 -52.17 37.59
CA THR K 4 -11.43 -51.17 36.72
C THR K 4 -11.96 -51.10 35.28
N LEU K 5 -11.87 -49.91 34.69
CA LEU K 5 -12.25 -49.66 33.33
C LEU K 5 -11.22 -48.72 32.76
N CYS K 6 -10.47 -49.21 31.78
CA CYS K 6 -9.39 -48.45 31.18
C CYS K 6 -9.63 -48.16 29.73
N ILE K 7 -9.29 -46.95 29.30
CA ILE K 7 -9.41 -46.53 27.91
C ILE K 7 -8.00 -46.61 27.37
N GLY K 8 -7.90 -47.13 26.14
CA GLY K 8 -6.62 -47.33 25.50
C GLY K 8 -6.73 -47.44 24.01
N TYR K 9 -5.57 -47.47 23.39
CA TYR K 9 -5.43 -47.47 21.95
C TYR K 9 -4.55 -48.63 21.49
N HIS K 10 -4.81 -49.14 20.29
CA HIS K 10 -4.12 -50.23 19.60
C HIS K 10 -2.61 -50.00 19.44
N ALA K 11 -1.87 -51.11 19.40
CA ALA K 11 -0.44 -51.24 19.16
C ALA K 11 -0.24 -52.63 18.51
N ASN K 12 0.63 -52.72 17.49
CA ASN K 12 0.80 -53.98 16.77
C ASN K 12 2.25 -54.30 16.38
N ASN K 13 2.42 -55.35 15.52
CA ASN K 13 3.63 -55.94 14.96
C ASN K 13 4.41 -54.91 14.14
N SER K 14 3.69 -53.99 13.46
CA SER K 14 4.17 -52.93 12.57
C SER K 14 5.51 -52.31 12.93
N THR K 15 6.33 -52.11 11.91
CA THR K 15 7.67 -51.54 11.95
C THR K 15 7.76 -50.34 11.03
N ASP K 16 6.80 -50.25 10.07
CA ASP K 16 6.72 -49.16 9.09
C ASP K 16 6.53 -47.77 9.67
N THR K 17 7.19 -46.78 9.02
CA THR K 17 7.27 -45.39 9.46
C THR K 17 6.72 -44.39 8.46
N VAL K 18 6.30 -43.23 8.99
CA VAL K 18 5.80 -42.09 8.23
C VAL K 18 6.44 -40.79 8.77
N ASP K 19 6.63 -39.80 7.90
CA ASP K 19 7.16 -38.51 8.30
C ASP K 19 5.97 -37.54 8.51
N THR K 20 6.04 -36.74 9.55
CA THR K 20 4.99 -35.78 9.89
C THR K 20 5.66 -34.41 9.87
N VAL K 21 4.89 -33.34 10.07
CA VAL K 21 5.49 -32.03 10.05
C VAL K 21 6.33 -31.79 11.32
N LEU K 22 5.89 -32.39 12.45
CA LEU K 22 6.55 -32.26 13.76
C LEU K 22 7.59 -33.33 14.11
N GLU K 23 7.62 -34.47 13.36
CA GLU K 23 8.57 -35.54 13.64
C GLU K 23 8.89 -36.41 12.42
N LYS K 24 10.16 -36.86 12.32
CA LYS K 24 10.74 -37.69 11.24
C LYS K 24 10.46 -39.21 11.34
N ASN K 25 11.06 -39.90 12.32
CA ASN K 25 10.84 -41.34 12.38
C ASN K 25 9.66 -41.68 13.25
N VAL K 26 8.46 -41.65 12.65
CA VAL K 26 7.23 -41.97 13.38
C VAL K 26 6.71 -43.33 12.93
N THR K 27 6.73 -44.32 13.87
CA THR K 27 6.25 -45.68 13.64
C THR K 27 4.75 -45.69 13.80
N VAL K 28 4.03 -46.14 12.76
CA VAL K 28 2.57 -46.17 12.78
C VAL K 28 1.98 -47.57 12.77
N THR K 29 0.76 -47.72 13.30
CA THR K 29 0.09 -49.03 13.34
C THR K 29 -0.30 -49.47 11.92
N HIS K 30 -0.65 -48.51 11.04
CA HIS K 30 -1.11 -48.73 9.66
C HIS K 30 -0.78 -47.52 8.78
N SER K 31 -0.44 -47.78 7.50
CA SER K 31 -0.09 -46.74 6.50
C SER K 31 -0.38 -47.18 5.05
N VAL K 32 -0.41 -46.21 4.11
CA VAL K 32 -0.65 -46.51 2.70
C VAL K 32 0.34 -45.78 1.80
N ASN K 33 0.89 -46.46 0.78
CA ASN K 33 1.78 -45.78 -0.15
C ASN K 33 0.94 -45.00 -1.17
N LEU K 34 1.38 -43.80 -1.52
CA LEU K 34 0.71 -42.94 -2.49
C LEU K 34 1.58 -42.76 -3.74
N LEU K 35 2.87 -43.11 -3.62
CA LEU K 35 3.86 -42.99 -4.69
C LEU K 35 4.00 -44.32 -5.41
N GLU K 36 3.75 -44.34 -6.74
CA GLU K 36 3.93 -45.57 -7.50
C GLU K 36 5.41 -45.67 -7.90
N ASP K 37 6.12 -46.60 -7.28
CA ASP K 37 7.55 -46.79 -7.51
C ASP K 37 7.86 -47.96 -8.45
N LYS K 38 6.83 -48.78 -8.81
CA LYS K 38 7.04 -49.97 -9.63
C LYS K 38 6.38 -50.01 -11.01
N HIS K 39 7.16 -50.46 -12.02
CA HIS K 39 6.74 -50.62 -13.41
C HIS K 39 6.92 -52.11 -13.88
N ASN K 40 6.27 -52.48 -15.00
CA ASN K 40 6.31 -53.84 -15.54
C ASN K 40 7.45 -54.18 -16.51
N GLY K 41 8.14 -53.14 -17.01
CA GLY K 41 9.27 -53.29 -17.92
C GLY K 41 8.91 -53.78 -19.31
N LYS K 42 7.62 -53.67 -19.66
CA LYS K 42 7.03 -54.11 -20.93
C LYS K 42 6.23 -52.95 -21.54
N LEU K 43 6.52 -52.57 -22.80
CA LEU K 43 5.78 -51.52 -23.50
C LEU K 43 4.47 -52.15 -23.97
N CYS K 44 3.36 -51.73 -23.37
CA CYS K 44 2.03 -52.30 -23.57
C CYS K 44 1.15 -51.56 -24.56
N LYS K 45 -0.08 -52.07 -24.73
CA LYS K 45 -1.13 -51.54 -25.59
C LYS K 45 -1.95 -50.46 -24.86
N LEU K 46 -1.88 -49.21 -25.34
CA LEU K 46 -2.68 -48.11 -24.80
C LEU K 46 -4.00 -48.08 -25.54
N ARG K 47 -5.10 -47.68 -24.85
CA ARG K 47 -6.48 -47.60 -25.39
C ARG K 47 -6.95 -48.97 -25.94
N GLY K 48 -6.15 -50.01 -25.71
CA GLY K 48 -6.40 -51.35 -26.21
C GLY K 48 -5.66 -51.62 -27.51
N VAL K 49 -5.21 -50.55 -28.20
CA VAL K 49 -4.50 -50.63 -29.48
C VAL K 49 -2.99 -50.79 -29.28
N ALA K 50 -2.40 -51.76 -30.01
CA ALA K 50 -0.98 -52.06 -29.96
C ALA K 50 -0.17 -50.94 -30.65
N PRO K 51 1.06 -50.62 -30.20
CA PRO K 51 1.83 -49.56 -30.87
C PRO K 51 2.40 -49.98 -32.23
N LEU K 52 3.27 -49.12 -32.78
CA LEU K 52 4.00 -49.36 -34.02
C LEU K 52 5.46 -49.47 -33.66
N HIS K 53 6.03 -50.68 -33.75
CA HIS K 53 7.46 -50.87 -33.47
C HIS K 53 8.20 -50.83 -34.79
N LEU K 54 9.22 -49.95 -34.90
CA LEU K 54 9.99 -49.79 -36.13
C LEU K 54 11.27 -50.64 -36.16
N GLY K 55 11.77 -51.03 -34.98
CA GLY K 55 12.97 -51.84 -34.84
C GLY K 55 14.21 -51.03 -35.15
N LYS K 56 15.07 -51.55 -36.07
CA LYS K 56 16.32 -50.90 -36.51
C LYS K 56 16.07 -49.67 -37.39
N CYS K 57 14.80 -49.33 -37.62
CA CYS K 57 14.35 -48.16 -38.39
C CYS K 57 13.85 -47.05 -37.47
N ASN K 58 13.90 -45.82 -37.98
CA ASN K 58 13.36 -44.62 -37.38
C ASN K 58 12.21 -44.17 -38.31
N ILE K 59 11.40 -43.18 -37.89
CA ILE K 59 10.25 -42.68 -38.66
C ILE K 59 10.60 -42.46 -40.12
N ALA K 60 11.73 -41.76 -40.38
CA ALA K 60 12.25 -41.41 -41.71
C ALA K 60 12.34 -42.61 -42.64
N GLY K 61 13.05 -43.64 -42.21
CA GLY K 61 13.25 -44.86 -42.99
C GLY K 61 11.99 -45.61 -43.30
N TRP K 62 11.13 -45.73 -42.29
CA TRP K 62 9.88 -46.45 -42.39
C TRP K 62 8.92 -45.78 -43.36
N ILE K 63 8.68 -44.49 -43.16
CA ILE K 63 7.78 -43.74 -44.00
C ILE K 63 8.26 -43.57 -45.43
N LEU K 64 9.58 -43.44 -45.64
CA LEU K 64 10.13 -43.32 -46.99
C LEU K 64 10.15 -44.69 -47.67
N GLY K 65 10.29 -45.74 -46.86
CA GLY K 65 10.31 -47.12 -47.31
C GLY K 65 11.72 -47.60 -47.58
N ASN K 66 12.66 -47.25 -46.66
CA ASN K 66 14.08 -47.59 -46.69
C ASN K 66 14.29 -49.10 -46.90
N PRO K 67 15.09 -49.51 -47.92
CA PRO K 67 15.35 -50.94 -48.15
C PRO K 67 15.42 -51.84 -46.90
N GLU K 68 16.15 -51.43 -45.84
CA GLU K 68 16.32 -52.22 -44.61
C GLU K 68 15.11 -52.32 -43.68
N CYS K 69 14.04 -51.57 -44.01
CA CYS K 69 12.75 -51.57 -43.32
C CYS K 69 11.79 -52.48 -44.10
N GLU K 70 11.05 -53.34 -43.38
CA GLU K 70 10.11 -54.27 -44.00
C GLU K 70 8.70 -54.03 -43.47
N SER K 71 7.84 -53.44 -44.33
CA SER K 71 6.44 -53.14 -44.02
C SER K 71 5.50 -54.30 -44.43
N LEU K 72 6.02 -55.56 -44.28
CA LEU K 72 5.33 -56.83 -44.55
C LEU K 72 4.11 -56.97 -43.63
N SER K 73 4.21 -56.44 -42.38
CA SER K 73 3.17 -56.39 -41.35
C SER K 73 3.37 -55.22 -40.38
N THR K 74 2.81 -54.06 -40.74
CA THR K 74 2.84 -52.83 -39.94
C THR K 74 1.41 -52.28 -39.84
N ALA K 75 0.69 -52.70 -38.78
CA ALA K 75 -0.71 -52.45 -38.41
C ALA K 75 -1.50 -51.24 -38.98
N SER K 76 -2.82 -51.43 -39.19
CA SER K 76 -3.79 -50.43 -39.67
C SER K 76 -3.86 -49.21 -38.73
N SER K 77 -3.62 -49.45 -37.43
CA SER K 77 -3.66 -48.42 -36.42
C SER K 77 -2.66 -48.69 -35.29
N TRP K 78 -2.23 -47.60 -34.61
CA TRP K 78 -1.31 -47.64 -33.48
C TRP K 78 -1.61 -46.56 -32.45
N SER K 79 -1.38 -46.87 -31.17
CA SER K 79 -1.63 -45.98 -30.02
C SER K 79 -0.47 -45.01 -29.79
N TYR K 80 0.72 -45.40 -30.25
CA TYR K 80 1.98 -44.67 -30.20
C TYR K 80 2.99 -45.41 -31.05
N ILE K 81 4.22 -44.88 -31.15
CA ILE K 81 5.29 -45.48 -31.96
C ILE K 81 6.52 -45.73 -31.09
N VAL K 82 7.27 -46.81 -31.37
CA VAL K 82 8.49 -47.17 -30.65
C VAL K 82 9.72 -47.21 -31.56
N GLU K 83 10.76 -46.49 -31.13
CA GLU K 83 12.05 -46.39 -31.78
C GLU K 83 13.11 -46.83 -30.77
N THR K 84 14.09 -47.63 -31.19
CA THR K 84 15.15 -48.07 -30.28
C THR K 84 16.23 -46.97 -30.27
N PRO K 85 16.86 -46.61 -29.12
CA PRO K 85 17.85 -45.51 -29.11
C PRO K 85 18.97 -45.59 -30.14
N SER K 86 19.30 -46.82 -30.57
CA SER K 86 20.32 -47.14 -31.55
C SER K 86 19.86 -46.86 -33.00
N SER K 87 18.56 -47.08 -33.30
CA SER K 87 17.92 -46.93 -34.61
C SER K 87 18.53 -45.96 -35.62
N ASP K 88 19.41 -46.50 -36.48
CA ASP K 88 19.96 -45.76 -37.61
C ASP K 88 18.94 -46.06 -38.75
N ASN K 89 19.39 -46.27 -40.00
CA ASN K 89 18.52 -46.60 -41.14
C ASN K 89 17.26 -45.71 -41.27
N GLY K 90 17.49 -44.52 -41.82
CA GLY K 90 16.48 -43.48 -42.05
C GLY K 90 16.58 -42.97 -43.46
N THR K 91 17.29 -41.85 -43.64
CA THR K 91 17.54 -41.32 -44.97
C THR K 91 18.91 -41.85 -45.39
N CYS K 92 18.90 -42.98 -46.10
CA CYS K 92 20.12 -43.61 -46.59
C CYS K 92 20.85 -42.72 -47.64
N TYR K 93 20.10 -41.98 -48.48
CA TYR K 93 20.71 -41.00 -49.38
C TYR K 93 20.70 -39.71 -48.56
N PRO K 94 21.88 -39.08 -48.34
CA PRO K 94 21.92 -37.87 -47.50
C PRO K 94 21.04 -36.69 -47.91
N GLY K 95 20.72 -35.85 -46.94
CA GLY K 95 19.89 -34.68 -47.18
C GLY K 95 18.99 -34.27 -46.04
N ASP K 96 17.99 -33.43 -46.35
CA ASP K 96 17.08 -32.88 -45.34
C ASP K 96 15.66 -33.39 -45.43
N PHE K 97 15.14 -33.85 -44.30
CA PHE K 97 13.74 -34.25 -44.17
C PHE K 97 13.06 -33.02 -43.54
N ILE K 98 12.29 -32.32 -44.40
CA ILE K 98 11.62 -31.07 -44.09
C ILE K 98 10.39 -31.31 -43.25
N ASP K 99 10.32 -30.58 -42.13
CA ASP K 99 9.28 -30.68 -41.13
C ASP K 99 9.15 -32.14 -40.69
N TYR K 100 10.31 -32.79 -40.46
CA TYR K 100 10.38 -34.18 -40.05
C TYR K 100 9.77 -34.43 -38.67
N GLU K 101 10.05 -33.54 -37.69
CA GLU K 101 9.55 -33.65 -36.32
C GLU K 101 8.04 -33.49 -36.30
N GLU K 102 7.53 -32.63 -37.20
CA GLU K 102 6.10 -32.37 -37.36
C GLU K 102 5.38 -33.60 -37.91
N LEU K 103 6.04 -34.32 -38.83
CA LEU K 103 5.49 -35.54 -39.40
C LEU K 103 5.37 -36.59 -38.31
N ARG K 104 6.44 -36.76 -37.52
CA ARG K 104 6.56 -37.69 -36.38
C ARG K 104 5.45 -37.45 -35.36
N GLU K 105 5.09 -36.17 -35.14
CA GLU K 105 4.00 -35.79 -34.24
C GLU K 105 2.69 -36.22 -34.88
N GLN K 106 2.43 -35.75 -36.10
CA GLN K 106 1.22 -36.05 -36.86
C GLN K 106 1.07 -37.55 -37.23
N LEU K 107 2.08 -38.37 -36.96
CA LEU K 107 2.04 -39.81 -37.27
C LEU K 107 2.04 -40.70 -36.03
N SER K 108 2.47 -40.16 -34.86
CA SER K 108 2.59 -40.78 -33.53
C SER K 108 1.44 -41.71 -33.18
N SER K 109 0.21 -41.35 -33.55
CA SER K 109 -0.94 -42.17 -33.33
C SER K 109 -1.91 -42.01 -34.49
N VAL K 110 -2.42 -43.15 -34.98
CA VAL K 110 -3.33 -43.22 -36.13
C VAL K 110 -4.52 -44.16 -35.88
N SER K 111 -5.69 -43.85 -36.51
CA SER K 111 -6.93 -44.63 -36.40
C SER K 111 -7.03 -45.57 -37.61
N SER K 112 -6.57 -45.09 -38.77
CA SER K 112 -6.53 -45.80 -40.05
C SER K 112 -5.19 -45.45 -40.72
N PHE K 113 -4.58 -46.42 -41.43
CA PHE K 113 -3.33 -46.24 -42.14
C PHE K 113 -3.22 -47.25 -43.25
N GLU K 114 -3.66 -46.82 -44.43
CA GLU K 114 -3.69 -47.62 -45.63
C GLU K 114 -2.62 -47.08 -46.57
N ARG K 115 -1.79 -47.98 -47.05
CA ARG K 115 -0.77 -47.68 -48.05
C ARG K 115 -1.37 -48.06 -49.39
N PHE K 116 -1.16 -47.22 -50.40
CA PHE K 116 -1.63 -47.49 -51.75
C PHE K 116 -0.68 -46.90 -52.77
N GLU K 117 -0.58 -47.52 -53.93
CA GLU K 117 0.29 -47.06 -54.99
C GLU K 117 -0.36 -45.89 -55.71
N ILE K 118 -0.09 -44.66 -55.21
CA ILE K 118 -0.56 -43.37 -55.74
C ILE K 118 -0.20 -43.23 -57.23
N PHE K 119 1.05 -43.54 -57.58
CA PHE K 119 1.52 -43.52 -58.97
C PHE K 119 2.25 -44.85 -59.28
N PRO K 120 1.50 -45.87 -59.81
CA PRO K 120 2.12 -47.18 -60.12
C PRO K 120 3.39 -47.17 -60.97
N LYS K 121 4.40 -47.99 -60.60
CA LYS K 121 5.71 -48.09 -61.28
C LYS K 121 5.59 -48.32 -62.80
N THR K 122 4.49 -48.94 -63.23
CA THR K 122 4.21 -49.26 -64.63
C THR K 122 3.52 -48.15 -65.43
N SER K 123 2.20 -47.94 -65.18
CA SER K 123 1.34 -46.98 -65.88
C SER K 123 1.72 -45.49 -65.81
N SER K 124 2.32 -45.07 -64.70
CA SER K 124 2.61 -43.66 -64.45
C SER K 124 3.75 -42.97 -65.20
N TRP K 125 4.87 -43.64 -65.39
CA TRP K 125 6.02 -42.98 -66.01
C TRP K 125 6.48 -43.51 -67.40
N PRO K 126 5.67 -43.37 -68.50
CA PRO K 126 6.12 -43.88 -69.80
C PRO K 126 7.30 -43.16 -70.42
N ASN K 127 7.35 -41.83 -70.30
CA ASN K 127 8.39 -41.02 -70.92
C ASN K 127 9.70 -40.87 -70.12
N HIS K 128 9.83 -41.58 -68.98
CA HIS K 128 10.99 -41.52 -68.07
C HIS K 128 11.39 -42.89 -67.53
N ASP K 129 12.66 -43.06 -67.14
CA ASP K 129 13.14 -44.32 -66.59
C ASP K 129 12.81 -44.42 -65.07
N SER K 130 12.19 -45.54 -64.67
CA SER K 130 11.79 -45.81 -63.29
C SER K 130 12.67 -46.90 -62.62
N ASN K 131 13.70 -47.38 -63.35
CA ASN K 131 14.61 -48.44 -62.91
C ASN K 131 16.01 -47.97 -62.52
N LYS K 132 16.65 -47.05 -63.30
CA LYS K 132 18.01 -46.50 -63.07
C LYS K 132 18.14 -45.71 -61.76
N GLY K 133 17.00 -45.35 -61.16
CA GLY K 133 16.90 -44.57 -59.93
C GLY K 133 17.19 -45.29 -58.64
N VAL K 134 18.31 -46.03 -58.61
CA VAL K 134 18.83 -46.80 -57.47
C VAL K 134 20.26 -46.32 -57.13
N THR K 135 20.67 -46.44 -55.85
CA THR K 135 22.00 -45.97 -55.44
C THR K 135 22.77 -46.84 -54.43
N ALA K 136 24.11 -46.63 -54.36
CA ALA K 136 25.01 -47.29 -53.41
C ALA K 136 24.74 -46.78 -51.99
N ALA K 137 24.12 -45.59 -51.86
CA ALA K 137 23.75 -44.97 -50.60
C ALA K 137 22.65 -45.76 -49.91
N CYS K 138 21.72 -46.36 -50.69
CA CYS K 138 20.64 -47.18 -50.14
C CYS K 138 20.83 -48.64 -50.55
N PRO K 139 21.71 -49.43 -49.89
CA PRO K 139 21.87 -50.83 -50.32
C PRO K 139 20.84 -51.81 -49.75
N HIS K 140 20.41 -52.77 -50.60
CA HIS K 140 19.52 -53.88 -50.24
C HIS K 140 20.14 -55.14 -50.77
N ALA K 141 20.36 -56.10 -49.85
CA ALA K 141 21.05 -57.36 -50.13
C ALA K 141 22.33 -57.05 -50.90
N GLY K 142 23.06 -56.08 -50.33
CA GLY K 142 24.32 -55.55 -50.83
C GLY K 142 24.29 -55.15 -52.28
N ALA K 143 23.29 -54.34 -52.66
CA ALA K 143 23.12 -53.88 -54.04
C ALA K 143 22.44 -52.56 -54.13
N LYS K 144 22.75 -51.81 -55.19
CA LYS K 144 22.12 -50.52 -55.48
C LYS K 144 20.62 -50.70 -55.44
N SER K 145 19.98 -49.90 -54.60
CA SER K 145 18.54 -49.92 -54.33
C SER K 145 18.11 -48.51 -53.86
N PHE K 146 16.79 -48.34 -53.59
CA PHE K 146 16.19 -47.07 -53.19
C PHE K 146 14.88 -47.31 -52.42
N TYR K 147 14.31 -46.25 -51.79
CA TYR K 147 13.07 -46.30 -51.00
C TYR K 147 11.90 -46.89 -51.78
N LYS K 148 10.98 -47.57 -51.10
CA LYS K 148 9.84 -48.25 -51.74
C LYS K 148 8.74 -47.31 -52.17
N ASN K 149 8.45 -46.32 -51.32
CA ASN K 149 7.40 -45.33 -51.50
C ASN K 149 7.82 -44.22 -52.40
N LEU K 150 9.01 -44.35 -52.99
CA LEU K 150 9.56 -43.35 -53.89
C LEU K 150 10.19 -43.96 -55.11
N ILE K 151 10.12 -43.19 -56.20
CA ILE K 151 10.75 -43.52 -57.46
C ILE K 151 11.57 -42.33 -57.92
N TRP K 152 12.90 -42.53 -57.91
CA TRP K 152 13.89 -41.57 -58.34
C TRP K 152 13.86 -41.56 -59.85
N LEU K 153 13.00 -40.72 -60.43
CA LEU K 153 12.90 -40.66 -61.89
C LEU K 153 14.15 -40.10 -62.55
N VAL K 154 14.62 -40.83 -63.58
CA VAL K 154 15.85 -40.60 -64.33
C VAL K 154 15.56 -40.57 -65.86
N LYS K 155 16.45 -39.91 -66.65
CA LYS K 155 16.30 -39.79 -68.09
C LYS K 155 16.07 -41.17 -68.74
N LYS K 156 15.22 -41.21 -69.79
CA LYS K 156 14.95 -42.43 -70.54
C LYS K 156 15.74 -42.34 -71.86
N GLY K 157 16.91 -42.98 -71.88
CA GLY K 157 17.83 -43.03 -73.03
C GLY K 157 18.22 -41.67 -73.56
N ASN K 158 18.91 -40.89 -72.72
CA ASN K 158 19.36 -39.50 -72.96
C ASN K 158 18.24 -38.43 -73.15
N SER K 159 16.98 -38.77 -72.80
CA SER K 159 15.86 -37.84 -72.88
C SER K 159 15.00 -37.82 -71.62
N TYR K 160 14.78 -36.60 -71.07
CA TYR K 160 13.95 -36.39 -69.90
C TYR K 160 12.95 -35.29 -70.24
N PRO K 161 11.79 -35.67 -70.82
CA PRO K 161 10.79 -34.64 -71.16
C PRO K 161 10.14 -34.06 -69.92
N LYS K 162 9.40 -32.93 -70.10
CA LYS K 162 8.66 -32.29 -69.03
C LYS K 162 7.68 -33.30 -68.46
N LEU K 163 7.67 -33.41 -67.13
CA LEU K 163 6.83 -34.32 -66.39
C LEU K 163 5.63 -33.55 -65.83
N SER K 164 4.46 -34.20 -65.82
CA SER K 164 3.20 -33.67 -65.32
C SER K 164 2.32 -34.84 -64.89
N LYS K 165 2.05 -34.96 -63.56
CA LYS K 165 1.20 -36.03 -63.06
C LYS K 165 0.39 -35.55 -61.87
N SER K 166 -0.87 -36.03 -61.73
CA SER K 166 -1.78 -35.67 -60.64
C SER K 166 -2.59 -36.81 -60.07
N TYR K 167 -2.99 -36.66 -58.81
CA TYR K 167 -3.83 -37.57 -58.02
C TYR K 167 -4.94 -36.70 -57.44
N ILE K 168 -6.21 -37.19 -57.44
CA ILE K 168 -7.35 -36.39 -56.95
C ILE K 168 -7.89 -36.80 -55.57
N ASN K 169 -7.29 -37.79 -54.89
CA ASN K 169 -7.73 -38.25 -53.55
C ASN K 169 -9.16 -38.77 -53.45
N ASP K 170 -9.38 -40.02 -53.89
CA ASP K 170 -10.70 -40.66 -53.86
C ASP K 170 -11.00 -41.41 -52.53
N LYS K 171 -10.17 -41.15 -51.50
CA LYS K 171 -10.38 -41.69 -50.16
C LYS K 171 -11.23 -40.66 -49.41
N GLY K 172 -11.88 -41.09 -48.33
CA GLY K 172 -12.67 -40.18 -47.54
C GLY K 172 -11.92 -39.70 -46.31
N LYS K 173 -10.59 -39.54 -46.47
CA LYS K 173 -9.64 -39.14 -45.44
C LYS K 173 -8.36 -38.56 -46.04
N GLU K 174 -7.52 -37.95 -45.17
CA GLU K 174 -6.23 -37.34 -45.49
C GLU K 174 -5.29 -38.32 -46.20
N VAL K 175 -4.56 -37.83 -47.18
CA VAL K 175 -3.59 -38.70 -47.84
C VAL K 175 -2.20 -38.14 -47.64
N LEU K 176 -1.33 -38.90 -46.94
CA LEU K 176 0.06 -38.49 -46.73
C LEU K 176 0.87 -38.78 -48.00
N VAL K 177 1.32 -37.72 -48.63
CA VAL K 177 2.14 -37.79 -49.84
C VAL K 177 3.54 -37.31 -49.49
N LEU K 178 4.56 -38.07 -49.90
CA LEU K 178 5.97 -37.78 -49.71
C LEU K 178 6.69 -37.85 -51.05
N TRP K 179 7.64 -36.95 -51.26
CA TRP K 179 8.47 -36.90 -52.46
C TRP K 179 9.85 -36.35 -52.10
N GLY K 180 10.78 -36.49 -53.03
CA GLY K 180 12.14 -36.02 -52.85
C GLY K 180 12.59 -35.10 -53.96
N ILE K 181 13.51 -34.21 -53.61
CA ILE K 181 14.15 -33.27 -54.53
C ILE K 181 15.66 -33.58 -54.50
N HIS K 182 16.20 -34.09 -55.63
CA HIS K 182 17.61 -34.45 -55.71
C HIS K 182 18.47 -33.27 -56.12
N HIS K 183 19.62 -33.12 -55.47
CA HIS K 183 20.54 -32.03 -55.77
C HIS K 183 21.87 -32.63 -56.08
N PRO K 184 22.22 -32.77 -57.38
CA PRO K 184 23.50 -33.36 -57.75
C PRO K 184 24.73 -32.64 -57.19
N SER K 185 25.88 -33.34 -57.29
CA SER K 185 27.21 -32.88 -56.86
C SER K 185 27.85 -32.07 -57.98
N THR K 186 27.64 -32.52 -59.23
CA THR K 186 28.20 -31.89 -60.42
C THR K 186 27.16 -31.78 -61.54
N SER K 187 27.41 -30.91 -62.52
CA SER K 187 26.55 -30.73 -63.70
C SER K 187 26.64 -31.95 -64.61
N ALA K 188 27.76 -32.68 -64.57
CA ALA K 188 27.95 -33.90 -65.36
C ALA K 188 26.97 -34.98 -64.86
N ASP K 189 26.81 -35.06 -63.54
CA ASP K 189 25.93 -35.98 -62.82
C ASP K 189 24.47 -35.63 -63.18
N GLN K 190 24.15 -34.34 -63.19
CA GLN K 190 22.84 -33.83 -63.53
C GLN K 190 22.48 -34.16 -65.01
N GLN K 191 23.48 -34.18 -65.90
CA GLN K 191 23.35 -34.51 -67.32
C GLN K 191 23.25 -36.02 -67.54
N SER K 192 23.87 -36.83 -66.67
CA SER K 192 23.85 -38.28 -66.85
C SER K 192 22.57 -38.88 -66.30
N LEU K 193 21.89 -38.08 -65.48
CA LEU K 193 20.68 -38.48 -64.77
C LEU K 193 19.40 -37.92 -65.39
N TYR K 194 19.41 -36.63 -65.77
CA TYR K 194 18.22 -35.96 -66.27
C TYR K 194 18.43 -35.24 -67.59
N GLN K 195 19.62 -35.38 -68.18
CA GLN K 195 19.99 -34.72 -69.44
C GLN K 195 20.06 -33.19 -69.28
N ASN K 196 18.87 -32.55 -69.16
CA ASN K 196 18.61 -31.12 -69.03
C ASN K 196 19.41 -30.43 -67.92
N ALA K 197 20.11 -29.35 -68.30
CA ALA K 197 21.01 -28.54 -67.46
C ALA K 197 20.27 -27.87 -66.34
N ASP K 198 19.43 -26.85 -66.65
CA ASP K 198 18.65 -26.15 -65.64
C ASP K 198 17.28 -26.76 -65.61
N THR K 199 16.96 -27.36 -64.48
CA THR K 199 15.68 -28.01 -64.28
C THR K 199 14.91 -27.26 -63.19
N TYR K 200 13.69 -27.74 -62.89
CA TYR K 200 12.86 -27.22 -61.81
C TYR K 200 11.92 -28.34 -61.43
N VAL K 201 11.42 -28.32 -60.18
CA VAL K 201 10.38 -29.25 -59.72
C VAL K 201 9.27 -28.43 -59.09
N PHE K 202 8.07 -28.48 -59.67
CA PHE K 202 6.97 -27.79 -59.05
C PHE K 202 6.00 -28.80 -58.42
N VAL K 203 5.67 -28.62 -57.13
CA VAL K 203 4.72 -29.46 -56.42
C VAL K 203 3.58 -28.58 -55.88
N GLY K 204 2.35 -28.83 -56.32
CA GLY K 204 1.21 -28.05 -55.86
C GLY K 204 -0.06 -28.80 -55.56
N SER K 205 -0.84 -28.25 -54.62
CA SER K 205 -2.18 -28.71 -54.24
C SER K 205 -3.05 -27.46 -54.02
N SER K 206 -4.29 -27.61 -53.56
CA SER K 206 -5.13 -26.43 -53.29
C SER K 206 -4.60 -25.64 -52.09
N ARG K 207 -3.85 -26.33 -51.19
CA ARG K 207 -3.23 -25.84 -49.95
C ARG K 207 -1.68 -25.77 -50.02
N TYR K 208 -1.07 -26.28 -51.10
CA TYR K 208 0.40 -26.32 -51.22
C TYR K 208 0.84 -25.75 -52.55
N SER K 209 2.01 -25.11 -52.59
CA SER K 209 2.61 -24.58 -53.81
C SER K 209 4.08 -24.31 -53.59
N LYS K 210 4.95 -25.19 -54.11
CA LYS K 210 6.38 -25.00 -53.97
C LYS K 210 7.12 -25.38 -55.23
N LYS K 211 7.93 -24.44 -55.78
CA LYS K 211 8.81 -24.67 -56.94
C LYS K 211 10.22 -24.86 -56.39
N PHE K 212 10.82 -25.97 -56.72
CA PHE K 212 12.15 -26.32 -56.24
C PHE K 212 13.19 -26.20 -57.34
N LYS K 213 14.23 -25.36 -57.12
CA LYS K 213 15.32 -25.31 -58.09
C LYS K 213 16.44 -26.14 -57.47
N PRO K 214 16.87 -27.20 -58.18
CA PRO K 214 18.01 -28.00 -57.68
C PRO K 214 19.27 -27.14 -57.57
N GLU K 215 20.08 -27.44 -56.52
CA GLU K 215 21.33 -26.77 -56.18
C GLU K 215 22.52 -27.72 -56.38
N ILE K 216 23.16 -27.63 -57.58
CA ILE K 216 24.31 -28.47 -57.97
C ILE K 216 25.63 -27.97 -57.38
N ALA K 217 26.19 -28.77 -56.44
CA ALA K 217 27.43 -28.48 -55.73
C ALA K 217 28.01 -29.74 -55.01
N ILE K 218 29.36 -29.87 -54.94
CA ILE K 218 30.02 -30.98 -54.24
C ILE K 218 29.91 -30.71 -52.74
N ARG K 219 29.22 -31.57 -52.00
CA ARG K 219 29.11 -31.46 -50.54
C ARG K 219 30.04 -32.50 -49.94
N PRO K 220 30.53 -32.39 -48.67
CA PRO K 220 31.36 -33.47 -48.12
C PRO K 220 30.64 -34.81 -48.27
N LYS K 221 31.35 -35.78 -48.83
CA LYS K 221 30.89 -37.15 -49.09
C LYS K 221 30.22 -37.79 -47.85
N VAL K 222 28.93 -38.16 -47.95
CA VAL K 222 28.14 -38.81 -46.88
C VAL K 222 27.47 -40.03 -47.50
N ARG K 223 27.74 -41.22 -46.91
CA ARG K 223 27.24 -42.51 -47.42
C ARG K 223 27.60 -42.61 -48.90
N ASP K 224 28.91 -42.37 -49.22
CA ASP K 224 29.54 -42.33 -50.55
C ASP K 224 29.09 -41.16 -51.45
N GLN K 225 28.00 -40.45 -51.06
CA GLN K 225 27.39 -39.37 -51.86
C GLN K 225 27.90 -37.97 -51.57
N GLU K 226 28.10 -37.20 -52.65
CA GLU K 226 28.53 -35.81 -52.59
C GLU K 226 27.36 -34.87 -52.85
N GLY K 227 26.32 -35.36 -53.53
CA GLY K 227 25.10 -34.60 -53.76
C GLY K 227 24.13 -34.79 -52.61
N ARG K 228 22.94 -34.19 -52.69
CA ARG K 228 21.96 -34.38 -51.60
C ARG K 228 20.57 -34.62 -52.14
N MET K 229 19.72 -35.22 -51.29
CA MET K 229 18.30 -35.42 -51.55
C MET K 229 17.52 -34.68 -50.48
N ASN K 230 16.35 -34.12 -50.82
CA ASN K 230 15.52 -33.41 -49.84
C ASN K 230 14.13 -34.02 -49.80
N TYR K 231 13.72 -34.43 -48.61
CA TYR K 231 12.48 -35.14 -48.39
C TYR K 231 11.38 -34.23 -47.87
N TYR K 232 10.27 -34.22 -48.63
CA TYR K 232 9.10 -33.38 -48.35
C TYR K 232 7.83 -34.21 -48.31
N TRP K 233 6.87 -33.76 -47.52
CA TRP K 233 5.59 -34.44 -47.37
C TRP K 233 4.48 -33.42 -47.33
N THR K 234 3.21 -33.86 -47.44
CA THR K 234 2.00 -33.02 -47.40
C THR K 234 0.80 -33.91 -47.19
N LEU K 235 -0.26 -33.33 -46.59
CA LEU K 235 -1.51 -34.05 -46.38
C LEU K 235 -2.51 -33.55 -47.41
N VAL K 236 -2.87 -34.42 -48.37
CA VAL K 236 -3.84 -34.03 -49.40
C VAL K 236 -5.23 -34.30 -48.83
N GLU K 237 -6.01 -33.21 -48.68
CA GLU K 237 -7.37 -33.19 -48.15
C GLU K 237 -8.34 -34.14 -48.86
N PRO K 238 -9.35 -34.67 -48.11
CA PRO K 238 -10.33 -35.62 -48.69
C PRO K 238 -10.76 -35.56 -50.16
N GLY K 239 -10.92 -34.36 -50.72
CA GLY K 239 -11.33 -34.23 -52.12
C GLY K 239 -10.39 -33.40 -52.97
N ASP K 240 -9.15 -33.20 -52.49
CA ASP K 240 -8.13 -32.36 -53.09
C ASP K 240 -7.25 -33.06 -54.13
N LYS K 241 -6.67 -32.24 -55.03
CA LYS K 241 -5.79 -32.62 -56.12
C LYS K 241 -4.36 -32.18 -55.83
N ILE K 242 -3.39 -33.06 -56.12
CA ILE K 242 -1.96 -32.78 -55.99
C ILE K 242 -1.26 -32.93 -57.35
N THR K 243 -0.52 -31.90 -57.77
CA THR K 243 0.22 -31.92 -59.04
C THR K 243 1.75 -31.86 -58.83
N PHE K 244 2.47 -32.71 -59.56
CA PHE K 244 3.92 -32.83 -59.65
C PHE K 244 4.32 -32.48 -61.09
N GLU K 245 5.13 -31.43 -61.27
CA GLU K 245 5.58 -30.89 -62.56
C GLU K 245 7.09 -30.75 -62.51
N ALA K 246 7.81 -31.54 -63.32
CA ALA K 246 9.27 -31.48 -63.27
C ALA K 246 9.99 -31.65 -64.60
N THR K 247 11.19 -31.07 -64.70
CA THR K 247 12.07 -31.19 -65.85
C THR K 247 13.33 -31.99 -65.45
N GLY K 248 13.31 -32.53 -64.23
CA GLY K 248 14.40 -33.31 -63.66
C GLY K 248 14.43 -33.17 -62.15
N ASN K 249 15.20 -34.04 -61.46
CA ASN K 249 15.42 -34.00 -60.00
C ASN K 249 14.21 -34.41 -59.12
N LEU K 250 13.14 -34.90 -59.76
CA LEU K 250 11.99 -35.32 -58.99
C LEU K 250 11.99 -36.80 -58.64
N VAL K 251 12.22 -37.04 -57.34
CA VAL K 251 12.13 -38.33 -56.70
C VAL K 251 10.66 -38.34 -56.34
N VAL K 252 9.93 -38.97 -57.24
CA VAL K 252 8.49 -39.05 -57.31
C VAL K 252 7.84 -40.00 -56.30
N PRO K 253 6.59 -39.76 -55.86
CA PRO K 253 5.96 -40.69 -54.92
C PRO K 253 5.44 -41.93 -55.66
N ARG K 254 5.63 -43.10 -55.05
CA ARG K 254 5.12 -44.34 -55.64
C ARG K 254 3.96 -44.82 -54.77
N TYR K 255 4.18 -44.89 -53.45
CA TYR K 255 3.20 -45.28 -52.44
C TYR K 255 2.86 -44.11 -51.51
N ALA K 256 1.55 -43.85 -51.35
CA ALA K 256 1.04 -42.79 -50.49
C ALA K 256 0.35 -43.44 -49.29
N PHE K 257 -0.18 -42.62 -48.34
CA PHE K 257 -0.83 -43.17 -47.14
C PHE K 257 -2.17 -42.54 -46.78
N ALA K 258 -3.25 -43.34 -46.86
CA ALA K 258 -4.60 -42.93 -46.49
C ALA K 258 -4.66 -43.04 -44.98
N MET K 259 -5.03 -41.97 -44.28
CA MET K 259 -4.99 -42.01 -42.82
C MET K 259 -5.94 -41.09 -42.07
N GLU K 260 -6.22 -41.47 -40.82
CA GLU K 260 -7.01 -40.69 -39.88
C GLU K 260 -6.24 -40.58 -38.58
N ARG K 261 -5.72 -39.37 -38.28
CA ARG K 261 -4.95 -39.08 -37.07
C ARG K 261 -5.78 -39.25 -35.80
N ASN K 262 -5.17 -39.85 -34.77
CA ASN K 262 -5.86 -40.06 -33.52
C ASN K 262 -5.82 -38.81 -32.63
N ALA K 263 -6.17 -38.95 -31.33
CA ALA K 263 -6.25 -37.85 -30.36
C ALA K 263 -4.98 -36.99 -30.36
N GLY K 264 -3.90 -37.56 -29.84
CA GLY K 264 -2.59 -36.93 -29.72
C GLY K 264 -1.75 -37.79 -28.82
N SER K 265 -0.76 -38.46 -29.40
CA SER K 265 0.15 -39.33 -28.65
C SER K 265 1.59 -38.91 -28.88
N GLY K 266 2.53 -39.84 -28.78
CA GLY K 266 3.95 -39.57 -28.96
C GLY K 266 4.76 -40.76 -29.41
N ILE K 267 6.09 -40.59 -29.45
CA ILE K 267 7.04 -41.62 -29.85
C ILE K 267 7.98 -41.89 -28.69
N ILE K 268 8.00 -43.14 -28.20
CA ILE K 268 8.90 -43.61 -27.13
C ILE K 268 10.19 -44.14 -27.76
N ILE K 269 11.32 -43.55 -27.39
CA ILE K 269 12.63 -44.02 -27.83
C ILE K 269 13.17 -44.94 -26.69
N SER K 270 13.05 -46.27 -26.86
CA SER K 270 13.51 -47.22 -25.84
C SER K 270 13.94 -48.60 -26.35
N ASP K 271 14.85 -49.22 -25.60
CA ASP K 271 15.34 -50.58 -25.81
C ASP K 271 14.54 -51.55 -24.91
N THR K 272 13.43 -51.05 -24.30
CA THR K 272 12.53 -51.87 -23.49
C THR K 272 11.57 -52.63 -24.43
N PRO K 273 11.23 -53.93 -24.18
CA PRO K 273 10.41 -54.67 -25.15
C PRO K 273 8.90 -54.43 -25.10
N VAL K 274 8.21 -54.80 -26.21
CA VAL K 274 6.76 -54.70 -26.41
C VAL K 274 6.07 -56.05 -26.14
N HIS K 275 5.10 -56.06 -25.21
CA HIS K 275 4.36 -57.26 -24.85
C HIS K 275 2.86 -57.13 -25.13
N ASP K 276 2.13 -58.27 -25.06
CA ASP K 276 0.69 -58.40 -25.28
C ASP K 276 -0.20 -57.57 -24.30
N CYS K 277 0.34 -57.22 -23.09
CA CYS K 277 -0.24 -56.43 -21.99
C CYS K 277 -1.05 -55.15 -22.40
N ASN K 278 -1.82 -54.57 -21.45
CA ASN K 278 -2.66 -53.39 -21.66
C ASN K 278 -2.60 -52.45 -20.44
N THR K 279 -2.20 -51.17 -20.65
CA THR K 279 -2.11 -50.16 -19.57
C THR K 279 -2.79 -48.86 -19.88
N THR K 280 -2.98 -48.03 -18.83
CA THR K 280 -3.55 -46.70 -18.91
C THR K 280 -2.42 -45.68 -19.03
N CYS K 281 -1.21 -46.06 -18.54
CA CYS K 281 -0.01 -45.23 -18.58
C CYS K 281 1.21 -45.97 -19.10
N GLN K 282 1.98 -45.28 -19.95
CA GLN K 282 3.15 -45.82 -20.62
C GLN K 282 4.37 -44.95 -20.34
N THR K 283 5.52 -45.60 -20.09
CA THR K 283 6.80 -44.95 -19.78
C THR K 283 7.94 -45.59 -20.64
N PRO K 284 9.02 -44.84 -21.00
CA PRO K 284 10.13 -45.47 -21.77
C PRO K 284 10.93 -46.57 -21.07
N LYS K 285 10.59 -46.88 -19.81
CA LYS K 285 11.24 -47.88 -18.93
C LYS K 285 10.34 -49.13 -18.75
N GLY K 286 9.04 -48.94 -18.93
CA GLY K 286 8.00 -49.95 -18.79
C GLY K 286 6.67 -49.28 -18.49
N ALA K 287 5.60 -50.05 -18.21
CA ALA K 287 4.29 -49.42 -17.97
C ALA K 287 3.83 -49.38 -16.50
N ILE K 288 2.91 -48.44 -16.17
CA ILE K 288 2.47 -48.21 -14.79
C ILE K 288 0.98 -48.33 -14.48
N ASN K 289 0.66 -48.81 -13.23
CA ASN K 289 -0.68 -49.01 -12.66
C ASN K 289 -1.16 -47.75 -11.94
N THR K 290 -1.95 -46.92 -12.66
CA THR K 290 -2.45 -45.62 -12.22
C THR K 290 -3.56 -45.60 -11.14
N SER K 291 -3.42 -46.42 -10.08
CA SER K 291 -4.38 -46.37 -8.98
C SER K 291 -3.99 -45.17 -8.10
N LEU K 292 -2.68 -44.98 -7.89
CA LEU K 292 -2.11 -43.92 -7.07
C LEU K 292 -2.00 -42.55 -7.79
N PRO K 293 -2.01 -41.42 -7.04
CA PRO K 293 -1.92 -40.09 -7.70
C PRO K 293 -0.54 -39.62 -8.17
N PHE K 294 0.54 -40.20 -7.61
CA PHE K 294 1.93 -39.84 -7.92
C PHE K 294 2.74 -41.05 -8.35
N GLN K 295 3.89 -40.78 -9.04
CA GLN K 295 4.78 -41.77 -9.65
C GLN K 295 6.21 -41.20 -9.74
N ASN K 296 7.25 -42.02 -9.47
CA ASN K 296 8.66 -41.57 -9.59
C ASN K 296 9.49 -42.33 -10.65
N ILE K 297 8.80 -43.12 -11.47
CA ILE K 297 9.35 -43.97 -12.51
C ILE K 297 10.05 -43.18 -13.61
N HIS K 298 9.30 -42.28 -14.30
CA HIS K 298 9.75 -41.50 -15.44
C HIS K 298 8.88 -40.26 -15.70
N PRO K 299 9.51 -39.08 -15.96
CA PRO K 299 8.73 -37.86 -16.28
C PRO K 299 8.05 -37.87 -17.65
N ILE K 300 8.60 -38.62 -18.64
CA ILE K 300 8.05 -38.72 -20.00
C ILE K 300 7.11 -39.91 -20.04
N THR K 301 5.80 -39.66 -19.99
CA THR K 301 4.79 -40.71 -19.99
C THR K 301 3.74 -40.45 -21.06
N ILE K 302 3.01 -41.49 -21.48
CA ILE K 302 1.89 -41.37 -22.42
C ILE K 302 0.66 -42.04 -21.78
N GLY K 303 -0.49 -41.35 -21.82
CA GLY K 303 -1.76 -41.85 -21.30
C GLY K 303 -2.22 -41.14 -20.04
N LYS K 304 -3.27 -41.67 -19.38
CA LYS K 304 -3.80 -41.10 -18.14
C LYS K 304 -2.89 -41.62 -17.06
N CYS K 305 -1.96 -40.77 -16.61
CA CYS K 305 -0.85 -41.10 -15.73
C CYS K 305 -0.88 -40.45 -14.36
N PRO K 306 -0.17 -41.01 -13.36
CA PRO K 306 -0.03 -40.27 -12.11
C PRO K 306 1.06 -39.23 -12.37
N LYS K 307 1.06 -38.17 -11.59
CA LYS K 307 1.98 -37.06 -11.70
C LYS K 307 3.42 -37.46 -11.34
N TYR K 308 4.41 -36.91 -12.06
CA TYR K 308 5.83 -37.26 -11.81
C TYR K 308 6.37 -36.40 -10.69
N VAL K 309 6.95 -37.05 -9.68
CA VAL K 309 7.46 -36.43 -8.46
C VAL K 309 8.91 -36.94 -8.24
N LYS K 310 9.80 -36.09 -7.66
CA LYS K 310 11.20 -36.41 -7.35
C LYS K 310 11.33 -37.14 -6.00
N SER K 311 10.22 -37.56 -5.37
CA SER K 311 10.22 -38.29 -4.10
C SER K 311 10.72 -39.73 -4.22
N THR K 312 11.28 -40.23 -3.09
CA THR K 312 11.82 -41.58 -2.96
C THR K 312 10.83 -42.44 -2.18
N LYS K 313 9.93 -41.79 -1.42
CA LYS K 313 8.87 -42.42 -0.60
C LYS K 313 7.79 -41.43 -0.29
N LEU K 314 6.54 -41.90 -0.23
CA LEU K 314 5.40 -41.07 0.15
C LEU K 314 4.37 -41.89 0.93
N ARG K 315 4.64 -42.27 2.19
CA ARG K 315 3.55 -42.96 2.89
C ARG K 315 2.71 -42.16 3.86
N LEU K 316 1.40 -42.21 3.58
CA LEU K 316 0.32 -41.59 4.31
C LEU K 316 -0.10 -42.50 5.45
N ALA K 317 -0.14 -41.94 6.66
CA ALA K 317 -0.54 -42.66 7.86
C ALA K 317 -2.04 -42.87 7.88
N THR K 318 -2.45 -44.12 8.13
CA THR K 318 -3.85 -44.49 8.26
C THR K 318 -4.12 -44.87 9.72
N GLY K 319 -3.13 -45.50 10.33
CA GLY K 319 -3.18 -45.88 11.74
C GLY K 319 -2.76 -44.73 12.66
N LEU K 320 -2.31 -45.09 13.84
CA LEU K 320 -1.84 -44.16 14.88
C LEU K 320 -0.42 -44.56 15.28
N ARG K 321 0.26 -43.77 16.13
CA ARG K 321 1.63 -44.10 16.54
C ARG K 321 1.67 -45.47 17.20
N ASN K 322 2.63 -46.33 16.75
CA ASN K 322 2.80 -47.68 17.26
C ASN K 322 3.71 -47.63 18.47
N ILE K 323 3.10 -47.80 19.68
CA ILE K 323 3.71 -47.78 21.01
C ILE K 323 3.45 -49.13 21.75
N PRO K 324 4.09 -50.25 21.31
CA PRO K 324 3.90 -51.54 22.01
C PRO K 324 4.68 -51.63 23.33
N SER K 325 5.12 -50.46 23.86
CA SER K 325 5.91 -50.31 25.09
C SER K 325 4.98 -50.18 26.32
N GLY L 1 0.89 -35.65 22.14
CA GLY L 1 0.28 -35.00 20.99
C GLY L 1 -0.75 -33.94 21.33
N LEU L 2 -1.50 -33.48 20.31
CA LEU L 2 -2.52 -32.42 20.42
C LEU L 2 -3.60 -32.60 21.50
N PHE L 3 -4.17 -33.81 21.60
CA PHE L 3 -5.23 -34.08 22.55
C PHE L 3 -4.77 -34.69 23.89
N GLY L 4 -3.44 -34.82 24.03
CA GLY L 4 -2.74 -35.27 25.23
C GLY L 4 -2.95 -36.68 25.72
N ALA L 5 -3.84 -37.45 25.06
CA ALA L 5 -4.19 -38.83 25.38
C ALA L 5 -3.13 -39.82 24.82
N ILE L 6 -2.94 -39.89 23.49
CA ILE L 6 -1.92 -40.79 22.91
C ILE L 6 -0.52 -40.25 23.20
N ALA L 7 0.33 -41.09 23.85
CA ALA L 7 1.70 -40.79 24.28
C ALA L 7 1.70 -39.58 25.23
N GLY L 8 0.76 -39.62 26.16
CA GLY L 8 0.57 -38.61 27.19
C GLY L 8 0.08 -39.31 28.44
N PHE L 9 -1.13 -38.95 28.95
CA PHE L 9 -1.71 -39.60 30.12
C PHE L 9 -1.94 -41.06 29.83
N ILE L 10 -2.29 -41.42 28.57
CA ILE L 10 -2.35 -42.84 28.21
C ILE L 10 -1.00 -43.07 27.51
N GLU L 11 -0.02 -43.52 28.32
CA GLU L 11 1.40 -43.71 28.03
C GLU L 11 1.77 -44.55 26.80
N GLY L 12 1.19 -45.74 26.70
CA GLY L 12 1.46 -46.68 25.62
C GLY L 12 0.23 -47.35 25.04
N GLY L 13 0.45 -48.15 24.01
CA GLY L 13 -0.61 -48.88 23.34
C GLY L 13 -0.72 -50.32 23.76
N TRP L 14 -1.90 -50.90 23.49
CA TRP L 14 -2.19 -52.29 23.81
C TRP L 14 -2.07 -53.21 22.59
N THR L 15 -1.16 -54.18 22.67
CA THR L 15 -1.03 -55.19 21.61
C THR L 15 -2.14 -56.24 21.76
N GLY L 16 -2.60 -56.43 23.01
CA GLY L 16 -3.66 -57.36 23.39
C GLY L 16 -5.03 -56.97 22.85
N MET L 17 -5.19 -55.69 22.47
CA MET L 17 -6.41 -55.20 21.84
C MET L 17 -6.16 -55.10 20.34
N VAL L 18 -6.83 -55.97 19.60
CA VAL L 18 -6.72 -56.14 18.15
C VAL L 18 -8.05 -56.05 17.38
N ASP L 19 -9.18 -56.12 18.11
CA ASP L 19 -10.53 -56.05 17.57
C ASP L 19 -10.85 -54.71 16.90
N GLY L 20 -10.09 -53.67 17.23
CA GLY L 20 -10.23 -52.33 16.69
C GLY L 20 -9.13 -51.41 17.15
N TRP L 21 -9.19 -50.15 16.72
CA TRP L 21 -8.18 -49.14 17.03
C TRP L 21 -8.21 -48.62 18.45
N TYR L 22 -9.41 -48.32 18.94
CA TYR L 22 -9.58 -47.75 20.27
C TYR L 22 -10.41 -48.67 21.04
N GLY L 23 -10.35 -48.55 22.36
CA GLY L 23 -11.18 -49.38 23.22
C GLY L 23 -10.84 -49.41 24.68
N TYR L 24 -11.23 -50.51 25.31
CA TYR L 24 -11.16 -50.66 26.75
C TYR L 24 -10.49 -51.89 27.29
N HIS L 25 -10.08 -51.80 28.55
CA HIS L 25 -9.64 -52.93 29.33
C HIS L 25 -10.41 -52.84 30.63
N HIS L 26 -11.10 -53.90 31.02
CA HIS L 26 -11.86 -53.90 32.25
C HIS L 26 -11.49 -55.05 33.15
N GLN L 27 -11.82 -54.93 34.43
CA GLN L 27 -11.62 -55.95 35.45
C GLN L 27 -12.86 -55.93 36.38
N ASN L 28 -13.63 -57.03 36.44
CA ASN L 28 -14.77 -57.15 37.33
C ASN L 28 -14.86 -58.59 37.89
N GLU L 29 -15.84 -58.91 38.78
CA GLU L 29 -16.00 -60.28 39.33
C GLU L 29 -16.14 -61.29 38.18
N GLN L 30 -16.78 -60.90 37.06
CA GLN L 30 -16.97 -61.79 35.92
C GLN L 30 -15.69 -62.08 35.11
N GLY L 31 -14.69 -61.20 35.23
CA GLY L 31 -13.41 -61.41 34.56
C GLY L 31 -12.69 -60.16 34.12
N SER L 32 -11.87 -60.31 33.07
CA SER L 32 -11.11 -59.19 32.53
C SER L 32 -10.76 -59.38 31.05
N GLY L 33 -10.32 -58.29 30.43
CA GLY L 33 -9.85 -58.36 29.04
C GLY L 33 -9.89 -57.08 28.25
N TYR L 34 -9.45 -57.21 27.00
CA TYR L 34 -9.41 -56.13 26.04
C TYR L 34 -10.60 -56.22 25.12
N ALA L 35 -11.27 -55.08 24.94
CA ALA L 35 -12.40 -54.93 24.04
C ALA L 35 -12.30 -53.56 23.36
N ALA L 36 -12.38 -53.55 22.03
CA ALA L 36 -12.33 -52.31 21.27
C ALA L 36 -13.69 -51.63 21.21
N ASP L 37 -13.71 -50.28 21.13
CA ASP L 37 -14.98 -49.55 20.94
C ASP L 37 -15.28 -49.56 19.44
N LEU L 38 -16.37 -50.21 19.05
CA LEU L 38 -16.81 -50.36 17.66
C LEU L 38 -17.23 -49.03 17.05
N LYS L 39 -18.19 -48.34 17.72
CA LYS L 39 -18.75 -47.04 17.36
C LYS L 39 -17.63 -46.11 16.88
N SER L 40 -16.59 -45.89 17.75
CA SER L 40 -15.45 -45.00 17.46
C SER L 40 -14.55 -45.53 16.35
N THR L 41 -14.19 -46.83 16.44
CA THR L 41 -13.33 -47.50 15.49
C THR L 41 -13.93 -47.57 14.09
N GLN L 42 -15.17 -48.12 13.94
CA GLN L 42 -15.81 -48.25 12.64
C GLN L 42 -15.86 -46.90 11.93
N ASN L 43 -16.24 -45.83 12.67
CA ASN L 43 -16.27 -44.48 12.16
C ASN L 43 -14.87 -44.06 11.76
N ALA L 44 -13.88 -44.19 12.66
CA ALA L 44 -12.50 -43.86 12.35
C ALA L 44 -12.02 -44.55 11.04
N ILE L 45 -12.30 -45.88 10.89
CA ILE L 45 -12.00 -46.67 9.69
C ILE L 45 -12.61 -45.94 8.48
N ASP L 46 -13.92 -45.69 8.49
CA ASP L 46 -14.66 -45.01 7.43
C ASP L 46 -14.05 -43.63 7.09
N GLU L 47 -13.84 -42.78 8.14
CA GLU L 47 -13.31 -41.41 8.00
C GLU L 47 -11.89 -41.38 7.42
N ILE L 48 -11.05 -42.36 7.82
CA ILE L 48 -9.69 -42.46 7.30
C ILE L 48 -9.68 -43.02 5.88
N THR L 49 -10.53 -44.04 5.63
CA THR L 49 -10.67 -44.63 4.29
C THR L 49 -11.12 -43.53 3.32
N ASN L 50 -12.02 -42.63 3.76
CA ASN L 50 -12.48 -41.47 2.99
C ASN L 50 -11.36 -40.47 2.70
N LYS L 51 -10.49 -40.22 3.71
CA LYS L 51 -9.35 -39.29 3.59
C LYS L 51 -8.39 -39.82 2.54
N VAL L 52 -8.10 -41.13 2.57
CA VAL L 52 -7.21 -41.74 1.60
C VAL L 52 -7.76 -41.62 0.17
N ASN L 53 -9.07 -41.84 -0.01
CA ASN L 53 -9.72 -41.70 -1.33
C ASN L 53 -9.73 -40.26 -1.80
N SER L 54 -9.80 -39.32 -0.88
CA SER L 54 -9.79 -37.91 -1.20
C SER L 54 -8.47 -37.51 -1.83
N VAL L 55 -7.34 -37.90 -1.19
CA VAL L 55 -5.97 -37.64 -1.65
C VAL L 55 -5.72 -38.40 -2.98
N ILE L 56 -6.38 -39.54 -3.13
CA ILE L 56 -6.29 -40.36 -4.34
C ILE L 56 -7.24 -39.94 -5.50
N GLU L 57 -8.58 -40.08 -5.36
CA GLU L 57 -9.53 -39.78 -6.46
C GLU L 57 -9.75 -38.34 -6.92
N LYS L 58 -9.24 -37.36 -6.19
CA LYS L 58 -9.39 -35.99 -6.64
C LYS L 58 -8.34 -35.66 -7.70
N MET L 59 -7.43 -36.60 -7.97
CA MET L 59 -6.42 -36.52 -9.00
C MET L 59 -7.06 -36.70 -10.41
N ASN L 60 -7.67 -37.87 -10.69
CA ASN L 60 -8.31 -38.25 -11.96
C ASN L 60 -7.46 -38.12 -13.28
N THR L 61 -7.24 -36.88 -13.79
CA THR L 61 -6.41 -36.56 -14.98
C THR L 61 -6.87 -37.12 -16.36
N GLN L 62 -6.34 -36.52 -17.44
CA GLN L 62 -6.69 -36.89 -18.81
C GLN L 62 -5.50 -37.48 -19.62
N PHE L 63 -5.74 -37.83 -20.89
CA PHE L 63 -4.71 -38.37 -21.77
C PHE L 63 -3.72 -37.26 -22.16
N THR L 64 -2.43 -37.51 -21.90
CA THR L 64 -1.32 -36.59 -22.16
C THR L 64 -0.16 -37.43 -22.70
N ALA L 65 0.59 -36.83 -23.65
CA ALA L 65 1.74 -37.42 -24.29
C ALA L 65 3.06 -37.07 -23.61
N VAL L 66 3.21 -35.81 -23.13
CA VAL L 66 4.41 -35.28 -22.43
C VAL L 66 5.64 -35.11 -23.34
N GLY L 67 6.05 -36.19 -23.99
CA GLY L 67 7.24 -36.22 -24.83
C GLY L 67 7.14 -35.32 -26.04
N LYS L 68 8.01 -34.31 -26.10
CA LYS L 68 8.10 -33.39 -27.24
C LYS L 68 9.45 -33.54 -27.95
N GLU L 69 9.45 -33.68 -29.29
CA GLU L 69 10.73 -33.83 -30.00
C GLU L 69 11.11 -32.56 -30.73
N PHE L 70 12.36 -32.10 -30.53
CA PHE L 70 12.86 -30.90 -31.16
C PHE L 70 14.14 -31.10 -31.95
N ASN L 71 14.39 -30.24 -32.96
CA ASN L 71 15.55 -30.31 -33.83
C ASN L 71 16.63 -29.33 -33.43
N HIS L 72 17.87 -29.56 -33.90
CA HIS L 72 19.07 -28.76 -33.59
C HIS L 72 18.83 -27.24 -33.56
N LEU L 73 17.97 -26.74 -34.45
CA LEU L 73 17.62 -25.32 -34.40
C LEU L 73 16.34 -25.00 -33.63
N GLU L 74 16.10 -25.70 -32.49
CA GLU L 74 14.90 -25.54 -31.63
C GLU L 74 15.27 -25.67 -30.16
N LYS L 75 16.51 -25.27 -29.81
CA LYS L 75 17.02 -25.31 -28.43
C LYS L 75 16.18 -24.49 -27.44
N ARG L 76 15.53 -23.40 -27.93
CA ARG L 76 14.70 -22.55 -27.10
C ARG L 76 13.39 -23.19 -26.80
N ILE L 77 12.60 -23.67 -27.81
CA ILE L 77 11.33 -24.37 -27.52
C ILE L 77 11.55 -25.61 -26.70
N GLU L 78 12.70 -26.28 -26.93
CA GLU L 78 13.08 -27.44 -26.16
C GLU L 78 13.34 -27.02 -24.72
N ASN L 79 14.07 -25.90 -24.50
CA ASN L 79 14.34 -25.43 -23.13
C ASN L 79 13.10 -24.94 -22.44
N LEU L 80 12.12 -24.43 -23.23
CA LEU L 80 10.79 -23.99 -22.76
C LEU L 80 9.98 -25.22 -22.27
N ASN L 81 10.08 -26.34 -22.99
CA ASN L 81 9.45 -27.62 -22.68
C ASN L 81 10.08 -28.21 -21.44
N LYS L 82 11.42 -28.08 -21.30
CA LYS L 82 12.13 -28.56 -20.12
C LYS L 82 11.62 -27.77 -18.88
N LYS L 83 11.45 -26.43 -19.04
CA LYS L 83 10.97 -25.54 -17.98
C LYS L 83 9.55 -25.92 -17.55
N VAL L 84 8.69 -26.30 -18.54
CA VAL L 84 7.32 -26.78 -18.30
C VAL L 84 7.40 -28.07 -17.48
N ASP L 85 8.15 -29.07 -17.95
CA ASP L 85 8.28 -30.34 -17.23
C ASP L 85 8.88 -30.17 -15.84
N ASP L 86 9.98 -29.41 -15.74
CA ASP L 86 10.63 -29.17 -14.45
C ASP L 86 9.81 -28.32 -13.50
N GLY L 87 8.90 -27.52 -14.07
CA GLY L 87 8.01 -26.63 -13.31
C GLY L 87 6.96 -27.39 -12.55
N PHE L 88 6.27 -28.30 -13.25
CA PHE L 88 5.27 -29.23 -12.72
C PHE L 88 5.96 -30.19 -11.71
N LEU L 89 7.19 -30.64 -12.06
CA LEU L 89 8.00 -31.52 -11.21
C LEU L 89 8.18 -30.85 -9.85
N ASP L 90 8.65 -29.59 -9.83
CA ASP L 90 8.85 -28.80 -8.61
C ASP L 90 7.58 -28.58 -7.80
N ILE L 91 6.42 -28.33 -8.48
CA ILE L 91 5.11 -28.11 -7.85
C ILE L 91 4.61 -29.39 -7.24
N TRP L 92 4.45 -30.45 -8.07
CA TRP L 92 3.89 -31.72 -7.61
C TRP L 92 4.69 -32.38 -6.48
N THR L 93 6.01 -32.26 -6.52
CA THR L 93 6.92 -32.83 -5.53
C THR L 93 6.71 -32.12 -4.21
N TYR L 94 6.83 -30.78 -4.20
CA TYR L 94 6.69 -29.98 -3.00
C TYR L 94 5.36 -30.17 -2.34
N ASN L 95 4.27 -30.10 -3.13
CA ASN L 95 2.90 -30.24 -2.63
C ASN L 95 2.61 -31.64 -2.09
N ALA L 96 3.12 -32.70 -2.76
CA ALA L 96 2.93 -34.09 -2.33
C ALA L 96 3.67 -34.34 -1.04
N GLU L 97 4.88 -33.79 -0.88
CA GLU L 97 5.71 -33.94 0.32
C GLU L 97 5.06 -33.21 1.48
N LEU L 98 4.53 -31.98 1.24
CA LEU L 98 3.90 -31.19 2.29
C LEU L 98 2.53 -31.72 2.60
N LEU L 99 1.81 -32.15 1.56
CA LEU L 99 0.52 -32.76 1.79
C LEU L 99 0.65 -33.93 2.78
N VAL L 100 1.58 -34.86 2.49
CA VAL L 100 1.83 -36.04 3.31
C VAL L 100 2.29 -35.65 4.71
N LEU L 101 3.28 -34.75 4.83
CA LEU L 101 3.77 -34.26 6.12
C LEU L 101 2.67 -33.69 7.00
N LEU L 102 1.93 -32.69 6.46
CA LEU L 102 0.89 -31.95 7.14
C LEU L 102 -0.32 -32.84 7.53
N GLU L 103 -0.77 -33.70 6.60
CA GLU L 103 -1.87 -34.64 6.82
C GLU L 103 -1.53 -35.83 7.73
N ASN L 104 -0.25 -36.21 7.80
CA ASN L 104 0.21 -37.31 8.65
C ASN L 104 0.06 -36.95 10.10
N GLU L 105 0.40 -35.71 10.45
CA GLU L 105 0.28 -35.17 11.80
C GLU L 105 -1.22 -35.04 12.13
N ARG L 106 -1.99 -34.59 11.15
CA ARG L 106 -3.43 -34.37 11.19
C ARG L 106 -4.23 -35.65 11.49
N THR L 107 -3.80 -36.79 10.89
CA THR L 107 -4.38 -38.12 11.11
C THR L 107 -4.05 -38.57 12.53
N LEU L 108 -2.75 -38.45 12.91
CA LEU L 108 -2.26 -38.82 14.23
C LEU L 108 -3.06 -38.12 15.31
N ASP L 109 -3.18 -36.80 15.19
CA ASP L 109 -3.93 -35.96 16.11
C ASP L 109 -5.38 -36.36 16.17
N TYR L 110 -5.93 -36.82 15.04
CA TYR L 110 -7.32 -37.28 14.91
C TYR L 110 -7.58 -38.43 15.86
N HIS L 111 -6.68 -39.42 15.79
CA HIS L 111 -6.69 -40.60 16.65
C HIS L 111 -6.64 -40.21 18.13
N ASP L 112 -5.80 -39.20 18.47
CA ASP L 112 -5.60 -38.63 19.81
C ASP L 112 -6.89 -38.05 20.28
N SER L 113 -7.59 -37.30 19.38
CA SER L 113 -8.91 -36.72 19.65
C SER L 113 -9.86 -37.84 20.04
N ASN L 114 -9.93 -38.90 19.19
CA ASN L 114 -10.77 -40.07 19.35
C ASN L 114 -10.56 -40.73 20.65
N VAL L 115 -9.29 -40.95 21.01
CA VAL L 115 -8.88 -41.54 22.29
C VAL L 115 -9.36 -40.69 23.49
N LYS L 116 -9.06 -39.36 23.46
CA LYS L 116 -9.41 -38.41 24.51
C LYS L 116 -10.91 -38.29 24.66
N ASN L 117 -11.67 -38.28 23.55
CA ASN L 117 -13.13 -38.16 23.54
C ASN L 117 -13.83 -39.31 24.27
N LEU L 118 -13.34 -40.52 24.03
CA LEU L 118 -13.78 -41.78 24.63
C LEU L 118 -13.53 -41.71 26.15
N TYR L 119 -12.29 -41.32 26.52
CA TYR L 119 -11.87 -41.19 27.92
C TYR L 119 -12.88 -40.28 28.64
N GLU L 120 -13.14 -39.11 28.04
CA GLU L 120 -14.05 -38.11 28.57
C GLU L 120 -15.47 -38.60 28.63
N LYS L 121 -15.94 -39.34 27.59
CA LYS L 121 -17.30 -39.91 27.53
C LYS L 121 -17.58 -40.80 28.75
N VAL L 122 -16.53 -41.45 29.25
CA VAL L 122 -16.55 -42.33 30.41
C VAL L 122 -16.53 -41.52 31.71
N ARG L 123 -15.57 -40.56 31.79
CA ARG L 123 -15.31 -39.65 32.90
C ARG L 123 -16.55 -38.88 33.23
N SER L 124 -17.19 -38.35 32.18
CA SER L 124 -18.43 -37.58 32.32
C SER L 124 -19.57 -38.43 32.87
N GLN L 125 -19.72 -39.68 32.38
CA GLN L 125 -20.70 -40.66 32.86
C GLN L 125 -20.45 -41.07 34.29
N LEU L 126 -19.20 -41.43 34.62
CA LEU L 126 -18.85 -41.94 35.95
C LEU L 126 -18.87 -40.95 37.08
N LYS L 127 -18.25 -39.77 36.89
CA LYS L 127 -18.16 -38.73 37.92
C LYS L 127 -17.68 -39.29 39.28
N ASN L 128 -18.32 -38.91 40.40
CA ASN L 128 -17.96 -39.31 41.76
C ASN L 128 -17.94 -40.82 42.01
N ASN L 129 -18.59 -41.59 41.13
CA ASN L 129 -18.71 -43.04 41.24
C ASN L 129 -17.46 -43.88 41.00
N ALA L 130 -16.37 -43.22 40.60
CA ALA L 130 -15.08 -43.82 40.26
C ALA L 130 -13.91 -42.84 40.46
N LYS L 131 -12.77 -43.39 40.91
CA LYS L 131 -11.47 -42.77 41.11
C LYS L 131 -10.76 -42.73 39.74
N GLU L 132 -10.34 -41.54 39.28
CA GLU L 132 -9.54 -41.44 38.06
C GLU L 132 -8.15 -41.77 38.53
N ILE L 133 -7.58 -42.90 38.06
CA ILE L 133 -6.29 -43.35 38.58
C ILE L 133 -5.09 -43.18 37.71
N GLY L 134 -5.20 -42.34 36.68
CA GLY L 134 -4.14 -42.10 35.69
C GLY L 134 -3.92 -43.26 34.73
N ASN L 135 -3.29 -42.97 33.60
CA ASN L 135 -3.03 -43.93 32.51
C ASN L 135 -4.32 -44.38 31.79
N GLY L 136 -5.35 -43.56 31.99
CA GLY L 136 -6.65 -43.79 31.39
C GLY L 136 -7.54 -44.73 32.17
N CYS L 137 -7.18 -45.07 33.43
CA CYS L 137 -8.02 -45.99 34.24
C CYS L 137 -8.94 -45.31 35.24
N PHE L 138 -10.05 -46.02 35.52
CA PHE L 138 -11.07 -45.66 36.49
C PHE L 138 -11.23 -46.79 37.45
N GLU L 139 -11.17 -46.47 38.75
CA GLU L 139 -11.34 -47.44 39.81
C GLU L 139 -12.68 -47.14 40.41
N PHE L 140 -13.61 -48.07 40.27
CA PHE L 140 -14.97 -47.90 40.72
C PHE L 140 -15.06 -47.94 42.24
N TYR L 141 -16.07 -47.22 42.75
CA TYR L 141 -16.35 -47.15 44.16
C TYR L 141 -17.54 -48.05 44.45
N HIS L 142 -17.96 -48.80 43.41
CA HIS L 142 -19.07 -49.74 43.48
C HIS L 142 -18.84 -50.97 42.59
N LYS L 143 -19.53 -52.07 42.88
CA LYS L 143 -19.41 -53.24 42.02
C LYS L 143 -20.05 -52.98 40.66
N CYS L 144 -19.22 -53.07 39.62
CA CYS L 144 -19.63 -52.85 38.25
C CYS L 144 -19.45 -54.12 37.44
N ASP L 145 -20.52 -54.91 37.32
CA ASP L 145 -20.54 -56.17 36.56
C ASP L 145 -20.54 -55.89 35.04
N ASN L 146 -20.61 -56.95 34.22
CA ASN L 146 -20.65 -56.90 32.76
C ASN L 146 -21.71 -55.98 32.16
N THR L 147 -22.97 -56.06 32.63
CA THR L 147 -24.11 -55.23 32.17
C THR L 147 -23.82 -53.76 32.49
N CYS L 148 -23.29 -53.50 33.70
CA CYS L 148 -22.85 -52.19 34.18
C CYS L 148 -21.68 -51.72 33.31
N MET L 149 -20.69 -52.60 33.07
CA MET L 149 -19.48 -52.33 32.27
C MET L 149 -19.85 -51.96 30.85
N GLU L 150 -20.81 -52.69 30.27
CA GLU L 150 -21.30 -52.49 28.92
C GLU L 150 -22.06 -51.16 28.82
N SER L 151 -22.79 -50.76 29.89
CA SER L 151 -23.53 -49.48 29.86
C SER L 151 -22.60 -48.29 29.66
N VAL L 152 -21.40 -48.35 30.26
CA VAL L 152 -20.36 -47.32 30.16
C VAL L 152 -19.84 -47.24 28.71
N LYS L 153 -19.50 -48.41 28.14
CA LYS L 153 -18.98 -48.56 26.78
C LYS L 153 -20.07 -48.31 25.72
N ASN L 154 -21.37 -48.34 26.12
CA ASN L 154 -22.57 -48.07 25.32
C ASN L 154 -22.83 -46.55 25.34
N GLY L 155 -22.73 -45.95 26.52
CA GLY L 155 -22.99 -44.55 26.80
C GLY L 155 -24.23 -44.37 27.65
N THR L 156 -24.87 -45.50 28.05
CA THR L 156 -26.11 -45.54 28.82
C THR L 156 -25.93 -45.73 30.34
N TYR L 157 -24.73 -45.40 30.88
CA TYR L 157 -24.45 -45.58 32.31
C TYR L 157 -25.41 -44.86 33.22
N ASP L 158 -25.90 -45.57 34.26
CA ASP L 158 -26.85 -45.08 35.26
C ASP L 158 -26.14 -44.69 36.54
N TYR L 159 -25.66 -43.41 36.61
CA TYR L 159 -25.02 -42.87 37.81
C TYR L 159 -25.92 -43.02 39.07
N PRO L 160 -27.24 -42.66 39.06
CA PRO L 160 -28.04 -42.80 40.29
C PRO L 160 -28.31 -44.22 40.77
N LYS L 161 -28.13 -45.24 39.89
CA LYS L 161 -28.30 -46.65 40.29
C LYS L 161 -27.22 -47.03 41.30
N TYR L 162 -25.97 -46.55 41.08
CA TYR L 162 -24.80 -46.88 41.91
C TYR L 162 -24.27 -45.77 42.83
N SER L 163 -25.00 -44.64 42.97
CA SER L 163 -24.64 -43.50 43.82
C SER L 163 -24.31 -43.76 45.27
N GLU L 164 -25.25 -44.31 46.09
CA GLU L 164 -24.95 -44.51 47.52
C GLU L 164 -23.90 -45.59 47.86
N GLU L 165 -23.83 -46.72 47.09
CA GLU L 165 -22.77 -47.75 47.26
C GLU L 165 -21.41 -47.05 47.02
N ALA L 166 -21.32 -46.22 45.96
CA ALA L 166 -20.12 -45.44 45.64
C ALA L 166 -19.85 -44.35 46.69
N LYS L 167 -20.93 -43.78 47.29
CA LYS L 167 -20.85 -42.75 48.34
C LYS L 167 -20.26 -43.37 49.61
N LEU L 168 -20.74 -44.57 49.97
CA LEU L 168 -20.29 -45.35 51.12
C LEU L 168 -18.80 -45.77 51.01
N ASN L 169 -18.36 -46.30 49.83
CA ASN L 169 -16.97 -46.73 49.64
C ASN L 169 -16.02 -45.55 49.48
N ARG L 170 -16.55 -44.36 49.11
CA ARG L 170 -15.76 -43.16 48.95
C ARG L 170 -15.41 -42.53 50.28
N GLU L 171 -16.25 -42.78 51.33
CA GLU L 171 -16.01 -42.33 52.72
C GLU L 171 -14.81 -43.11 53.26
N GLU L 172 -13.59 -42.59 52.97
CA GLU L 172 -12.27 -43.11 53.31
C GLU L 172 -11.24 -41.98 53.31
#